data_6EF2
#
_entry.id   6EF2
#
_cell.length_a   1
_cell.length_b   1
_cell.length_c   1
_cell.angle_alpha   90
_cell.angle_beta   90
_cell.angle_gamma   90
#
_symmetry.space_group_name_H-M   'P 1'
#
loop_
_entity.id
_entity.type
_entity.pdbx_description
1 polymer 'Proteasome subunit alpha type-1'
2 polymer 'Proteasome subunit alpha type-2'
3 polymer 'Proteasome subunit alpha type-3'
4 polymer 'Proteasome subunit alpha type-4'
5 polymer 'Proteasome subunit alpha type-5'
6 polymer 'Proteasome subunit alpha type-6'
7 polymer 'Probable proteasome subunit alpha type-7'
8 polymer '26S proteasome regulatory subunit 7 homolog'
9 polymer '26S proteasome regulatory subunit 4 homolog'
10 polymer '26S proteasome regulatory subunit 8 homolog'
11 polymer '26S proteasome regulatory subunit 6B homolog'
12 polymer '26S proteasome subunit RPT4'
13 polymer '26S proteasome regulatory subunit 6A'
14 polymer 'model substrate polypeptide'
15 non-polymer "ADENOSINE-5'-TRIPHOSPHATE"
16 non-polymer "ADENOSINE-5'-DIPHOSPHATE"
#
loop_
_entity_poly.entity_id
_entity_poly.type
_entity_poly.pdbx_seq_one_letter_code
_entity_poly.pdbx_strand_id
1 'polypeptide(L)'
;AGYDRHITIFSPEGRLYQVEYAFKATNQTNINSLAVRGKDCTVVISQKKVPDKLLDPTTVSYIFCISRTIGMVVNGPIPD
ARNAALRAKAEAAEFRYKYGYDMPCDVLAKRMANLSQIYTQRAYMRPLGVILTFVSVDEELGPSIYKTDPAGYYVGYKAT
ATGPKQQEITTNLENHFKKSKIDHINEESWEKVVEFAITHMIDALGTEFSKNDLEVGVATKDKFFTLSAENIEERLVA
;
A
2 'polypeptide(L)'
;MTDRYSFSLTTFSPSGKLGQIDYALTAVKQGVTSLGIKATNGVVIATEKKSSSPLAMSETLSKVSLLTPDIGAVYSGMGP
DYRVLVDKSRKVAHTSYKRIYGEYPPTKLLVSEVAKIMQEATQSGGVRPFGVSLLIAGHDEFNGFSLYQVDPSGSYFPWK
ATAIGKGSVAAKTFLEKRWNDELELEDAIHIALLTLKESVEGEFNGDTIELAIIGDENPDLLGYTGIPTDKGPRFRKLTS
QEINDRLEA
;
B
3 'polypeptide(L)'
;RRYDSRTTIFSPEGRLYQVEYALESISHAGTAIGIMASDGIVLAAERKVTSTLLEQDTSTEKLYKLNDKIAVAVAGLTAD
AEILINTARIHAQNYLKTYNEDIPVEILVRRLSDIKQGYTQHGGLRPFGVSFIYAGYDDRYGYQLYTSNPSGNYTGWKAI
SVGANTSAAQTLLQMDYKDDMKVDDAIELALKTLSKTTDSSALTYDRLEFATIRKGANDGEVYQKIFKPQEIKDILVKTG
I
;
C
4 'polypeptide(L)'
;SGYDRALSIFSPDGHIFQVEYALEAVKRGTCAVGVKGKNCVVLGCERRSTLKLQDTRITPSKVSKIDSHVVLSFSGLNAD
SRILIEKARVEAQSHRLTLEDPVTVEYLTRYVAGVQQRYTQSGGVRPFGVSTLIAGFDPRDDEPKLYQTEPSGIYSSWSA
QTIGRNSKTVREFLEKNYDRKEPPATVEECVKLTVRSLLEVVQTGAKNIEITVVKPDSDIVALSSEEINQYVTQIEQEKQ
E
;
D
5 'polypeptide(L)'
;FLTRSEYDRGVSTFSPEGRLFQVEYSLEAIKLGSTAIGIATKEGVVLGVEKRATSPLLESDSIEKIVEIDRHIGCAMSGL
TADARSMIEHARTAAVTHNLYYDEDINVESLTQSVCDLALRFGEGASGEERLMSRPFGVALLIAGHDADDGYQLFHAEPS
GTFYRYNAKAIGSGSEGAQAELLNEWHSSLTLKEAELLVLKILKQVMEEKLDENNAQLSCITKQDGFKIYDNEKTAELIK
ELKEKEA
;
E
6 'polypeptide(L)'
;RNNYDGDTVTFSPTGRLFQVEYALEAIKQGSVTVGLRSNTHAVLVALKRNADELSSYQKKIIKCDEHMGLSLAGLAPDAR
VLSNYLRQQCNYSSLVFNRKLAVERAGHLLCDKAQKNTQSYGGRPYGVGLLIIGYDKSGAHLLEFQPSGNVTELYGTAIG
ARSQGAKTYLERTLDTFIKIDGNPDELIKAGVEAISQSLRDESLTVDNLSIAIVGKDTPFTIYDGEAVAKYI
;
F
7 'polypeptide(L)'
;SIGTGYDLSNSVFSPDGRNFQVEYAVKAVENGTTSIGIKCNDGVVFAVEKLITSKLLVPQKNVKIQVVDRHIGCVYSGLI
PDGRHLVNRGREEAASFKKLYKTPIPIPAFADRLGQYVQAHTLYNSVRPFGVSTIFGGVDKNGAHLYMLEPSGSYWGYKG
AATGKGRQSAKAELEKLVDHHPEGLSAREAVKQAAKIIYLAHEDNKEKDFELEISWCSLSETNGLHKFVKGDLLQEAIDF
AQKEIN
;
G
8 'polypeptide(L)'
;SVTMMTVEEKPDVTYSDVGGCKDQIEKLREVVELPLLSPERFATLGIDPPKGILLYGPPGTGKTLCARAVANRTDATFIR
VIGSELVQKYVGEGARMVRELFEMARTKKACIIFFDEIDAVGGARFDDGAGGDNEVQRTMLELITQLDGFDPRGNIKVMF
ATNRPNTLDPALLRPGRIDRKVEFSLPDLEGRANIFRIHSKSMSVERGIRWELISRLCPNSTGAELRSVCTEAGMFAIRA
RRKVATEKDFLKAVDKVISGYKKFSSTSRYMQY
;
H
9 'polypeptide(L)'
;TESYSDIGGLESQIQEIKESVELPLTHPELYEEMGIKPPKGVILYGAPGTGKTLLAKAVANQTSATFLRIVGSELIQKYL
GDGPRLCRQIFKVAGENAPSIVFIDEIDAIGTKRYDSNSGGEREIQRTMLELLNQLDGFDDRGDVKVIMATNKIETLDPA
LIRPGRIDRKILFENPDLSTKKKILGIHTSKMNLSEDVNLETLVTTKDDLSGADIQAMCTEAGLLALRERRMQVTAEDFK
QAKERVMKNKVEENLEGLYL
;
I
10 'polypeptide(L)'
;DSTYDMVGGLTKQIKEIKEVIELPVKHPELFESLGIAQPKGVILYGPPGTGKTLLARAVAHHTDCKFIRVSGAELVQKYI
GEGSRMVRELFVMAREHAPSIIFMDEIDSIGSTRVEGSGGGDSEVQRTMLELLNQLDGFETSKNIKIIMATNRLDILDPA
LLRPGRIDRKIEFPPPSVAARAEILRIHSRKMNLTRGINLRKVAEKMNGCSGADVKGVCTEAGMYALRERRIHVTQEDFE
LAVGKVMNKNQETAISVAKLFK
;
J
11 'polypeptide(L)'
;TYADVGGLDMQKQEIREAVELPLVQADLYEQIGIDPPRGVLLYGPPGTGKTMLVKAVANSTKAAFIRVNGSEFVHKYLGE
GPRMVRDVFRLARENAPSIIFIDEVDSIATKRFDAQTGSDREVQRILIELLTQMDGFDQSTNVKVIMATNRADTLDPALL
RPGRLDRKIEFPSLRDRRERRLIFGTIASKMSLAPEADLDSLIIRNDSLSGAVIAAIMQEAGLRAVRKNRYVILQSDLEE
AYATQVKTDNTVDKFDFYK
;
K
12 'polypeptide(L)'
;LVYNMTSFEQGEITFDGIGGLTEQIRELREVIELPLKNPEIFQRVGIKPPKGVLLYGPPGTGKTLLAKAVAATIGANFIF
SPASGIVDKYIGESARIIREMFAYAKEHEPCIIFMDEVDAIGGRRFSEGTSADREIQRTLMELLTQMDGFDNLGQTKIIM
ATNRPDTLDPALLRPGRLDRKVEIPLPNEAGRLEIFKIHTAKVKKTGEFDFEAAVKMSDGFNGADIRNCATEAGFFAIRD
DRDHINPDDLMKAVRKVAEVKKLE
;
L
13 'polypeptide(L)'
;SRVKAMEVDEKPTETYSDVGGLDKQIEELVEAIVLPMKRADKFKDMGIRAPKGALMYGPPGTGKTLLARACAAQTNATFL
KLAAPQLVQMYIGEGAKLVRDAFALAKEKAPTIIFIDELDAIGTKRFDSEKSGDREVQRTMLELLNQLDGFSSDDRVKVL
AATNRVDVLDPALLRSGRLDRKIEFPLPSEDSRAQILQIHSRKMTTDDDINWQELARSTDEFNGAQLKAVTVEAGMIALR
NGQSSVKHEDFVEGISEVQARKSKSVSFYA
;
M
14 'polypeptide(L)' NNENVSARLGGASIAV s
#
# COMPACT_ATOMS: atom_id res chain seq x y z
N ALA A 1 1.91 6.47 3.46
CA ALA A 1 2.57 5.49 4.31
C ALA A 1 1.69 5.03 5.45
N GLY A 2 0.41 5.39 5.41
CA GLY A 2 -0.40 5.26 6.60
C GLY A 2 0.00 6.33 7.59
N TYR A 3 -0.26 6.04 8.87
CA TYR A 3 0.13 6.87 10.01
C TYR A 3 -0.62 8.19 10.10
N ASP A 4 -1.39 8.54 9.10
CA ASP A 4 -2.02 9.84 9.01
C ASP A 4 -3.50 9.74 8.68
N ARG A 5 -3.88 8.79 7.84
CA ARG A 5 -5.28 8.58 7.48
C ARG A 5 -6.03 7.74 8.50
N HIS A 6 -5.39 7.39 9.62
CA HIS A 6 -6.04 6.67 10.69
C HIS A 6 -5.72 7.35 12.01
N ILE A 7 -6.59 7.16 12.98
CA ILE A 7 -6.47 7.83 14.27
C ILE A 7 -5.57 7.06 15.22
N THR A 8 -5.81 5.76 15.31
CA THR A 8 -5.32 4.93 16.39
C THR A 8 -3.96 4.32 16.11
N ILE A 9 -3.13 5.01 15.32
CA ILE A 9 -1.80 4.56 14.98
C ILE A 9 -0.83 5.58 15.51
N PHE A 10 0.10 5.13 16.34
CA PHE A 10 1.17 5.99 16.79
C PHE A 10 2.26 6.05 15.73
N SER A 11 2.89 7.21 15.62
CA SER A 11 4.12 7.31 14.87
C SER A 11 5.25 6.68 15.69
N PRO A 12 6.37 6.36 15.05
CA PRO A 12 7.47 5.78 15.82
C PRO A 12 8.11 6.78 16.76
N GLU A 13 7.95 8.07 16.50
CA GLU A 13 8.41 9.09 17.42
C GLU A 13 7.36 9.44 18.48
N GLY A 14 6.23 8.76 18.48
CA GLY A 14 5.24 8.91 19.53
C GLY A 14 4.03 9.74 19.19
N ARG A 15 4.23 10.84 18.48
CA ARG A 15 3.14 11.76 18.19
C ARG A 15 2.33 11.26 17.02
N LEU A 16 1.04 11.11 17.22
CA LEU A 16 0.10 10.91 16.14
C LEU A 16 -0.27 12.25 15.53
N TYR A 17 -0.89 12.20 14.35
CA TYR A 17 -1.03 13.39 13.52
C TYR A 17 -2.47 13.83 13.35
N GLN A 18 -3.44 12.92 13.47
CA GLN A 18 -4.77 13.24 13.00
C GLN A 18 -5.46 14.24 13.91
N VAL A 19 -5.29 14.10 15.22
CA VAL A 19 -5.87 15.08 16.13
C VAL A 19 -5.20 16.43 15.95
N GLU A 20 -3.89 16.42 15.71
CA GLU A 20 -3.16 17.66 15.53
C GLU A 20 -3.68 18.42 14.33
N TYR A 21 -4.26 17.71 13.36
CA TYR A 21 -4.93 18.39 12.26
C TYR A 21 -6.22 19.01 12.75
N ALA A 22 -6.88 18.37 13.70
CA ALA A 22 -8.13 18.91 14.21
C ALA A 22 -7.88 20.06 15.16
N PHE A 23 -6.79 19.98 15.93
CA PHE A 23 -6.35 21.13 16.70
C PHE A 23 -6.09 22.34 15.80
N LYS A 24 -5.77 22.10 14.54
CA LYS A 24 -5.51 23.16 13.58
C LYS A 24 -6.76 23.57 12.82
N ALA A 25 -7.80 22.74 12.84
CA ALA A 25 -9.01 22.99 12.07
C ALA A 25 -10.04 23.78 12.87
N THR A 26 -9.62 24.49 13.90
CA THR A 26 -10.56 25.29 14.67
C THR A 26 -10.81 26.64 14.03
N ASN A 27 -9.77 27.23 13.45
CA ASN A 27 -9.76 28.64 13.08
C ASN A 27 -10.07 28.87 11.62
N GLN A 28 -10.96 28.05 11.05
CA GLN A 28 -11.43 28.31 9.70
C GLN A 28 -12.44 29.43 9.63
N THR A 29 -12.78 30.05 10.76
CA THR A 29 -13.68 31.18 10.82
C THR A 29 -12.94 32.51 10.94
N ASN A 30 -11.65 32.50 11.25
CA ASN A 30 -10.89 33.71 11.55
C ASN A 30 -11.55 34.51 12.66
N ILE A 31 -12.01 33.79 13.68
CA ILE A 31 -12.69 34.37 14.82
C ILE A 31 -11.80 34.23 16.05
N ASN A 32 -11.89 35.22 16.94
CA ASN A 32 -11.19 35.16 18.21
C ASN A 32 -12.03 35.81 19.30
N SER A 33 -12.32 35.03 20.32
CA SER A 33 -13.16 35.43 21.44
C SER A 33 -12.28 35.72 22.66
N LEU A 34 -12.92 35.93 23.81
CA LEU A 34 -12.21 36.27 25.03
C LEU A 34 -13.16 36.07 26.20
N ALA A 35 -12.61 35.58 27.31
CA ALA A 35 -13.35 35.40 28.54
C ALA A 35 -12.55 35.99 29.69
N VAL A 36 -13.27 36.43 30.72
CA VAL A 36 -12.62 37.04 31.86
C VAL A 36 -13.59 37.05 33.03
N ARG A 37 -13.06 36.77 34.21
CA ARG A 37 -13.86 36.62 35.42
C ARG A 37 -14.25 37.99 35.97
N GLY A 38 -14.83 37.98 37.15
CA GLY A 38 -15.12 39.21 37.89
C GLY A 38 -14.94 38.97 39.35
N LYS A 39 -15.80 39.60 40.16
CA LYS A 39 -15.82 39.39 41.60
C LYS A 39 -16.94 38.46 42.04
N ASP A 40 -18.03 38.45 41.28
CA ASP A 40 -19.10 37.49 41.47
C ASP A 40 -19.68 37.00 40.16
N CYS A 41 -19.05 37.32 39.03
CA CYS A 41 -19.65 37.14 37.72
C CYS A 41 -18.58 36.67 36.75
N THR A 42 -18.92 36.70 35.47
CA THR A 42 -17.99 36.40 34.39
C THR A 42 -18.69 36.73 33.08
N VAL A 43 -17.89 37.09 32.08
CA VAL A 43 -18.39 37.59 30.81
C VAL A 43 -17.62 36.91 29.70
N VAL A 44 -18.23 36.83 28.52
CA VAL A 44 -17.58 36.32 27.33
C VAL A 44 -18.02 37.16 26.15
N ILE A 45 -17.04 37.58 25.35
CA ILE A 45 -17.30 38.34 24.15
C ILE A 45 -17.02 37.44 22.95
N SER A 46 -17.34 37.95 21.77
CA SER A 46 -17.18 37.16 20.57
C SER A 46 -17.22 38.02 19.33
N GLN A 47 -16.19 37.95 18.51
CA GLN A 47 -16.17 38.71 17.27
C GLN A 47 -17.14 38.08 16.27
N LYS A 48 -17.68 38.92 15.40
CA LYS A 48 -18.67 38.54 14.43
C LYS A 48 -18.22 38.97 13.04
N LYS A 49 -18.57 38.18 12.05
CA LYS A 49 -18.32 38.53 10.66
C LYS A 49 -19.47 37.98 9.83
N VAL A 50 -20.34 38.89 9.41
CA VAL A 50 -21.48 38.56 8.56
C VAL A 50 -21.33 39.36 7.27
N PRO A 51 -20.36 39.01 6.42
CA PRO A 51 -20.06 39.86 5.26
C PRO A 51 -21.21 39.96 4.28
N ASP A 52 -21.76 38.83 3.85
CA ASP A 52 -22.90 38.87 2.97
C ASP A 52 -24.08 39.53 3.67
N LYS A 53 -24.98 40.08 2.87
CA LYS A 53 -26.02 40.97 3.36
C LYS A 53 -27.41 40.36 3.20
N LEU A 54 -27.53 39.07 3.55
CA LEU A 54 -28.83 38.41 3.56
C LEU A 54 -29.02 37.52 4.78
N LEU A 55 -28.19 37.66 5.81
CA LEU A 55 -28.29 36.86 7.01
C LEU A 55 -28.94 37.68 8.12
N ASP A 56 -30.07 37.20 8.61
CA ASP A 56 -30.64 37.74 9.82
C ASP A 56 -29.60 37.60 10.91
N PRO A 57 -28.94 38.68 11.35
CA PRO A 57 -27.79 38.49 12.24
C PRO A 57 -28.16 37.98 13.61
N THR A 58 -29.44 37.96 13.97
CA THR A 58 -29.81 37.59 15.31
C THR A 58 -29.57 36.12 15.59
N THR A 59 -29.69 35.26 14.57
CA THR A 59 -29.64 33.82 14.76
C THR A 59 -28.24 33.25 14.58
N VAL A 60 -27.41 33.88 13.77
CA VAL A 60 -26.01 33.49 13.72
C VAL A 60 -25.40 33.74 15.09
N SER A 61 -24.86 32.68 15.68
CA SER A 61 -24.36 32.76 17.04
C SER A 61 -23.53 31.53 17.35
N TYR A 62 -22.33 31.74 17.87
CA TYR A 62 -21.51 30.68 18.43
C TYR A 62 -21.68 30.60 19.93
N ILE A 63 -22.87 30.95 20.42
CA ILE A 63 -23.21 30.90 21.84
C ILE A 63 -24.37 29.93 21.99
N PHE A 64 -24.37 29.17 23.08
CA PHE A 64 -25.44 28.22 23.35
C PHE A 64 -25.64 28.15 24.85
N CYS A 65 -26.64 28.87 25.35
CA CYS A 65 -26.98 28.82 26.77
C CYS A 65 -27.60 27.47 27.06
N ILE A 66 -26.78 26.55 27.54
CA ILE A 66 -27.19 25.15 27.63
C ILE A 66 -28.23 24.96 28.72
N SER A 67 -28.07 25.66 29.84
CA SER A 67 -29.06 25.61 30.90
C SER A 67 -28.84 26.81 31.79
N ARG A 68 -29.50 26.80 32.94
CA ARG A 68 -29.25 27.84 33.93
C ARG A 68 -27.79 27.78 34.37
N THR A 69 -27.21 28.97 34.53
CA THR A 69 -25.91 29.14 35.19
C THR A 69 -24.79 28.46 34.42
N ILE A 70 -24.96 28.26 33.13
CA ILE A 70 -23.93 27.69 32.29
C ILE A 70 -23.92 28.44 30.97
N GLY A 71 -22.75 28.50 30.36
CA GLY A 71 -22.58 29.17 29.08
C GLY A 71 -21.47 28.47 28.34
N MET A 72 -21.33 28.80 27.05
CA MET A 72 -20.34 28.15 26.23
C MET A 72 -20.12 28.99 24.99
N VAL A 73 -18.85 29.14 24.62
CA VAL A 73 -18.45 29.85 23.42
C VAL A 73 -17.47 28.97 22.69
N VAL A 74 -17.69 28.84 21.39
CA VAL A 74 -17.05 27.80 20.60
C VAL A 74 -16.12 28.43 19.58
N ASN A 75 -15.23 27.58 19.10
CA ASN A 75 -14.49 27.81 17.88
C ASN A 75 -14.72 26.58 17.03
N GLY A 76 -13.99 26.44 15.95
CA GLY A 76 -14.29 25.39 15.02
C GLY A 76 -15.54 25.72 14.26
N PRO A 77 -15.81 24.96 13.22
CA PRO A 77 -16.99 25.25 12.42
C PRO A 77 -18.26 25.03 13.20
N ILE A 78 -19.30 25.72 12.76
CA ILE A 78 -20.56 25.71 13.51
C ILE A 78 -21.19 24.33 13.63
N PRO A 79 -21.21 23.47 12.61
CA PRO A 79 -22.06 22.27 12.72
C PRO A 79 -21.61 21.31 13.80
N ASP A 80 -20.30 21.11 13.90
CA ASP A 80 -19.77 20.29 14.98
C ASP A 80 -20.13 20.88 16.33
N ALA A 81 -20.24 22.19 16.42
CA ALA A 81 -20.52 22.83 17.69
C ALA A 81 -21.92 22.48 18.18
N ARG A 82 -22.91 22.53 17.29
CA ARG A 82 -24.25 22.10 17.68
C ARG A 82 -24.24 20.67 18.15
N ASN A 83 -23.43 19.83 17.52
CA ASN A 83 -23.34 18.43 17.89
C ASN A 83 -22.69 18.22 19.25
N ALA A 84 -22.08 19.25 19.82
CA ALA A 84 -21.59 19.23 21.18
C ALA A 84 -22.56 19.87 22.15
N ALA A 85 -23.14 21.00 21.75
CA ALA A 85 -24.06 21.71 22.61
C ALA A 85 -25.29 20.88 22.94
N LEU A 86 -25.68 19.98 22.02
CA LEU A 86 -26.79 19.10 22.29
C LEU A 86 -26.50 18.21 23.49
N ARG A 87 -25.33 17.54 23.48
CA ARG A 87 -25.01 16.63 24.57
C ARG A 87 -24.97 17.36 25.90
N ALA A 88 -24.55 18.61 25.90
CA ALA A 88 -24.62 19.39 27.12
C ALA A 88 -26.06 19.62 27.55
N LYS A 89 -26.94 19.95 26.59
CA LYS A 89 -28.35 20.08 26.92
C LYS A 89 -29.02 18.75 27.22
N ALA A 90 -28.31 17.63 27.14
CA ALA A 90 -28.85 16.32 27.52
C ALA A 90 -28.42 15.90 28.90
N GLU A 91 -27.15 16.07 29.23
CA GLU A 91 -26.66 15.65 30.54
C GLU A 91 -27.33 16.43 31.66
N ALA A 92 -27.57 17.72 31.43
CA ALA A 92 -28.11 18.56 32.49
C ALA A 92 -29.54 18.19 32.87
N ALA A 93 -30.19 17.32 32.10
CA ALA A 93 -31.35 16.63 32.62
C ALA A 93 -30.91 15.52 33.56
N GLU A 94 -29.91 14.77 33.13
CA GLU A 94 -29.60 13.51 33.80
C GLU A 94 -28.97 13.75 35.16
N PHE A 95 -27.90 14.54 35.21
CA PHE A 95 -27.23 14.82 36.46
C PHE A 95 -28.17 15.42 37.48
N ARG A 96 -29.18 16.15 37.01
CA ARG A 96 -30.22 16.67 37.89
C ARG A 96 -31.15 15.55 38.33
N TYR A 97 -31.63 14.75 37.38
CA TYR A 97 -32.59 13.72 37.71
C TYR A 97 -31.93 12.54 38.40
N LYS A 98 -30.65 12.30 38.14
CA LYS A 98 -29.96 11.13 38.63
C LYS A 98 -29.24 11.39 39.95
N TYR A 99 -28.61 12.55 40.07
CA TYR A 99 -27.85 12.92 41.27
C TYR A 99 -28.42 14.11 42.01
N GLY A 100 -29.46 14.75 41.49
CA GLY A 100 -30.29 15.64 42.30
C GLY A 100 -30.21 17.12 41.99
N TYR A 101 -29.02 17.62 41.71
CA TYR A 101 -28.77 19.05 41.57
C TYR A 101 -28.12 19.34 40.22
N ASP A 102 -27.78 20.60 40.00
CA ASP A 102 -27.31 21.06 38.71
C ASP A 102 -25.83 20.76 38.53
N MET A 103 -25.42 20.61 37.28
CA MET A 103 -24.03 20.32 37.00
C MET A 103 -23.17 21.55 37.24
N PRO A 104 -22.06 21.44 37.95
CA PRO A 104 -21.03 22.47 37.86
C PRO A 104 -20.34 22.41 36.50
N CYS A 105 -19.68 23.51 36.16
CA CYS A 105 -19.00 23.60 34.89
C CYS A 105 -17.87 22.60 34.78
N ASP A 106 -17.10 22.42 35.86
CA ASP A 106 -15.88 21.63 35.78
C ASP A 106 -16.18 20.18 35.42
N VAL A 107 -17.20 19.60 36.04
CA VAL A 107 -17.63 18.27 35.66
C VAL A 107 -18.08 18.25 34.21
N LEU A 108 -18.85 19.26 33.81
CA LEU A 108 -19.44 19.27 32.48
C LEU A 108 -18.37 19.30 31.41
N ALA A 109 -17.22 19.90 31.72
CA ALA A 109 -16.09 19.83 30.82
C ALA A 109 -15.37 18.50 30.96
N LYS A 110 -15.27 17.99 32.18
CA LYS A 110 -14.61 16.71 32.41
C LYS A 110 -15.38 15.59 31.74
N ARG A 111 -16.70 15.64 31.82
CA ARG A 111 -17.52 14.62 31.18
C ARG A 111 -17.41 14.72 29.68
N MET A 112 -17.65 15.91 29.14
CA MET A 112 -17.66 16.10 27.71
C MET A 112 -16.31 15.76 27.10
N ALA A 113 -15.23 16.02 27.83
CA ALA A 113 -13.92 15.77 27.26
C ALA A 113 -13.61 14.29 27.21
N ASN A 114 -14.11 13.51 28.17
CA ASN A 114 -13.94 12.07 28.07
C ASN A 114 -14.58 11.52 26.81
N LEU A 115 -15.69 12.12 26.39
CA LEU A 115 -16.34 11.63 25.19
C LEU A 115 -15.48 11.86 23.97
N SER A 116 -14.84 13.03 23.89
CA SER A 116 -13.93 13.28 22.78
C SER A 116 -12.60 12.58 22.96
N GLN A 117 -12.35 12.00 24.13
CA GLN A 117 -11.20 11.12 24.28
C GLN A 117 -11.47 9.77 23.67
N ILE A 118 -12.69 9.26 23.87
CA ILE A 118 -13.05 7.95 23.39
C ILE A 118 -12.99 7.88 21.88
N TYR A 119 -13.13 9.01 21.20
CA TYR A 119 -12.91 9.07 19.76
C TYR A 119 -11.47 9.36 19.42
N THR A 120 -10.54 9.00 20.31
CA THR A 120 -9.14 8.84 19.97
C THR A 120 -8.63 7.48 20.40
N GLN A 121 -9.54 6.52 20.52
CA GLN A 121 -9.18 5.11 20.61
C GLN A 121 -9.88 4.25 19.59
N ARG A 122 -10.82 4.77 18.82
CA ARG A 122 -11.51 3.92 17.87
C ARG A 122 -12.26 4.75 16.85
N ALA A 123 -12.62 4.10 15.75
CA ALA A 123 -13.24 4.72 14.59
C ALA A 123 -14.77 4.73 14.65
N TYR A 124 -15.35 4.79 15.84
CA TYR A 124 -16.77 5.10 15.94
C TYR A 124 -17.08 6.37 15.16
N MET A 125 -16.48 7.48 15.57
CA MET A 125 -16.63 8.75 14.92
C MET A 125 -15.24 9.33 14.65
N ARG A 126 -15.22 10.37 13.85
CA ARG A 126 -14.08 11.26 13.80
C ARG A 126 -14.12 12.21 14.98
N PRO A 127 -13.02 12.88 15.28
CA PRO A 127 -13.04 13.86 16.36
C PRO A 127 -13.53 15.21 15.89
N LEU A 128 -14.35 15.82 16.73
CA LEU A 128 -14.89 17.13 16.42
C LEU A 128 -13.76 18.14 16.34
N GLY A 129 -13.85 19.02 15.35
CA GLY A 129 -12.84 20.02 15.14
C GLY A 129 -13.17 21.30 15.87
N VAL A 130 -13.48 21.17 17.16
CA VAL A 130 -13.86 22.28 18.00
C VAL A 130 -12.92 22.37 19.17
N ILE A 131 -12.86 23.57 19.74
CA ILE A 131 -12.20 23.84 21.00
C ILE A 131 -13.05 24.90 21.69
N LEU A 132 -13.71 24.49 22.76
CA LEU A 132 -14.83 25.24 23.31
C LEU A 132 -14.57 25.58 24.76
N THR A 133 -15.28 26.61 25.21
CA THR A 133 -14.96 27.30 26.45
C THR A 133 -16.24 27.51 27.25
N PHE A 134 -16.38 26.78 28.35
CA PHE A 134 -17.54 26.90 29.21
C PHE A 134 -17.30 27.96 30.28
N VAL A 135 -18.40 28.57 30.73
CA VAL A 135 -18.37 29.56 31.81
C VAL A 135 -19.59 29.37 32.68
N SER A 136 -19.49 29.84 33.92
CA SER A 136 -20.57 29.67 34.89
C SER A 136 -20.30 30.55 36.09
N VAL A 137 -21.13 30.39 37.10
CA VAL A 137 -21.00 31.04 38.40
C VAL A 137 -21.30 29.99 39.46
N ASP A 138 -20.26 29.40 40.04
CA ASP A 138 -20.45 28.21 40.86
C ASP A 138 -21.03 28.58 42.21
N GLU A 139 -21.83 27.68 42.75
CA GLU A 139 -22.40 27.88 44.06
C GLU A 139 -21.40 27.66 45.18
N GLU A 140 -20.27 27.00 44.91
CA GLU A 140 -19.24 26.72 45.91
C GLU A 140 -17.92 27.40 45.61
N LEU A 141 -17.37 27.21 44.43
CA LEU A 141 -16.04 27.70 44.10
C LEU A 141 -16.04 29.02 43.36
N GLY A 142 -17.20 29.54 42.99
CA GLY A 142 -17.29 30.85 42.41
C GLY A 142 -17.24 30.79 40.89
N PRO A 143 -16.92 31.91 40.26
CA PRO A 143 -16.85 31.91 38.80
C PRO A 143 -15.71 31.02 38.33
N SER A 144 -15.83 30.55 37.10
CA SER A 144 -14.88 29.59 36.58
C SER A 144 -14.90 29.64 35.07
N ILE A 145 -13.72 29.42 34.51
CA ILE A 145 -13.54 29.17 33.09
C ILE A 145 -12.95 27.78 32.95
N TYR A 146 -13.31 27.09 31.88
CA TYR A 146 -12.65 25.85 31.51
C TYR A 146 -12.54 25.77 30.00
N LYS A 147 -11.37 25.33 29.57
CA LYS A 147 -10.96 25.38 28.17
C LYS A 147 -10.77 23.94 27.73
N THR A 148 -11.75 23.42 27.01
CA THR A 148 -11.71 22.06 26.52
C THR A 148 -10.83 21.99 25.28
N ASP A 149 -10.88 20.87 24.57
CA ASP A 149 -10.16 20.67 23.33
C ASP A 149 -10.60 19.33 22.75
N PRO A 150 -10.21 19.01 21.51
CA PRO A 150 -10.62 17.72 20.93
C PRO A 150 -10.11 16.51 21.69
N ALA A 151 -8.82 16.41 21.95
CA ALA A 151 -8.29 15.21 22.57
C ALA A 151 -8.82 15.04 23.99
N GLY A 152 -8.90 16.13 24.75
CA GLY A 152 -9.47 16.10 26.08
C GLY A 152 -8.60 16.65 27.19
N TYR A 153 -7.67 17.54 26.87
CA TYR A 153 -6.88 18.22 27.90
C TYR A 153 -7.62 19.47 28.33
N TYR A 154 -8.48 19.33 29.33
CA TYR A 154 -9.18 20.45 29.91
C TYR A 154 -8.44 20.98 31.12
N VAL A 155 -8.50 22.29 31.28
CA VAL A 155 -7.93 22.97 32.43
C VAL A 155 -8.76 24.22 32.70
N GLY A 156 -8.56 24.79 33.87
CA GLY A 156 -9.25 25.98 34.30
C GLY A 156 -8.37 27.21 34.28
N TYR A 157 -8.63 28.08 33.33
CA TYR A 157 -7.88 29.32 33.22
C TYR A 157 -8.56 30.42 34.01
N LYS A 158 -7.75 31.31 34.58
CA LYS A 158 -8.32 32.42 35.32
C LYS A 158 -8.98 33.41 34.38
N ALA A 159 -8.37 33.68 33.23
CA ALA A 159 -9.04 34.42 32.18
C ALA A 159 -8.25 34.23 30.90
N THR A 160 -8.87 33.60 29.90
CA THR A 160 -8.16 33.15 28.71
C THR A 160 -8.83 33.63 27.44
N ALA A 161 -8.33 33.15 26.31
CA ALA A 161 -8.74 33.61 25.01
C ALA A 161 -8.66 32.44 24.04
N THR A 162 -8.92 32.73 22.78
CA THR A 162 -8.84 31.73 21.74
C THR A 162 -8.94 32.42 20.38
N GLY A 163 -8.56 31.67 19.34
CA GLY A 163 -8.56 32.16 17.97
C GLY A 163 -7.17 32.17 17.39
N PRO A 164 -6.97 32.92 16.31
CA PRO A 164 -5.63 33.07 15.73
C PRO A 164 -4.79 34.17 16.34
N LYS A 165 -5.31 34.88 17.34
CA LYS A 165 -4.60 35.97 18.01
C LYS A 165 -4.42 35.66 19.48
N GLN A 166 -4.03 34.42 19.78
CA GLN A 166 -3.82 34.03 21.17
C GLN A 166 -2.52 34.60 21.71
N GLN A 167 -1.45 34.54 20.91
CA GLN A 167 -0.14 35.03 21.36
C GLN A 167 -0.24 36.50 21.74
N GLU A 168 -0.87 37.30 20.90
CA GLU A 168 -1.05 38.72 21.19
C GLU A 168 -1.82 38.90 22.49
N ILE A 169 -3.03 38.37 22.55
CA ILE A 169 -3.86 38.51 23.75
C ILE A 169 -3.18 37.84 24.94
N THR A 170 -2.44 36.77 24.71
CA THR A 170 -1.64 36.20 25.78
C THR A 170 -0.62 37.20 26.28
N THR A 171 -0.15 38.08 25.41
CA THR A 171 0.80 39.10 25.83
C THR A 171 0.12 40.08 26.77
N ASN A 172 -0.93 40.76 26.31
CA ASN A 172 -1.38 41.95 27.02
C ASN A 172 -2.15 41.61 28.29
N LEU A 173 -2.88 40.48 28.30
CA LEU A 173 -3.64 40.11 29.48
C LEU A 173 -2.75 39.98 30.70
N GLU A 174 -1.76 39.09 30.63
CA GLU A 174 -0.90 38.86 31.78
C GLU A 174 -0.15 40.12 32.17
N ASN A 175 0.09 41.03 31.22
CA ASN A 175 0.63 42.33 31.60
C ASN A 175 -0.33 43.06 32.53
N HIS A 176 -1.63 42.88 32.32
CA HIS A 176 -2.60 43.57 33.17
C HIS A 176 -2.59 42.99 34.58
N PHE A 177 -2.55 41.67 34.69
CA PHE A 177 -2.66 41.05 36.01
C PHE A 177 -1.45 41.36 36.88
N LYS A 178 -0.30 41.57 36.26
CA LYS A 178 0.89 41.90 37.03
C LYS A 178 0.98 43.37 37.39
N LYS A 179 0.19 44.24 36.76
CA LYS A 179 0.05 45.61 37.23
C LYS A 179 -0.78 45.70 38.51
N SER A 180 -1.44 44.62 38.91
CA SER A 180 -2.15 44.55 40.18
C SER A 180 -1.86 43.31 40.98
N LYS A 181 -1.30 42.26 40.38
CA LYS A 181 -0.98 41.02 41.08
C LYS A 181 -2.24 40.37 41.62
N ILE A 182 -3.21 40.17 40.75
CA ILE A 182 -4.45 39.48 41.09
C ILE A 182 -4.91 38.65 39.90
N ASP A 183 -5.60 37.56 40.20
CA ASP A 183 -6.09 36.67 39.16
C ASP A 183 -7.39 37.20 38.54
N HIS A 184 -8.35 37.56 39.38
CA HIS A 184 -9.65 37.99 38.90
C HIS A 184 -9.66 39.50 38.69
N ILE A 185 -10.84 40.04 38.45
CA ILE A 185 -11.07 41.47 38.29
C ILE A 185 -12.03 41.94 39.37
N ASN A 186 -11.77 43.13 39.89
CA ASN A 186 -12.61 43.79 40.87
C ASN A 186 -13.79 44.43 40.15
N GLU A 187 -14.47 45.36 40.81
CA GLU A 187 -15.46 46.20 40.14
C GLU A 187 -16.66 45.36 39.71
N GLU A 188 -17.42 44.93 40.73
CA GLU A 188 -18.48 43.92 40.65
C GLU A 188 -19.33 43.96 39.39
N SER A 189 -19.78 45.16 38.99
CA SER A 189 -20.84 45.29 38.00
C SER A 189 -20.52 44.60 36.69
N TRP A 190 -21.28 43.54 36.37
CA TRP A 190 -21.05 42.81 35.13
C TRP A 190 -21.19 43.71 33.92
N GLU A 191 -22.02 44.74 34.02
CA GLU A 191 -22.06 45.76 32.99
C GLU A 191 -20.68 46.34 32.78
N LYS A 192 -20.14 46.96 33.83
CA LYS A 192 -18.89 47.68 33.73
C LYS A 192 -17.71 46.78 33.37
N VAL A 193 -17.85 45.47 33.55
CA VAL A 193 -16.76 44.58 33.16
C VAL A 193 -16.67 44.49 31.65
N VAL A 194 -17.79 44.66 30.95
CA VAL A 194 -17.77 44.66 29.50
C VAL A 194 -16.92 45.82 29.00
N GLU A 195 -17.12 47.01 29.59
CA GLU A 195 -16.31 48.16 29.22
C GLU A 195 -14.84 47.91 29.47
N PHE A 196 -14.51 47.15 30.52
CA PHE A 196 -13.13 46.74 30.72
C PHE A 196 -12.66 45.85 29.59
N ALA A 197 -13.46 44.86 29.25
CA ALA A 197 -13.02 43.84 28.32
C ALA A 197 -12.79 44.42 26.94
N ILE A 198 -13.80 45.09 26.39
CA ILE A 198 -13.75 45.49 24.99
C ILE A 198 -12.63 46.48 24.75
N THR A 199 -12.48 47.46 25.64
CA THR A 199 -11.38 48.40 25.47
C THR A 199 -10.03 47.74 25.68
N HIS A 200 -9.99 46.64 26.44
CA HIS A 200 -8.74 45.92 26.62
C HIS A 200 -8.32 45.17 25.37
N MET A 201 -9.20 45.01 24.40
CA MET A 201 -8.95 44.17 23.23
C MET A 201 -8.97 44.94 21.92
N ILE A 202 -9.72 46.03 21.82
CA ILE A 202 -9.62 46.89 20.66
C ILE A 202 -8.18 47.39 20.53
N ASP A 203 -7.64 47.95 21.61
CA ASP A 203 -6.27 48.40 21.61
C ASP A 203 -5.29 47.25 21.42
N ALA A 204 -5.70 46.03 21.77
CA ALA A 204 -4.81 44.88 21.65
C ALA A 204 -4.44 44.64 20.20
N LEU A 205 -5.45 44.47 19.35
CA LEU A 205 -5.24 44.25 17.93
C LEU A 205 -5.41 45.52 17.11
N GLY A 206 -6.13 46.51 17.61
CA GLY A 206 -6.14 47.84 17.02
C GLY A 206 -7.20 48.11 15.98
N THR A 207 -8.48 47.84 16.28
CA THR A 207 -9.56 48.14 15.35
C THR A 207 -10.83 48.46 16.13
N GLU A 208 -11.45 49.59 15.79
CA GLU A 208 -12.70 49.99 16.43
C GLU A 208 -13.87 49.25 15.83
N PHE A 209 -14.93 49.11 16.62
CA PHE A 209 -16.05 48.23 16.29
C PHE A 209 -17.37 48.96 16.44
N SER A 210 -18.38 48.36 15.82
CA SER A 210 -19.76 48.81 15.84
C SER A 210 -20.53 48.03 16.91
N LYS A 211 -21.85 48.18 16.90
CA LYS A 211 -22.74 47.37 17.71
C LYS A 211 -23.27 46.15 16.96
N ASN A 212 -23.28 46.19 15.62
CA ASN A 212 -23.81 45.11 14.82
C ASN A 212 -22.72 44.16 14.36
N ASP A 213 -21.61 44.08 15.11
CA ASP A 213 -20.49 43.23 14.73
C ASP A 213 -19.87 42.51 15.91
N LEU A 214 -20.60 42.39 17.02
CA LEU A 214 -20.16 41.57 18.15
C LEU A 214 -21.35 40.86 18.77
N GLU A 215 -21.05 39.91 19.64
CA GLU A 215 -22.05 39.30 20.52
C GLU A 215 -21.36 38.92 21.81
N VAL A 216 -22.10 39.03 22.92
CA VAL A 216 -21.54 38.95 24.25
C VAL A 216 -22.40 38.05 25.12
N GLY A 217 -21.74 37.36 26.03
CA GLY A 217 -22.43 36.58 27.06
C GLY A 217 -22.00 36.99 28.44
N VAL A 218 -22.95 36.95 29.37
CA VAL A 218 -22.78 37.46 30.72
C VAL A 218 -23.19 36.39 31.71
N ALA A 219 -22.38 36.18 32.73
CA ALA A 219 -22.60 35.12 33.72
C ALA A 219 -22.76 35.74 35.10
N THR A 220 -23.98 36.14 35.41
CA THR A 220 -24.37 36.43 36.79
C THR A 220 -24.74 35.13 37.49
N LYS A 221 -24.79 35.19 38.80
CA LYS A 221 -25.34 34.08 39.54
C LYS A 221 -26.83 33.98 39.25
N ASP A 222 -27.34 32.77 39.35
CA ASP A 222 -28.75 32.41 39.21
C ASP A 222 -29.19 32.41 37.75
N LYS A 223 -28.38 32.87 36.79
CA LYS A 223 -28.78 32.84 35.40
C LYS A 223 -27.59 33.22 34.52
N PHE A 224 -27.60 32.68 33.32
CA PHE A 224 -26.69 33.05 32.25
C PHE A 224 -27.53 33.42 31.04
N PHE A 225 -27.08 34.40 30.28
CA PHE A 225 -27.89 34.89 29.17
C PHE A 225 -27.03 35.72 28.23
N THR A 226 -27.67 36.17 27.15
CA THR A 226 -27.08 36.90 26.06
C THR A 226 -27.76 38.27 25.99
N LEU A 227 -27.14 39.21 25.29
CA LEU A 227 -27.66 40.57 25.21
C LEU A 227 -27.48 41.14 23.81
N SER A 228 -28.42 42.00 23.45
CA SER A 228 -28.42 42.74 22.20
C SER A 228 -27.72 44.09 22.39
N ALA A 229 -28.00 45.05 21.50
CA ALA A 229 -27.16 46.23 21.30
C ALA A 229 -27.23 47.29 22.39
N GLU A 230 -27.76 46.97 23.56
CA GLU A 230 -27.68 47.91 24.66
C GLU A 230 -26.24 48.09 25.15
N ASN A 231 -25.98 49.27 25.71
CA ASN A 231 -24.67 49.62 26.30
C ASN A 231 -23.55 49.49 25.26
N ILE A 232 -23.65 50.36 24.26
CA ILE A 232 -22.78 50.32 23.11
C ILE A 232 -22.12 51.68 22.86
N GLU A 233 -22.13 52.55 23.87
CA GLU A 233 -21.52 53.87 23.76
C GLU A 233 -20.71 54.31 24.97
N GLU A 234 -20.83 53.66 26.12
CA GLU A 234 -20.11 54.13 27.30
C GLU A 234 -18.61 53.95 27.16
N ARG A 235 -18.16 53.05 26.29
CA ARG A 235 -16.73 52.87 26.10
C ARG A 235 -16.09 54.11 25.49
N LEU A 236 -16.87 54.86 24.70
CA LEU A 236 -16.41 56.12 24.13
C LEU A 236 -17.01 57.33 24.84
N VAL A 237 -18.10 57.15 25.58
CA VAL A 237 -18.69 58.27 26.30
C VAL A 237 -17.72 58.80 27.35
N ALA A 238 -16.85 57.94 27.87
CA ALA A 238 -15.90 58.36 28.88
C ALA A 238 -14.80 57.32 29.06
N MET B 1 13.55 3.97 10.83
CA MET B 1 13.71 3.11 9.62
C MET B 1 13.00 1.77 9.76
N THR B 2 11.76 1.80 10.23
CA THR B 2 10.91 0.63 10.36
C THR B 2 9.75 0.75 9.38
N ASP B 3 9.23 -0.39 8.97
CA ASP B 3 8.29 -0.41 7.85
C ASP B 3 7.49 -1.70 7.87
N ARG B 4 6.22 -1.58 7.49
CA ARG B 4 5.34 -2.67 7.09
C ARG B 4 4.85 -3.50 8.27
N TYR B 5 5.33 -3.27 9.50
CA TYR B 5 4.90 -4.03 10.67
C TYR B 5 4.53 -3.17 11.87
N SER B 6 4.89 -1.90 11.90
CA SER B 6 4.30 -0.97 12.83
C SER B 6 2.95 -0.44 12.37
N PHE B 7 2.45 -0.90 11.22
CA PHE B 7 1.17 -0.40 10.73
C PHE B 7 0.03 -0.80 11.65
N SER B 8 0.17 -1.92 12.33
CA SER B 8 -0.90 -2.47 13.16
C SER B 8 -0.26 -3.19 14.33
N LEU B 9 -1.04 -4.00 15.03
CA LEU B 9 -0.61 -4.64 16.27
C LEU B 9 -1.12 -6.07 16.36
N THR B 10 -1.30 -6.73 15.22
CA THR B 10 -1.76 -8.11 15.18
C THR B 10 -1.02 -8.90 14.13
N THR B 11 0.22 -8.54 13.85
CA THR B 11 1.04 -9.23 12.87
C THR B 11 2.45 -9.33 13.42
N PHE B 12 2.81 -10.53 13.87
CA PHE B 12 4.16 -10.75 14.34
C PHE B 12 5.13 -10.69 13.18
N SER B 13 6.18 -9.89 13.33
CA SER B 13 7.25 -9.88 12.36
C SER B 13 8.00 -11.20 12.42
N PRO B 14 8.84 -11.48 11.43
CA PRO B 14 9.74 -12.63 11.55
C PRO B 14 10.62 -12.56 12.77
N SER B 15 11.02 -11.36 13.17
CA SER B 15 11.81 -11.22 14.39
C SER B 15 11.00 -11.63 15.60
N GLY B 16 9.68 -11.45 15.55
CA GLY B 16 8.79 -12.01 16.55
C GLY B 16 8.37 -11.02 17.61
N LYS B 17 7.95 -9.84 17.18
CA LYS B 17 7.51 -8.80 18.09
C LYS B 17 6.31 -8.09 17.49
N LEU B 18 5.52 -7.50 18.37
CA LEU B 18 4.30 -6.85 17.96
C LEU B 18 4.59 -5.41 17.54
N GLY B 19 3.63 -4.83 16.84
CA GLY B 19 3.92 -3.67 16.02
C GLY B 19 4.23 -2.39 16.75
N GLN B 20 3.22 -1.77 17.36
CA GLN B 20 3.32 -0.39 17.79
C GLN B 20 3.23 -0.20 19.30
N ILE B 21 3.04 -1.27 20.08
CA ILE B 21 3.15 -1.13 21.52
C ILE B 21 4.54 -0.65 21.89
N ASP B 22 5.55 -1.08 21.15
CA ASP B 22 6.90 -0.57 21.35
C ASP B 22 6.96 0.94 21.09
N TYR B 23 6.06 1.44 20.27
CA TYR B 23 6.05 2.85 19.90
C TYR B 23 5.14 3.67 20.77
N ALA B 24 4.14 3.06 21.40
CA ALA B 24 3.39 3.76 22.43
C ALA B 24 4.31 4.22 23.54
N LEU B 25 5.18 3.32 24.01
CA LEU B 25 6.17 3.64 25.02
C LEU B 25 7.05 4.82 24.63
N THR B 26 7.18 5.13 23.35
CA THR B 26 8.05 6.22 22.96
C THR B 26 7.52 7.57 23.44
N ALA B 27 6.22 7.68 23.65
CA ALA B 27 5.66 8.91 24.19
C ALA B 27 5.83 8.97 25.69
N VAL B 28 5.64 7.82 26.34
CA VAL B 28 5.83 7.67 27.77
C VAL B 28 7.13 8.32 28.22
N LYS B 29 8.20 8.10 27.46
CA LYS B 29 9.42 8.87 27.66
C LYS B 29 9.15 10.35 27.54
N GLN B 30 8.57 10.77 26.42
CA GLN B 30 8.51 12.18 26.09
C GLN B 30 7.60 12.97 27.02
N GLY B 31 6.89 12.31 27.92
CA GLY B 31 6.21 12.99 28.99
C GLY B 31 7.17 13.34 30.11
N VAL B 32 6.62 14.05 31.10
CA VAL B 32 7.41 14.63 32.16
C VAL B 32 7.97 13.52 33.04
N THR B 33 8.92 13.88 33.89
CA THR B 33 9.55 12.90 34.76
C THR B 33 8.57 12.42 35.80
N SER B 34 9.01 11.46 36.60
CA SER B 34 8.24 10.95 37.71
C SER B 34 9.15 10.04 38.51
N LEU B 35 8.68 9.68 39.71
CA LEU B 35 9.47 8.82 40.58
C LEU B 35 8.63 8.39 41.77
N GLY B 36 9.18 7.43 42.49
CA GLY B 36 8.59 6.88 43.69
C GLY B 36 9.56 5.97 44.37
N ILE B 37 9.59 6.01 45.70
CA ILE B 37 10.55 5.28 46.51
C ILE B 37 9.81 4.50 47.56
N LYS B 38 10.30 3.30 47.84
CA LYS B 38 9.80 2.46 48.91
C LYS B 38 10.71 2.61 50.13
N ALA B 39 10.15 3.09 51.22
CA ALA B 39 10.83 3.12 52.50
C ALA B 39 10.52 1.84 53.27
N THR B 40 10.88 1.83 54.54
CA THR B 40 10.50 0.75 55.44
C THR B 40 9.20 1.04 56.17
N ASN B 41 8.66 2.24 56.02
CA ASN B 41 7.43 2.64 56.70
C ASN B 41 6.48 3.39 55.79
N GLY B 42 6.84 3.66 54.55
CA GLY B 42 5.99 4.47 53.69
C GLY B 42 6.51 4.50 52.28
N VAL B 43 5.73 5.14 51.42
CA VAL B 43 6.02 5.22 50.00
C VAL B 43 5.64 6.61 49.51
N VAL B 44 6.36 7.06 48.49
CA VAL B 44 6.30 8.43 48.00
C VAL B 44 6.13 8.42 46.49
N ILE B 45 5.56 9.51 45.98
CA ILE B 45 5.31 9.69 44.55
C ILE B 45 5.40 11.18 44.26
N ALA B 46 5.91 11.52 43.08
CA ALA B 46 6.15 12.93 42.80
C ALA B 46 6.28 13.18 41.32
N THR B 47 5.74 14.32 40.88
CA THR B 47 5.94 14.81 39.53
C THR B 47 5.93 16.33 39.53
N GLU B 48 6.56 16.88 38.51
CA GLU B 48 6.56 18.32 38.27
C GLU B 48 5.39 18.65 37.36
N LYS B 49 5.38 19.85 36.82
CA LYS B 49 4.42 20.19 35.78
C LYS B 49 4.92 21.43 35.03
N LYS B 50 5.07 21.29 33.72
CA LYS B 50 5.46 22.40 32.86
C LYS B 50 4.20 23.00 32.24
N SER B 51 3.40 23.62 33.11
CA SER B 51 2.15 24.23 32.68
C SER B 51 2.40 25.24 31.58
N SER B 52 1.82 24.98 30.41
CA SER B 52 2.11 25.72 29.19
C SER B 52 1.77 27.19 29.35
N SER B 53 0.49 27.50 29.52
CA SER B 53 0.06 28.85 29.81
C SER B 53 0.08 29.06 31.32
N PRO B 54 0.84 30.03 31.86
CA PRO B 54 0.85 30.21 33.31
C PRO B 54 -0.49 30.66 33.87
N LEU B 55 -1.40 31.14 33.02
CA LEU B 55 -2.70 31.61 33.46
C LEU B 55 -3.57 30.48 33.98
N ALA B 56 -3.27 29.25 33.58
CA ALA B 56 -3.98 28.09 34.08
C ALA B 56 -3.90 28.01 35.59
N MET B 57 -5.04 27.76 36.22
CA MET B 57 -5.03 27.36 37.62
C MET B 57 -4.47 25.96 37.69
N SER B 58 -3.19 25.83 38.02
CA SER B 58 -2.56 24.53 38.06
C SER B 58 -3.11 23.64 39.17
N GLU B 59 -3.83 24.20 40.12
CA GLU B 59 -4.38 23.37 41.20
C GLU B 59 -5.48 22.45 40.69
N THR B 60 -6.18 22.84 39.63
CA THR B 60 -7.34 22.08 39.17
C THR B 60 -6.93 20.68 38.73
N LEU B 61 -6.06 20.61 37.74
CA LEU B 61 -5.48 19.33 37.35
C LEU B 61 -4.77 18.72 38.54
N SER B 62 -4.64 17.40 38.51
CA SER B 62 -3.85 16.70 39.51
C SER B 62 -3.22 15.49 38.85
N LYS B 63 -1.89 15.52 38.74
CA LYS B 63 -1.15 14.36 38.27
C LYS B 63 -1.48 13.15 39.12
N VAL B 64 -1.45 13.34 40.41
CA VAL B 64 -1.77 12.29 41.36
C VAL B 64 -3.28 12.17 41.49
N SER B 65 -3.73 11.00 41.89
CA SER B 65 -5.15 10.74 42.03
C SER B 65 -5.35 9.74 43.14
N LEU B 66 -6.61 9.57 43.50
CA LEU B 66 -7.03 8.59 44.49
C LEU B 66 -7.60 7.35 43.83
N LEU B 67 -7.40 6.24 44.51
CA LEU B 67 -7.96 4.95 44.12
C LEU B 67 -8.68 4.34 45.31
N THR B 68 -8.13 4.56 46.48
CA THR B 68 -8.68 4.15 47.75
C THR B 68 -8.24 5.18 48.77
N PRO B 69 -8.64 5.05 50.03
CA PRO B 69 -7.94 5.80 51.07
C PRO B 69 -6.51 5.35 51.26
N ASP B 70 -6.17 4.15 50.81
CA ASP B 70 -4.89 3.54 51.08
C ASP B 70 -3.99 3.41 49.86
N ILE B 71 -4.50 3.68 48.67
CA ILE B 71 -3.75 3.48 47.43
C ILE B 71 -3.79 4.76 46.61
N GLY B 72 -2.67 5.10 46.00
CA GLY B 72 -2.59 6.26 45.13
C GLY B 72 -1.61 6.02 43.99
N ALA B 73 -1.71 6.87 42.98
CA ALA B 73 -1.09 6.59 41.70
C ALA B 73 -0.58 7.86 41.03
N VAL B 74 0.18 7.65 39.97
CA VAL B 74 0.71 8.72 39.15
C VAL B 74 1.24 8.12 37.86
N TYR B 75 1.28 8.94 36.81
CA TYR B 75 1.77 8.52 35.50
C TYR B 75 3.01 9.31 35.11
N SER B 76 3.55 8.96 33.95
CA SER B 76 4.53 9.77 33.24
C SER B 76 4.27 9.53 31.76
N GLY B 77 3.45 10.39 31.17
CA GLY B 77 3.12 10.20 29.78
C GLY B 77 1.97 11.07 29.35
N MET B 78 1.02 10.47 28.64
CA MET B 78 -0.10 11.22 28.12
C MET B 78 -1.11 11.50 29.22
N GLY B 79 -1.74 12.66 29.15
CA GLY B 79 -2.65 13.08 30.19
C GLY B 79 -4.03 12.47 30.08
N PRO B 80 -4.75 12.81 29.01
CA PRO B 80 -6.17 12.42 28.94
C PRO B 80 -6.40 10.92 28.91
N ASP B 81 -5.37 10.11 28.66
CA ASP B 81 -5.48 8.67 28.87
C ASP B 81 -5.14 8.26 30.30
N TYR B 82 -5.27 9.20 31.24
CA TYR B 82 -5.15 8.91 32.66
C TYR B 82 -6.44 9.19 33.40
N ARG B 83 -6.99 10.39 33.23
CA ARG B 83 -8.16 10.79 33.98
C ARG B 83 -9.39 9.96 33.67
N VAL B 84 -9.35 9.13 32.64
CA VAL B 84 -10.42 8.17 32.36
C VAL B 84 -10.01 6.82 32.93
N LEU B 85 -8.71 6.54 32.91
CA LEU B 85 -8.22 5.25 33.40
C LEU B 85 -8.58 5.06 34.86
N VAL B 86 -8.54 6.12 35.64
CA VAL B 86 -8.77 6.00 37.07
C VAL B 86 -10.23 5.69 37.36
N ASP B 87 -11.15 6.32 36.65
CA ASP B 87 -12.57 6.04 36.87
C ASP B 87 -12.91 4.64 36.40
N LYS B 88 -12.26 4.20 35.33
CA LYS B 88 -12.36 2.83 34.89
C LYS B 88 -11.68 1.87 35.85
N SER B 89 -10.82 2.38 36.74
CA SER B 89 -10.13 1.58 37.72
C SER B 89 -10.90 1.47 39.02
N ARG B 90 -11.16 2.61 39.67
CA ARG B 90 -11.84 2.57 40.96
C ARG B 90 -13.27 2.04 40.83
N LYS B 91 -13.85 2.11 39.63
CA LYS B 91 -15.12 1.41 39.40
C LYS B 91 -14.93 -0.09 39.53
N VAL B 92 -13.73 -0.57 39.22
CA VAL B 92 -13.48 -2.00 39.33
C VAL B 92 -13.20 -2.41 40.75
N ALA B 93 -12.61 -1.52 41.55
CA ALA B 93 -12.35 -1.85 42.94
C ALA B 93 -13.63 -2.20 43.68
N HIS B 94 -14.72 -1.52 43.33
CA HIS B 94 -15.99 -1.77 43.99
C HIS B 94 -16.63 -3.07 43.49
N THR B 95 -16.95 -3.12 42.20
CA THR B 95 -17.77 -4.19 41.67
C THR B 95 -17.04 -5.54 41.68
N SER B 96 -15.71 -5.53 41.69
CA SER B 96 -14.95 -6.78 41.56
C SER B 96 -14.66 -7.39 42.92
N TYR B 97 -13.96 -6.66 43.77
CA TYR B 97 -13.46 -7.19 45.03
C TYR B 97 -14.37 -6.82 46.19
N LYS B 98 -14.73 -5.54 46.30
CA LYS B 98 -15.41 -5.04 47.48
C LYS B 98 -16.74 -5.72 47.72
N ARG B 99 -17.70 -5.55 46.81
CA ARG B 99 -19.04 -6.04 47.03
C ARG B 99 -19.15 -7.56 47.02
N ILE B 100 -18.05 -8.30 46.90
CA ILE B 100 -18.06 -9.75 47.05
C ILE B 100 -16.99 -10.19 48.03
N TYR B 101 -16.26 -9.23 48.63
CA TYR B 101 -15.38 -9.54 49.75
C TYR B 101 -15.46 -8.51 50.86
N GLY B 102 -16.38 -7.57 50.80
CA GLY B 102 -16.62 -6.69 51.93
C GLY B 102 -15.79 -5.43 52.05
N GLU B 103 -14.48 -5.57 51.89
CA GLU B 103 -13.54 -4.48 52.13
C GLU B 103 -12.69 -4.24 50.89
N TYR B 104 -11.79 -3.28 50.99
CA TYR B 104 -11.11 -2.77 49.82
C TYR B 104 -10.00 -3.70 49.37
N PRO B 105 -9.52 -3.55 48.13
CA PRO B 105 -8.57 -4.51 47.61
C PRO B 105 -7.19 -4.26 48.14
N PRO B 106 -6.32 -5.25 48.11
CA PRO B 106 -4.90 -4.94 48.17
C PRO B 106 -4.44 -4.29 46.88
N THR B 107 -3.15 -4.02 46.80
CA THR B 107 -2.66 -3.27 45.66
C THR B 107 -2.60 -4.12 44.40
N LYS B 108 -2.19 -5.38 44.51
CA LYS B 108 -1.88 -6.13 43.31
C LYS B 108 -3.15 -6.65 42.66
N LEU B 109 -4.11 -7.09 43.47
CA LEU B 109 -5.43 -7.39 42.96
C LEU B 109 -6.23 -6.16 42.60
N LEU B 110 -5.65 -4.96 42.74
CA LEU B 110 -6.15 -3.76 42.11
C LEU B 110 -5.31 -3.36 40.92
N VAL B 111 -4.04 -3.77 40.88
CA VAL B 111 -3.20 -3.52 39.72
C VAL B 111 -3.48 -4.55 38.63
N SER B 112 -3.71 -5.80 39.00
CA SER B 112 -4.04 -6.81 38.00
C SER B 112 -5.30 -6.44 37.25
N GLU B 113 -6.22 -5.75 37.90
CA GLU B 113 -7.43 -5.30 37.24
C GLU B 113 -7.12 -4.20 36.25
N VAL B 114 -6.19 -3.30 36.60
CA VAL B 114 -5.78 -2.25 35.68
C VAL B 114 -5.23 -2.84 34.39
N ALA B 115 -4.48 -3.94 34.50
CA ALA B 115 -3.92 -4.56 33.31
C ALA B 115 -5.02 -5.04 32.38
N LYS B 116 -6.02 -5.72 32.91
CA LYS B 116 -7.12 -6.20 32.09
C LYS B 116 -7.92 -5.07 31.48
N ILE B 117 -7.76 -3.85 31.97
CA ILE B 117 -8.28 -2.70 31.25
C ILE B 117 -7.37 -2.35 30.09
N MET B 118 -6.10 -2.70 30.20
CA MET B 118 -5.10 -2.30 29.21
C MET B 118 -5.08 -3.26 28.05
N GLN B 119 -4.93 -4.56 28.33
CA GLN B 119 -4.82 -5.58 27.30
C GLN B 119 -6.05 -5.63 26.41
N GLU B 120 -7.21 -5.22 26.93
CA GLU B 120 -8.39 -5.13 26.09
C GLU B 120 -8.24 -4.09 24.99
N ALA B 121 -7.24 -3.22 25.06
CA ALA B 121 -6.94 -2.32 23.96
C ALA B 121 -6.12 -3.00 22.88
N THR B 122 -5.15 -3.81 23.27
CA THR B 122 -4.24 -4.43 22.32
C THR B 122 -4.75 -5.76 21.80
N GLN B 123 -6.07 -5.95 21.79
CA GLN B 123 -6.67 -7.20 21.36
C GLN B 123 -6.96 -7.21 19.88
N SER B 124 -7.38 -6.09 19.32
CA SER B 124 -7.74 -5.96 17.92
C SER B 124 -6.90 -4.87 17.25
N GLY B 125 -7.20 -4.62 15.99
CA GLY B 125 -6.53 -3.60 15.21
C GLY B 125 -7.34 -2.33 15.13
N GLY B 126 -6.63 -1.25 14.78
CA GLY B 126 -7.28 0.05 14.68
C GLY B 126 -7.92 0.51 15.96
N VAL B 127 -7.39 0.09 17.10
CA VAL B 127 -7.88 0.50 18.41
C VAL B 127 -6.69 0.65 19.34
N ARG B 128 -6.28 1.87 19.64
CA ARG B 128 -4.94 2.04 20.16
C ARG B 128 -4.86 1.69 21.63
N PRO B 129 -3.66 1.47 22.14
CA PRO B 129 -3.48 1.37 23.59
C PRO B 129 -3.54 2.71 24.27
N PHE B 130 -3.19 2.69 25.54
CA PHE B 130 -3.09 3.89 26.36
C PHE B 130 -1.66 4.39 26.34
N GLY B 131 -1.49 5.67 26.05
CA GLY B 131 -0.18 6.27 26.01
C GLY B 131 0.34 6.67 27.37
N VAL B 132 0.38 5.74 28.31
CA VAL B 132 0.86 6.03 29.66
C VAL B 132 1.50 4.78 30.25
N SER B 133 2.24 5.00 31.33
CA SER B 133 2.84 3.95 32.11
C SER B 133 2.82 4.42 33.55
N LEU B 134 2.17 3.66 34.41
CA LEU B 134 1.80 4.11 35.74
C LEU B 134 2.69 3.48 36.80
N LEU B 135 2.57 4.00 38.01
CA LEU B 135 3.09 3.34 39.20
C LEU B 135 2.12 3.54 40.34
N ILE B 136 2.04 2.52 41.20
CA ILE B 136 1.01 2.42 42.22
C ILE B 136 1.71 2.16 43.56
N ALA B 137 1.14 2.72 44.62
CA ALA B 137 1.66 2.55 45.97
C ALA B 137 0.52 2.32 46.93
N GLY B 138 0.70 1.37 47.85
CA GLY B 138 -0.34 1.07 48.80
C GLY B 138 0.17 0.23 49.95
N HIS B 139 -0.77 -0.24 50.77
CA HIS B 139 -0.45 -0.98 51.98
C HIS B 139 -1.59 -1.96 52.28
N ASP B 140 -1.23 -3.04 52.95
CA ASP B 140 -2.20 -4.02 53.42
C ASP B 140 -1.67 -4.69 54.67
N GLU B 141 -2.49 -5.56 55.25
CA GLU B 141 -2.12 -6.30 56.44
C GLU B 141 -1.48 -7.66 56.14
N PHE B 142 -1.38 -8.04 54.87
CA PHE B 142 -0.84 -9.35 54.52
C PHE B 142 0.65 -9.29 54.23
N ASN B 143 1.07 -8.32 53.40
CA ASN B 143 2.47 -8.13 53.06
C ASN B 143 2.91 -6.68 53.12
N GLY B 144 2.02 -5.76 53.45
CA GLY B 144 2.44 -4.40 53.72
C GLY B 144 2.60 -3.53 52.50
N PHE B 145 3.70 -2.79 52.47
CA PHE B 145 3.91 -1.80 51.44
C PHE B 145 4.36 -2.45 50.14
N SER B 146 4.12 -1.75 49.04
CA SER B 146 4.61 -2.19 47.74
C SER B 146 4.60 -1.02 46.79
N LEU B 147 5.45 -1.11 45.77
CA LEU B 147 5.56 -0.10 44.73
C LEU B 147 5.65 -0.82 43.40
N TYR B 148 4.58 -0.73 42.63
CA TYR B 148 4.46 -1.41 41.37
C TYR B 148 4.54 -0.41 40.22
N GLN B 149 4.73 -0.97 39.04
CA GLN B 149 4.73 -0.23 37.79
C GLN B 149 3.78 -0.93 36.84
N VAL B 150 3.22 -0.16 35.92
CA VAL B 150 2.31 -0.68 34.91
C VAL B 150 2.70 -0.09 33.57
N ASP B 151 2.81 -0.93 32.56
CA ASP B 151 3.12 -0.53 31.21
C ASP B 151 1.92 -0.76 30.30
N PRO B 152 1.89 -0.13 29.13
CA PRO B 152 0.73 -0.28 28.25
C PRO B 152 0.59 -1.66 27.65
N SER B 153 1.61 -2.50 27.73
CA SER B 153 1.54 -3.84 27.18
C SER B 153 0.85 -4.82 28.11
N GLY B 154 0.24 -4.35 29.19
CA GLY B 154 -0.37 -5.21 30.16
C GLY B 154 0.55 -5.65 31.27
N SER B 155 1.85 -5.64 31.04
CA SER B 155 2.81 -6.11 32.04
C SER B 155 2.76 -5.22 33.27
N TYR B 156 3.10 -5.80 34.41
CA TYR B 156 3.18 -5.03 35.64
C TYR B 156 4.29 -5.60 36.51
N PHE B 157 5.23 -4.74 36.85
CA PHE B 157 6.40 -5.09 37.62
C PHE B 157 6.13 -4.89 39.09
N PRO B 158 7.10 -5.22 39.92
CA PRO B 158 7.28 -4.48 41.16
C PRO B 158 8.54 -3.64 41.06
N TRP B 159 8.81 -2.87 42.09
CA TRP B 159 10.01 -2.05 42.15
C TRP B 159 10.30 -1.77 43.62
N LYS B 160 11.34 -1.03 43.85
CA LYS B 160 11.76 -0.56 45.16
C LYS B 160 12.00 0.93 45.17
N ALA B 161 12.55 1.47 44.08
CA ALA B 161 12.70 2.89 43.89
C ALA B 161 12.95 3.10 42.40
N THR B 162 12.28 4.09 41.83
CA THR B 162 12.21 4.17 40.38
C THR B 162 11.95 5.60 39.94
N ALA B 163 12.28 5.87 38.69
CA ALA B 163 11.84 7.06 37.99
C ALA B 163 11.48 6.67 36.57
N ILE B 164 10.64 7.50 35.94
CA ILE B 164 10.22 7.30 34.56
C ILE B 164 9.96 8.66 33.92
N GLY B 165 9.81 8.65 32.61
CA GLY B 165 9.70 9.86 31.82
C GLY B 165 11.02 10.24 31.19
N LYS B 166 11.25 11.53 31.02
CA LYS B 166 12.51 11.99 30.46
C LYS B 166 13.67 11.58 31.37
N GLY B 167 13.69 12.10 32.58
CA GLY B 167 14.77 11.85 33.51
C GLY B 167 14.67 10.47 34.12
N SER B 168 14.74 9.45 33.27
CA SER B 168 14.53 8.08 33.68
C SER B 168 15.84 7.37 33.93
N VAL B 169 16.72 7.34 32.92
CA VAL B 169 18.00 6.68 33.05
C VAL B 169 18.92 7.49 33.94
N ALA B 170 18.85 8.81 33.86
CA ALA B 170 19.70 9.66 34.68
C ALA B 170 19.31 9.55 36.15
N ALA B 171 18.02 9.59 36.43
CA ALA B 171 17.55 9.53 37.79
C ALA B 171 17.84 8.16 38.39
N LYS B 172 17.44 7.11 37.68
CA LYS B 172 17.60 5.76 38.20
C LYS B 172 19.07 5.43 38.43
N THR B 173 19.97 6.10 37.72
CA THR B 173 21.37 6.00 38.06
C THR B 173 21.65 6.64 39.41
N PHE B 174 21.06 7.82 39.65
CA PHE B 174 21.29 8.50 40.91
C PHE B 174 20.69 7.73 42.07
N LEU B 175 19.50 7.15 41.88
CA LEU B 175 18.86 6.42 42.95
C LEU B 175 19.70 5.25 43.40
N GLU B 176 20.31 4.54 42.46
CA GLU B 176 21.23 3.46 42.81
C GLU B 176 22.39 3.96 43.65
N LYS B 177 22.74 5.25 43.56
CA LYS B 177 23.83 5.84 44.31
C LYS B 177 23.36 6.66 45.51
N ARG B 178 22.05 6.79 45.71
CA ARG B 178 21.49 7.59 46.80
C ARG B 178 20.33 6.87 47.44
N TRP B 179 20.48 5.56 47.67
CA TRP B 179 19.44 4.72 48.22
C TRP B 179 20.06 3.74 49.21
N ASN B 180 19.22 3.23 50.10
CA ASN B 180 19.60 2.18 51.03
C ASN B 180 18.42 1.24 51.19
N ASP B 181 18.70 0.01 51.59
CA ASP B 181 17.67 -1.00 51.75
C ASP B 181 16.98 -0.93 53.11
N GLU B 182 17.46 -0.09 54.03
CA GLU B 182 16.91 -0.01 55.37
C GLU B 182 16.85 1.44 55.84
N LEU B 183 16.42 2.35 54.97
CA LEU B 183 16.34 3.74 55.32
C LEU B 183 15.02 4.04 56.02
N GLU B 184 14.71 5.33 56.19
CA GLU B 184 13.52 5.83 56.86
C GLU B 184 12.69 6.62 55.85
N LEU B 185 11.64 7.28 56.33
CA LEU B 185 10.74 7.99 55.43
C LEU B 185 11.28 9.35 55.04
N GLU B 186 11.54 10.20 56.03
CA GLU B 186 11.71 11.63 55.76
C GLU B 186 12.91 11.89 54.88
N ASP B 187 13.96 11.08 55.00
CA ASP B 187 15.10 11.24 54.11
C ASP B 187 14.74 10.89 52.68
N ALA B 188 13.73 10.04 52.48
CA ALA B 188 13.27 9.74 51.13
C ALA B 188 12.77 10.99 50.44
N ILE B 189 12.02 11.82 51.15
CA ILE B 189 11.56 13.07 50.58
C ILE B 189 12.72 14.01 50.32
N HIS B 190 13.76 13.94 51.17
CA HIS B 190 14.97 14.70 50.92
C HIS B 190 15.73 14.19 49.71
N ILE B 191 15.40 12.98 49.22
CA ILE B 191 16.02 12.47 48.01
C ILE B 191 15.23 12.91 46.79
N ALA B 192 13.92 12.65 46.82
CA ALA B 192 13.10 12.78 45.62
C ALA B 192 13.19 14.18 45.05
N LEU B 193 13.21 15.19 45.92
CA LEU B 193 13.38 16.55 45.47
C LEU B 193 14.69 16.72 44.72
N LEU B 194 15.80 16.41 45.37
CA LEU B 194 17.09 16.56 44.72
C LEU B 194 17.29 15.53 43.63
N THR B 195 16.48 14.47 43.62
CA THR B 195 16.37 13.68 42.42
C THR B 195 15.57 14.43 41.37
N LEU B 196 14.52 15.10 41.81
CA LEU B 196 13.68 15.85 40.90
C LEU B 196 14.37 17.10 40.44
N LYS B 197 15.39 17.54 41.19
CA LYS B 197 16.32 18.54 40.74
C LYS B 197 17.07 18.13 39.47
N GLU B 198 17.14 16.84 39.16
CA GLU B 198 18.06 16.36 38.14
C GLU B 198 17.65 16.86 36.76
N SER B 199 16.36 16.76 36.43
CA SER B 199 15.84 17.09 35.10
C SER B 199 14.73 18.11 35.23
N VAL B 200 15.02 19.17 35.94
CA VAL B 200 14.08 20.26 36.18
C VAL B 200 14.42 21.44 35.29
N GLU B 201 13.38 22.21 34.94
CA GLU B 201 13.52 23.46 34.23
C GLU B 201 12.55 24.47 34.84
N GLY B 202 12.87 25.74 34.68
CA GLY B 202 12.03 26.78 35.25
C GLY B 202 12.21 26.86 36.75
N GLU B 203 11.10 26.82 37.47
CA GLU B 203 11.12 26.93 38.92
C GLU B 203 11.18 25.54 39.56
N PHE B 204 11.26 25.53 40.89
CA PHE B 204 11.39 24.30 41.67
C PHE B 204 10.54 24.36 42.93
N ASN B 205 9.67 25.35 43.07
CA ASN B 205 8.96 25.60 44.32
C ASN B 205 7.87 24.57 44.53
N GLY B 206 7.05 24.78 45.55
CA GLY B 206 5.95 23.91 45.86
C GLY B 206 4.69 24.16 45.06
N ASP B 207 4.67 25.24 44.28
CA ASP B 207 3.51 25.50 43.45
C ASP B 207 3.57 24.71 42.15
N THR B 208 4.77 24.53 41.59
CA THR B 208 4.94 23.93 40.27
C THR B 208 5.17 22.43 40.32
N ILE B 209 4.78 21.77 41.40
CA ILE B 209 4.87 20.32 41.50
C ILE B 209 3.62 19.80 42.19
N GLU B 210 3.59 18.49 42.40
CA GLU B 210 2.62 17.85 43.27
C GLU B 210 3.16 16.49 43.62
N LEU B 211 3.40 16.26 44.92
CA LEU B 211 3.90 14.98 45.40
C LEU B 211 3.08 14.55 46.60
N ALA B 212 2.94 13.24 46.75
CA ALA B 212 2.16 12.64 47.81
C ALA B 212 2.94 11.54 48.48
N ILE B 213 2.39 11.05 49.58
CA ILE B 213 3.02 10.03 50.40
C ILE B 213 1.94 9.12 50.95
N ILE B 214 2.40 8.05 51.60
CA ILE B 214 1.53 7.16 52.37
C ILE B 214 2.31 6.71 53.60
N GLY B 215 1.58 6.45 54.68
CA GLY B 215 2.21 6.07 55.94
C GLY B 215 1.23 5.64 57.00
N ASP B 216 1.47 6.08 58.23
CA ASP B 216 0.62 5.70 59.34
C ASP B 216 -0.78 6.29 59.17
N GLU B 217 -1.69 5.86 60.03
CA GLU B 217 -3.07 6.30 59.95
C GLU B 217 -3.14 7.82 60.13
N ASN B 218 -4.11 8.42 59.46
CA ASN B 218 -4.34 9.87 59.53
C ASN B 218 -5.82 10.08 59.83
N PRO B 219 -6.25 9.74 61.04
CA PRO B 219 -7.68 9.73 61.36
C PRO B 219 -8.31 11.11 61.40
N ASP B 220 -7.51 12.18 61.42
CA ASP B 220 -8.08 13.51 61.33
C ASP B 220 -8.86 13.69 60.04
N LEU B 221 -8.49 12.96 58.98
CA LEU B 221 -9.19 12.99 57.72
C LEU B 221 -10.51 12.25 57.75
N LEU B 222 -10.81 11.53 58.83
CA LEU B 222 -11.87 10.54 58.81
C LEU B 222 -13.25 11.20 58.84
N GLY B 223 -13.55 11.92 59.92
CA GLY B 223 -14.80 12.64 60.03
C GLY B 223 -15.97 11.85 60.56
N TYR B 224 -15.86 10.52 60.60
CA TYR B 224 -16.95 9.63 61.00
C TYR B 224 -16.59 8.94 62.30
N THR B 225 -16.11 9.74 63.26
CA THR B 225 -15.54 9.23 64.50
C THR B 225 -16.61 8.70 65.44
N GLY B 226 -16.20 7.73 66.27
CA GLY B 226 -17.07 7.08 67.22
C GLY B 226 -16.94 5.57 67.20
N ILE B 227 -15.92 5.05 66.52
CA ILE B 227 -15.82 3.64 66.18
C ILE B 227 -14.40 3.20 66.50
N PRO B 228 -14.17 2.02 67.10
CA PRO B 228 -12.80 1.65 67.45
C PRO B 228 -11.91 1.37 66.25
N THR B 229 -12.36 0.50 65.36
CA THR B 229 -11.54 -0.02 64.27
C THR B 229 -11.86 0.62 62.93
N ASP B 230 -12.83 1.53 62.86
CA ASP B 230 -13.13 2.23 61.61
C ASP B 230 -12.06 3.30 61.38
N LYS B 231 -10.85 2.81 61.12
CA LYS B 231 -9.68 3.67 61.11
C LYS B 231 -9.56 4.37 59.77
N GLY B 232 -8.87 5.50 59.78
CA GLY B 232 -8.81 6.37 58.65
C GLY B 232 -7.72 6.03 57.68
N PRO B 233 -7.53 6.90 56.69
CA PRO B 233 -6.62 6.58 55.58
C PRO B 233 -5.16 6.40 55.94
N ARG B 234 -4.41 6.06 54.90
CA ARG B 234 -2.96 6.03 54.90
C ARG B 234 -2.46 6.82 53.70
N PHE B 235 -3.15 7.91 53.37
CA PHE B 235 -2.86 8.66 52.16
C PHE B 235 -3.08 10.13 52.41
N ARG B 236 -2.13 10.94 51.96
CA ARG B 236 -2.30 12.39 51.96
C ARG B 236 -1.20 12.99 51.13
N LYS B 237 -1.56 14.02 50.36
CA LYS B 237 -0.59 14.75 49.56
C LYS B 237 -0.29 16.08 50.22
N LEU B 238 0.93 16.52 50.01
CA LEU B 238 1.53 17.56 50.83
C LEU B 238 1.32 18.92 50.18
N THR B 239 0.89 19.88 51.00
CA THR B 239 0.56 21.19 50.48
C THR B 239 1.83 21.93 50.07
N SER B 240 1.67 22.86 49.13
CA SER B 240 2.81 23.62 48.64
C SER B 240 3.52 24.36 49.76
N GLN B 241 2.75 24.93 50.67
CA GLN B 241 3.34 25.56 51.86
C GLN B 241 3.97 24.51 52.76
N GLU B 242 3.47 23.27 52.73
CA GLU B 242 4.12 22.19 53.46
C GLU B 242 5.34 21.67 52.73
N ILE B 243 5.48 21.98 51.44
CA ILE B 243 6.63 21.58 50.66
C ILE B 243 7.62 22.72 50.51
N ASN B 244 7.13 23.94 50.34
CA ASN B 244 8.01 25.07 50.10
C ASN B 244 8.90 25.37 51.28
N ASP B 245 8.51 24.91 52.48
CA ASP B 245 9.38 25.02 53.64
C ASP B 245 10.41 23.90 53.70
N ARG B 246 9.99 22.66 53.40
CA ARG B 246 10.95 21.56 53.32
C ARG B 246 12.04 21.85 52.31
N LEU B 247 11.69 22.52 51.23
CA LEU B 247 12.66 22.90 50.22
C LEU B 247 13.69 23.87 50.76
N GLU B 248 13.35 24.61 51.82
CA GLU B 248 14.26 25.63 52.36
C GLU B 248 15.58 25.04 52.82
N ALA B 249 15.64 23.75 53.12
CA ALA B 249 16.88 23.11 53.52
C ALA B 249 17.69 22.73 52.29
N ARG C 1 3.85 -9.69 -3.27
CA ARG C 1 2.79 -10.20 -2.40
C ARG C 1 3.26 -11.44 -1.67
N ARG C 2 3.47 -11.30 -0.36
CA ARG C 2 3.89 -12.41 0.49
C ARG C 2 2.85 -12.62 1.58
N TYR C 3 2.76 -13.87 2.03
CA TYR C 3 1.59 -14.37 2.75
C TYR C 3 1.83 -14.36 4.26
N ASP C 4 1.77 -13.16 4.83
CA ASP C 4 1.97 -12.99 6.27
C ASP C 4 1.02 -12.00 6.94
N SER C 5 0.28 -11.18 6.19
CA SER C 5 -0.47 -10.09 6.80
C SER C 5 -1.64 -10.56 7.63
N ARG C 6 -2.07 -11.81 7.49
CA ARG C 6 -3.19 -12.34 8.24
C ARG C 6 -2.99 -13.83 8.45
N THR C 7 -3.47 -14.32 9.58
CA THR C 7 -3.27 -15.72 9.97
C THR C 7 -4.38 -16.63 9.48
N THR C 8 -5.14 -16.20 8.49
CA THR C 8 -6.23 -16.98 7.92
C THR C 8 -5.89 -17.40 6.50
N ILE C 9 -4.61 -17.47 6.17
CA ILE C 9 -4.15 -17.63 4.80
C ILE C 9 -3.07 -18.70 4.76
N PHE C 10 -3.37 -19.80 4.09
CA PHE C 10 -2.34 -20.73 3.67
C PHE C 10 -1.46 -20.08 2.61
N SER C 11 -0.21 -20.52 2.56
CA SER C 11 0.70 -20.14 1.51
C SER C 11 0.55 -21.09 0.33
N PRO C 12 1.00 -20.70 -0.86
CA PRO C 12 1.05 -21.67 -1.96
C PRO C 12 1.99 -22.82 -1.71
N GLU C 13 3.01 -22.61 -0.90
CA GLU C 13 3.87 -23.69 -0.43
C GLU C 13 3.21 -24.51 0.66
N GLY C 14 2.02 -24.15 1.10
CA GLY C 14 1.30 -24.95 2.06
C GLY C 14 1.74 -24.72 3.48
N ARG C 15 1.66 -23.48 3.94
CA ARG C 15 2.07 -23.15 5.29
C ARG C 15 1.57 -21.77 5.65
N LEU C 16 1.59 -21.49 6.95
CA LEU C 16 0.91 -20.35 7.55
C LEU C 16 1.96 -19.48 8.23
N TYR C 17 2.57 -18.59 7.48
CA TYR C 17 3.79 -17.94 7.93
C TYR C 17 3.62 -17.14 9.22
N GLN C 18 2.39 -16.77 9.57
CA GLN C 18 2.20 -15.99 10.79
C GLN C 18 2.47 -16.83 12.02
N VAL C 19 2.13 -18.11 11.97
CA VAL C 19 2.25 -18.94 13.16
C VAL C 19 3.71 -19.20 13.48
N GLU C 20 4.53 -19.42 12.45
CA GLU C 20 5.96 -19.54 12.70
C GLU C 20 6.51 -18.26 13.32
N TYR C 21 5.93 -17.12 12.95
CA TYR C 21 6.37 -15.85 13.50
C TYR C 21 5.87 -15.64 14.92
N ALA C 22 5.10 -16.59 15.46
CA ALA C 22 4.80 -16.62 16.88
C ALA C 22 5.71 -17.59 17.63
N LEU C 23 5.91 -18.78 17.05
CA LEU C 23 6.79 -19.77 17.68
C LEU C 23 8.23 -19.29 17.79
N GLU C 24 8.60 -18.23 17.09
CA GLU C 24 9.91 -17.62 17.24
C GLU C 24 9.94 -16.60 18.36
N SER C 25 8.78 -16.14 18.82
CA SER C 25 8.74 -15.13 19.87
C SER C 25 9.32 -15.64 21.17
N ILE C 26 9.07 -16.91 21.49
CA ILE C 26 9.56 -17.49 22.73
C ILE C 26 11.08 -17.47 22.81
N SER C 27 11.75 -17.43 21.66
CA SER C 27 13.21 -17.32 21.66
C SER C 27 13.69 -16.08 22.38
N HIS C 28 12.90 -15.01 22.37
CA HIS C 28 13.22 -13.83 23.13
C HIS C 28 13.05 -14.04 24.62
N ALA C 29 12.27 -15.03 25.01
CA ALA C 29 11.87 -15.20 26.40
C ALA C 29 13.00 -15.82 27.21
N GLY C 30 12.68 -16.21 28.43
CA GLY C 30 13.64 -16.79 29.34
C GLY C 30 13.53 -18.30 29.41
N THR C 31 14.64 -18.92 29.79
CA THR C 31 14.75 -20.37 29.82
C THR C 31 13.76 -20.99 30.80
N ALA C 32 13.37 -22.22 30.50
CA ALA C 32 12.56 -23.03 31.41
C ALA C 32 12.91 -24.48 31.18
N ILE C 33 12.98 -25.25 32.27
CA ILE C 33 13.43 -26.63 32.24
C ILE C 33 12.51 -27.45 33.13
N GLY C 34 12.27 -28.68 32.71
CA GLY C 34 11.61 -29.65 33.57
C GLY C 34 12.23 -31.01 33.39
N ILE C 35 12.25 -31.79 34.47
CA ILE C 35 12.74 -33.16 34.44
C ILE C 35 11.74 -34.04 35.17
N MET C 36 11.52 -35.23 34.60
CA MET C 36 10.66 -36.25 35.16
C MET C 36 11.54 -37.39 35.64
N ALA C 37 11.32 -37.84 36.87
CA ALA C 37 12.14 -38.90 37.43
C ALA C 37 11.33 -39.64 38.49
N SER C 38 12.01 -40.46 39.27
CA SER C 38 11.36 -41.42 40.16
C SER C 38 10.47 -40.76 41.20
N ASP C 39 11.08 -39.99 42.09
CA ASP C 39 10.37 -39.54 43.27
C ASP C 39 9.36 -38.44 42.93
N GLY C 40 9.72 -37.54 42.03
CA GLY C 40 8.82 -36.45 41.70
C GLY C 40 9.46 -35.49 40.72
N ILE C 41 8.61 -34.63 40.16
CA ILE C 41 9.00 -33.73 39.07
C ILE C 41 9.65 -32.48 39.63
N VAL C 42 10.53 -31.91 38.82
CA VAL C 42 11.27 -30.71 39.15
C VAL C 42 11.13 -29.75 37.98
N LEU C 43 11.35 -28.47 38.26
CA LEU C 43 11.30 -27.42 37.27
C LEU C 43 12.39 -26.42 37.59
N ALA C 44 12.67 -25.54 36.64
CA ALA C 44 13.65 -24.49 36.81
C ALA C 44 13.12 -23.22 36.16
N ALA C 45 13.99 -22.24 35.98
CA ALA C 45 13.60 -20.93 35.49
C ALA C 45 14.85 -20.11 35.27
N GLU C 46 14.66 -18.97 34.62
CA GLU C 46 15.69 -17.94 34.53
C GLU C 46 15.01 -16.65 34.13
N ARG C 47 15.05 -15.67 35.02
CA ARG C 47 14.45 -14.38 34.74
C ARG C 47 15.24 -13.66 33.66
N LYS C 48 14.53 -12.98 32.76
CA LYS C 48 15.17 -12.31 31.65
C LYS C 48 16.08 -11.19 32.11
N VAL C 49 15.73 -10.53 33.21
CA VAL C 49 16.50 -9.42 33.75
C VAL C 49 16.65 -9.61 35.25
N THR C 50 17.77 -9.13 35.77
CA THR C 50 18.18 -9.39 37.14
C THR C 50 18.79 -8.14 37.74
N SER C 51 18.15 -6.99 37.52
CA SER C 51 18.70 -5.71 37.94
C SER C 51 18.51 -5.54 39.45
N THR C 52 18.80 -4.34 39.94
CA THR C 52 18.94 -4.09 41.38
C THR C 52 17.64 -3.67 42.04
N LEU C 53 17.03 -2.58 41.55
CA LEU C 53 15.94 -1.92 42.26
C LEU C 53 14.58 -2.50 41.92
N LEU C 54 14.52 -3.77 41.55
CA LEU C 54 13.26 -4.47 41.41
C LEU C 54 13.40 -5.83 42.08
N GLU C 55 12.45 -6.14 42.95
CA GLU C 55 12.52 -7.35 43.75
C GLU C 55 11.89 -8.48 42.95
N GLN C 56 12.72 -9.45 42.56
CA GLN C 56 12.26 -10.75 42.12
C GLN C 56 12.34 -11.78 43.24
N ASP C 57 12.34 -11.31 44.49
CA ASP C 57 12.61 -12.17 45.63
C ASP C 57 11.37 -12.95 46.05
N THR C 58 10.34 -12.23 46.48
CA THR C 58 9.05 -12.83 46.80
C THR C 58 8.12 -12.92 45.61
N SER C 59 8.43 -12.22 44.52
CA SER C 59 7.54 -12.11 43.37
C SER C 59 7.96 -13.14 42.32
N THR C 60 7.22 -14.23 42.26
CA THR C 60 7.46 -15.24 41.23
C THR C 60 6.95 -14.73 39.89
N GLU C 61 7.73 -14.99 38.84
CA GLU C 61 7.39 -14.59 37.48
C GLU C 61 7.18 -15.78 36.57
N LYS C 62 8.10 -16.74 36.58
CA LYS C 62 8.09 -17.86 35.64
C LYS C 62 7.35 -19.08 36.16
N LEU C 63 6.95 -19.10 37.43
CA LEU C 63 6.38 -20.29 38.05
C LEU C 63 5.09 -19.90 38.76
N TYR C 64 4.00 -19.91 38.01
CA TYR C 64 2.67 -19.75 38.57
C TYR C 64 2.21 -21.11 39.09
N LYS C 65 0.93 -21.19 39.44
CA LYS C 65 0.34 -22.40 39.98
C LYS C 65 -1.10 -22.50 39.51
N LEU C 66 -1.55 -23.74 39.33
CA LEU C 66 -2.89 -24.04 38.83
C LEU C 66 -3.75 -24.81 39.81
N ASN C 67 -3.13 -25.53 40.75
CA ASN C 67 -3.81 -26.32 41.76
C ASN C 67 -2.70 -26.86 42.66
N ASP C 68 -3.09 -27.42 43.80
CA ASP C 68 -2.11 -28.02 44.68
C ASP C 68 -1.40 -29.20 44.02
N LYS C 69 -2.08 -29.88 43.10
CA LYS C 69 -1.42 -30.91 42.32
C LYS C 69 -0.48 -30.31 41.29
N ILE C 70 -1.04 -29.53 40.38
CA ILE C 70 -0.37 -29.15 39.15
C ILE C 70 0.24 -27.77 39.28
N ALA C 71 1.44 -27.62 38.72
CA ALA C 71 2.10 -26.34 38.60
C ALA C 71 2.77 -26.31 37.24
N VAL C 72 3.00 -25.11 36.74
CA VAL C 72 3.46 -24.90 35.37
C VAL C 72 4.69 -24.02 35.38
N ALA C 73 5.24 -23.85 34.19
CA ALA C 73 6.27 -22.88 33.89
C ALA C 73 5.87 -22.18 32.60
N VAL C 74 6.23 -20.91 32.49
CA VAL C 74 5.64 -20.02 31.50
C VAL C 74 6.73 -19.31 30.74
N ALA C 75 6.40 -18.91 29.51
CA ALA C 75 7.30 -18.16 28.66
C ALA C 75 6.51 -17.22 27.79
N GLY C 76 7.22 -16.41 27.03
CA GLY C 76 6.62 -15.56 26.05
C GLY C 76 6.07 -14.27 26.63
N LEU C 77 5.05 -13.77 25.94
CA LEU C 77 4.32 -12.61 26.37
C LEU C 77 3.77 -12.83 27.77
N THR C 78 3.50 -11.74 28.48
CA THR C 78 2.98 -11.79 29.83
C THR C 78 1.51 -11.43 29.91
N ALA C 79 1.07 -10.51 29.06
CA ALA C 79 -0.34 -10.16 29.05
C ALA C 79 -1.19 -11.26 28.44
N ASP C 80 -0.63 -12.02 27.51
CA ASP C 80 -1.31 -13.13 26.86
C ASP C 80 -0.98 -14.46 27.50
N ALA C 81 -0.60 -14.43 28.77
CA ALA C 81 -0.22 -15.63 29.51
C ALA C 81 -1.04 -15.74 30.78
N GLU C 82 -1.31 -14.61 31.40
CA GLU C 82 -2.11 -14.61 32.62
C GLU C 82 -3.52 -15.11 32.35
N ILE C 83 -4.11 -14.69 31.23
CA ILE C 83 -5.49 -15.05 30.96
C ILE C 83 -5.64 -16.55 30.73
N LEU C 84 -4.60 -17.20 30.21
CA LEU C 84 -4.65 -18.65 30.10
C LEU C 84 -4.75 -19.29 31.47
N ILE C 85 -3.80 -18.99 32.35
CA ILE C 85 -3.82 -19.60 33.67
C ILE C 85 -5.06 -19.18 34.43
N ASN C 86 -5.56 -17.97 34.21
CA ASN C 86 -6.81 -17.56 34.81
C ASN C 86 -8.02 -18.17 34.13
N THR C 87 -7.82 -18.91 33.05
CA THR C 87 -8.81 -19.83 32.54
C THR C 87 -8.61 -21.23 33.07
N ALA C 88 -7.36 -21.69 33.15
CA ALA C 88 -7.08 -23.03 33.65
C ALA C 88 -7.51 -23.18 35.09
N ARG C 89 -7.24 -22.17 35.92
CA ARG C 89 -7.66 -22.20 37.31
C ARG C 89 -9.18 -22.24 37.45
N ILE C 90 -9.92 -21.89 36.40
CA ILE C 90 -11.36 -21.99 36.40
C ILE C 90 -11.82 -23.35 35.93
N HIS C 91 -11.27 -23.82 34.81
CA HIS C 91 -11.75 -25.07 34.21
C HIS C 91 -11.55 -26.23 35.16
N ALA C 92 -10.47 -26.22 35.92
CA ALA C 92 -10.24 -27.28 36.88
C ALA C 92 -11.32 -27.31 37.94
N GLN C 93 -11.60 -26.16 38.54
CA GLN C 93 -12.62 -26.09 39.58
C GLN C 93 -14.00 -26.40 39.02
N ASN C 94 -14.23 -26.06 37.77
CA ASN C 94 -15.48 -26.39 37.11
C ASN C 94 -15.51 -27.84 36.63
N TYR C 95 -14.41 -28.57 36.80
CA TYR C 95 -14.39 -30.03 36.69
C TYR C 95 -14.54 -30.70 38.04
N LEU C 96 -14.21 -29.99 39.11
CA LEU C 96 -14.26 -30.55 40.45
C LEU C 96 -15.66 -30.53 41.01
N LYS C 97 -16.30 -29.37 40.99
CA LYS C 97 -17.59 -29.23 41.63
C LYS C 97 -18.67 -30.07 40.95
N THR C 98 -18.45 -30.47 39.70
CA THR C 98 -19.43 -31.27 38.98
C THR C 98 -19.18 -32.76 39.16
N TYR C 99 -17.92 -33.16 39.24
CA TYR C 99 -17.52 -34.56 39.34
C TYR C 99 -16.91 -34.90 40.69
N ASN C 100 -16.77 -33.93 41.59
CA ASN C 100 -16.48 -34.18 42.98
C ASN C 100 -15.11 -34.82 43.20
N GLU C 101 -14.23 -34.76 42.20
CA GLU C 101 -12.87 -35.25 42.36
C GLU C 101 -11.93 -34.32 41.58
N ASP C 102 -10.67 -34.70 41.53
CA ASP C 102 -9.63 -33.84 40.98
C ASP C 102 -9.59 -33.96 39.47
N ILE C 103 -8.67 -33.23 38.86
CA ILE C 103 -8.57 -33.14 37.41
C ILE C 103 -7.56 -34.16 36.90
N PRO C 104 -7.82 -34.82 35.78
CA PRO C 104 -6.72 -35.48 35.08
C PRO C 104 -5.98 -34.50 34.21
N VAL C 105 -4.65 -34.51 34.32
CA VAL C 105 -3.84 -33.46 33.72
C VAL C 105 -3.97 -33.43 32.20
N GLU C 106 -4.30 -34.57 31.60
CA GLU C 106 -4.38 -34.62 30.15
C GLU C 106 -5.55 -33.80 29.63
N ILE C 107 -6.64 -33.72 30.39
CA ILE C 107 -7.83 -33.04 29.92
C ILE C 107 -7.61 -31.55 29.91
N LEU C 108 -6.86 -31.05 30.89
CA LEU C 108 -6.64 -29.62 31.03
C LEU C 108 -5.95 -29.06 29.80
N VAL C 109 -4.78 -29.60 29.49
CA VAL C 109 -4.01 -29.14 28.35
C VAL C 109 -4.76 -29.38 27.05
N ARG C 110 -5.47 -30.50 26.96
CA ARG C 110 -6.33 -30.74 25.82
C ARG C 110 -7.39 -29.66 25.67
N ARG C 111 -7.81 -29.06 26.77
CA ARG C 111 -8.79 -27.99 26.76
C ARG C 111 -8.14 -26.63 26.73
N LEU C 112 -6.91 -26.53 27.22
CA LEU C 112 -6.18 -25.28 27.19
C LEU C 112 -5.46 -25.07 25.87
N SER C 113 -5.17 -26.14 25.14
CA SER C 113 -4.51 -26.00 23.86
C SER C 113 -5.50 -25.69 22.76
N ASP C 114 -6.65 -26.34 22.77
CA ASP C 114 -7.58 -26.20 21.67
C ASP C 114 -8.28 -24.85 21.64
N ILE C 115 -8.01 -23.97 22.60
CA ILE C 115 -8.45 -22.59 22.49
C ILE C 115 -7.42 -21.75 21.76
N LYS C 116 -6.14 -22.10 21.88
CA LYS C 116 -5.12 -21.41 21.11
C LYS C 116 -5.28 -21.67 19.64
N GLN C 117 -5.71 -22.87 19.27
CA GLN C 117 -6.17 -23.11 17.92
C GLN C 117 -7.32 -22.18 17.58
N GLY C 118 -8.20 -21.93 18.54
CA GLY C 118 -9.31 -21.02 18.29
C GLY C 118 -8.85 -19.62 17.94
N TYR C 119 -7.72 -19.20 18.50
CA TYR C 119 -7.11 -17.92 18.15
C TYR C 119 -6.07 -18.06 17.06
N THR C 120 -6.27 -19.04 16.17
CA THR C 120 -5.43 -19.24 15.01
C THR C 120 -6.18 -19.05 13.72
N GLN C 121 -7.46 -19.41 13.66
CA GLN C 121 -8.26 -19.24 12.45
C GLN C 121 -9.46 -18.32 12.62
N HIS C 122 -10.41 -18.63 13.49
CA HIS C 122 -11.70 -17.97 13.43
C HIS C 122 -11.53 -16.54 13.93
N GLY C 123 -11.32 -15.63 13.00
CA GLY C 123 -11.13 -14.23 13.25
C GLY C 123 -9.75 -13.76 12.84
N GLY C 124 -9.63 -12.44 12.66
CA GLY C 124 -8.37 -11.82 12.34
C GLY C 124 -7.65 -11.42 13.61
N LEU C 125 -7.35 -12.39 14.46
CA LEU C 125 -6.90 -12.17 15.82
C LEU C 125 -5.54 -12.78 16.05
N ARG C 126 -4.87 -12.30 17.10
CA ARG C 126 -3.53 -12.79 17.40
C ARG C 126 -3.60 -14.19 17.99
N PRO C 127 -2.68 -15.07 17.64
CA PRO C 127 -2.51 -16.30 18.41
C PRO C 127 -1.67 -16.03 19.66
N PHE C 128 -2.10 -16.59 20.77
CA PHE C 128 -1.43 -16.36 22.03
C PHE C 128 -0.05 -16.99 21.97
N GLY C 129 0.99 -16.16 22.01
CA GLY C 129 2.35 -16.65 21.95
C GLY C 129 2.86 -17.02 23.32
N VAL C 130 2.75 -18.31 23.64
CA VAL C 130 3.10 -18.84 24.96
C VAL C 130 3.50 -20.29 24.80
N SER C 131 4.49 -20.70 25.58
CA SER C 131 4.97 -22.07 25.59
C SER C 131 5.03 -22.53 27.03
N PHE C 132 3.90 -23.00 27.53
CA PHE C 132 3.83 -23.53 28.88
C PHE C 132 4.58 -24.84 28.98
N ILE C 133 4.95 -25.16 30.21
CA ILE C 133 5.29 -26.51 30.63
C ILE C 133 4.28 -26.92 31.68
N TYR C 134 3.85 -28.18 31.63
CA TYR C 134 2.87 -28.72 32.56
C TYR C 134 3.52 -29.80 33.40
N ALA C 135 3.34 -29.73 34.71
CA ALA C 135 3.92 -30.67 35.65
C ALA C 135 2.87 -31.07 36.65
N GLY C 136 2.60 -32.37 36.78
CA GLY C 136 1.60 -32.81 37.71
C GLY C 136 1.44 -34.31 37.71
N TYR C 137 0.45 -34.75 38.47
CA TYR C 137 0.29 -36.16 38.83
C TYR C 137 -1.17 -36.55 38.76
N ASP C 138 -1.47 -37.57 37.96
CA ASP C 138 -2.79 -38.18 37.89
C ASP C 138 -2.66 -39.68 38.11
N ASP C 139 -3.73 -40.28 38.62
CA ASP C 139 -3.68 -41.68 39.04
C ASP C 139 -3.72 -42.64 37.86
N ARG C 140 -4.54 -42.34 36.85
CA ARG C 140 -4.65 -43.23 35.70
C ARG C 140 -3.37 -43.26 34.87
N TYR C 141 -2.44 -42.34 35.09
CA TYR C 141 -1.18 -42.34 34.36
C TYR C 141 0.02 -42.00 35.24
N GLY C 142 -0.16 -41.89 36.56
CA GLY C 142 0.96 -41.61 37.42
C GLY C 142 1.50 -40.22 37.19
N TYR C 143 2.81 -40.08 37.43
CA TYR C 143 3.49 -38.84 37.11
C TYR C 143 3.32 -38.49 35.65
N GLN C 144 3.41 -37.19 35.35
CA GLN C 144 3.16 -36.70 34.01
C GLN C 144 4.02 -35.47 33.76
N LEU C 145 4.24 -35.20 32.48
CA LEU C 145 4.99 -34.03 32.04
C LEU C 145 4.64 -33.79 30.60
N TYR C 146 3.97 -32.67 30.32
CA TYR C 146 3.57 -32.31 28.97
C TYR C 146 4.26 -31.01 28.59
N THR C 147 4.04 -30.61 27.35
CA THR C 147 4.58 -29.39 26.79
C THR C 147 3.59 -28.86 25.77
N SER C 148 3.48 -27.55 25.69
CA SER C 148 2.58 -26.88 24.76
C SER C 148 3.38 -26.15 23.69
N ASN C 149 2.65 -25.49 22.81
CA ASN C 149 3.16 -24.87 21.60
C ASN C 149 2.04 -23.97 21.10
N PRO C 150 2.26 -22.68 20.82
CA PRO C 150 1.12 -21.80 20.49
C PRO C 150 0.35 -22.16 19.25
N SER C 151 0.77 -23.16 18.49
CA SER C 151 -0.12 -23.75 17.50
C SER C 151 -1.31 -24.39 18.19
N GLY C 152 -1.04 -25.27 19.13
CA GLY C 152 -2.05 -25.98 19.89
C GLY C 152 -1.79 -27.47 19.98
N ASN C 153 -0.62 -27.92 19.57
CA ASN C 153 -0.22 -29.30 19.70
C ASN C 153 0.71 -29.47 20.88
N TYR C 154 0.51 -30.55 21.62
CA TYR C 154 1.28 -30.83 22.82
C TYR C 154 2.09 -32.10 22.63
N THR C 155 2.80 -32.47 23.68
CA THR C 155 3.70 -33.62 23.65
C THR C 155 4.01 -34.03 25.07
N GLY C 156 4.01 -35.34 25.31
CA GLY C 156 4.37 -35.86 26.62
C GLY C 156 5.83 -36.22 26.68
N TRP C 157 6.63 -35.30 27.22
CA TRP C 157 8.08 -35.47 27.26
C TRP C 157 8.52 -36.09 28.58
N LYS C 158 9.81 -36.39 28.64
CA LYS C 158 10.46 -36.88 29.84
C LYS C 158 11.24 -35.77 30.56
N ALA C 159 12.08 -35.05 29.82
CA ALA C 159 12.80 -33.91 30.40
C ALA C 159 13.25 -33.00 29.26
N ILE C 160 12.63 -31.83 29.15
CA ILE C 160 12.95 -30.90 28.07
C ILE C 160 13.05 -29.49 28.59
N SER C 161 13.24 -28.54 27.68
CA SER C 161 13.39 -27.14 28.02
C SER C 161 12.92 -26.29 26.86
N VAL C 162 12.77 -25.00 27.12
CA VAL C 162 12.36 -24.02 26.14
C VAL C 162 13.08 -22.71 26.43
N GLY C 163 12.81 -21.71 25.61
CA GLY C 163 13.39 -20.41 25.81
C GLY C 163 14.71 -20.23 25.10
N ALA C 164 15.52 -19.33 25.62
CA ALA C 164 16.75 -18.95 24.95
C ALA C 164 17.72 -20.11 24.91
N ASN C 165 18.12 -20.49 23.70
CA ASN C 165 19.22 -21.41 23.48
C ASN C 165 18.94 -22.80 24.06
N THR C 166 17.67 -23.23 24.01
CA THR C 166 17.35 -24.58 24.45
C THR C 166 17.97 -25.62 23.53
N SER C 167 18.19 -25.28 22.26
CA SER C 167 18.69 -26.24 21.29
C SER C 167 20.05 -26.77 21.72
N ALA C 168 20.87 -25.91 22.31
CA ALA C 168 22.13 -26.36 22.89
C ALA C 168 21.90 -27.06 24.22
N ALA C 169 20.98 -26.54 25.02
CA ALA C 169 20.76 -27.11 26.35
C ALA C 169 20.26 -28.54 26.26
N GLN C 170 19.44 -28.84 25.24
CA GLN C 170 19.04 -30.22 25.02
C GLN C 170 20.24 -31.11 24.78
N THR C 171 21.20 -30.64 23.99
CA THR C 171 22.41 -31.42 23.76
C THR C 171 23.18 -31.64 25.06
N LEU C 172 23.07 -30.72 26.01
CA LEU C 172 23.61 -30.91 27.34
C LEU C 172 22.70 -31.73 28.24
N LEU C 173 21.64 -32.30 27.68
CA LEU C 173 20.67 -33.09 28.44
C LEU C 173 20.42 -34.43 27.79
N GLN C 174 20.51 -34.47 26.46
CA GLN C 174 20.21 -35.70 25.72
C GLN C 174 21.11 -36.85 26.15
N MET C 175 22.40 -36.56 26.34
CA MET C 175 23.41 -37.58 26.49
C MET C 175 23.84 -37.81 27.94
N ASP C 176 23.54 -36.87 28.83
CA ASP C 176 24.00 -36.93 30.22
C ASP C 176 22.79 -37.00 31.15
N TYR C 177 21.85 -37.88 30.82
CA TYR C 177 20.64 -38.11 31.58
C TYR C 177 20.50 -39.60 31.87
N LYS C 178 19.95 -39.91 33.05
CA LYS C 178 19.72 -41.29 33.46
C LYS C 178 18.36 -41.38 34.13
N ASP C 179 17.54 -42.32 33.65
CA ASP C 179 16.15 -42.42 34.10
C ASP C 179 16.06 -42.74 35.59
N ASP C 180 17.07 -43.41 36.15
CA ASP C 180 17.03 -43.83 37.55
C ASP C 180 17.46 -42.73 38.51
N MET C 181 17.58 -41.48 38.07
CA MET C 181 17.91 -40.40 38.99
C MET C 181 16.77 -40.21 39.98
N LYS C 182 17.12 -39.86 41.22
CA LYS C 182 16.12 -39.78 42.28
C LYS C 182 15.54 -38.37 42.34
N VAL C 183 16.34 -37.40 42.79
CA VAL C 183 16.03 -36.00 42.55
C VAL C 183 17.29 -35.25 42.16
N ASP C 184 18.33 -35.34 42.99
CA ASP C 184 19.44 -34.42 42.93
C ASP C 184 20.36 -34.66 41.74
N ASP C 185 20.22 -35.81 41.07
CA ASP C 185 20.90 -35.99 39.79
C ASP C 185 20.35 -35.02 38.76
N ALA C 186 19.04 -34.79 38.80
CA ALA C 186 18.43 -33.83 37.89
C ALA C 186 18.74 -32.40 38.28
N ILE C 187 18.98 -32.15 39.56
CA ILE C 187 19.21 -30.80 40.03
C ILE C 187 20.55 -30.29 39.54
N GLU C 188 21.62 -30.97 39.95
CA GLU C 188 22.96 -30.59 39.48
C GLU C 188 23.03 -30.66 37.96
N LEU C 189 22.25 -31.55 37.34
CA LEU C 189 22.09 -31.50 35.90
C LEU C 189 21.45 -30.19 35.47
N ALA C 190 20.24 -29.94 35.97
CA ALA C 190 19.46 -28.79 35.55
C ALA C 190 20.24 -27.50 35.75
N LEU C 191 20.70 -27.27 36.97
CA LEU C 191 21.40 -26.04 37.28
C LEU C 191 22.74 -25.95 36.55
N LYS C 192 23.26 -27.06 36.04
CA LYS C 192 24.50 -27.00 35.28
C LYS C 192 24.26 -26.52 33.86
N THR C 193 23.08 -26.80 33.30
CA THR C 193 22.77 -26.35 31.95
C THR C 193 22.63 -24.83 31.91
N LEU C 194 21.78 -24.30 32.79
CA LEU C 194 21.56 -22.86 32.84
C LEU C 194 22.85 -22.12 33.09
N SER C 195 23.75 -22.74 33.86
CA SER C 195 25.09 -22.18 34.05
C SER C 195 25.88 -22.13 32.76
N LYS C 196 25.55 -22.95 31.77
CA LYS C 196 26.34 -23.06 30.56
C LYS C 196 25.80 -22.16 29.44
N THR C 197 24.48 -22.01 29.33
CA THR C 197 23.85 -21.33 28.21
C THR C 197 23.14 -20.06 28.63
N THR C 198 23.79 -19.28 29.48
CA THR C 198 23.22 -18.05 30.00
C THR C 198 23.61 -16.86 29.12
N ASP C 199 23.39 -15.66 29.64
CA ASP C 199 23.81 -14.40 29.03
C ASP C 199 24.95 -13.73 29.78
N SER C 200 24.98 -13.83 31.10
CA SER C 200 26.04 -13.22 31.90
C SER C 200 26.44 -14.17 33.03
N SER C 201 27.51 -13.80 33.71
CA SER C 201 28.23 -14.69 34.61
C SER C 201 27.80 -14.55 36.06
N ALA C 202 26.57 -14.10 36.31
CA ALA C 202 26.14 -13.87 37.69
C ALA C 202 25.66 -15.16 38.34
N LEU C 203 24.60 -15.75 37.80
CA LEU C 203 23.94 -16.91 38.39
C LEU C 203 23.48 -16.63 39.81
N THR C 204 23.19 -15.37 40.11
CA THR C 204 22.74 -15.01 41.44
C THR C 204 21.41 -15.68 41.76
N TYR C 205 21.15 -15.86 43.04
CA TYR C 205 19.94 -16.53 43.50
C TYR C 205 18.68 -15.87 42.97
N ASP C 206 18.72 -14.56 42.76
CA ASP C 206 17.57 -13.86 42.22
C ASP C 206 17.29 -14.25 40.78
N ARG C 207 18.34 -14.60 40.04
CA ARG C 207 18.22 -14.86 38.61
C ARG C 207 17.36 -16.07 38.29
N LEU C 208 17.09 -16.94 39.25
CA LEU C 208 16.44 -18.21 38.94
C LEU C 208 15.62 -18.69 40.11
N GLU C 209 14.60 -19.48 39.81
CA GLU C 209 13.77 -20.14 40.79
C GLU C 209 13.50 -21.58 40.37
N PHE C 210 13.22 -22.41 41.35
CA PHE C 210 12.94 -23.83 41.18
C PHE C 210 11.53 -24.15 41.67
N ALA C 211 11.18 -25.42 41.58
CA ALA C 211 9.97 -25.95 42.16
C ALA C 211 10.06 -27.47 42.16
N THR C 212 9.11 -28.11 42.83
CA THR C 212 9.10 -29.56 42.91
C THR C 212 7.67 -30.06 43.09
N ILE C 213 7.47 -31.27 42.60
CA ILE C 213 6.35 -32.10 42.98
C ILE C 213 6.94 -33.32 43.67
N ARG C 214 6.24 -33.84 44.68
CA ARG C 214 6.71 -35.01 45.40
C ARG C 214 5.53 -35.81 45.89
N LYS C 215 5.63 -37.13 45.73
CA LYS C 215 4.66 -38.06 46.26
C LYS C 215 4.99 -38.48 47.69
N GLY C 216 5.75 -37.67 48.42
CA GLY C 216 6.17 -37.99 49.77
C GLY C 216 5.05 -38.05 50.78
N ALA C 217 3.85 -37.61 50.42
CA ALA C 217 2.69 -37.82 51.26
C ALA C 217 2.46 -39.31 51.43
N ASN C 218 2.69 -39.83 52.64
CA ASN C 218 2.67 -41.26 52.88
C ASN C 218 1.25 -41.79 52.81
N ASP C 219 0.82 -42.13 51.59
CA ASP C 219 -0.53 -42.53 51.21
C ASP C 219 -1.47 -41.33 51.12
N GLY C 220 -1.04 -40.13 51.53
CA GLY C 220 -1.68 -38.92 51.08
C GLY C 220 -1.26 -38.61 49.66
N GLU C 221 -1.97 -37.67 49.06
CA GLU C 221 -1.82 -37.46 47.63
C GLU C 221 -0.42 -36.98 47.23
N VAL C 222 -0.07 -35.75 47.58
CA VAL C 222 1.06 -35.08 46.96
C VAL C 222 1.39 -33.81 47.73
N TYR C 223 2.65 -33.35 47.59
CA TYR C 223 3.12 -32.10 48.15
C TYR C 223 3.80 -31.30 47.05
N GLN C 224 3.90 -29.99 47.30
CA GLN C 224 4.70 -29.08 46.50
C GLN C 224 5.71 -28.38 47.37
N LYS C 225 6.70 -27.76 46.71
CA LYS C 225 7.70 -26.97 47.43
C LYS C 225 8.27 -25.99 46.41
N ILE C 226 7.80 -24.74 46.47
CA ILE C 226 8.32 -23.67 45.64
C ILE C 226 9.32 -22.92 46.50
N PHE C 227 10.58 -22.98 46.10
CA PHE C 227 11.67 -22.67 47.01
C PHE C 227 11.86 -21.17 47.13
N LYS C 228 11.90 -20.70 48.37
CA LYS C 228 12.33 -19.34 48.64
C LYS C 228 13.83 -19.24 48.36
N PRO C 229 14.38 -18.02 48.37
CA PRO C 229 15.81 -17.86 48.09
C PRO C 229 16.71 -18.62 49.04
N GLN C 230 16.36 -18.65 50.32
CA GLN C 230 17.20 -19.31 51.31
C GLN C 230 17.31 -20.82 51.10
N GLU C 231 16.47 -21.40 50.24
CA GLU C 231 16.54 -22.82 49.92
C GLU C 231 17.27 -23.11 48.62
N ILE C 232 17.69 -22.09 47.88
CA ILE C 232 18.35 -22.29 46.59
C ILE C 232 19.68 -21.59 46.47
N LYS C 233 19.96 -20.55 47.26
CA LYS C 233 21.32 -20.03 47.31
C LYS C 233 22.23 -20.95 48.11
N ASP C 234 21.65 -21.72 49.03
CA ASP C 234 22.41 -22.65 49.84
C ASP C 234 22.71 -23.95 49.11
N ILE C 235 21.97 -24.27 48.06
CA ILE C 235 22.12 -25.56 47.40
C ILE C 235 23.15 -25.49 46.28
N LEU C 236 23.25 -24.36 45.59
CA LEU C 236 24.24 -24.26 44.51
C LEU C 236 25.65 -24.18 45.09
N VAL C 237 25.81 -23.44 46.19
CA VAL C 237 27.07 -23.49 46.91
C VAL C 237 27.25 -24.88 47.51
N LYS C 238 26.15 -25.56 47.83
CA LYS C 238 26.17 -26.96 48.23
C LYS C 238 26.28 -27.92 47.04
N THR C 239 26.49 -27.40 45.83
CA THR C 239 26.60 -28.22 44.63
C THR C 239 27.82 -27.88 43.77
N GLY C 240 28.43 -26.72 43.95
CA GLY C 240 29.71 -26.44 43.33
C GLY C 240 29.67 -25.71 42.01
N ILE C 241 29.01 -24.56 41.99
CA ILE C 241 29.15 -23.61 40.89
C ILE C 241 30.61 -23.26 40.67
N SER D 1 -0.35 -11.84 -9.14
CA SER D 1 -1.75 -11.83 -9.51
C SER D 1 -2.60 -11.15 -8.44
N GLY D 2 -2.76 -11.85 -7.32
CA GLY D 2 -3.58 -11.38 -6.21
C GLY D 2 -4.89 -12.11 -6.06
N TYR D 3 -5.18 -13.09 -6.89
CA TYR D 3 -6.43 -13.82 -6.80
C TYR D 3 -6.43 -14.90 -5.72
N ASP D 4 -5.33 -15.09 -5.00
CA ASP D 4 -5.16 -16.25 -4.14
C ASP D 4 -5.06 -15.92 -2.66
N ARG D 5 -5.31 -14.68 -2.27
CA ARG D 5 -5.20 -14.26 -0.87
C ARG D 5 -6.55 -14.14 -0.20
N ALA D 6 -7.48 -15.03 -0.54
CA ALA D 6 -8.79 -15.05 0.09
C ALA D 6 -9.53 -16.31 -0.35
N LEU D 7 -10.75 -16.46 0.19
CA LEU D 7 -11.59 -17.63 -0.04
C LEU D 7 -12.89 -17.30 -0.74
N SER D 8 -13.17 -16.02 -0.98
CA SER D 8 -14.45 -15.55 -1.47
C SER D 8 -14.34 -14.94 -2.85
N ILE D 9 -13.33 -15.32 -3.62
CA ILE D 9 -13.13 -14.78 -4.96
C ILE D 9 -12.62 -15.89 -5.86
N PHE D 10 -12.89 -15.73 -7.15
CA PHE D 10 -12.51 -16.69 -8.16
C PHE D 10 -11.45 -16.12 -9.07
N SER D 11 -10.45 -16.94 -9.39
CA SER D 11 -9.54 -16.60 -10.45
C SER D 11 -10.26 -16.72 -11.79
N PRO D 12 -9.72 -16.12 -12.84
CA PRO D 12 -10.43 -16.17 -14.13
C PRO D 12 -10.47 -17.54 -14.74
N ASP D 13 -9.63 -18.46 -14.28
CA ASP D 13 -9.81 -19.85 -14.66
C ASP D 13 -11.02 -20.47 -13.99
N GLY D 14 -11.56 -19.82 -12.97
CA GLY D 14 -12.76 -20.27 -12.30
C GLY D 14 -12.51 -20.91 -10.94
N HIS D 15 -11.28 -21.31 -10.66
CA HIS D 15 -10.97 -22.05 -9.45
C HIS D 15 -10.42 -21.14 -8.35
N ILE D 16 -10.90 -21.38 -7.15
CA ILE D 16 -10.40 -20.74 -5.93
C ILE D 16 -9.02 -21.28 -5.63
N PHE D 17 -8.32 -20.64 -4.70
CA PHE D 17 -6.92 -20.98 -4.43
C PHE D 17 -6.68 -21.46 -3.02
N GLN D 18 -7.24 -20.80 -2.01
CA GLN D 18 -6.87 -21.11 -0.62
C GLN D 18 -7.19 -22.53 -0.24
N VAL D 19 -8.09 -23.18 -0.97
CA VAL D 19 -8.40 -24.57 -0.70
C VAL D 19 -7.25 -25.46 -1.16
N GLU D 20 -6.97 -25.46 -2.46
CA GLU D 20 -6.00 -26.42 -2.95
C GLU D 20 -4.59 -26.11 -2.51
N TYR D 21 -4.36 -24.93 -1.92
CA TYR D 21 -3.14 -24.71 -1.17
C TYR D 21 -3.13 -25.58 0.09
N ALA D 22 -4.29 -25.93 0.61
CA ALA D 22 -4.33 -26.89 1.71
C ALA D 22 -3.80 -28.24 1.26
N LEU D 23 -4.09 -28.61 0.03
CA LEU D 23 -3.59 -29.86 -0.51
C LEU D 23 -2.07 -29.87 -0.60
N GLU D 24 -1.43 -28.70 -0.52
CA GLU D 24 0.01 -28.63 -0.40
C GLU D 24 0.47 -28.78 1.04
N ALA D 25 -0.37 -28.40 2.00
CA ALA D 25 -0.04 -28.62 3.39
C ALA D 25 -0.13 -30.10 3.73
N VAL D 26 -1.21 -30.73 3.31
CA VAL D 26 -1.41 -32.14 3.62
C VAL D 26 -0.34 -32.99 2.94
N LYS D 27 0.19 -32.55 1.82
CA LYS D 27 1.30 -33.26 1.20
C LYS D 27 2.55 -33.26 2.07
N ARG D 28 2.65 -32.32 3.01
CA ARG D 28 3.81 -32.23 3.90
C ARG D 28 3.68 -33.11 5.13
N GLY D 29 2.62 -33.91 5.23
CA GLY D 29 2.37 -34.73 6.39
C GLY D 29 2.65 -36.20 6.14
N THR D 30 2.38 -36.99 7.17
CA THR D 30 2.73 -38.40 7.17
C THR D 30 1.70 -39.23 6.44
N CYS D 31 2.10 -40.45 6.13
CA CYS D 31 1.26 -41.37 5.39
C CYS D 31 0.08 -41.81 6.26
N ALA D 32 -0.99 -42.23 5.59
CA ALA D 32 -2.14 -42.80 6.27
C ALA D 32 -2.87 -43.68 5.28
N VAL D 33 -2.67 -44.98 5.39
CA VAL D 33 -3.14 -45.95 4.41
C VAL D 33 -4.28 -46.75 5.01
N GLY D 34 -5.15 -47.24 4.14
CA GLY D 34 -6.27 -48.05 4.55
C GLY D 34 -6.68 -49.03 3.48
N VAL D 35 -7.09 -50.23 3.86
CA VAL D 35 -7.53 -51.26 2.94
C VAL D 35 -8.64 -52.06 3.59
N LYS D 36 -9.58 -52.52 2.77
CA LYS D 36 -10.65 -53.41 3.18
C LYS D 36 -10.50 -54.75 2.50
N GLY D 37 -10.51 -55.83 3.28
CA GLY D 37 -10.55 -57.17 2.75
C GLY D 37 -11.95 -57.55 2.36
N LYS D 38 -12.24 -58.85 2.41
CA LYS D 38 -13.61 -59.29 2.23
C LYS D 38 -14.42 -59.07 3.49
N ASN D 39 -13.81 -59.25 4.66
CA ASN D 39 -14.50 -59.12 5.94
C ASN D 39 -13.63 -58.49 7.02
N CYS D 40 -12.65 -57.67 6.66
CA CYS D 40 -11.89 -56.97 7.69
C CYS D 40 -11.10 -55.82 7.08
N VAL D 41 -10.99 -54.75 7.85
CA VAL D 41 -10.35 -53.50 7.44
C VAL D 41 -9.06 -53.33 8.23
N VAL D 42 -8.14 -52.55 7.66
CA VAL D 42 -6.85 -52.26 8.28
C VAL D 42 -6.57 -50.76 8.12
N LEU D 43 -5.57 -50.30 8.86
CA LEU D 43 -5.17 -48.90 8.82
C LEU D 43 -3.72 -48.80 9.28
N GLY D 44 -2.99 -47.88 8.67
CA GLY D 44 -1.57 -47.72 8.90
C GLY D 44 -1.19 -46.34 9.36
N CYS D 45 0.11 -46.08 9.45
CA CYS D 45 0.61 -44.79 9.89
C CYS D 45 2.12 -44.74 9.73
N GLU D 46 2.61 -43.55 9.42
CA GLU D 46 4.05 -43.30 9.35
C GLU D 46 4.54 -42.65 10.64
N ARG D 47 4.40 -43.39 11.75
CA ARG D 47 4.82 -42.89 13.05
C ARG D 47 6.31 -42.58 13.03
N ARG D 48 6.70 -41.60 13.83
CA ARG D 48 8.08 -41.15 13.89
C ARG D 48 8.78 -41.69 15.12
N SER D 49 10.09 -41.83 15.00
CA SER D 49 10.97 -42.16 16.11
C SER D 49 11.86 -40.92 16.28
N THR D 50 11.36 -39.95 17.02
CA THR D 50 12.02 -38.66 17.03
C THR D 50 13.25 -38.67 17.92
N LEU D 51 13.13 -39.19 19.14
CA LEU D 51 14.13 -38.88 20.15
C LEU D 51 13.79 -39.69 21.39
N LYS D 52 14.80 -39.86 22.25
CA LYS D 52 14.73 -40.74 23.41
C LYS D 52 14.27 -40.02 24.67
N LEU D 53 13.38 -39.03 24.52
CA LEU D 53 12.82 -38.28 25.65
C LEU D 53 11.30 -38.20 25.64
N GLN D 54 10.63 -38.69 24.60
CA GLN D 54 9.20 -38.92 24.70
C GLN D 54 8.94 -40.18 25.51
N ASP D 55 7.92 -40.13 26.34
CA ASP D 55 7.63 -41.23 27.24
C ASP D 55 7.15 -42.44 26.45
N THR D 56 7.92 -43.52 26.48
CA THR D 56 7.46 -44.80 25.93
C THR D 56 6.19 -45.30 26.61
N ARG D 57 5.90 -44.82 27.83
CA ARG D 57 4.65 -45.18 28.49
C ARG D 57 3.45 -44.68 27.70
N ILE D 58 3.61 -43.61 26.94
CA ILE D 58 2.55 -43.08 26.08
C ILE D 58 3.16 -42.80 24.73
N THR D 59 3.02 -43.74 23.80
CA THR D 59 3.26 -43.45 22.40
C THR D 59 2.16 -42.52 21.89
N PRO D 60 2.46 -41.66 20.90
CA PRO D 60 1.38 -40.90 20.27
C PRO D 60 0.50 -41.79 19.42
N SER D 61 -0.55 -41.22 18.82
CA SER D 61 -1.49 -42.03 18.04
C SER D 61 -2.23 -41.12 17.06
N LYS D 62 -1.97 -41.31 15.77
CA LYS D 62 -2.77 -40.66 14.75
C LYS D 62 -4.22 -41.10 14.85
N VAL D 63 -4.42 -42.40 14.97
CA VAL D 63 -5.77 -42.95 14.95
C VAL D 63 -6.52 -42.51 16.20
N SER D 64 -7.84 -42.40 16.07
CA SER D 64 -8.67 -42.02 17.21
C SER D 64 -10.09 -42.45 16.91
N LYS D 65 -10.56 -43.44 17.65
CA LYS D 65 -11.91 -43.92 17.47
C LYS D 65 -12.91 -42.94 18.05
N ILE D 66 -14.14 -43.02 17.55
CA ILE D 66 -15.21 -42.12 17.94
C ILE D 66 -16.36 -42.94 18.52
N ASP D 67 -16.51 -44.16 18.05
CA ASP D 67 -17.45 -45.11 18.61
C ASP D 67 -16.93 -46.49 18.29
N SER D 68 -17.51 -47.50 18.94
CA SER D 68 -16.97 -48.84 18.89
C SER D 68 -17.11 -49.52 17.54
N HIS D 69 -17.67 -48.86 16.51
CA HIS D 69 -17.74 -49.42 15.17
C HIS D 69 -17.24 -48.44 14.12
N VAL D 70 -16.52 -47.40 14.52
CA VAL D 70 -15.98 -46.42 13.59
C VAL D 70 -14.63 -45.96 14.12
N VAL D 71 -13.74 -45.65 13.20
CA VAL D 71 -12.45 -45.05 13.53
C VAL D 71 -12.17 -43.94 12.54
N LEU D 72 -10.98 -43.37 12.63
CA LEU D 72 -10.64 -42.21 11.83
C LEU D 72 -9.13 -42.08 11.82
N SER D 73 -8.59 -41.65 10.69
CA SER D 73 -7.18 -41.41 10.53
C SER D 73 -7.02 -40.23 9.61
N PHE D 74 -5.87 -39.56 9.75
CA PHE D 74 -5.70 -38.27 9.11
C PHE D 74 -4.22 -38.03 8.86
N SER D 75 -3.94 -36.84 8.33
CA SER D 75 -2.61 -36.35 8.09
C SER D 75 -2.76 -34.93 7.59
N GLY D 76 -1.73 -34.14 7.81
CA GLY D 76 -1.82 -32.71 7.68
C GLY D 76 -1.21 -32.04 8.89
N LEU D 77 -2.03 -31.37 9.68
CA LEU D 77 -1.60 -30.82 10.95
C LEU D 77 -2.62 -31.17 12.02
N ASN D 78 -2.11 -31.38 13.24
CA ASN D 78 -2.89 -32.07 14.25
C ASN D 78 -3.88 -31.16 14.96
N ALA D 79 -3.52 -29.89 15.14
CA ALA D 79 -4.38 -28.98 15.90
C ALA D 79 -5.76 -28.87 15.26
N ASP D 80 -5.79 -28.51 13.98
CA ASP D 80 -7.05 -28.44 13.27
C ASP D 80 -7.68 -29.81 13.06
N SER D 81 -6.94 -30.90 13.31
CA SER D 81 -7.54 -32.22 13.28
C SER D 81 -8.20 -32.59 14.59
N ARG D 82 -7.78 -31.99 15.69
CA ARG D 82 -8.33 -32.37 16.99
C ARG D 82 -9.78 -31.96 17.11
N ILE D 83 -10.18 -30.90 16.42
CA ILE D 83 -11.52 -30.34 16.58
C ILE D 83 -12.58 -31.27 16.03
N LEU D 84 -12.55 -31.48 14.72
CA LEU D 84 -13.60 -32.24 14.05
C LEU D 84 -13.68 -33.67 14.54
N ILE D 85 -12.61 -34.19 15.12
CA ILE D 85 -12.69 -35.48 15.79
C ILE D 85 -13.66 -35.38 16.97
N GLU D 86 -13.64 -34.24 17.66
CA GLU D 86 -14.50 -34.05 18.82
C GLU D 86 -15.89 -33.63 18.41
N LYS D 87 -16.02 -32.92 17.30
CA LYS D 87 -17.34 -32.66 16.76
C LYS D 87 -17.94 -33.91 16.13
N ALA D 88 -17.11 -34.90 15.78
CA ALA D 88 -17.63 -36.14 15.25
C ALA D 88 -18.20 -37.02 16.36
N ARG D 89 -17.36 -37.42 17.31
CA ARG D 89 -17.80 -38.33 18.36
C ARG D 89 -18.95 -37.76 19.16
N VAL D 90 -19.00 -36.44 19.30
CA VAL D 90 -20.17 -35.79 19.87
C VAL D 90 -21.39 -36.08 19.01
N GLU D 91 -21.25 -35.96 17.70
CA GLU D 91 -22.43 -36.05 16.86
C GLU D 91 -22.95 -37.46 16.80
N ALA D 92 -22.07 -38.45 16.93
CA ALA D 92 -22.52 -39.83 16.83
C ALA D 92 -23.35 -40.20 18.05
N GLN D 93 -22.84 -39.92 19.24
CA GLN D 93 -23.57 -40.25 20.46
C GLN D 93 -24.88 -39.50 20.57
N SER D 94 -25.02 -38.39 19.84
CA SER D 94 -26.32 -37.72 19.75
C SER D 94 -27.27 -38.53 18.89
N HIS D 95 -26.78 -39.09 17.80
CA HIS D 95 -27.63 -39.88 16.93
C HIS D 95 -28.11 -41.14 17.63
N ARG D 96 -27.30 -41.69 18.54
CA ARG D 96 -27.79 -42.77 19.38
C ARG D 96 -28.86 -42.28 20.33
N LEU D 97 -28.74 -41.03 20.76
CA LEU D 97 -29.68 -40.48 21.72
C LEU D 97 -31.02 -40.22 21.07
N THR D 98 -31.02 -39.43 20.00
CA THR D 98 -32.27 -38.95 19.43
C THR D 98 -33.03 -40.09 18.75
N LEU D 99 -32.32 -40.99 18.09
CA LEU D 99 -32.93 -42.01 17.24
C LEU D 99 -32.91 -43.41 17.82
N GLU D 100 -32.19 -43.64 18.93
CA GLU D 100 -32.11 -44.97 19.53
C GLU D 100 -31.55 -45.97 18.52
N ASP D 101 -30.49 -45.56 17.85
CA ASP D 101 -30.00 -46.27 16.69
C ASP D 101 -28.59 -45.77 16.39
N PRO D 102 -27.59 -46.64 16.14
CA PRO D 102 -26.27 -46.10 15.82
C PRO D 102 -26.23 -45.40 14.49
N VAL D 103 -25.05 -44.97 14.08
CA VAL D 103 -24.87 -44.12 12.92
C VAL D 103 -24.52 -44.99 11.72
N THR D 104 -25.22 -44.78 10.62
CA THR D 104 -24.69 -45.23 9.34
C THR D 104 -23.44 -44.43 9.04
N VAL D 105 -22.42 -45.11 8.51
CA VAL D 105 -21.12 -44.48 8.32
C VAL D 105 -21.22 -43.32 7.35
N GLU D 106 -22.11 -43.43 6.37
CA GLU D 106 -22.26 -42.35 5.40
C GLU D 106 -22.80 -41.09 6.05
N TYR D 107 -23.61 -41.23 7.09
CA TYR D 107 -24.17 -40.05 7.74
C TYR D 107 -23.08 -39.29 8.47
N LEU D 108 -22.25 -40.02 9.21
CA LEU D 108 -21.10 -39.42 9.88
C LEU D 108 -20.23 -38.67 8.89
N THR D 109 -19.87 -39.34 7.79
CA THR D 109 -18.88 -38.78 6.88
C THR D 109 -19.38 -37.50 6.22
N ARG D 110 -20.69 -37.31 6.15
CA ARG D 110 -21.25 -36.09 5.63
C ARG D 110 -21.41 -35.01 6.69
N TYR D 111 -21.09 -35.31 7.95
CA TYR D 111 -21.06 -34.28 8.97
C TYR D 111 -19.69 -33.63 9.04
N VAL D 112 -18.63 -34.41 8.92
CA VAL D 112 -17.29 -33.85 8.93
C VAL D 112 -17.05 -33.04 7.68
N ALA D 113 -17.60 -33.47 6.56
CA ALA D 113 -17.53 -32.66 5.36
C ALA D 113 -18.55 -31.55 5.39
N GLY D 114 -19.62 -31.72 6.14
CA GLY D 114 -20.58 -30.66 6.32
C GLY D 114 -20.08 -29.50 7.15
N VAL D 115 -18.90 -29.63 7.75
CA VAL D 115 -18.22 -28.49 8.37
C VAL D 115 -17.06 -28.00 7.52
N GLN D 116 -16.35 -28.91 6.85
CA GLN D 116 -15.33 -28.46 5.92
C GLN D 116 -15.89 -27.71 4.72
N GLN D 117 -17.21 -27.66 4.55
CA GLN D 117 -17.82 -26.85 3.53
C GLN D 117 -18.10 -25.43 4.01
N ARG D 118 -18.45 -25.26 5.29
CA ARG D 118 -18.76 -23.92 5.78
C ARG D 118 -17.50 -23.17 6.16
N TYR D 119 -16.53 -23.86 6.72
CA TYR D 119 -15.23 -23.31 7.10
C TYR D 119 -14.38 -22.94 5.93
N THR D 120 -14.87 -22.98 4.70
CA THR D 120 -14.21 -22.35 3.56
C THR D 120 -15.15 -21.36 2.90
N GLN D 121 -16.46 -21.59 2.98
CA GLN D 121 -17.39 -20.74 2.25
C GLN D 121 -17.52 -19.38 2.90
N SER D 122 -17.98 -19.35 4.14
CA SER D 122 -18.07 -18.10 4.89
C SER D 122 -16.67 -17.65 5.27
N GLY D 123 -16.25 -16.50 4.76
CA GLY D 123 -14.99 -15.91 5.15
C GLY D 123 -14.96 -15.49 6.61
N GLY D 124 -13.85 -14.90 7.04
CA GLY D 124 -13.59 -14.77 8.46
C GLY D 124 -13.10 -16.05 9.09
N VAL D 125 -12.67 -17.01 8.27
CA VAL D 125 -12.41 -18.38 8.69
C VAL D 125 -11.32 -18.92 7.80
N ARG D 126 -10.51 -19.79 8.38
CA ARG D 126 -9.52 -20.57 7.68
C ARG D 126 -9.98 -22.02 7.60
N PRO D 127 -9.61 -22.76 6.56
CA PRO D 127 -10.02 -24.14 6.49
C PRO D 127 -9.31 -25.03 7.49
N PHE D 128 -9.61 -26.31 7.41
CA PHE D 128 -8.97 -27.32 8.21
C PHE D 128 -7.85 -27.93 7.39
N GLY D 129 -6.62 -27.58 7.72
CA GLY D 129 -5.50 -28.09 6.97
C GLY D 129 -5.26 -29.55 7.23
N VAL D 130 -6.19 -30.37 6.75
CA VAL D 130 -6.17 -31.80 7.03
C VAL D 130 -7.04 -32.49 6.00
N SER D 131 -6.56 -33.64 5.53
CA SER D 131 -7.40 -34.66 4.95
C SER D 131 -7.52 -35.81 5.92
N THR D 132 -8.63 -36.52 5.82
CA THR D 132 -8.94 -37.60 6.72
C THR D 132 -9.48 -38.76 5.93
N LEU D 133 -9.73 -39.86 6.63
CA LEU D 133 -10.54 -40.92 6.08
C LEU D 133 -11.22 -41.67 7.20
N ILE D 134 -12.31 -42.32 6.85
CA ILE D 134 -13.15 -43.04 7.78
C ILE D 134 -13.03 -44.52 7.47
N ALA D 135 -13.23 -45.36 8.48
CA ALA D 135 -13.13 -46.78 8.32
C ALA D 135 -13.99 -47.48 9.36
N GLY D 136 -14.60 -48.57 8.96
CA GLY D 136 -15.36 -49.38 9.89
C GLY D 136 -16.44 -50.16 9.17
N PHE D 137 -17.44 -50.57 9.95
CA PHE D 137 -18.52 -51.40 9.50
C PHE D 137 -19.85 -50.78 9.91
N ASP D 138 -20.84 -50.98 9.06
CA ASP D 138 -22.19 -50.60 9.41
C ASP D 138 -22.73 -51.58 10.46
N PRO D 139 -23.65 -51.16 11.32
CA PRO D 139 -24.28 -52.11 12.23
C PRO D 139 -25.11 -53.12 11.46
N ARG D 140 -25.15 -54.33 12.00
CA ARG D 140 -26.05 -55.39 11.52
C ARG D 140 -25.71 -55.81 10.09
N ASP D 141 -24.43 -55.78 9.74
CA ASP D 141 -23.97 -56.21 8.43
C ASP D 141 -22.45 -56.27 8.47
N ASP D 142 -21.89 -57.00 7.50
CA ASP D 142 -20.45 -57.11 7.35
C ASP D 142 -19.89 -56.19 6.27
N GLU D 143 -20.73 -55.36 5.65
CA GLU D 143 -20.35 -54.56 4.50
C GLU D 143 -19.14 -53.68 4.82
N PRO D 144 -17.96 -53.96 4.28
CA PRO D 144 -16.81 -53.11 4.57
C PRO D 144 -16.86 -51.85 3.75
N LYS D 145 -16.20 -50.81 4.26
CA LYS D 145 -16.17 -49.55 3.56
C LYS D 145 -15.22 -48.59 4.26
N LEU D 146 -14.59 -47.74 3.47
CA LEU D 146 -13.85 -46.60 3.98
C LEU D 146 -14.15 -45.42 3.09
N TYR D 147 -14.21 -44.24 3.70
CA TYR D 147 -14.48 -43.00 2.99
C TYR D 147 -13.34 -42.03 3.24
N GLN D 148 -13.04 -41.22 2.24
CA GLN D 148 -12.06 -40.15 2.32
C GLN D 148 -12.77 -38.81 2.40
N THR D 149 -12.07 -37.85 2.97
CA THR D 149 -12.57 -36.50 3.11
C THR D 149 -11.39 -35.55 2.92
N GLU D 150 -11.68 -34.36 2.41
CA GLU D 150 -10.65 -33.39 2.10
C GLU D 150 -11.24 -31.99 2.23
N PRO D 151 -10.41 -30.98 2.51
CA PRO D 151 -10.95 -29.69 2.97
C PRO D 151 -11.82 -28.95 1.98
N SER D 152 -11.89 -29.38 0.73
CA SER D 152 -12.90 -28.85 -0.16
C SER D 152 -14.30 -29.26 0.27
N GLY D 153 -14.41 -30.33 1.06
CA GLY D 153 -15.68 -30.73 1.62
C GLY D 153 -16.41 -31.83 0.89
N ILE D 154 -15.69 -32.72 0.21
CA ILE D 154 -16.28 -33.78 -0.59
C ILE D 154 -15.86 -35.12 -0.04
N TYR D 155 -16.74 -36.10 -0.21
CA TYR D 155 -16.57 -37.43 0.36
C TYR D 155 -16.65 -38.46 -0.76
N SER D 156 -15.61 -39.28 -0.86
CA SER D 156 -15.53 -40.37 -1.80
C SER D 156 -15.42 -41.68 -1.03
N SER D 157 -15.40 -42.78 -1.77
CA SER D 157 -15.30 -44.11 -1.18
C SER D 157 -14.28 -44.87 -2.01
N TRP D 158 -13.02 -44.75 -1.63
CA TRP D 158 -12.00 -45.62 -2.18
C TRP D 158 -12.05 -46.97 -1.49
N SER D 159 -11.40 -47.95 -2.12
CA SER D 159 -11.08 -49.20 -1.47
C SER D 159 -9.67 -49.21 -0.91
N ALA D 160 -8.78 -48.42 -1.49
CA ALA D 160 -7.47 -48.22 -0.93
C ALA D 160 -6.99 -46.83 -1.31
N GLN D 161 -6.23 -46.20 -0.42
CA GLN D 161 -5.94 -44.79 -0.54
C GLN D 161 -4.86 -44.44 0.47
N THR D 162 -4.13 -43.36 0.20
CA THR D 162 -3.16 -42.82 1.14
C THR D 162 -3.15 -41.31 1.07
N ILE D 163 -2.46 -40.71 2.05
CA ILE D 163 -2.36 -39.26 2.17
C ILE D 163 -0.98 -38.91 2.70
N GLY D 164 -0.23 -38.11 1.94
CA GLY D 164 0.95 -37.44 2.46
C GLY D 164 2.20 -37.81 1.68
N ARG D 165 3.32 -37.89 2.41
CA ARG D 165 4.63 -37.99 1.81
C ARG D 165 4.74 -39.24 0.95
N ASN D 166 5.08 -39.06 -0.32
CA ASN D 166 5.26 -40.14 -1.28
C ASN D 166 4.01 -41.02 -1.41
N SER D 167 2.85 -40.44 -1.15
CA SER D 167 1.60 -41.11 -1.48
C SER D 167 1.54 -41.48 -2.95
N LYS D 168 2.13 -40.64 -3.81
CA LYS D 168 2.10 -40.90 -5.25
C LYS D 168 2.78 -42.22 -5.59
N THR D 169 3.79 -42.61 -4.81
CA THR D 169 4.40 -43.92 -5.00
C THR D 169 3.46 -45.04 -4.64
N VAL D 170 2.57 -44.80 -3.70
CA VAL D 170 1.79 -45.87 -3.10
C VAL D 170 0.48 -46.09 -3.84
N ARG D 171 -0.22 -45.00 -4.14
CA ARG D 171 -1.49 -45.10 -4.82
C ARG D 171 -1.35 -45.74 -6.20
N GLU D 172 -0.16 -45.67 -6.79
CA GLU D 172 0.14 -46.43 -8.00
C GLU D 172 0.53 -47.86 -7.67
N PHE D 173 1.18 -48.05 -6.52
CA PHE D 173 1.64 -49.38 -6.15
C PHE D 173 0.48 -50.34 -5.99
N LEU D 174 -0.47 -49.99 -5.11
CA LEU D 174 -1.57 -50.91 -4.82
C LEU D 174 -2.41 -51.16 -6.05
N GLU D 175 -2.47 -50.19 -6.95
CA GLU D 175 -3.09 -50.40 -8.25
C GLU D 175 -2.39 -51.52 -9.00
N LYS D 176 -1.08 -51.63 -8.84
CA LYS D 176 -0.34 -52.71 -9.47
C LYS D 176 -0.52 -54.05 -8.77
N ASN D 177 -0.95 -54.05 -7.50
CA ASN D 177 -1.09 -55.28 -6.73
C ASN D 177 -2.53 -55.53 -6.28
N TYR D 178 -3.14 -54.58 -5.60
CA TYR D 178 -4.51 -54.73 -5.14
C TYR D 178 -5.47 -54.60 -6.31
N ASP D 179 -6.55 -55.37 -6.28
CA ASP D 179 -7.51 -55.31 -7.37
C ASP D 179 -8.76 -56.08 -6.99
N ARG D 180 -9.88 -55.63 -7.53
CA ARG D 180 -11.17 -56.26 -7.24
C ARG D 180 -11.35 -57.60 -7.91
N LYS D 181 -10.47 -58.00 -8.82
CA LYS D 181 -10.52 -59.34 -9.36
C LYS D 181 -10.34 -60.37 -8.25
N GLU D 182 -9.52 -60.06 -7.26
CA GLU D 182 -9.27 -60.94 -6.12
C GLU D 182 -9.28 -60.07 -4.86
N PRO D 183 -10.44 -59.91 -4.24
CA PRO D 183 -10.49 -59.20 -2.96
C PRO D 183 -9.95 -60.08 -1.84
N PRO D 184 -9.04 -59.59 -1.00
CA PRO D 184 -8.59 -60.37 0.15
C PRO D 184 -9.72 -60.75 1.08
N ALA D 185 -9.41 -61.68 1.98
CA ALA D 185 -10.39 -62.35 2.83
C ALA D 185 -10.21 -62.02 4.30
N THR D 186 -9.02 -62.25 4.85
CA THR D 186 -8.77 -62.11 6.28
C THR D 186 -7.56 -61.23 6.54
N VAL D 187 -7.12 -61.21 7.79
CA VAL D 187 -6.23 -60.15 8.26
C VAL D 187 -4.82 -60.32 7.68
N GLU D 188 -4.29 -61.54 7.74
CA GLU D 188 -2.84 -61.70 7.59
C GLU D 188 -2.36 -61.39 6.18
N GLU D 189 -3.26 -61.26 5.21
CA GLU D 189 -2.89 -60.83 3.87
C GLU D 189 -3.24 -59.38 3.62
N CYS D 190 -4.32 -58.88 4.20
CA CYS D 190 -4.55 -57.43 4.19
C CYS D 190 -3.42 -56.70 4.86
N VAL D 191 -2.83 -57.31 5.89
CA VAL D 191 -1.71 -56.70 6.57
C VAL D 191 -0.41 -56.96 5.82
N LYS D 192 -0.23 -58.21 5.37
CA LYS D 192 0.87 -58.52 4.49
C LYS D 192 0.79 -57.73 3.19
N LEU D 193 -0.40 -57.29 2.80
CA LEU D 193 -0.53 -56.34 1.71
C LEU D 193 -0.03 -54.97 2.10
N THR D 194 -0.31 -54.56 3.34
CA THR D 194 -0.14 -53.17 3.73
C THR D 194 1.26 -52.89 4.23
N VAL D 195 1.80 -53.78 5.07
CA VAL D 195 3.09 -53.53 5.69
C VAL D 195 4.16 -53.37 4.64
N ARG D 196 4.00 -54.01 3.50
CA ARG D 196 4.91 -53.81 2.38
C ARG D 196 4.63 -52.49 1.67
N SER D 197 3.39 -52.00 1.75
CA SER D 197 3.05 -50.75 1.07
C SER D 197 3.80 -49.58 1.68
N LEU D 198 4.03 -49.62 2.98
CA LEU D 198 4.67 -48.51 3.67
C LEU D 198 6.10 -48.31 3.24
N LEU D 199 6.71 -49.31 2.62
CA LEU D 199 8.16 -49.39 2.57
C LEU D 199 8.78 -48.33 1.69
N GLU D 200 8.00 -47.67 0.84
CA GLU D 200 8.55 -46.57 0.05
C GLU D 200 9.03 -45.43 0.93
N VAL D 201 8.53 -45.35 2.17
CA VAL D 201 8.78 -44.19 3.03
C VAL D 201 9.58 -44.59 4.26
N VAL D 202 9.40 -45.83 4.73
CA VAL D 202 9.86 -46.17 6.06
C VAL D 202 11.38 -46.32 6.14
N GLN D 203 12.06 -46.47 4.98
CA GLN D 203 13.53 -46.56 4.89
C GLN D 203 14.14 -47.52 5.90
N THR D 204 13.40 -48.59 6.23
CA THR D 204 13.84 -49.61 7.18
C THR D 204 14.04 -49.02 8.58
N GLY D 205 12.94 -48.52 9.13
CA GLY D 205 12.84 -48.27 10.56
C GLY D 205 11.52 -48.80 11.10
N ALA D 206 11.58 -49.79 12.00
CA ALA D 206 10.38 -50.41 12.56
C ALA D 206 9.98 -49.84 13.90
N LYS D 207 10.72 -48.85 14.42
CA LYS D 207 10.25 -48.01 15.51
C LYS D 207 9.46 -46.82 15.00
N ASN D 208 8.90 -46.92 13.80
CA ASN D 208 8.32 -45.82 13.06
C ASN D 208 7.01 -46.25 12.41
N ILE D 209 6.18 -46.95 13.18
CA ILE D 209 4.98 -47.57 12.60
C ILE D 209 4.03 -47.97 13.71
N GLU D 210 2.74 -47.94 13.39
CA GLU D 210 1.69 -48.56 14.18
C GLU D 210 0.63 -49.03 13.19
N ILE D 211 -0.41 -49.68 13.72
CA ILE D 211 -1.36 -50.36 12.87
C ILE D 211 -2.60 -50.74 13.67
N THR D 212 -3.75 -50.79 13.01
CA THR D 212 -4.98 -51.30 13.62
C THR D 212 -5.82 -52.00 12.58
N VAL D 213 -6.82 -52.73 13.07
CA VAL D 213 -7.75 -53.48 12.24
C VAL D 213 -9.14 -53.35 12.85
N VAL D 214 -10.12 -54.01 12.23
CA VAL D 214 -11.53 -53.79 12.51
C VAL D 214 -12.26 -55.11 12.62
N LYS D 215 -13.27 -55.13 13.48
CA LYS D 215 -14.14 -56.25 13.75
C LYS D 215 -15.55 -55.96 13.26
N PRO D 216 -16.35 -56.99 13.01
CA PRO D 216 -17.81 -56.81 13.04
C PRO D 216 -18.30 -56.81 14.48
N ASP D 217 -19.60 -56.59 14.63
CA ASP D 217 -20.26 -56.62 15.94
C ASP D 217 -19.69 -55.58 16.88
N SER D 218 -19.19 -54.47 16.34
CA SER D 218 -18.76 -53.31 17.12
C SER D 218 -17.61 -53.67 18.06
N ASP D 219 -16.49 -54.04 17.44
CA ASP D 219 -15.25 -54.26 18.17
C ASP D 219 -14.09 -53.76 17.33
N ILE D 220 -12.89 -53.76 17.93
CA ILE D 220 -11.65 -53.45 17.24
C ILE D 220 -10.55 -54.28 17.86
N VAL D 221 -9.32 -54.13 17.35
CA VAL D 221 -8.15 -54.62 18.07
C VAL D 221 -6.92 -53.89 17.56
N ALA D 222 -6.10 -53.42 18.50
CA ALA D 222 -4.83 -52.78 18.19
C ALA D 222 -3.78 -53.84 17.90
N LEU D 223 -2.51 -53.48 17.89
CA LEU D 223 -1.48 -54.44 17.55
C LEU D 223 -0.16 -54.02 18.18
N SER D 224 0.72 -54.99 18.37
CA SER D 224 1.92 -54.87 19.18
C SER D 224 3.08 -54.31 18.36
N SER D 225 4.27 -54.34 18.96
CA SER D 225 5.50 -53.94 18.30
C SER D 225 6.35 -55.12 17.85
N GLU D 226 6.19 -56.28 18.46
CA GLU D 226 6.78 -57.52 17.94
C GLU D 226 5.85 -58.20 16.95
N GLU D 227 4.55 -58.00 17.10
CA GLU D 227 3.58 -58.61 16.20
C GLU D 227 3.64 -58.01 14.79
N ILE D 228 4.45 -56.96 14.60
CA ILE D 228 4.85 -56.52 13.26
C ILE D 228 6.25 -57.01 12.98
N ASN D 229 7.09 -57.08 14.03
CA ASN D 229 8.51 -57.38 13.85
C ASN D 229 8.72 -58.70 13.14
N GLN D 230 7.83 -59.67 13.34
CA GLN D 230 7.84 -60.85 12.50
C GLN D 230 7.40 -60.49 11.09
N TYR D 231 6.33 -59.71 10.97
CA TYR D 231 5.86 -59.26 9.66
C TYR D 231 6.86 -58.34 8.99
N VAL D 232 7.81 -57.78 9.73
CA VAL D 232 8.93 -57.11 9.08
C VAL D 232 9.75 -58.12 8.31
N THR D 233 9.74 -59.38 8.73
CA THR D 233 10.66 -60.40 8.25
C THR D 233 10.07 -61.29 7.17
N GLN D 234 8.82 -61.72 7.30
CA GLN D 234 8.19 -62.47 6.21
C GLN D 234 8.15 -61.65 4.94
N ILE D 235 7.94 -60.33 5.07
CA ILE D 235 7.97 -59.45 3.91
C ILE D 235 9.39 -59.33 3.38
N GLU D 236 10.38 -59.37 4.26
CA GLU D 236 11.77 -59.40 3.81
C GLU D 236 12.20 -60.82 3.46
N GLN D 237 11.52 -61.84 4.01
CA GLN D 237 11.89 -63.22 3.72
C GLN D 237 11.81 -63.52 2.23
N GLU D 238 10.83 -62.93 1.55
CA GLU D 238 10.79 -63.02 0.10
C GLU D 238 11.97 -62.31 -0.52
N LYS D 239 12.42 -61.21 0.10
CA LYS D 239 13.58 -60.45 -0.40
C LYS D 239 14.86 -61.14 0.05
N GLN D 240 15.10 -62.31 -0.54
CA GLN D 240 16.32 -63.06 -0.26
C GLN D 240 17.51 -62.45 -0.99
N GLU D 241 17.34 -62.13 -2.27
CA GLU D 241 18.40 -61.53 -3.08
C GLU D 241 18.25 -60.01 -3.15
N PHE E 1 -5.54 3.36 -21.27
CA PHE E 1 -6.73 2.52 -21.44
C PHE E 1 -6.74 1.38 -20.43
N LEU E 2 -6.59 1.72 -19.14
CA LEU E 2 -6.45 0.69 -18.11
C LEU E 2 -7.63 -0.26 -18.10
N THR E 3 -7.33 -1.53 -17.90
CA THR E 3 -8.16 -2.65 -18.30
C THR E 3 -8.89 -3.26 -17.12
N ARG E 4 -9.48 -4.44 -17.39
CA ARG E 4 -10.31 -5.18 -16.44
C ARG E 4 -9.61 -5.54 -15.13
N SER E 5 -8.28 -5.51 -15.09
CA SER E 5 -7.53 -6.14 -14.01
C SER E 5 -7.81 -5.58 -12.63
N GLU E 6 -8.46 -4.43 -12.52
CA GLU E 6 -8.62 -3.75 -11.25
C GLU E 6 -9.99 -3.96 -10.62
N TYR E 7 -11.06 -3.93 -11.43
CA TYR E 7 -12.43 -4.04 -10.93
C TYR E 7 -12.92 -5.47 -10.97
N ASP E 8 -12.13 -6.38 -10.43
CA ASP E 8 -12.40 -7.80 -10.52
C ASP E 8 -12.00 -8.53 -9.25
N ARG E 9 -12.12 -7.86 -8.11
CA ARG E 9 -11.71 -8.40 -6.82
C ARG E 9 -12.77 -8.06 -5.79
N GLY E 10 -14.02 -8.23 -6.17
CA GLY E 10 -15.13 -7.89 -5.33
C GLY E 10 -16.43 -8.18 -6.04
N VAL E 11 -17.39 -8.76 -5.33
CA VAL E 11 -18.64 -9.17 -5.95
C VAL E 11 -19.50 -7.98 -6.29
N SER E 12 -19.31 -6.85 -5.60
CA SER E 12 -20.24 -5.73 -5.61
C SER E 12 -19.59 -4.51 -6.23
N THR E 13 -18.92 -4.68 -7.35
CA THR E 13 -18.33 -3.59 -8.10
C THR E 13 -18.53 -3.81 -9.58
N PHE E 14 -19.14 -2.84 -10.24
CA PHE E 14 -19.25 -2.90 -11.68
C PHE E 14 -17.93 -2.45 -12.29
N SER E 15 -17.91 -2.41 -13.61
CA SER E 15 -16.80 -1.88 -14.38
C SER E 15 -17.38 -0.97 -15.45
N PRO E 16 -16.57 -0.09 -16.02
CA PRO E 16 -17.11 0.81 -17.04
C PRO E 16 -17.65 0.10 -18.27
N GLU E 17 -17.32 -1.17 -18.45
CA GLU E 17 -18.05 -1.97 -19.41
C GLU E 17 -19.52 -2.09 -19.03
N GLY E 18 -19.85 -1.86 -17.76
CA GLY E 18 -21.21 -1.92 -17.29
C GLY E 18 -21.60 -3.23 -16.66
N ARG E 19 -20.64 -4.05 -16.25
CA ARG E 19 -20.92 -5.43 -15.90
C ARG E 19 -20.14 -5.82 -14.65
N LEU E 20 -20.51 -6.98 -14.12
CA LEU E 20 -19.78 -7.63 -13.05
C LEU E 20 -18.80 -8.60 -13.67
N PHE E 21 -17.91 -9.13 -12.84
CA PHE E 21 -16.93 -10.10 -13.29
C PHE E 21 -16.93 -11.38 -12.49
N GLN E 22 -17.12 -11.29 -11.17
CA GLN E 22 -17.09 -12.49 -10.36
C GLN E 22 -18.16 -13.48 -10.79
N VAL E 23 -19.40 -13.02 -10.92
CA VAL E 23 -20.45 -13.87 -11.47
C VAL E 23 -20.07 -14.35 -12.86
N GLU E 24 -19.43 -13.47 -13.63
CA GLU E 24 -19.01 -13.84 -14.97
C GLU E 24 -17.88 -14.84 -14.94
N TYR E 25 -17.17 -14.96 -13.82
CA TYR E 25 -16.16 -15.99 -13.69
C TYR E 25 -16.73 -17.29 -13.20
N SER E 26 -17.79 -17.24 -12.41
CA SER E 26 -18.40 -18.44 -11.86
C SER E 26 -18.80 -19.41 -12.97
N LEU E 27 -19.29 -18.87 -14.09
CA LEU E 27 -19.60 -19.68 -15.24
C LEU E 27 -18.38 -20.38 -15.80
N GLU E 28 -17.18 -19.88 -15.52
CA GLU E 28 -15.96 -20.49 -16.00
C GLU E 28 -15.37 -21.45 -14.99
N ALA E 29 -16.20 -22.04 -14.13
CA ALA E 29 -15.80 -23.13 -13.26
C ALA E 29 -16.47 -24.43 -13.66
N ILE E 30 -17.74 -24.36 -14.02
CA ILE E 30 -18.44 -25.53 -14.54
C ILE E 30 -17.75 -26.07 -15.77
N LYS E 31 -17.08 -25.20 -16.51
CA LYS E 31 -16.26 -25.62 -17.64
C LYS E 31 -15.24 -26.65 -17.21
N LEU E 32 -14.61 -26.43 -16.05
CA LEU E 32 -13.65 -27.40 -15.54
C LEU E 32 -14.32 -28.71 -15.21
N GLY E 33 -15.58 -28.65 -14.80
CA GLY E 33 -16.27 -29.85 -14.38
C GLY E 33 -16.63 -30.73 -15.55
N SER E 34 -16.92 -31.98 -15.21
CA SER E 34 -17.26 -32.99 -16.21
C SER E 34 -18.54 -32.64 -16.95
N THR E 35 -18.90 -33.46 -17.94
CA THR E 35 -20.01 -33.13 -18.81
C THR E 35 -21.34 -33.39 -18.11
N ALA E 36 -22.40 -33.12 -18.86
CA ALA E 36 -23.77 -33.37 -18.43
C ALA E 36 -24.67 -33.11 -19.62
N ILE E 37 -25.69 -33.93 -19.78
CA ILE E 37 -26.57 -33.88 -20.93
C ILE E 37 -28.00 -34.11 -20.45
N GLY E 38 -28.92 -33.48 -21.16
CA GLY E 38 -30.33 -33.71 -20.91
C GLY E 38 -31.13 -33.31 -22.12
N ILE E 39 -31.95 -34.24 -22.60
CA ILE E 39 -32.81 -34.02 -23.75
C ILE E 39 -34.12 -34.72 -23.49
N ALA E 40 -35.19 -34.17 -24.03
CA ALA E 40 -36.54 -34.47 -23.61
C ALA E 40 -37.39 -34.86 -24.80
N THR E 41 -37.86 -36.11 -24.81
CA THR E 41 -38.84 -36.53 -25.77
C THR E 41 -40.21 -36.09 -25.28
N LYS E 42 -41.26 -36.58 -25.93
CA LYS E 42 -42.61 -36.48 -25.40
C LYS E 42 -42.94 -37.67 -24.52
N GLU E 43 -42.33 -38.81 -24.81
CA GLU E 43 -42.53 -40.02 -24.05
C GLU E 43 -41.76 -40.02 -22.74
N GLY E 44 -40.66 -39.29 -22.67
CA GLY E 44 -39.83 -39.29 -21.48
C GLY E 44 -38.56 -38.50 -21.64
N VAL E 45 -37.99 -38.10 -20.52
CA VAL E 45 -36.75 -37.33 -20.47
C VAL E 45 -35.62 -38.30 -20.17
N VAL E 46 -34.42 -37.95 -20.64
CA VAL E 46 -33.20 -38.68 -20.31
C VAL E 46 -32.13 -37.69 -19.89
N LEU E 47 -31.05 -38.25 -19.35
CA LEU E 47 -29.88 -37.49 -18.95
C LEU E 47 -28.64 -38.28 -19.40
N GLY E 48 -27.47 -37.85 -18.96
CA GLY E 48 -26.23 -38.45 -19.37
C GLY E 48 -25.06 -37.71 -18.77
N VAL E 49 -24.08 -38.43 -18.24
CA VAL E 49 -22.97 -37.83 -17.51
C VAL E 49 -21.72 -38.66 -17.71
N GLU E 50 -20.60 -37.97 -17.85
CA GLU E 50 -19.29 -38.57 -17.65
C GLU E 50 -18.87 -38.46 -16.19
N LYS E 51 -18.01 -39.39 -15.77
CA LYS E 51 -17.66 -39.54 -14.38
C LYS E 51 -16.18 -39.43 -14.08
N ARG E 52 -15.31 -39.31 -15.10
CA ARG E 52 -13.92 -38.93 -14.91
C ARG E 52 -13.20 -39.90 -13.98
N ALA E 53 -13.01 -41.10 -14.50
CA ALA E 53 -12.24 -42.10 -13.80
C ALA E 53 -10.85 -41.60 -13.47
N THR E 54 -10.59 -41.39 -12.19
CA THR E 54 -9.28 -40.95 -11.73
C THR E 54 -8.33 -42.10 -11.45
N SER E 55 -8.86 -43.27 -11.09
CA SER E 55 -8.05 -44.44 -10.77
C SER E 55 -8.98 -45.64 -10.65
N PRO E 56 -8.46 -46.85 -10.80
CA PRO E 56 -9.34 -48.01 -10.98
C PRO E 56 -9.79 -48.65 -9.67
N LEU E 57 -9.63 -47.93 -8.56
CA LEU E 57 -9.92 -48.47 -7.23
C LEU E 57 -10.85 -47.53 -6.48
N LEU E 58 -11.80 -46.95 -7.21
CA LEU E 58 -12.85 -46.12 -6.65
C LEU E 58 -14.19 -46.75 -6.96
N GLU E 59 -14.97 -47.04 -5.92
CA GLU E 59 -16.32 -47.54 -6.12
C GLU E 59 -17.12 -46.42 -6.76
N SER E 60 -17.38 -46.55 -8.06
CA SER E 60 -17.84 -45.42 -8.86
C SER E 60 -19.15 -44.86 -8.38
N ASP E 61 -19.98 -45.66 -7.73
CA ASP E 61 -21.20 -45.15 -7.12
C ASP E 61 -20.93 -44.37 -5.84
N SER E 62 -19.67 -44.23 -5.43
CA SER E 62 -19.36 -43.38 -4.29
C SER E 62 -19.77 -41.94 -4.55
N ILE E 63 -19.56 -41.47 -5.78
CA ILE E 63 -19.87 -40.11 -6.18
C ILE E 63 -21.07 -40.13 -7.09
N GLU E 64 -21.91 -39.10 -6.96
CA GLU E 64 -23.21 -39.06 -7.61
C GLU E 64 -23.35 -37.74 -8.33
N LYS E 65 -23.83 -37.81 -9.58
CA LYS E 65 -24.22 -36.65 -10.36
C LYS E 65 -25.69 -36.74 -10.73
N ILE E 66 -26.46 -37.45 -9.92
CA ILE E 66 -27.84 -37.78 -10.23
C ILE E 66 -28.53 -38.12 -8.92
N VAL E 67 -29.75 -37.62 -8.77
CA VAL E 67 -30.44 -37.64 -7.48
C VAL E 67 -31.91 -37.96 -7.68
N GLU E 68 -32.43 -38.88 -6.87
CA GLU E 68 -33.87 -39.12 -6.76
C GLU E 68 -34.48 -38.07 -5.83
N ILE E 69 -34.37 -36.81 -6.28
CA ILE E 69 -34.72 -35.66 -5.48
C ILE E 69 -36.18 -35.69 -5.04
N ASP E 70 -37.04 -36.34 -5.80
CA ASP E 70 -38.44 -36.46 -5.43
C ASP E 70 -39.04 -37.58 -6.28
N ARG E 71 -40.37 -37.69 -6.27
CA ARG E 71 -41.03 -38.74 -7.02
C ARG E 71 -40.86 -38.57 -8.52
N HIS E 72 -40.77 -37.32 -8.98
CA HIS E 72 -40.94 -36.99 -10.38
C HIS E 72 -39.94 -35.96 -10.87
N ILE E 73 -38.84 -35.79 -10.17
CA ILE E 73 -37.84 -34.77 -10.49
C ILE E 73 -36.47 -35.41 -10.40
N GLY E 74 -35.52 -34.86 -11.15
CA GLY E 74 -34.13 -35.26 -11.08
C GLY E 74 -33.24 -34.06 -11.24
N CYS E 75 -31.93 -34.29 -11.13
CA CYS E 75 -30.95 -33.23 -11.25
C CYS E 75 -29.68 -33.77 -11.88
N ALA E 76 -28.73 -32.87 -12.09
CA ALA E 76 -27.46 -33.21 -12.73
C ALA E 76 -26.44 -32.15 -12.35
N MET E 77 -25.52 -32.50 -11.47
CA MET E 77 -24.48 -31.58 -11.07
C MET E 77 -23.43 -31.48 -12.15
N SER E 78 -22.76 -30.32 -12.19
CA SER E 78 -21.62 -30.13 -13.06
C SER E 78 -20.83 -28.93 -12.55
N GLY E 79 -19.65 -29.19 -12.01
CA GLY E 79 -18.84 -28.15 -11.40
C GLY E 79 -18.28 -28.58 -10.07
N LEU E 80 -18.30 -27.67 -9.09
CA LEU E 80 -17.89 -28.02 -7.75
C LEU E 80 -18.95 -28.90 -7.10
N THR E 81 -18.62 -30.17 -6.91
CA THR E 81 -19.58 -31.10 -6.36
C THR E 81 -19.90 -30.78 -4.91
N ALA E 82 -19.10 -29.97 -4.25
CA ALA E 82 -19.34 -29.67 -2.85
C ALA E 82 -20.56 -28.78 -2.68
N ASP E 83 -20.54 -27.58 -3.24
CA ASP E 83 -21.57 -26.61 -2.95
C ASP E 83 -22.91 -26.97 -3.58
N ALA E 84 -22.95 -27.97 -4.44
CA ALA E 84 -24.23 -28.46 -4.92
C ALA E 84 -25.09 -28.94 -3.75
N ARG E 85 -24.45 -29.53 -2.76
CA ARG E 85 -25.18 -30.10 -1.63
C ARG E 85 -25.89 -29.03 -0.81
N SER E 86 -25.47 -27.78 -0.91
CA SER E 86 -26.18 -26.69 -0.27
C SER E 86 -27.44 -26.28 -1.03
N MET E 87 -27.62 -26.80 -2.24
CA MET E 87 -28.86 -26.55 -2.99
C MET E 87 -29.89 -27.62 -2.70
N ILE E 88 -29.54 -28.87 -2.95
CA ILE E 88 -30.53 -29.93 -2.93
C ILE E 88 -31.08 -30.13 -1.53
N GLU E 89 -30.25 -29.93 -0.50
CA GLU E 89 -30.76 -29.92 0.86
C GLU E 89 -31.81 -28.84 1.03
N HIS E 90 -31.71 -27.74 0.28
CA HIS E 90 -32.75 -26.73 0.25
C HIS E 90 -33.80 -27.02 -0.82
N ALA E 91 -33.43 -27.72 -1.87
CA ALA E 91 -34.39 -28.01 -2.93
C ALA E 91 -35.42 -29.02 -2.45
N ARG E 92 -34.98 -30.20 -2.05
CA ARG E 92 -35.92 -31.21 -1.60
C ARG E 92 -36.32 -31.02 -0.14
N THR E 93 -36.05 -29.85 0.41
CA THR E 93 -36.78 -29.33 1.54
C THR E 93 -37.99 -28.51 1.11
N ALA E 94 -38.09 -28.18 -0.19
CA ALA E 94 -39.23 -27.48 -0.72
C ALA E 94 -40.27 -28.45 -1.27
N ALA E 95 -39.84 -29.36 -2.13
CA ALA E 95 -40.76 -30.32 -2.73
C ALA E 95 -41.47 -31.16 -1.69
N VAL E 96 -40.87 -31.34 -0.52
CA VAL E 96 -41.56 -31.97 0.58
C VAL E 96 -42.55 -31.00 1.20
N THR E 97 -42.06 -29.89 1.73
CA THR E 97 -42.92 -28.99 2.49
C THR E 97 -44.03 -28.39 1.65
N HIS E 98 -43.90 -28.43 0.32
CA HIS E 98 -45.01 -28.05 -0.52
C HIS E 98 -46.12 -29.09 -0.46
N ASN E 99 -45.77 -30.33 -0.16
CA ASN E 99 -46.75 -31.36 0.14
C ASN E 99 -47.33 -31.23 1.55
N LEU E 100 -46.95 -30.19 2.29
CA LEU E 100 -47.48 -29.91 3.62
C LEU E 100 -48.32 -28.64 3.61
N TYR E 101 -47.73 -27.54 3.18
CA TYR E 101 -48.44 -26.28 3.07
C TYR E 101 -49.50 -26.31 1.98
N TYR E 102 -49.50 -27.33 1.11
CA TYR E 102 -50.55 -27.46 0.11
C TYR E 102 -51.05 -28.88 -0.11
N ASP E 103 -50.48 -29.88 0.55
CA ASP E 103 -51.01 -31.25 0.55
C ASP E 103 -51.17 -31.81 -0.86
N GLU E 104 -50.31 -31.38 -1.78
CA GLU E 104 -50.37 -31.86 -3.16
C GLU E 104 -48.94 -32.06 -3.66
N ASP E 105 -48.81 -32.23 -4.97
CA ASP E 105 -47.53 -32.38 -5.64
C ASP E 105 -47.12 -31.04 -6.26
N ILE E 106 -45.83 -30.93 -6.55
CA ILE E 106 -45.23 -29.65 -6.81
C ILE E 106 -45.12 -29.44 -8.31
N ASN E 107 -44.83 -28.20 -8.70
CA ASN E 107 -44.44 -27.84 -10.05
C ASN E 107 -42.99 -27.39 -10.06
N VAL E 108 -42.28 -27.74 -11.12
CA VAL E 108 -40.86 -27.44 -11.22
C VAL E 108 -40.61 -25.94 -11.19
N GLU E 109 -41.44 -25.16 -11.86
CA GLU E 109 -41.12 -23.76 -12.08
C GLU E 109 -41.13 -22.97 -10.79
N SER E 110 -41.71 -23.51 -9.73
CA SER E 110 -41.41 -23.02 -8.40
C SER E 110 -40.02 -23.49 -7.98
N LEU E 111 -39.74 -24.76 -8.20
CA LEU E 111 -38.49 -25.36 -7.72
C LEU E 111 -37.28 -24.68 -8.35
N THR E 112 -37.26 -24.59 -9.68
CA THR E 112 -36.12 -23.99 -10.33
C THR E 112 -36.05 -22.51 -10.01
N GLN E 113 -37.18 -21.89 -9.71
CA GLN E 113 -37.16 -20.52 -9.22
C GLN E 113 -36.66 -20.48 -7.78
N SER E 114 -37.01 -21.49 -7.00
CA SER E 114 -36.60 -21.51 -5.60
C SER E 114 -35.09 -21.59 -5.45
N VAL E 115 -34.48 -22.52 -6.16
CA VAL E 115 -33.03 -22.66 -6.10
C VAL E 115 -32.37 -21.43 -6.70
N CYS E 116 -32.95 -20.87 -7.75
CA CYS E 116 -32.42 -19.66 -8.34
C CYS E 116 -32.76 -18.43 -7.51
N ASP E 117 -33.78 -18.54 -6.65
CA ASP E 117 -34.02 -17.55 -5.61
C ASP E 117 -33.00 -17.65 -4.49
N LEU E 118 -32.26 -18.76 -4.42
CA LEU E 118 -31.28 -19.02 -3.37
C LEU E 118 -29.89 -18.55 -3.79
N ALA E 119 -29.49 -18.87 -5.01
CA ALA E 119 -28.13 -18.59 -5.46
C ALA E 119 -27.79 -17.12 -5.36
N LEU E 120 -28.78 -16.24 -5.48
CA LEU E 120 -28.58 -14.80 -5.36
C LEU E 120 -28.68 -14.33 -3.93
N ARG E 121 -28.57 -15.22 -2.95
CA ARG E 121 -28.63 -14.83 -1.56
C ARG E 121 -27.35 -14.16 -1.10
N PHE E 122 -26.29 -14.20 -1.88
CA PHE E 122 -25.08 -13.47 -1.54
C PHE E 122 -25.21 -12.01 -1.67
N GLY E 123 -26.34 -11.48 -2.09
CA GLY E 123 -26.53 -10.05 -2.20
C GLY E 123 -27.94 -9.68 -1.81
N GLU E 124 -28.59 -8.89 -2.64
CA GLU E 124 -29.98 -8.53 -2.37
C GLU E 124 -30.83 -9.78 -2.35
N GLY E 125 -31.62 -9.93 -1.29
CA GLY E 125 -32.52 -11.04 -1.18
C GLY E 125 -33.82 -10.72 -1.91
N ALA E 126 -34.35 -11.72 -2.59
CA ALA E 126 -35.63 -11.55 -3.29
C ALA E 126 -36.72 -11.15 -2.32
N SER E 127 -36.99 -11.99 -1.33
CA SER E 127 -37.99 -11.69 -0.31
C SER E 127 -37.42 -10.82 0.80
N GLY E 128 -36.79 -9.73 0.42
CA GLY E 128 -36.19 -8.82 1.39
C GLY E 128 -35.26 -9.49 2.37
N GLU E 129 -34.52 -10.49 1.92
CA GLU E 129 -33.70 -11.29 2.83
C GLU E 129 -32.40 -10.57 3.14
N GLU E 130 -31.48 -11.28 3.79
CA GLU E 130 -30.16 -10.79 4.13
C GLU E 130 -29.13 -11.66 3.43
N ARG E 131 -27.87 -11.46 3.78
CA ARG E 131 -26.76 -12.13 3.14
C ARG E 131 -26.32 -13.32 3.96
N LEU E 132 -25.93 -14.39 3.26
CA LEU E 132 -25.47 -15.62 3.89
C LEU E 132 -24.29 -16.25 3.18
N MET E 133 -23.72 -15.60 2.18
CA MET E 133 -22.65 -16.21 1.39
C MET E 133 -21.77 -15.14 0.79
N SER E 134 -20.48 -15.42 0.77
CA SER E 134 -19.48 -14.55 0.17
C SER E 134 -19.04 -15.02 -1.20
N ARG E 135 -19.62 -16.07 -1.73
CA ARG E 135 -19.02 -16.84 -2.81
C ARG E 135 -20.13 -17.49 -3.61
N PRO E 136 -20.51 -16.89 -4.75
CA PRO E 136 -21.43 -17.58 -5.64
C PRO E 136 -20.81 -18.87 -6.14
N PHE E 137 -21.57 -19.95 -6.01
CA PHE E 137 -21.00 -21.29 -6.04
C PHE E 137 -21.34 -21.96 -7.36
N GLY E 138 -20.32 -22.47 -8.02
CA GLY E 138 -20.42 -22.77 -9.42
C GLY E 138 -20.85 -24.17 -9.75
N VAL E 139 -22.14 -24.33 -10.02
CA VAL E 139 -22.69 -25.56 -10.59
C VAL E 139 -23.91 -25.18 -11.40
N ALA E 140 -24.27 -26.04 -12.33
CA ALA E 140 -25.26 -25.74 -13.35
C ALA E 140 -26.14 -26.97 -13.46
N LEU E 141 -27.24 -26.93 -12.72
CA LEU E 141 -28.09 -28.08 -12.57
C LEU E 141 -28.97 -28.27 -13.81
N LEU E 142 -29.65 -29.40 -13.85
CA LEU E 142 -30.58 -29.74 -14.92
C LEU E 142 -31.80 -30.38 -14.27
N ILE E 143 -32.79 -29.55 -13.95
CA ILE E 143 -33.95 -29.99 -13.19
C ILE E 143 -34.95 -30.56 -14.18
N ALA E 144 -34.82 -31.84 -14.46
CA ALA E 144 -35.83 -32.56 -15.23
C ALA E 144 -36.96 -32.99 -14.33
N GLY E 145 -38.16 -33.07 -14.88
CA GLY E 145 -39.28 -33.59 -14.13
C GLY E 145 -40.60 -33.32 -14.83
N HIS E 146 -41.64 -33.87 -14.23
CA HIS E 146 -42.99 -33.82 -14.75
C HIS E 146 -43.93 -33.04 -13.86
N ASP E 147 -44.75 -32.22 -14.48
CA ASP E 147 -45.96 -31.68 -13.89
C ASP E 147 -47.11 -31.98 -14.83
N ALA E 148 -48.31 -32.07 -14.27
CA ALA E 148 -49.49 -32.31 -15.10
C ALA E 148 -49.96 -31.06 -15.83
N ASP E 149 -49.26 -29.94 -15.70
CA ASP E 149 -49.66 -28.70 -16.34
C ASP E 149 -49.14 -28.59 -17.77
N ASP E 150 -47.86 -28.89 -17.97
CA ASP E 150 -47.25 -28.83 -19.28
C ASP E 150 -46.50 -30.10 -19.65
N GLY E 151 -46.24 -30.99 -18.69
CA GLY E 151 -45.73 -32.31 -19.00
C GLY E 151 -44.27 -32.49 -18.66
N TYR E 152 -43.49 -32.93 -19.63
CA TYR E 152 -42.09 -33.28 -19.44
C TYR E 152 -41.21 -32.14 -19.92
N GLN E 153 -40.45 -31.54 -19.00
CA GLN E 153 -39.50 -30.51 -19.38
C GLN E 153 -38.30 -30.55 -18.44
N LEU E 154 -37.24 -29.87 -18.87
CA LEU E 154 -36.03 -29.71 -18.07
C LEU E 154 -35.68 -28.25 -17.97
N PHE E 155 -34.54 -27.93 -17.37
CA PHE E 155 -34.12 -26.56 -17.17
C PHE E 155 -32.60 -26.50 -17.05
N HIS E 156 -32.10 -25.29 -16.84
CA HIS E 156 -30.68 -25.00 -16.67
C HIS E 156 -30.60 -23.87 -15.66
N ALA E 157 -30.06 -24.17 -14.48
CA ALA E 157 -30.03 -23.24 -13.37
C ALA E 157 -28.59 -22.89 -13.04
N GLU E 158 -28.19 -21.69 -13.40
CA GLU E 158 -26.87 -21.17 -13.06
C GLU E 158 -26.85 -20.73 -11.62
N PRO E 159 -25.66 -20.40 -11.08
CA PRO E 159 -25.61 -19.62 -9.85
C PRO E 159 -25.92 -18.15 -10.05
N SER E 160 -25.95 -17.70 -11.29
CA SER E 160 -26.15 -16.29 -11.60
C SER E 160 -27.58 -15.88 -11.61
N GLY E 161 -28.47 -16.63 -10.98
CA GLY E 161 -29.88 -16.32 -11.02
C GLY E 161 -30.63 -17.06 -12.10
N THR E 162 -30.76 -16.42 -13.26
CA THR E 162 -31.79 -16.78 -14.23
C THR E 162 -31.66 -18.21 -14.70
N PHE E 163 -32.79 -18.75 -15.15
CA PHE E 163 -32.90 -20.09 -15.70
C PHE E 163 -33.33 -20.01 -17.16
N TYR E 164 -33.30 -21.16 -17.82
CA TYR E 164 -33.83 -21.29 -19.16
C TYR E 164 -34.42 -22.67 -19.34
N ARG E 165 -35.54 -22.73 -20.06
CA ARG E 165 -36.13 -24.01 -20.44
C ARG E 165 -35.54 -24.44 -21.77
N TYR E 166 -34.42 -25.12 -21.70
CA TYR E 166 -33.92 -25.83 -22.87
C TYR E 166 -34.78 -27.05 -23.14
N ASN E 167 -34.89 -27.38 -24.43
CA ASN E 167 -35.33 -28.68 -24.87
C ASN E 167 -34.20 -29.67 -25.01
N ALA E 168 -32.95 -29.20 -25.01
CA ALA E 168 -31.80 -30.08 -25.08
C ALA E 168 -30.59 -29.32 -24.53
N LYS E 169 -30.14 -29.69 -23.35
CA LYS E 169 -29.07 -29.00 -22.67
C LYS E 169 -27.77 -29.80 -22.79
N ALA E 170 -26.67 -29.10 -22.57
CA ALA E 170 -25.37 -29.75 -22.49
C ALA E 170 -24.42 -28.74 -21.87
N ILE E 171 -23.83 -29.11 -20.75
CA ILE E 171 -23.01 -28.19 -19.96
C ILE E 171 -21.93 -28.98 -19.27
N GLY E 172 -20.74 -28.39 -19.25
CA GLY E 172 -19.57 -29.00 -18.66
C GLY E 172 -18.35 -28.77 -19.52
N SER E 173 -17.60 -29.84 -19.78
CA SER E 173 -16.43 -29.78 -20.64
C SER E 173 -16.75 -29.99 -22.10
N GLY E 174 -18.00 -29.84 -22.50
CA GLY E 174 -18.42 -30.18 -23.85
C GLY E 174 -19.49 -29.30 -24.45
N SER E 175 -19.83 -28.20 -23.79
CA SER E 175 -20.94 -27.40 -24.25
C SER E 175 -20.70 -26.78 -25.61
N GLU E 176 -19.44 -26.67 -26.04
CA GLU E 176 -19.15 -26.02 -27.29
C GLU E 176 -19.39 -26.94 -28.47
N GLY E 177 -19.03 -28.22 -28.31
CA GLY E 177 -19.11 -29.16 -29.40
C GLY E 177 -20.44 -29.87 -29.45
N ALA E 178 -20.94 -30.26 -28.28
CA ALA E 178 -22.15 -31.07 -28.23
C ALA E 178 -23.36 -30.26 -28.62
N GLN E 179 -23.65 -29.20 -27.88
CA GLN E 179 -24.82 -28.38 -28.12
C GLN E 179 -24.80 -27.71 -29.49
N ALA E 180 -23.67 -27.76 -30.19
CA ALA E 180 -23.67 -27.42 -31.60
C ALA E 180 -24.42 -28.44 -32.43
N GLU E 181 -24.23 -29.74 -32.14
CA GLU E 181 -24.71 -30.78 -33.02
C GLU E 181 -26.04 -31.38 -32.56
N LEU E 182 -26.44 -31.18 -31.30
CA LEU E 182 -27.81 -31.54 -30.97
C LEU E 182 -28.79 -30.73 -31.77
N LEU E 183 -28.38 -29.56 -32.25
CA LEU E 183 -29.21 -28.72 -33.09
C LEU E 183 -29.51 -29.34 -34.45
N ASN E 184 -28.82 -30.42 -34.84
CA ASN E 184 -29.18 -31.18 -36.02
C ASN E 184 -29.50 -32.63 -35.70
N GLU E 185 -29.79 -32.95 -34.44
CA GLU E 185 -30.21 -34.29 -34.05
C GLU E 185 -31.31 -34.25 -33.00
N TRP E 186 -32.17 -33.25 -33.08
CA TRP E 186 -33.33 -33.13 -32.20
C TRP E 186 -34.60 -33.20 -33.02
N HIS E 187 -35.48 -34.12 -32.65
CA HIS E 187 -36.77 -34.30 -33.28
C HIS E 187 -37.85 -34.17 -32.22
N SER E 188 -38.94 -33.50 -32.56
CA SER E 188 -40.07 -33.46 -31.66
C SER E 188 -40.73 -34.82 -31.50
N SER E 189 -40.49 -35.75 -32.42
CA SER E 189 -41.25 -36.97 -32.56
C SER E 189 -40.40 -38.20 -32.24
N LEU E 190 -39.62 -38.12 -31.18
CA LEU E 190 -38.72 -39.21 -30.82
C LEU E 190 -39.44 -40.28 -30.01
N THR E 191 -38.80 -41.43 -29.93
CA THR E 191 -39.14 -42.44 -28.94
C THR E 191 -38.37 -42.13 -27.68
N LEU E 192 -38.38 -43.07 -26.74
CA LEU E 192 -37.37 -43.07 -25.70
C LEU E 192 -36.08 -43.70 -26.23
N LYS E 193 -36.18 -44.90 -26.81
CA LYS E 193 -35.02 -45.58 -27.36
C LYS E 193 -34.44 -44.89 -28.59
N GLU E 194 -35.06 -43.83 -29.09
CA GLU E 194 -34.40 -42.92 -30.02
C GLU E 194 -33.59 -41.85 -29.31
N ALA E 195 -33.50 -41.92 -27.97
CA ALA E 195 -32.89 -40.89 -27.16
C ALA E 195 -31.64 -41.37 -26.44
N GLU E 196 -31.72 -42.50 -25.75
CA GLU E 196 -30.56 -43.00 -25.04
C GLU E 196 -29.44 -43.40 -25.99
N LEU E 197 -29.73 -43.55 -27.28
CA LEU E 197 -28.69 -43.87 -28.23
C LEU E 197 -27.74 -42.70 -28.40
N LEU E 198 -28.29 -41.57 -28.84
CA LEU E 198 -27.45 -40.43 -29.18
C LEU E 198 -26.75 -39.88 -27.95
N VAL E 199 -27.41 -39.92 -26.80
CA VAL E 199 -26.80 -39.36 -25.60
C VAL E 199 -25.56 -40.15 -25.23
N LEU E 200 -25.51 -41.42 -25.63
CA LEU E 200 -24.27 -42.17 -25.55
C LEU E 200 -23.34 -41.80 -26.69
N LYS E 201 -23.90 -41.54 -27.87
CA LYS E 201 -23.08 -41.15 -28.99
C LYS E 201 -22.38 -39.84 -28.72
N ILE E 202 -23.17 -38.81 -28.43
CA ILE E 202 -22.64 -37.47 -28.25
C ILE E 202 -21.62 -37.45 -27.13
N LEU E 203 -21.89 -38.20 -26.08
CA LEU E 203 -20.96 -38.29 -24.97
C LEU E 203 -19.70 -39.05 -25.33
N LYS E 204 -19.66 -39.70 -26.50
CA LYS E 204 -18.48 -40.38 -27.00
C LYS E 204 -17.58 -39.46 -27.81
N GLN E 205 -18.15 -38.67 -28.72
CA GLN E 205 -17.35 -37.73 -29.49
C GLN E 205 -16.63 -36.72 -28.62
N VAL E 206 -17.12 -36.48 -27.41
CA VAL E 206 -16.77 -35.27 -26.70
C VAL E 206 -15.55 -35.46 -25.81
N MET E 207 -15.31 -36.67 -25.32
CA MET E 207 -14.44 -36.89 -24.19
C MET E 207 -13.27 -37.80 -24.56
N GLU E 208 -12.50 -38.19 -23.55
CA GLU E 208 -11.21 -38.82 -23.77
C GLU E 208 -11.34 -40.31 -24.05
N GLU E 209 -11.84 -41.06 -23.06
CA GLU E 209 -11.65 -42.50 -23.04
C GLU E 209 -12.69 -43.22 -23.88
N LYS E 210 -12.38 -44.47 -24.19
CA LYS E 210 -13.39 -45.36 -24.76
C LYS E 210 -14.45 -45.64 -23.71
N LEU E 211 -15.67 -45.85 -24.17
CA LEU E 211 -16.78 -45.99 -23.24
C LEU E 211 -16.71 -47.31 -22.50
N ASP E 212 -17.60 -47.44 -21.53
CA ASP E 212 -17.71 -48.61 -20.69
C ASP E 212 -18.94 -48.44 -19.83
N GLU E 213 -19.41 -49.55 -19.27
CA GLU E 213 -20.46 -49.49 -18.28
C GLU E 213 -20.07 -48.69 -17.05
N ASN E 214 -18.76 -48.55 -16.79
CA ASN E 214 -18.26 -47.86 -15.61
C ASN E 214 -18.00 -46.38 -15.86
N ASN E 215 -17.51 -46.03 -17.05
CA ASN E 215 -17.16 -44.65 -17.36
C ASN E 215 -18.31 -43.88 -17.97
N ALA E 216 -19.54 -44.21 -17.60
CA ALA E 216 -20.68 -43.37 -17.91
C ALA E 216 -21.82 -43.74 -16.97
N GLN E 217 -22.95 -43.08 -17.19
CA GLN E 217 -24.14 -43.25 -16.37
C GLN E 217 -25.24 -42.48 -17.03
N LEU E 218 -26.47 -42.97 -16.90
CA LEU E 218 -27.60 -42.20 -17.41
C LEU E 218 -28.89 -42.72 -16.80
N SER E 219 -29.94 -41.95 -17.03
CA SER E 219 -31.22 -42.19 -16.40
C SER E 219 -32.32 -41.69 -17.31
N CYS E 220 -33.56 -42.01 -16.94
CA CYS E 220 -34.72 -41.52 -17.65
C CYS E 220 -35.85 -41.28 -16.68
N ILE E 221 -36.72 -40.35 -17.05
CA ILE E 221 -37.90 -40.01 -16.28
C ILE E 221 -39.12 -40.53 -17.03
N THR E 222 -40.11 -40.97 -16.28
CA THR E 222 -41.44 -41.20 -16.82
C THR E 222 -42.39 -41.06 -15.64
N LYS E 223 -43.58 -40.52 -15.92
CA LYS E 223 -44.47 -40.06 -14.86
C LYS E 223 -44.84 -41.18 -13.90
N GLN E 224 -44.94 -42.42 -14.37
CA GLN E 224 -45.43 -43.51 -13.54
C GLN E 224 -44.33 -44.22 -12.76
N ASP E 225 -43.13 -44.33 -13.33
CA ASP E 225 -42.04 -45.03 -12.65
C ASP E 225 -41.14 -44.08 -11.88
N GLY E 226 -40.99 -42.85 -12.35
CA GLY E 226 -40.27 -41.83 -11.63
C GLY E 226 -38.82 -41.70 -12.04
N PHE E 227 -37.96 -41.33 -11.09
CA PHE E 227 -36.54 -41.17 -11.34
C PHE E 227 -35.87 -42.55 -11.30
N LYS E 228 -36.04 -43.29 -12.40
CA LYS E 228 -35.46 -44.61 -12.54
C LYS E 228 -34.15 -44.49 -13.30
N ILE E 229 -33.04 -44.58 -12.57
CA ILE E 229 -31.72 -44.69 -13.18
C ILE E 229 -31.46 -46.14 -13.56
N TYR E 230 -30.40 -46.36 -14.33
CA TYR E 230 -30.10 -47.63 -14.94
C TYR E 230 -28.87 -48.26 -14.30
N ASP E 231 -28.94 -49.57 -14.10
CA ASP E 231 -27.81 -50.31 -13.55
C ASP E 231 -26.66 -50.32 -14.54
N ASN E 232 -25.48 -50.72 -14.07
CA ASN E 232 -24.36 -50.91 -14.97
C ASN E 232 -24.65 -51.99 -15.99
N GLU E 233 -25.42 -53.01 -15.61
CA GLU E 233 -25.70 -54.12 -16.51
C GLU E 233 -26.52 -53.66 -17.70
N LYS E 234 -27.66 -53.02 -17.42
CA LYS E 234 -28.54 -52.57 -18.50
C LYS E 234 -27.85 -51.56 -19.40
N THR E 235 -27.14 -50.62 -18.79
CA THR E 235 -26.46 -49.61 -19.59
C THR E 235 -25.41 -50.23 -20.49
N ALA E 236 -24.83 -51.36 -20.08
CA ALA E 236 -23.82 -52.00 -20.89
C ALA E 236 -24.41 -52.53 -22.18
N GLU E 237 -25.67 -52.92 -22.18
CA GLU E 237 -26.25 -53.60 -23.33
C GLU E 237 -26.67 -52.62 -24.41
N LEU E 238 -26.82 -51.34 -24.06
CA LEU E 238 -27.03 -50.32 -25.08
C LEU E 238 -25.74 -49.97 -25.79
N ILE E 239 -24.62 -50.02 -25.07
CA ILE E 239 -23.34 -49.67 -25.66
C ILE E 239 -23.00 -50.64 -26.78
N LYS E 240 -23.15 -51.94 -26.50
CA LYS E 240 -23.04 -52.93 -27.56
C LYS E 240 -24.07 -52.68 -28.66
N GLU E 241 -25.27 -52.24 -28.28
CA GLU E 241 -26.32 -52.01 -29.27
C GLU E 241 -25.90 -50.92 -30.24
N LEU E 242 -25.13 -49.95 -29.78
CA LEU E 242 -24.66 -48.88 -30.66
C LEU E 242 -23.75 -49.44 -31.74
N LYS E 243 -22.91 -50.41 -31.37
CA LYS E 243 -21.84 -50.86 -32.25
C LYS E 243 -22.39 -51.61 -33.44
N GLU E 244 -23.12 -52.71 -33.18
CA GLU E 244 -23.74 -53.47 -34.26
C GLU E 244 -24.70 -52.60 -35.07
N LYS E 245 -25.31 -51.59 -34.44
CA LYS E 245 -26.07 -50.63 -35.20
C LYS E 245 -25.15 -49.77 -36.06
N GLU E 246 -23.98 -49.43 -35.53
CA GLU E 246 -23.08 -48.53 -36.23
C GLU E 246 -22.49 -49.15 -37.48
N ALA E 247 -22.47 -50.48 -37.57
CA ALA E 247 -21.91 -51.17 -38.73
C ALA E 247 -22.62 -50.77 -40.01
N ARG F 1 -6.05 7.37 -14.83
CA ARG F 1 -6.93 6.41 -14.18
C ARG F 1 -8.06 7.14 -13.46
N ASN F 2 -9.29 6.81 -13.84
CA ASN F 2 -10.48 7.38 -13.23
C ASN F 2 -10.67 6.70 -11.90
N ASN F 3 -10.02 7.23 -10.87
CA ASN F 3 -10.02 6.62 -9.56
C ASN F 3 -11.33 6.96 -8.89
N TYR F 4 -11.44 6.72 -7.59
CA TYR F 4 -12.61 7.11 -6.81
C TYR F 4 -13.86 6.34 -7.23
N ASP F 5 -13.69 5.20 -7.88
CA ASP F 5 -14.80 4.40 -8.41
C ASP F 5 -14.68 2.95 -7.99
N GLY F 6 -14.39 2.73 -6.71
CA GLY F 6 -14.34 1.40 -6.16
C GLY F 6 -15.60 1.04 -5.42
N ASP F 7 -16.43 2.03 -5.11
CA ASP F 7 -17.64 1.81 -4.35
C ASP F 7 -18.43 3.11 -4.29
N THR F 8 -19.71 2.98 -3.93
CA THR F 8 -20.68 4.05 -4.04
C THR F 8 -20.69 4.96 -2.82
N VAL F 9 -19.65 4.92 -2.02
CA VAL F 9 -19.50 5.85 -0.91
C VAL F 9 -18.82 7.14 -1.33
N THR F 10 -17.92 7.09 -2.29
CA THR F 10 -17.08 8.21 -2.64
C THR F 10 -17.71 9.03 -3.74
N PHE F 11 -17.47 10.34 -3.68
CA PHE F 11 -17.82 11.22 -4.76
C PHE F 11 -16.73 11.24 -5.82
N SER F 12 -17.03 11.87 -6.93
CA SER F 12 -15.99 12.21 -7.89
C SER F 12 -15.15 13.31 -7.29
N PRO F 13 -14.10 13.75 -7.97
CA PRO F 13 -13.48 15.02 -7.63
C PRO F 13 -14.25 16.25 -8.11
N THR F 14 -15.47 16.07 -8.63
CA THR F 14 -16.30 17.15 -9.13
C THR F 14 -17.66 17.21 -8.47
N GLY F 15 -18.25 16.07 -8.12
CA GLY F 15 -19.63 16.02 -7.69
C GLY F 15 -20.42 14.90 -8.34
N ARG F 16 -19.73 13.93 -8.92
CA ARG F 16 -20.32 12.84 -9.66
C ARG F 16 -20.03 11.53 -8.94
N LEU F 17 -20.88 10.55 -9.22
CA LEU F 17 -20.74 9.20 -8.71
C LEU F 17 -20.57 8.25 -9.89
N PHE F 18 -19.56 7.40 -9.80
CA PHE F 18 -19.15 6.61 -10.96
C PHE F 18 -19.78 5.23 -10.98
N GLN F 19 -19.92 4.61 -9.82
CA GLN F 19 -20.53 3.29 -9.77
C GLN F 19 -21.96 3.36 -10.27
N VAL F 20 -22.70 4.37 -9.84
CA VAL F 20 -23.99 4.67 -10.45
C VAL F 20 -23.84 4.89 -11.94
N GLU F 21 -22.97 5.83 -12.30
CA GLU F 21 -22.78 6.19 -13.70
C GLU F 21 -22.28 5.02 -14.53
N TYR F 22 -21.74 3.99 -13.89
CA TYR F 22 -21.37 2.77 -14.58
C TYR F 22 -22.52 1.79 -14.63
N ALA F 23 -23.47 1.91 -13.72
CA ALA F 23 -24.64 1.03 -13.76
C ALA F 23 -25.46 1.30 -15.02
N LEU F 24 -25.58 2.58 -15.38
CA LEU F 24 -26.43 2.97 -16.49
C LEU F 24 -26.02 2.36 -17.81
N GLU F 25 -24.81 1.82 -17.91
CA GLU F 25 -24.42 1.09 -19.10
C GLU F 25 -24.75 -0.39 -18.98
N ALA F 26 -25.41 -0.79 -17.90
CA ALA F 26 -25.94 -2.15 -17.81
C ALA F 26 -27.21 -2.29 -18.62
N ILE F 27 -28.12 -1.34 -18.48
CA ILE F 27 -29.35 -1.35 -19.27
C ILE F 27 -29.04 -1.35 -20.75
N LYS F 28 -27.94 -0.72 -21.12
CA LYS F 28 -27.54 -0.59 -22.50
C LYS F 28 -27.03 -1.89 -23.10
N GLN F 29 -26.76 -2.90 -22.29
CA GLN F 29 -26.39 -4.22 -22.78
C GLN F 29 -27.44 -5.25 -22.42
N GLY F 30 -28.69 -4.81 -22.36
CA GLY F 30 -29.83 -5.69 -22.35
C GLY F 30 -30.65 -5.46 -23.60
N SER F 31 -31.91 -5.87 -23.57
CA SER F 31 -32.78 -5.74 -24.71
C SER F 31 -33.55 -4.43 -24.62
N VAL F 32 -34.53 -4.26 -25.48
CA VAL F 32 -35.30 -3.04 -25.60
C VAL F 32 -36.71 -3.29 -25.10
N THR F 33 -37.34 -2.21 -24.66
CA THR F 33 -38.73 -2.26 -24.24
C THR F 33 -39.25 -0.83 -24.21
N VAL F 34 -40.55 -0.69 -24.47
CA VAL F 34 -41.14 0.60 -24.79
C VAL F 34 -42.51 0.69 -24.14
N GLY F 35 -42.97 1.92 -23.93
CA GLY F 35 -44.24 2.17 -23.29
C GLY F 35 -44.88 3.46 -23.74
N LEU F 36 -46.20 3.42 -23.95
CA LEU F 36 -46.99 4.55 -24.41
C LEU F 36 -48.02 4.92 -23.34
N ARG F 37 -48.78 5.97 -23.64
CA ARG F 37 -49.92 6.38 -22.83
C ARG F 37 -50.99 6.95 -23.73
N SER F 38 -52.23 6.71 -23.34
CA SER F 38 -53.37 7.47 -23.78
C SER F 38 -54.10 7.97 -22.54
N ASN F 39 -55.10 8.80 -22.75
CA ASN F 39 -55.87 9.29 -21.61
C ASN F 39 -56.85 8.26 -21.06
N THR F 40 -56.91 7.08 -21.66
CA THR F 40 -57.73 5.99 -21.17
C THR F 40 -56.98 4.68 -21.05
N HIS F 41 -56.06 4.40 -21.97
CA HIS F 41 -55.43 3.10 -22.08
C HIS F 41 -53.95 3.27 -22.39
N ALA F 42 -53.11 2.55 -21.65
CA ALA F 42 -51.68 2.52 -21.89
C ALA F 42 -51.21 1.09 -22.11
N VAL F 43 -49.94 0.97 -22.47
CA VAL F 43 -49.44 -0.24 -23.11
C VAL F 43 -47.93 -0.24 -23.04
N LEU F 44 -47.32 -1.41 -23.19
CA LEU F 44 -45.88 -1.52 -23.30
C LEU F 44 -45.56 -2.74 -24.14
N VAL F 45 -44.37 -2.72 -24.73
CA VAL F 45 -43.92 -3.74 -25.66
C VAL F 45 -42.44 -3.97 -25.42
N ALA F 46 -42.00 -5.22 -25.64
CA ALA F 46 -40.61 -5.56 -25.43
C ALA F 46 -40.23 -6.74 -26.30
N LEU F 47 -39.07 -6.61 -26.95
CA LEU F 47 -38.43 -7.73 -27.64
C LEU F 47 -37.57 -8.47 -26.64
N LYS F 48 -37.76 -9.78 -26.55
CA LYS F 48 -37.06 -10.63 -25.61
C LYS F 48 -36.09 -11.51 -26.36
N ARG F 49 -34.85 -11.52 -25.92
CA ARG F 49 -33.79 -12.22 -26.61
C ARG F 49 -33.74 -13.68 -26.19
N ASN F 50 -33.28 -14.51 -27.11
CA ASN F 50 -33.13 -15.93 -26.85
C ASN F 50 -31.86 -16.17 -26.03
N ALA F 51 -31.50 -17.43 -25.91
CA ALA F 51 -30.19 -17.86 -25.44
C ALA F 51 -29.45 -18.66 -26.49
N ASP F 52 -30.16 -19.25 -27.43
CA ASP F 52 -29.59 -19.94 -28.57
C ASP F 52 -30.70 -20.12 -29.58
N GLU F 53 -30.48 -20.99 -30.58
CA GLU F 53 -31.52 -21.30 -31.54
C GLU F 53 -32.53 -22.32 -31.01
N LEU F 54 -32.44 -22.70 -29.74
CA LEU F 54 -33.24 -23.77 -29.18
C LEU F 54 -33.90 -23.45 -27.85
N SER F 55 -33.40 -22.50 -27.09
CA SER F 55 -33.87 -22.28 -25.74
C SER F 55 -35.26 -21.67 -25.75
N SER F 56 -35.77 -21.44 -24.55
CA SER F 56 -36.93 -20.61 -24.35
C SER F 56 -36.50 -19.16 -24.39
N TYR F 57 -37.42 -18.27 -24.07
CA TYR F 57 -37.18 -16.85 -23.98
C TYR F 57 -37.33 -16.41 -22.53
N GLN F 58 -37.06 -15.13 -22.30
CA GLN F 58 -36.86 -14.58 -20.97
C GLN F 58 -38.14 -13.92 -20.46
N LYS F 59 -38.60 -14.38 -19.31
CA LYS F 59 -39.76 -13.75 -18.68
C LYS F 59 -39.39 -12.32 -18.37
N LYS F 60 -39.97 -11.40 -19.13
CA LYS F 60 -39.59 -10.01 -19.13
C LYS F 60 -40.66 -9.08 -18.58
N ILE F 61 -41.91 -9.50 -18.63
CA ILE F 61 -43.04 -8.73 -18.14
C ILE F 61 -43.66 -9.50 -17.00
N ILE F 62 -44.09 -8.80 -15.97
CA ILE F 62 -44.45 -9.42 -14.71
C ILE F 62 -45.54 -8.62 -14.04
N LYS F 63 -46.57 -9.33 -13.56
CA LYS F 63 -47.73 -8.70 -12.94
C LYS F 63 -47.41 -8.46 -11.48
N CYS F 64 -47.24 -7.19 -11.12
CA CYS F 64 -47.07 -6.84 -9.73
C CYS F 64 -48.42 -6.72 -9.04
N ASP F 65 -49.43 -6.25 -9.75
CA ASP F 65 -50.80 -6.27 -9.28
C ASP F 65 -51.68 -6.14 -10.51
N GLU F 66 -53.00 -6.01 -10.33
CA GLU F 66 -53.88 -6.01 -11.48
C GLU F 66 -53.98 -4.66 -12.15
N HIS F 67 -53.90 -3.59 -11.37
CA HIS F 67 -53.99 -2.23 -11.91
C HIS F 67 -52.64 -1.66 -12.26
N MET F 68 -51.62 -2.49 -12.37
CA MET F 68 -50.26 -1.99 -12.45
C MET F 68 -49.33 -3.14 -12.77
N GLY F 69 -48.33 -2.87 -13.60
CA GLY F 69 -47.37 -3.87 -13.98
C GLY F 69 -46.05 -3.20 -14.30
N LEU F 70 -45.16 -3.88 -15.00
CA LEU F 70 -43.89 -3.26 -15.37
C LEU F 70 -43.29 -3.99 -16.55
N SER F 71 -42.11 -3.51 -16.96
CA SER F 71 -41.39 -4.07 -18.09
C SER F 71 -39.93 -3.70 -17.91
N LEU F 72 -39.11 -4.69 -17.63
CA LEU F 72 -37.73 -4.45 -17.27
C LEU F 72 -36.87 -4.31 -18.52
N ALA F 73 -35.64 -3.88 -18.28
CA ALA F 73 -34.64 -3.74 -19.34
C ALA F 73 -33.29 -3.67 -18.67
N GLY F 74 -32.46 -4.67 -18.91
CA GLY F 74 -31.19 -4.81 -18.23
C GLY F 74 -31.15 -6.02 -17.31
N LEU F 75 -30.49 -5.88 -16.18
CA LEU F 75 -30.22 -7.02 -15.32
C LEU F 75 -31.49 -7.45 -14.61
N ALA F 76 -31.89 -8.68 -14.86
CA ALA F 76 -33.20 -9.18 -14.46
C ALA F 76 -33.27 -9.63 -13.01
N PRO F 77 -32.33 -10.42 -12.52
CA PRO F 77 -32.46 -10.93 -11.14
C PRO F 77 -32.55 -9.84 -10.09
N ASP F 78 -31.94 -8.69 -10.33
CA ASP F 78 -32.11 -7.56 -9.45
C ASP F 78 -33.44 -6.85 -9.66
N ALA F 79 -34.16 -7.20 -10.72
CA ALA F 79 -35.51 -6.68 -10.90
C ALA F 79 -36.52 -7.48 -10.11
N ARG F 80 -36.29 -8.79 -9.98
CA ARG F 80 -37.18 -9.63 -9.20
C ARG F 80 -37.31 -9.13 -7.77
N VAL F 81 -36.26 -8.50 -7.25
CA VAL F 81 -36.34 -7.91 -5.92
C VAL F 81 -37.39 -6.84 -5.88
N LEU F 82 -37.35 -5.93 -6.86
CA LEU F 82 -38.31 -4.85 -6.88
C LEU F 82 -39.71 -5.37 -7.15
N SER F 83 -39.82 -6.36 -8.05
CA SER F 83 -41.12 -6.90 -8.39
C SER F 83 -41.79 -7.53 -7.18
N ASN F 84 -41.01 -8.21 -6.35
CA ASN F 84 -41.56 -8.71 -5.11
C ASN F 84 -41.91 -7.58 -4.16
N TYR F 85 -41.25 -6.43 -4.28
CA TYR F 85 -41.47 -5.37 -3.31
C TYR F 85 -42.82 -4.71 -3.55
N LEU F 86 -43.11 -4.34 -4.80
CA LEU F 86 -44.42 -3.81 -5.13
C LEU F 86 -45.52 -4.79 -4.76
N ARG F 87 -45.29 -6.06 -5.00
CA ARG F 87 -46.28 -7.08 -4.71
C ARG F 87 -46.61 -7.18 -3.22
N GLN F 88 -45.80 -6.57 -2.35
CA GLN F 88 -46.10 -6.49 -0.93
C GLN F 88 -46.85 -5.22 -0.56
N GLN F 89 -46.40 -4.08 -1.06
CA GLN F 89 -47.10 -2.82 -0.80
C GLN F 89 -48.53 -2.88 -1.31
N CYS F 90 -48.71 -3.31 -2.56
CA CYS F 90 -50.05 -3.43 -3.11
C CYS F 90 -50.89 -4.41 -2.31
N ASN F 91 -50.27 -5.46 -1.80
CA ASN F 91 -50.91 -6.42 -0.92
C ASN F 91 -50.85 -5.97 0.54
N TYR F 92 -50.50 -4.71 0.79
CA TYR F 92 -50.56 -4.10 2.11
C TYR F 92 -51.56 -2.97 2.20
N SER F 93 -51.65 -2.15 1.16
CA SER F 93 -52.60 -1.07 1.10
C SER F 93 -53.94 -1.49 0.56
N SER F 94 -54.25 -2.79 0.64
CA SER F 94 -55.58 -3.31 0.36
C SER F 94 -56.08 -4.26 1.44
N LEU F 95 -55.21 -4.76 2.31
CA LEU F 95 -55.62 -5.47 3.50
C LEU F 95 -55.87 -4.54 4.66
N VAL F 96 -55.59 -3.25 4.50
CA VAL F 96 -55.57 -2.33 5.63
C VAL F 96 -56.48 -1.16 5.31
N PHE F 97 -56.21 -0.49 4.19
CA PHE F 97 -57.02 0.65 3.75
C PHE F 97 -58.08 0.27 2.74
N ASN F 98 -57.86 -0.81 1.99
CA ASN F 98 -58.71 -1.26 0.91
C ASN F 98 -58.62 -0.35 -0.32
N ARG F 99 -57.77 0.68 -0.29
CA ARG F 99 -57.70 1.62 -1.40
C ARG F 99 -56.82 1.08 -2.50
N LYS F 100 -57.21 1.38 -3.73
CA LYS F 100 -56.36 1.10 -4.87
C LYS F 100 -55.10 1.92 -4.77
N LEU F 101 -53.96 1.25 -4.79
CA LEU F 101 -52.69 1.95 -4.61
C LEU F 101 -52.42 2.84 -5.81
N ALA F 102 -52.18 4.12 -5.53
CA ALA F 102 -51.93 5.06 -6.61
C ALA F 102 -50.59 4.73 -7.25
N VAL F 103 -50.62 4.62 -8.58
CA VAL F 103 -49.44 4.20 -9.32
C VAL F 103 -48.28 5.16 -9.08
N GLU F 104 -48.59 6.45 -8.96
CA GLU F 104 -47.54 7.43 -8.76
C GLU F 104 -46.90 7.28 -7.40
N ARG F 105 -47.60 6.72 -6.43
CA ARG F 105 -47.01 6.51 -5.12
C ARG F 105 -45.93 5.44 -5.17
N ALA F 106 -45.99 4.53 -6.13
CA ALA F 106 -45.00 3.46 -6.21
C ALA F 106 -43.62 4.04 -6.50
N GLY F 107 -43.47 4.72 -7.64
CA GLY F 107 -42.22 5.40 -7.93
C GLY F 107 -41.82 6.43 -6.91
N HIS F 108 -42.76 6.91 -6.10
CA HIS F 108 -42.47 7.85 -5.05
C HIS F 108 -41.83 7.22 -3.82
N LEU F 109 -41.57 5.92 -3.84
CA LEU F 109 -40.84 5.26 -2.76
C LEU F 109 -39.77 4.29 -3.24
N LEU F 110 -39.85 3.77 -4.45
CA LEU F 110 -38.72 3.04 -5.01
C LEU F 110 -37.48 3.92 -5.02
N CYS F 111 -37.65 5.20 -5.34
CA CYS F 111 -36.55 6.15 -5.26
C CYS F 111 -36.01 6.26 -3.84
N ASP F 112 -36.87 6.04 -2.85
CA ASP F 112 -36.42 6.00 -1.47
C ASP F 112 -35.83 4.65 -1.08
N LYS F 113 -35.65 3.74 -2.04
CA LYS F 113 -34.86 2.52 -1.85
C LYS F 113 -33.56 2.50 -2.63
N ALA F 114 -33.59 2.91 -3.89
CA ALA F 114 -32.35 2.98 -4.65
C ALA F 114 -31.38 3.96 -4.06
N GLN F 115 -31.85 4.87 -3.22
CA GLN F 115 -30.96 5.79 -2.53
C GLN F 115 -30.27 5.09 -1.38
N LYS F 116 -31.02 4.37 -0.56
CA LYS F 116 -30.41 3.83 0.65
C LYS F 116 -29.47 2.69 0.38
N ASN F 117 -29.37 2.22 -0.86
CA ASN F 117 -28.27 1.37 -1.27
C ASN F 117 -27.09 2.17 -1.79
N THR F 118 -27.37 3.36 -2.33
CA THR F 118 -26.32 4.22 -2.85
C THR F 118 -25.38 4.68 -1.74
N GLN F 119 -25.85 4.75 -0.51
CA GLN F 119 -25.06 5.37 0.55
C GLN F 119 -23.99 4.43 1.07
N SER F 120 -24.41 3.33 1.67
CA SER F 120 -23.58 2.64 2.63
C SER F 120 -22.67 1.60 1.99
N TYR F 121 -21.62 1.26 2.72
CA TYR F 121 -20.63 0.29 2.30
C TYR F 121 -21.26 -1.08 2.29
N GLY F 122 -21.51 -1.61 1.11
CA GLY F 122 -22.05 -2.95 0.94
C GLY F 122 -23.15 -2.93 -0.10
N GLY F 123 -23.43 -4.10 -0.64
CA GLY F 123 -24.41 -4.22 -1.67
C GLY F 123 -24.00 -3.42 -2.89
N ARG F 124 -25.00 -3.08 -3.67
CA ARG F 124 -24.80 -2.43 -4.94
C ARG F 124 -25.95 -1.48 -5.18
N PRO F 125 -25.93 -0.72 -6.27
CA PRO F 125 -27.15 -0.10 -6.76
C PRO F 125 -27.96 -1.11 -7.55
N TYR F 126 -29.27 -0.87 -7.59
CA TYR F 126 -30.13 -1.80 -8.30
C TYR F 126 -29.91 -1.59 -9.78
N GLY F 127 -28.99 -2.37 -10.33
CA GLY F 127 -28.50 -2.16 -11.67
C GLY F 127 -29.50 -2.54 -12.74
N VAL F 128 -30.61 -1.82 -12.79
CA VAL F 128 -31.59 -2.00 -13.84
C VAL F 128 -32.50 -0.79 -13.86
N GLY F 129 -32.91 -0.42 -15.05
CA GLY F 129 -33.95 0.57 -15.25
C GLY F 129 -35.19 -0.15 -15.75
N LEU F 130 -36.36 0.41 -15.42
CA LEU F 130 -37.58 -0.28 -15.79
C LEU F 130 -38.72 0.71 -15.86
N LEU F 131 -39.82 0.24 -16.44
CA LEU F 131 -40.99 1.04 -16.76
C LEU F 131 -42.18 0.52 -15.98
N ILE F 132 -43.05 1.45 -15.59
CA ILE F 132 -44.27 1.12 -14.88
C ILE F 132 -45.43 1.81 -15.58
N ILE F 133 -46.58 1.14 -15.56
CA ILE F 133 -47.83 1.64 -16.10
C ILE F 133 -48.86 1.52 -15.00
N GLY F 134 -50.10 1.83 -15.30
CA GLY F 134 -51.17 1.56 -14.37
C GLY F 134 -52.33 2.53 -14.53
N TYR F 135 -53.52 1.99 -14.31
CA TYR F 135 -54.74 2.77 -14.16
C TYR F 135 -55.04 2.92 -12.68
N ASP F 136 -55.71 4.02 -12.32
CA ASP F 136 -56.13 4.22 -10.96
C ASP F 136 -57.41 5.05 -10.96
N LYS F 137 -57.80 5.52 -9.78
CA LYS F 137 -58.96 6.39 -9.68
C LYS F 137 -58.73 7.78 -10.24
N SER F 138 -57.53 8.07 -10.74
CA SER F 138 -57.17 9.35 -11.32
C SER F 138 -57.07 9.32 -12.84
N GLY F 139 -56.59 8.21 -13.38
CA GLY F 139 -56.36 8.09 -14.81
C GLY F 139 -55.13 7.27 -15.11
N ALA F 140 -54.91 6.94 -16.37
CA ALA F 140 -53.77 6.12 -16.72
C ALA F 140 -52.48 6.91 -16.55
N HIS F 141 -51.39 6.16 -16.40
CA HIS F 141 -50.07 6.76 -16.19
C HIS F 141 -49.00 5.87 -16.78
N LEU F 142 -47.80 6.44 -16.88
CA LEU F 142 -46.58 5.70 -17.11
C LEU F 142 -45.50 6.31 -16.25
N LEU F 143 -44.77 5.45 -15.53
CA LEU F 143 -43.66 5.87 -14.70
C LEU F 143 -42.45 5.00 -15.00
N GLU F 144 -41.32 5.62 -15.30
CA GLU F 144 -40.11 4.90 -15.56
C GLU F 144 -39.25 4.84 -14.30
N PHE F 145 -38.10 4.20 -14.45
CA PHE F 145 -37.16 4.02 -13.36
C PHE F 145 -35.81 3.79 -13.98
N GLN F 146 -34.84 4.56 -13.55
CA GLN F 146 -33.44 4.30 -13.81
C GLN F 146 -32.73 4.17 -12.47
N PRO F 147 -31.65 3.38 -12.39
CA PRO F 147 -31.12 2.97 -11.08
C PRO F 147 -30.79 4.10 -10.12
N SER F 148 -30.52 5.31 -10.59
CA SER F 148 -30.04 6.32 -9.67
C SER F 148 -31.13 6.82 -8.72
N GLY F 149 -32.39 6.52 -8.99
CA GLY F 149 -33.49 6.92 -8.12
C GLY F 149 -34.53 7.76 -8.82
N ASN F 150 -34.09 8.63 -9.71
CA ASN F 150 -34.97 9.55 -10.40
C ASN F 150 -35.98 8.79 -11.25
N VAL F 151 -37.25 8.85 -10.84
CA VAL F 151 -38.35 8.39 -11.66
C VAL F 151 -39.07 9.61 -12.23
N THR F 152 -39.84 9.38 -13.28
CA THR F 152 -40.47 10.46 -14.04
C THR F 152 -41.77 9.99 -14.64
N GLU F 153 -42.76 10.87 -14.62
CA GLU F 153 -44.07 10.60 -15.22
C GLU F 153 -44.09 11.13 -16.63
N LEU F 154 -44.53 10.30 -17.57
CA LEU F 154 -44.31 10.50 -18.99
C LEU F 154 -45.55 10.11 -19.77
N TYR F 155 -45.55 10.48 -21.05
CA TYR F 155 -46.50 9.95 -22.01
C TYR F 155 -46.00 8.67 -22.65
N GLY F 156 -44.73 8.63 -23.01
CA GLY F 156 -44.15 7.42 -23.56
C GLY F 156 -42.66 7.52 -23.80
N THR F 157 -41.93 6.47 -23.44
CA THR F 157 -40.49 6.43 -23.60
C THR F 157 -40.08 5.01 -23.93
N ALA F 158 -38.77 4.81 -24.07
CA ALA F 158 -38.20 3.49 -24.25
C ALA F 158 -36.77 3.51 -23.76
N ILE F 159 -36.25 2.31 -23.53
CA ILE F 159 -34.93 2.13 -22.93
C ILE F 159 -34.33 0.84 -23.48
N GLY F 160 -33.06 0.65 -23.17
CA GLY F 160 -32.33 -0.53 -23.57
C GLY F 160 -31.34 -0.26 -24.67
N ALA F 161 -30.89 -1.34 -25.28
CA ALA F 161 -29.91 -1.25 -26.35
C ALA F 161 -30.61 -0.88 -27.64
N ARG F 162 -30.18 0.22 -28.24
CA ARG F 162 -30.72 0.68 -29.51
C ARG F 162 -32.21 1.00 -29.36
N SER F 163 -32.48 1.98 -28.52
CA SER F 163 -33.82 2.43 -28.21
C SER F 163 -34.13 3.80 -28.78
N GLN F 164 -33.13 4.68 -28.84
CA GLN F 164 -33.32 6.00 -29.42
C GLN F 164 -33.71 5.96 -30.88
N GLY F 165 -33.50 4.82 -31.54
CA GLY F 165 -34.13 4.53 -32.81
C GLY F 165 -35.63 4.33 -32.74
N ALA F 166 -36.24 4.47 -31.56
CA ALA F 166 -37.69 4.46 -31.37
C ALA F 166 -38.21 5.75 -30.80
N LYS F 167 -37.42 6.40 -29.95
CA LYS F 167 -37.87 7.64 -29.31
C LYS F 167 -38.22 8.71 -30.32
N THR F 168 -37.52 8.72 -31.46
CA THR F 168 -37.77 9.76 -32.44
C THR F 168 -39.12 9.57 -33.09
N TYR F 169 -39.53 8.32 -33.28
CA TYR F 169 -40.90 8.05 -33.68
C TYR F 169 -41.88 8.72 -32.74
N LEU F 170 -41.60 8.63 -31.44
CA LEU F 170 -42.51 9.20 -30.45
C LEU F 170 -42.50 10.71 -30.53
N GLU F 171 -41.32 11.33 -30.42
CA GLU F 171 -41.19 12.77 -30.55
C GLU F 171 -41.71 13.27 -31.88
N ARG F 172 -41.78 12.41 -32.90
CA ARG F 172 -42.33 12.80 -34.18
C ARG F 172 -43.85 12.70 -34.20
N THR F 173 -44.42 11.74 -33.46
CA THR F 173 -45.83 11.41 -33.53
C THR F 173 -46.53 11.55 -32.19
N LEU F 174 -45.98 12.34 -31.28
CA LEU F 174 -46.52 12.40 -29.93
C LEU F 174 -47.92 12.99 -29.91
N ASP F 175 -48.18 13.99 -30.74
CA ASP F 175 -49.45 14.70 -30.65
C ASP F 175 -50.64 13.87 -31.11
N THR F 176 -50.41 12.70 -31.69
CA THR F 176 -51.49 11.90 -32.26
C THR F 176 -52.10 10.95 -31.24
N PHE F 177 -51.28 10.08 -30.67
CA PHE F 177 -51.75 8.92 -29.92
C PHE F 177 -51.96 9.20 -28.44
N ILE F 178 -52.16 10.46 -28.05
CA ILE F 178 -52.45 10.82 -26.68
C ILE F 178 -53.91 11.20 -26.50
N LYS F 179 -54.50 11.86 -27.49
CA LYS F 179 -55.94 12.10 -27.49
C LYS F 179 -56.70 10.81 -27.70
N ILE F 180 -56.05 9.84 -28.35
CA ILE F 180 -56.71 8.61 -28.71
C ILE F 180 -57.20 7.88 -27.48
N ASP F 181 -58.32 7.20 -27.63
CA ASP F 181 -58.95 6.49 -26.51
C ASP F 181 -60.10 5.68 -27.07
N GLY F 182 -60.50 4.67 -26.30
CA GLY F 182 -61.60 3.82 -26.66
C GLY F 182 -61.25 2.68 -27.58
N ASN F 183 -60.14 2.76 -28.32
CA ASN F 183 -59.78 1.79 -29.34
C ASN F 183 -58.31 1.42 -29.15
N PRO F 184 -58.02 0.47 -28.26
CA PRO F 184 -56.63 0.03 -28.09
C PRO F 184 -56.09 -0.74 -29.27
N ASP F 185 -56.93 -1.17 -30.20
CA ASP F 185 -56.47 -2.02 -31.29
C ASP F 185 -55.44 -1.34 -32.18
N GLU F 186 -55.44 -0.01 -32.23
CA GLU F 186 -54.47 0.73 -33.04
C GLU F 186 -53.35 1.37 -32.21
N LEU F 187 -53.62 1.79 -30.97
CA LEU F 187 -52.55 2.22 -30.09
C LEU F 187 -51.51 1.13 -29.95
N ILE F 188 -51.95 -0.09 -29.68
CA ILE F 188 -51.05 -1.22 -29.59
C ILE F 188 -50.29 -1.39 -30.89
N LYS F 189 -50.88 -1.00 -32.02
CA LYS F 189 -50.15 -1.04 -33.27
C LYS F 189 -49.07 0.03 -33.31
N ALA F 190 -49.19 1.07 -32.50
CA ALA F 190 -48.27 2.21 -32.58
C ALA F 190 -46.84 1.81 -32.24
N GLY F 191 -46.65 1.16 -31.08
CA GLY F 191 -45.31 0.80 -30.66
C GLY F 191 -44.59 -0.09 -31.64
N VAL F 192 -45.34 -0.85 -32.44
CA VAL F 192 -44.74 -1.86 -33.29
C VAL F 192 -43.97 -1.22 -34.43
N GLU F 193 -44.52 -0.17 -35.03
CA GLU F 193 -43.71 0.63 -35.95
C GLU F 193 -42.76 1.55 -35.21
N ALA F 194 -42.98 1.77 -33.91
CA ALA F 194 -42.02 2.51 -33.12
C ALA F 194 -40.80 1.69 -32.77
N ILE F 195 -40.99 0.40 -32.52
CA ILE F 195 -39.89 -0.46 -32.12
C ILE F 195 -39.19 -1.05 -33.32
N SER F 196 -39.92 -1.30 -34.41
CA SER F 196 -39.35 -1.94 -35.57
C SER F 196 -38.36 -1.05 -36.31
N GLN F 197 -38.26 0.21 -35.94
CA GLN F 197 -37.24 1.10 -36.47
C GLN F 197 -35.90 0.93 -35.77
N SER F 198 -35.80 0.02 -34.82
CA SER F 198 -34.70 -0.05 -33.87
C SER F 198 -34.20 -1.48 -33.72
N LEU F 199 -33.89 -2.13 -34.85
CA LEU F 199 -33.61 -3.55 -34.87
C LEU F 199 -32.35 -3.87 -35.65
N ARG F 200 -31.70 -4.96 -35.23
CA ARG F 200 -30.64 -5.61 -35.98
C ARG F 200 -31.20 -6.84 -36.68
N ASP F 201 -31.99 -6.60 -37.72
CA ASP F 201 -32.51 -7.67 -38.56
C ASP F 201 -33.36 -8.67 -37.77
N GLU F 202 -33.94 -8.24 -36.64
CA GLU F 202 -34.62 -9.17 -35.76
C GLU F 202 -35.86 -9.75 -36.41
N SER F 203 -36.60 -8.94 -37.15
CA SER F 203 -37.74 -9.32 -38.01
C SER F 203 -39.00 -9.70 -37.25
N LEU F 204 -38.99 -9.74 -35.92
CA LEU F 204 -40.21 -9.80 -35.11
C LEU F 204 -41.03 -11.07 -35.39
N THR F 205 -40.43 -12.20 -35.02
CA THR F 205 -41.20 -13.42 -34.92
C THR F 205 -42.24 -13.29 -33.82
N VAL F 206 -43.31 -14.08 -33.95
CA VAL F 206 -44.40 -14.04 -32.98
C VAL F 206 -43.90 -14.40 -31.60
N ASP F 207 -43.04 -15.41 -31.50
CA ASP F 207 -42.47 -15.78 -30.22
C ASP F 207 -41.60 -14.68 -29.64
N ASN F 208 -41.10 -13.77 -30.47
CA ASN F 208 -40.07 -12.82 -30.07
C ASN F 208 -40.66 -11.51 -29.59
N LEU F 209 -41.82 -11.55 -28.93
CA LEU F 209 -42.52 -10.31 -28.65
C LEU F 209 -43.51 -10.53 -27.51
N SER F 210 -43.60 -9.54 -26.62
CA SER F 210 -44.49 -9.57 -25.47
C SER F 210 -45.19 -8.24 -25.36
N ILE F 211 -46.48 -8.29 -25.05
CA ILE F 211 -47.31 -7.11 -24.95
C ILE F 211 -48.13 -7.20 -23.68
N ALA F 212 -48.25 -6.08 -22.99
CA ALA F 212 -49.12 -5.96 -21.82
C ALA F 212 -49.88 -4.65 -21.91
N ILE F 213 -51.09 -4.68 -21.39
CA ILE F 213 -52.02 -3.57 -21.54
C ILE F 213 -52.88 -3.47 -20.30
N VAL F 214 -53.28 -2.23 -20.00
CA VAL F 214 -54.22 -1.94 -18.93
C VAL F 214 -55.25 -0.94 -19.45
N GLY F 215 -56.26 -0.70 -18.63
CA GLY F 215 -57.31 0.20 -19.00
C GLY F 215 -58.31 0.30 -17.87
N LYS F 216 -59.19 1.30 -17.99
CA LYS F 216 -60.26 1.51 -17.02
C LYS F 216 -61.07 0.24 -16.83
N ASP F 217 -61.70 -0.24 -17.91
CA ASP F 217 -62.53 -1.44 -17.87
C ASP F 217 -61.76 -2.66 -18.34
N THR F 218 -60.43 -2.68 -18.16
CA THR F 218 -59.60 -3.78 -18.59
C THR F 218 -58.53 -4.04 -17.53
N PRO F 219 -58.33 -5.28 -17.08
CA PRO F 219 -57.22 -5.55 -16.17
C PRO F 219 -55.89 -5.69 -16.90
N PHE F 220 -54.82 -5.58 -16.12
CA PHE F 220 -53.50 -5.95 -16.60
C PHE F 220 -53.50 -7.39 -17.05
N THR F 221 -52.79 -7.65 -18.14
CA THR F 221 -52.82 -8.95 -18.79
C THR F 221 -51.74 -9.00 -19.85
N ILE F 222 -51.14 -10.16 -20.02
CA ILE F 222 -50.05 -10.36 -20.96
C ILE F 222 -50.59 -11.04 -22.19
N TYR F 223 -50.14 -10.58 -23.36
CA TYR F 223 -50.44 -11.21 -24.64
C TYR F 223 -49.10 -11.65 -25.21
N ASP F 224 -48.84 -12.95 -25.13
CA ASP F 224 -47.70 -13.58 -25.78
C ASP F 224 -48.17 -14.83 -26.50
N GLY F 225 -47.30 -15.36 -27.35
CA GLY F 225 -47.62 -16.58 -28.08
C GLY F 225 -48.44 -16.31 -29.33
N GLU F 226 -49.25 -17.29 -29.69
CA GLU F 226 -50.00 -17.27 -30.95
C GLU F 226 -51.09 -16.21 -30.98
N ALA F 227 -51.37 -15.54 -29.86
CA ALA F 227 -52.37 -14.48 -29.81
C ALA F 227 -51.79 -13.13 -30.17
N VAL F 228 -50.63 -13.10 -30.82
CA VAL F 228 -49.89 -11.87 -31.05
C VAL F 228 -49.46 -11.77 -32.51
N ALA F 229 -49.67 -12.84 -33.29
CA ALA F 229 -49.52 -12.73 -34.74
C ALA F 229 -50.46 -11.69 -35.32
N LYS F 230 -51.58 -11.44 -34.64
CA LYS F 230 -52.46 -10.33 -34.99
C LYS F 230 -51.67 -9.03 -35.07
N TYR F 231 -50.95 -8.70 -34.00
CA TYR F 231 -50.39 -7.37 -33.82
C TYR F 231 -48.99 -7.25 -34.41
N ILE F 232 -48.69 -8.03 -35.43
CA ILE F 232 -47.47 -7.86 -36.19
C ILE F 232 -47.58 -6.58 -37.01
N SER G 1 -8.52 19.29 -4.98
CA SER G 1 -7.61 19.16 -6.12
C SER G 1 -6.16 19.24 -5.67
N ILE G 2 -5.89 20.08 -4.67
CA ILE G 2 -4.54 20.20 -4.13
C ILE G 2 -4.13 18.88 -3.49
N GLY G 3 -4.84 18.48 -2.43
CA GLY G 3 -4.54 17.24 -1.77
C GLY G 3 -5.11 16.06 -2.54
N THR G 4 -4.37 14.96 -2.53
CA THR G 4 -4.69 13.78 -3.32
C THR G 4 -4.97 12.56 -2.45
N GLY G 5 -4.05 12.21 -1.56
CA GLY G 5 -4.16 11.00 -0.79
C GLY G 5 -5.29 10.99 0.21
N TYR G 6 -5.90 12.14 0.49
CA TYR G 6 -6.82 12.30 1.61
C TYR G 6 -8.25 12.53 1.15
N ASP G 7 -8.57 12.12 -0.08
CA ASP G 7 -9.88 12.29 -0.67
C ASP G 7 -10.70 11.01 -0.70
N LEU G 8 -10.10 9.88 -0.35
CA LEU G 8 -10.76 8.61 -0.59
C LEU G 8 -11.84 8.30 0.41
N SER G 9 -12.02 9.11 1.44
CA SER G 9 -13.00 8.77 2.46
C SER G 9 -13.31 9.98 3.31
N ASN G 10 -14.46 9.93 3.97
CA ASN G 10 -14.78 10.88 5.02
C ASN G 10 -13.86 10.66 6.21
N SER G 11 -14.05 11.48 7.23
CA SER G 11 -13.34 11.32 8.51
C SER G 11 -11.83 11.36 8.32
N VAL G 12 -11.38 12.24 7.44
CA VAL G 12 -9.97 12.50 7.27
C VAL G 12 -9.79 13.99 7.09
N PHE G 13 -9.09 14.61 8.01
CA PHE G 13 -8.73 16.01 7.90
C PHE G 13 -7.46 16.11 7.08
N SER G 14 -7.50 16.92 6.03
CA SER G 14 -6.27 17.31 5.40
C SER G 14 -5.43 18.09 6.41
N PRO G 15 -4.10 18.10 6.25
CA PRO G 15 -3.26 18.74 7.27
C PRO G 15 -3.59 20.20 7.47
N ASP G 16 -4.12 20.85 6.44
CA ASP G 16 -4.63 22.21 6.60
C ASP G 16 -5.77 22.23 7.59
N GLY G 17 -6.52 21.13 7.69
CA GLY G 17 -7.57 21.00 8.67
C GLY G 17 -8.93 20.81 8.05
N ARG G 18 -8.97 20.27 6.84
CA ARG G 18 -10.13 20.38 5.98
C ARG G 18 -10.43 19.05 5.32
N ASN G 19 -11.68 18.61 5.43
CA ASN G 19 -12.11 17.32 4.88
C ASN G 19 -12.62 17.56 3.46
N PHE G 20 -11.86 17.06 2.48
CA PHE G 20 -12.11 17.45 1.12
C PHE G 20 -13.35 16.80 0.54
N GLN G 21 -13.74 15.64 1.08
CA GLN G 21 -14.84 14.89 0.50
C GLN G 21 -16.12 15.72 0.49
N VAL G 22 -16.36 16.44 1.57
CA VAL G 22 -17.44 17.42 1.60
C VAL G 22 -17.13 18.56 0.64
N GLU G 23 -15.87 18.93 0.53
CA GLU G 23 -15.49 19.97 -0.41
C GLU G 23 -15.74 19.56 -1.86
N TYR G 24 -16.01 18.28 -2.11
CA TYR G 24 -16.36 17.80 -3.44
C TYR G 24 -17.85 17.66 -3.64
N ALA G 25 -18.61 17.41 -2.56
CA ALA G 25 -20.05 17.27 -2.69
C ALA G 25 -20.68 18.57 -3.17
N VAL G 26 -20.39 19.66 -2.48
CA VAL G 26 -20.95 20.95 -2.84
C VAL G 26 -20.52 21.43 -4.21
N LYS G 27 -19.51 20.80 -4.81
CA LYS G 27 -19.22 21.01 -6.21
C LYS G 27 -20.16 20.23 -7.13
N ALA G 28 -21.14 19.52 -6.57
CA ALA G 28 -22.17 18.84 -7.35
C ALA G 28 -23.37 19.72 -7.62
N VAL G 29 -23.94 20.29 -6.56
CA VAL G 29 -25.09 21.20 -6.69
C VAL G 29 -24.82 22.29 -7.71
N GLU G 30 -23.57 22.76 -7.78
CA GLU G 30 -23.18 23.67 -8.84
C GLU G 30 -23.44 23.08 -10.23
N ASN G 31 -23.49 21.76 -10.34
CA ASN G 31 -23.98 21.08 -11.53
C ASN G 31 -25.42 20.63 -11.35
N GLY G 32 -26.21 21.44 -10.64
CA GLY G 32 -27.63 21.17 -10.48
C GLY G 32 -28.45 22.42 -10.69
N THR G 33 -29.76 22.20 -10.82
CA THR G 33 -30.66 23.28 -11.18
C THR G 33 -30.80 24.26 -10.03
N THR G 34 -31.64 25.27 -10.22
CA THR G 34 -31.68 26.44 -9.36
C THR G 34 -33.01 26.54 -8.63
N SER G 35 -32.93 26.97 -7.37
CA SER G 35 -34.10 27.16 -6.54
C SER G 35 -33.81 28.27 -5.55
N ILE G 36 -34.87 28.94 -5.09
CA ILE G 36 -34.75 30.12 -4.26
C ILE G 36 -35.92 30.17 -3.29
N GLY G 37 -35.82 31.08 -2.34
CA GLY G 37 -36.89 31.37 -1.41
C GLY G 37 -36.60 32.65 -0.68
N ILE G 38 -37.58 33.55 -0.61
CA ILE G 38 -37.41 34.87 -0.02
C ILE G 38 -38.49 35.11 1.01
N LYS G 39 -38.10 35.85 2.06
CA LYS G 39 -38.97 36.12 3.18
C LYS G 39 -39.86 37.33 2.89
N CYS G 40 -41.13 37.19 3.21
CA CYS G 40 -42.10 38.27 3.11
C CYS G 40 -42.44 38.80 4.51
N ASN G 41 -43.15 39.92 4.54
CA ASN G 41 -43.62 40.46 5.81
C ASN G 41 -44.57 39.49 6.50
N ASP G 42 -45.48 38.89 5.74
CA ASP G 42 -46.47 37.98 6.28
C ASP G 42 -45.97 36.54 6.32
N GLY G 43 -45.52 36.01 5.17
CA GLY G 43 -45.13 34.63 5.05
C GLY G 43 -43.86 34.44 4.24
N VAL G 44 -43.82 33.38 3.42
CA VAL G 44 -42.68 33.10 2.56
C VAL G 44 -43.15 32.53 1.23
N VAL G 45 -42.18 32.36 0.32
CA VAL G 45 -42.42 31.92 -1.04
C VAL G 45 -41.34 30.91 -1.41
N PHE G 46 -41.54 30.26 -2.56
CA PHE G 46 -40.57 29.32 -3.10
C PHE G 46 -40.68 29.30 -4.61
N ALA G 47 -39.59 28.87 -5.24
CA ALA G 47 -39.53 28.76 -6.69
C ALA G 47 -38.63 27.58 -7.05
N VAL G 48 -38.43 27.40 -8.35
CA VAL G 48 -37.57 26.33 -8.85
C VAL G 48 -37.27 26.53 -10.33
N GLU G 49 -36.06 26.17 -10.74
CA GLU G 49 -35.64 26.22 -12.14
C GLU G 49 -35.76 24.84 -12.77
N LYS G 50 -37.01 24.40 -12.88
CA LYS G 50 -37.32 23.11 -13.50
C LYS G 50 -36.73 23.04 -14.91
N LEU G 51 -36.43 21.81 -15.34
CA LEU G 51 -35.87 21.54 -16.66
C LEU G 51 -36.74 20.51 -17.36
N ILE G 52 -36.31 20.02 -18.52
CA ILE G 52 -37.09 19.10 -19.33
C ILE G 52 -36.18 18.04 -19.93
N THR G 53 -36.80 17.12 -20.68
CA THR G 53 -36.10 16.17 -21.53
C THR G 53 -36.68 16.21 -22.94
N SER G 54 -37.98 16.42 -23.05
CA SER G 54 -38.68 16.56 -24.33
C SER G 54 -40.07 17.09 -24.05
N LYS G 55 -40.91 17.11 -25.09
CA LYS G 55 -42.33 17.31 -24.89
C LYS G 55 -43.01 16.10 -24.26
N LEU G 56 -42.30 14.96 -24.19
CA LEU G 56 -42.85 13.75 -23.63
C LEU G 56 -43.22 13.88 -22.17
N LEU G 57 -42.61 14.82 -21.47
CA LEU G 57 -42.92 15.01 -20.07
C LEU G 57 -44.37 15.41 -19.89
N VAL G 58 -45.02 14.74 -18.94
CA VAL G 58 -46.38 15.13 -18.57
C VAL G 58 -46.30 16.56 -18.03
N PRO G 59 -47.01 17.53 -18.60
CA PRO G 59 -46.98 18.88 -18.02
C PRO G 59 -47.60 18.90 -16.64
N GLN G 60 -46.82 19.34 -15.65
CA GLN G 60 -47.33 19.59 -14.31
C GLN G 60 -47.75 18.30 -13.61
N LYS G 61 -46.90 17.28 -13.71
CA LYS G 61 -47.09 16.03 -12.97
C LYS G 61 -45.79 15.45 -12.45
N ASN G 62 -44.71 16.23 -12.42
CA ASN G 62 -43.41 15.80 -11.94
C ASN G 62 -42.80 16.85 -11.02
N VAL G 63 -43.58 17.24 -10.03
CA VAL G 63 -43.22 18.24 -9.02
C VAL G 63 -41.88 17.97 -8.37
N LYS G 64 -41.18 19.05 -8.02
CA LYS G 64 -39.91 18.99 -7.31
C LYS G 64 -39.99 19.59 -5.91
N ILE G 65 -41.13 20.16 -5.53
CA ILE G 65 -41.37 20.61 -4.16
C ILE G 65 -41.91 19.44 -3.35
N GLN G 66 -41.58 19.44 -2.07
CA GLN G 66 -42.04 18.43 -1.14
C GLN G 66 -42.35 19.15 0.17
N VAL G 67 -43.30 18.59 0.92
CA VAL G 67 -43.97 19.32 1.98
C VAL G 67 -43.88 18.56 3.29
N VAL G 68 -44.10 19.29 4.39
CA VAL G 68 -44.16 18.76 5.74
C VAL G 68 -45.52 19.13 6.32
N ASP G 69 -45.96 18.36 7.31
CA ASP G 69 -47.34 18.39 7.80
C ASP G 69 -47.79 19.76 8.27
N ARG G 70 -47.17 20.26 9.33
CA ARG G 70 -47.69 21.43 10.05
C ARG G 70 -47.29 22.73 9.38
N HIS G 71 -47.74 22.88 8.13
CA HIS G 71 -47.63 24.15 7.41
C HIS G 71 -46.18 24.55 7.20
N ILE G 72 -45.40 23.60 6.72
CA ILE G 72 -43.96 23.76 6.56
C ILE G 72 -43.55 23.18 5.21
N GLY G 73 -42.67 23.90 4.52
CA GLY G 73 -42.28 23.55 3.17
C GLY G 73 -40.81 23.29 3.03
N CYS G 74 -40.43 22.62 1.95
CA CYS G 74 -39.04 22.29 1.70
C CYS G 74 -38.81 22.18 0.20
N VAL G 75 -37.63 22.63 -0.24
CA VAL G 75 -37.17 22.40 -1.60
C VAL G 75 -35.67 22.16 -1.58
N TYR G 76 -35.20 21.34 -2.51
CA TYR G 76 -33.83 20.88 -2.53
C TYR G 76 -33.33 20.79 -3.96
N SER G 77 -32.10 21.20 -4.15
CA SER G 77 -31.40 21.09 -5.41
C SER G 77 -30.44 19.91 -5.38
N GLY G 78 -29.64 19.79 -6.43
CA GLY G 78 -28.65 18.74 -6.49
C GLY G 78 -29.28 17.39 -6.81
N LEU G 79 -28.65 16.35 -6.28
CA LEU G 79 -29.17 15.00 -6.50
C LEU G 79 -30.46 14.88 -5.69
N ILE G 80 -31.57 15.00 -6.39
CA ILE G 80 -32.89 15.10 -5.76
C ILE G 80 -33.22 13.95 -4.81
N PRO G 81 -32.77 12.70 -5.02
CA PRO G 81 -33.18 11.67 -4.06
C PRO G 81 -32.64 11.90 -2.68
N ASP G 82 -31.37 12.26 -2.55
CA ASP G 82 -30.79 12.51 -1.25
C ASP G 82 -31.51 13.66 -0.56
N GLY G 83 -31.95 14.64 -1.34
CA GLY G 83 -32.79 15.69 -0.80
C GLY G 83 -34.19 15.26 -0.47
N ARG G 84 -34.56 14.05 -0.85
CA ARG G 84 -35.88 13.49 -0.58
C ARG G 84 -35.84 12.46 0.53
N HIS G 85 -34.74 11.72 0.61
CA HIS G 85 -34.50 10.86 1.77
C HIS G 85 -34.36 11.68 3.04
N LEU G 86 -34.08 12.98 2.92
CA LEU G 86 -33.92 13.85 4.06
C LEU G 86 -35.26 14.41 4.53
N VAL G 87 -36.11 14.85 3.61
CA VAL G 87 -37.41 15.36 3.99
C VAL G 87 -38.35 14.21 4.35
N ASN G 88 -38.11 13.03 3.78
CA ASN G 88 -38.85 11.85 4.20
C ASN G 88 -38.66 11.59 5.68
N ARG G 89 -37.52 11.99 6.24
CA ARG G 89 -37.32 11.95 7.67
C ARG G 89 -38.05 13.08 8.38
N GLY G 90 -38.27 14.19 7.69
CA GLY G 90 -38.98 15.30 8.27
C GLY G 90 -40.39 14.95 8.69
N ARG G 91 -41.19 14.42 7.77
CA ARG G 91 -42.53 13.96 8.14
C ARG G 91 -42.46 12.82 9.13
N GLU G 92 -41.32 12.13 9.23
CA GLU G 92 -41.10 11.13 10.27
C GLU G 92 -40.70 11.75 11.58
N GLU G 93 -40.10 12.94 11.55
CA GLU G 93 -39.54 13.52 12.76
C GLU G 93 -40.52 14.41 13.51
N ALA G 94 -41.49 15.00 12.82
CA ALA G 94 -42.46 15.84 13.50
C ALA G 94 -43.45 15.01 14.29
N ALA G 95 -43.87 13.87 13.75
CA ALA G 95 -44.74 12.98 14.47
C ALA G 95 -44.06 12.32 15.65
N SER G 96 -42.75 12.48 15.80
CA SER G 96 -42.06 12.19 17.04
C SER G 96 -42.09 13.36 18.01
N PHE G 97 -42.63 14.50 17.60
CA PHE G 97 -42.64 15.72 18.36
C PHE G 97 -44.05 16.11 18.78
N LYS G 98 -44.94 16.28 17.81
CA LYS G 98 -46.29 16.70 18.14
C LYS G 98 -47.10 15.58 18.77
N LYS G 99 -46.71 14.33 18.53
CA LYS G 99 -47.32 13.22 19.26
C LYS G 99 -47.09 13.41 20.75
N LEU G 100 -45.94 13.93 21.12
CA LEU G 100 -45.50 13.97 22.51
C LEU G 100 -45.78 15.30 23.17
N TYR G 101 -45.37 16.39 22.54
CA TYR G 101 -45.50 17.72 23.11
C TYR G 101 -46.80 18.42 22.71
N LYS G 102 -47.77 17.66 22.21
CA LYS G 102 -49.17 18.07 22.05
C LYS G 102 -49.35 19.21 21.05
N THR G 103 -48.29 19.66 20.38
CA THR G 103 -48.28 20.91 19.63
C THR G 103 -47.64 20.69 18.27
N PRO G 104 -48.01 21.49 17.24
CA PRO G 104 -47.20 21.49 16.02
C PRO G 104 -45.78 21.94 16.26
N ILE G 105 -44.96 21.87 15.22
CA ILE G 105 -43.52 21.85 15.40
C ILE G 105 -42.95 23.25 15.19
N PRO G 106 -42.03 23.72 16.03
CA PRO G 106 -41.29 24.92 15.67
C PRO G 106 -40.29 24.64 14.59
N ILE G 107 -39.96 25.68 13.84
CA ILE G 107 -39.05 25.56 12.71
C ILE G 107 -37.60 25.51 13.16
N PRO G 108 -37.12 26.37 14.06
CA PRO G 108 -35.69 26.34 14.37
C PRO G 108 -35.23 25.04 15.00
N ALA G 109 -35.99 24.51 15.97
CA ALA G 109 -35.63 23.21 16.53
C ALA G 109 -35.75 22.11 15.50
N PHE G 110 -36.67 22.27 14.54
CA PHE G 110 -36.75 21.31 13.45
C PHE G 110 -35.50 21.39 12.59
N ALA G 111 -35.03 22.60 12.29
CA ALA G 111 -33.84 22.75 11.48
C ALA G 111 -32.62 22.15 12.16
N ASP G 112 -32.56 22.25 13.48
CA ASP G 112 -31.46 21.65 14.21
C ASP G 112 -31.40 20.15 13.98
N ARG G 113 -32.55 19.51 13.86
CA ARG G 113 -32.59 18.07 13.70
C ARG G 113 -32.03 17.67 12.35
N LEU G 114 -32.61 18.21 11.28
CA LEU G 114 -32.05 17.97 9.96
C LEU G 114 -30.67 18.57 9.84
N GLY G 115 -30.40 19.63 10.58
CA GLY G 115 -29.10 20.24 10.56
C GLY G 115 -28.02 19.46 11.25
N GLN G 116 -28.36 18.31 11.84
CA GLN G 116 -27.35 17.41 12.39
C GLN G 116 -27.62 15.96 12.07
N TYR G 117 -28.78 15.61 11.51
CA TYR G 117 -28.89 14.32 10.83
C TYR G 117 -27.87 14.24 9.73
N VAL G 118 -27.66 15.35 9.03
CA VAL G 118 -26.62 15.44 8.03
C VAL G 118 -25.26 15.22 8.67
N GLN G 119 -25.05 15.80 9.85
CA GLN G 119 -23.74 15.75 10.49
C GLN G 119 -23.31 14.31 10.73
N ALA G 120 -24.24 13.45 11.13
CA ALA G 120 -23.91 12.05 11.31
C ALA G 120 -23.39 11.45 10.01
N HIS G 121 -23.99 11.85 8.90
CA HIS G 121 -23.56 11.34 7.59
C HIS G 121 -22.35 12.09 7.04
N THR G 122 -21.62 12.79 7.89
CA THR G 122 -20.24 13.17 7.60
C THR G 122 -19.39 13.03 8.83
N LEU G 123 -19.78 12.13 9.74
CA LEU G 123 -19.06 11.87 10.98
C LEU G 123 -18.56 10.44 11.05
N TYR G 124 -18.87 9.61 10.05
CA TYR G 124 -18.48 8.22 9.98
C TYR G 124 -17.61 8.02 8.73
N ASN G 125 -17.30 6.75 8.44
CA ASN G 125 -16.54 6.34 7.27
C ASN G 125 -17.35 5.49 6.31
N SER G 126 -18.38 4.81 6.78
CA SER G 126 -19.19 3.91 5.97
C SER G 126 -20.40 4.60 5.38
N VAL G 127 -20.33 5.90 5.12
CA VAL G 127 -21.46 6.66 4.63
C VAL G 127 -20.96 7.74 3.67
N ARG G 128 -21.91 8.48 3.12
CA ARG G 128 -21.71 9.50 2.13
C ARG G 128 -22.48 10.75 2.53
N PRO G 129 -21.91 11.95 2.40
CA PRO G 129 -22.69 13.15 2.64
C PRO G 129 -23.80 13.32 1.62
N PHE G 130 -24.90 13.87 2.08
CA PHE G 130 -26.03 14.12 1.21
C PHE G 130 -25.65 15.19 0.20
N GLY G 131 -25.74 14.85 -1.07
CA GLY G 131 -25.32 15.74 -2.12
C GLY G 131 -26.43 16.66 -2.58
N VAL G 132 -26.85 17.57 -1.70
CA VAL G 132 -27.93 18.50 -1.96
C VAL G 132 -27.61 19.83 -1.29
N SER G 133 -28.52 20.78 -1.45
CA SER G 133 -28.49 22.04 -0.72
C SER G 133 -29.96 22.43 -0.51
N THR G 134 -30.50 22.08 0.64
CA THR G 134 -31.93 22.14 0.88
C THR G 134 -32.34 23.51 1.40
N ILE G 135 -33.59 23.85 1.12
CA ILE G 135 -34.21 25.09 1.56
C ILE G 135 -35.51 24.73 2.23
N PHE G 136 -35.83 25.44 3.32
CA PHE G 136 -37.08 25.17 4.01
C PHE G 136 -37.41 26.30 4.96
N GLY G 137 -38.69 26.60 5.05
CA GLY G 137 -39.17 27.64 5.93
C GLY G 137 -40.68 27.60 5.98
N GLY G 138 -41.22 28.35 6.93
CA GLY G 138 -42.66 28.36 7.11
C GLY G 138 -43.13 29.31 8.18
N VAL G 139 -44.06 28.84 9.02
CA VAL G 139 -44.77 29.68 9.96
C VAL G 139 -44.83 28.96 11.31
N ASP G 140 -44.91 29.74 12.38
CA ASP G 140 -45.11 29.20 13.71
C ASP G 140 -45.80 30.26 14.57
N LYS G 141 -45.83 30.02 15.88
CA LYS G 141 -46.48 30.96 16.78
C LYS G 141 -45.77 32.30 16.80
N ASN G 142 -44.48 32.33 16.53
CA ASN G 142 -43.67 33.55 16.60
C ASN G 142 -43.30 34.05 15.21
N GLY G 143 -44.13 33.78 14.21
CA GLY G 143 -44.00 34.40 12.91
C GLY G 143 -43.54 33.49 11.81
N ALA G 144 -42.81 34.06 10.86
CA ALA G 144 -42.30 33.36 9.71
C ALA G 144 -40.80 33.19 9.82
N HIS G 145 -40.26 32.22 9.10
CA HIS G 145 -38.83 31.94 9.13
C HIS G 145 -38.38 31.49 7.76
N LEU G 146 -37.07 31.44 7.60
CA LEU G 146 -36.46 30.77 6.45
C LEU G 146 -35.07 30.31 6.85
N TYR G 147 -34.62 29.26 6.17
CA TYR G 147 -33.30 28.71 6.40
C TYR G 147 -32.75 28.15 5.10
N MET G 148 -31.49 27.75 5.16
CA MET G 148 -30.81 27.11 4.06
C MET G 148 -29.95 26.00 4.64
N LEU G 149 -29.81 24.93 3.87
CA LEU G 149 -29.21 23.71 4.34
C LEU G 149 -28.17 23.24 3.33
N GLU G 150 -27.13 22.60 3.85
CA GLU G 150 -25.89 22.45 3.13
C GLU G 150 -25.17 21.27 3.77
N PRO G 151 -24.48 20.42 2.99
CA PRO G 151 -24.01 19.15 3.54
C PRO G 151 -23.03 19.26 4.67
N SER G 152 -22.29 20.36 4.76
CA SER G 152 -21.43 20.58 5.91
C SER G 152 -22.21 20.64 7.19
N GLY G 153 -23.50 20.92 7.13
CA GLY G 153 -24.35 21.04 8.28
C GLY G 153 -24.55 22.45 8.77
N SER G 154 -23.91 23.42 8.14
CA SER G 154 -23.93 24.80 8.63
C SER G 154 -25.10 25.51 8.00
N TYR G 155 -26.27 25.25 8.55
CA TYR G 155 -27.43 26.02 8.14
C TYR G 155 -27.37 27.41 8.74
N TRP G 156 -28.23 28.28 8.22
CA TRP G 156 -28.29 29.66 8.64
C TRP G 156 -29.71 30.17 8.49
N GLY G 157 -30.00 31.26 9.18
CA GLY G 157 -31.27 31.95 9.02
C GLY G 157 -31.18 33.14 8.11
N TYR G 158 -31.63 32.98 6.88
CA TYR G 158 -31.52 34.01 5.85
C TYR G 158 -32.81 34.79 5.71
N LYS G 159 -32.70 35.88 4.94
CA LYS G 159 -33.83 36.60 4.38
C LYS G 159 -34.25 36.00 3.06
N GLY G 160 -33.31 35.96 2.11
CA GLY G 160 -33.47 35.24 0.86
C GLY G 160 -32.34 34.24 0.66
N ALA G 161 -32.50 33.42 -0.36
CA ALA G 161 -31.60 32.29 -0.54
C ALA G 161 -31.58 31.86 -1.99
N ALA G 162 -30.57 31.07 -2.32
CA ALA G 162 -30.39 30.55 -3.67
C ALA G 162 -29.33 29.48 -3.68
N THR G 163 -29.23 28.79 -4.80
CA THR G 163 -28.27 27.70 -4.98
C THR G 163 -28.22 27.35 -6.47
N GLY G 164 -27.55 26.23 -6.77
CA GLY G 164 -27.53 25.68 -8.11
C GLY G 164 -26.67 26.46 -9.10
N LYS G 165 -27.04 26.35 -10.37
CA LYS G 165 -26.39 27.15 -11.40
C LYS G 165 -26.56 28.64 -11.15
N GLY G 166 -27.76 29.04 -10.78
CA GLY G 166 -28.11 30.44 -10.72
C GLY G 166 -27.92 31.06 -9.36
N ARG G 167 -26.73 30.90 -8.77
CA ARG G 167 -26.40 31.61 -7.55
C ARG G 167 -26.11 33.07 -7.83
N GLN G 168 -25.09 33.30 -8.64
CA GLN G 168 -24.53 34.63 -8.77
C GLN G 168 -25.52 35.59 -9.41
N SER G 169 -26.34 35.10 -10.34
CA SER G 169 -27.44 35.88 -10.86
C SER G 169 -28.35 36.32 -9.72
N ALA G 170 -28.90 35.36 -9.00
CA ALA G 170 -29.72 35.65 -7.84
C ALA G 170 -28.92 36.04 -6.61
N LYS G 171 -27.60 36.12 -6.71
CA LYS G 171 -26.83 36.70 -5.61
C LYS G 171 -27.10 38.19 -5.48
N ALA G 172 -27.34 38.85 -6.61
CA ALA G 172 -27.65 40.27 -6.66
C ALA G 172 -29.11 40.57 -6.95
N GLU G 173 -29.72 39.80 -7.85
CA GLU G 173 -31.12 40.01 -8.19
C GLU G 173 -32.03 39.86 -6.98
N LEU G 174 -31.57 39.22 -5.91
CA LEU G 174 -32.28 39.19 -4.64
C LEU G 174 -31.79 40.25 -3.68
N GLU G 175 -30.49 40.55 -3.72
CA GLU G 175 -29.92 41.53 -2.80
C GLU G 175 -30.56 42.90 -2.99
N LYS G 176 -31.02 43.20 -4.20
CA LYS G 176 -31.65 44.47 -4.47
C LYS G 176 -32.92 44.64 -3.65
N LEU G 177 -33.68 43.56 -3.51
CA LEU G 177 -35.03 43.68 -2.98
C LEU G 177 -35.01 44.03 -1.50
N VAL G 178 -33.95 43.61 -0.80
CA VAL G 178 -33.78 44.04 0.59
C VAL G 178 -33.46 45.53 0.66
N ASP G 179 -32.92 46.10 -0.42
CA ASP G 179 -32.63 47.52 -0.44
C ASP G 179 -33.89 48.32 -0.74
N HIS G 180 -34.66 47.89 -1.74
CA HIS G 180 -35.83 48.64 -2.16
C HIS G 180 -37.01 48.47 -1.21
N HIS G 181 -37.01 47.45 -0.37
CA HIS G 181 -38.16 47.09 0.46
C HIS G 181 -37.74 46.75 1.88
N PRO G 182 -37.25 47.73 2.64
CA PRO G 182 -37.13 47.50 4.09
C PRO G 182 -38.48 47.29 4.76
N GLU G 183 -39.55 47.85 4.19
CA GLU G 183 -40.88 47.76 4.77
C GLU G 183 -41.48 46.36 4.68
N GLY G 184 -40.83 45.43 3.96
CA GLY G 184 -41.39 44.12 3.75
C GLY G 184 -42.30 44.07 2.55
N LEU G 185 -42.80 42.87 2.28
CA LEU G 185 -43.62 42.58 1.11
C LEU G 185 -44.84 41.79 1.54
N SER G 186 -45.74 41.59 0.58
CA SER G 186 -46.77 40.58 0.65
C SER G 186 -46.46 39.49 -0.37
N ALA G 187 -47.17 38.36 -0.23
CA ALA G 187 -47.02 37.28 -1.18
C ALA G 187 -47.44 37.71 -2.58
N ARG G 188 -48.42 38.61 -2.67
CA ARG G 188 -48.89 39.06 -3.97
C ARG G 188 -47.84 39.89 -4.68
N GLU G 189 -47.17 40.77 -3.96
CA GLU G 189 -46.08 41.56 -4.52
C GLU G 189 -44.76 40.83 -4.52
N ALA G 190 -44.73 39.56 -4.12
CA ALA G 190 -43.51 38.76 -4.08
C ALA G 190 -43.41 37.84 -5.28
N VAL G 191 -44.42 37.00 -5.49
CA VAL G 191 -44.42 36.06 -6.61
C VAL G 191 -44.36 36.78 -7.94
N LYS G 192 -44.81 38.02 -8.00
CA LYS G 192 -44.61 38.84 -9.19
C LYS G 192 -43.16 39.27 -9.36
N GLN G 193 -42.30 38.95 -8.40
CA GLN G 193 -40.87 39.23 -8.46
C GLN G 193 -40.00 38.00 -8.38
N ALA G 194 -40.57 36.82 -8.05
CA ALA G 194 -39.77 35.60 -7.93
C ALA G 194 -39.60 34.94 -9.28
N ALA G 195 -40.71 34.70 -9.99
CA ALA G 195 -40.65 34.13 -11.32
C ALA G 195 -39.89 35.01 -12.27
N LYS G 196 -39.78 36.31 -11.97
CA LYS G 196 -38.78 37.14 -12.61
C LYS G 196 -37.41 36.49 -12.51
N ILE G 197 -37.01 36.10 -11.30
CA ILE G 197 -35.63 35.69 -11.05
C ILE G 197 -35.30 34.44 -11.83
N ILE G 198 -36.23 33.48 -11.86
CA ILE G 198 -35.97 32.21 -12.53
C ILE G 198 -35.64 32.44 -13.99
N TYR G 199 -36.37 33.36 -14.63
CA TYR G 199 -36.11 33.63 -16.03
C TYR G 199 -34.79 34.37 -16.21
N LEU G 200 -34.41 35.21 -15.25
CA LEU G 200 -33.07 35.78 -15.27
C LEU G 200 -32.01 34.69 -15.13
N ALA G 201 -32.34 33.61 -14.43
CA ALA G 201 -31.35 32.55 -14.20
C ALA G 201 -31.14 31.68 -15.42
N HIS G 202 -32.22 31.37 -16.14
CA HIS G 202 -32.12 30.47 -17.30
C HIS G 202 -31.27 31.06 -18.41
N GLU G 203 -30.98 32.37 -18.39
CA GLU G 203 -30.17 33.00 -19.43
C GLU G 203 -28.84 32.28 -19.64
N ASP G 204 -28.30 31.66 -18.60
CA ASP G 204 -27.10 30.84 -18.74
C ASP G 204 -27.33 29.58 -19.58
N ASN G 205 -28.58 29.16 -19.78
CA ASN G 205 -28.91 27.89 -20.42
C ASN G 205 -30.03 28.09 -21.44
N LYS G 206 -29.86 29.08 -22.32
CA LYS G 206 -30.91 29.47 -23.26
C LYS G 206 -31.43 28.32 -24.12
N GLU G 207 -30.70 27.22 -24.23
CA GLU G 207 -31.16 26.08 -25.02
C GLU G 207 -32.08 25.17 -24.23
N LYS G 208 -31.72 24.87 -22.98
CA LYS G 208 -32.42 23.88 -22.18
C LYS G 208 -33.77 24.44 -21.77
N ASP G 209 -34.82 24.05 -22.48
CA ASP G 209 -36.17 24.52 -22.17
C ASP G 209 -36.58 24.01 -20.78
N PHE G 210 -37.56 24.69 -20.19
CA PHE G 210 -37.75 24.68 -18.76
C PHE G 210 -39.24 24.62 -18.44
N GLU G 211 -39.53 24.83 -17.15
CA GLU G 211 -40.86 24.92 -16.59
C GLU G 211 -40.69 25.63 -15.26
N LEU G 212 -41.80 25.93 -14.58
CA LEU G 212 -41.73 26.72 -13.36
C LEU G 212 -42.81 26.29 -12.39
N GLU G 213 -42.46 26.29 -11.10
CA GLU G 213 -43.38 25.97 -10.03
C GLU G 213 -43.12 26.91 -8.87
N ILE G 214 -44.18 27.17 -8.10
CA ILE G 214 -44.13 28.13 -7.01
C ILE G 214 -44.91 27.56 -5.83
N SER G 215 -44.44 27.87 -4.63
CA SER G 215 -45.14 27.56 -3.41
C SER G 215 -44.98 28.72 -2.44
N TRP G 216 -45.96 28.89 -1.56
CA TRP G 216 -45.98 30.05 -0.68
C TRP G 216 -46.91 29.76 0.48
N CYS G 217 -46.46 30.13 1.67
CA CYS G 217 -47.20 29.93 2.91
C CYS G 217 -47.21 31.24 3.68
N SER G 218 -48.40 31.73 3.99
CA SER G 218 -48.54 32.95 4.78
C SER G 218 -49.82 32.87 5.58
N LEU G 219 -49.86 33.66 6.64
CA LEU G 219 -51.03 33.74 7.51
C LEU G 219 -52.06 34.74 7.01
N SER G 220 -51.71 35.58 6.04
CA SER G 220 -52.67 36.52 5.48
C SER G 220 -53.54 35.85 4.41
N GLU G 221 -52.93 35.40 3.33
CA GLU G 221 -53.65 34.89 2.17
C GLU G 221 -53.91 33.39 2.25
N THR G 222 -53.40 32.69 3.26
CA THR G 222 -53.66 31.27 3.44
C THR G 222 -53.98 30.87 4.86
N ASN G 223 -53.80 31.76 5.84
CA ASN G 223 -54.19 31.55 7.24
C ASN G 223 -53.32 30.50 7.91
N GLY G 224 -52.08 30.37 7.46
CA GLY G 224 -51.08 29.61 8.18
C GLY G 224 -50.89 28.19 7.73
N LEU G 225 -51.25 27.87 6.50
CA LEU G 225 -51.00 26.56 5.92
C LEU G 225 -50.16 26.72 4.66
N HIS G 226 -49.62 25.60 4.23
CA HIS G 226 -48.73 25.52 3.08
C HIS G 226 -49.56 25.11 1.85
N LYS G 227 -49.63 25.99 0.87
CA LYS G 227 -50.44 25.78 -0.32
C LYS G 227 -49.61 26.00 -1.57
N PHE G 228 -49.98 25.26 -2.61
CA PHE G 228 -49.41 25.44 -3.94
C PHE G 228 -50.06 26.64 -4.61
N VAL G 229 -49.87 26.79 -5.91
CA VAL G 229 -50.51 27.83 -6.71
C VAL G 229 -51.27 27.16 -7.84
N LYS G 230 -52.11 27.94 -8.50
CA LYS G 230 -52.92 27.45 -9.61
C LYS G 230 -53.68 28.62 -10.20
N GLY G 231 -54.43 28.33 -11.26
CA GLY G 231 -55.36 29.30 -11.79
C GLY G 231 -54.67 30.47 -12.48
N ASP G 232 -55.34 31.62 -12.44
CA ASP G 232 -54.89 32.81 -13.15
C ASP G 232 -53.90 33.63 -12.34
N LEU G 233 -53.24 33.02 -11.35
CA LEU G 233 -52.25 33.73 -10.54
C LEU G 233 -50.86 33.55 -11.12
N LEU G 234 -50.41 32.31 -11.23
CA LEU G 234 -49.19 32.05 -11.96
C LEU G 234 -49.36 32.27 -13.46
N GLN G 235 -50.59 32.18 -13.97
CA GLN G 235 -50.84 32.51 -15.36
C GLN G 235 -50.53 33.96 -15.68
N GLU G 236 -50.55 34.84 -14.66
CA GLU G 236 -50.19 36.24 -14.81
C GLU G 236 -48.91 36.62 -14.10
N ALA G 237 -48.56 35.92 -13.01
CA ALA G 237 -47.28 36.18 -12.35
C ALA G 237 -46.13 35.95 -13.29
N ILE G 238 -46.23 34.90 -14.11
CA ILE G 238 -45.30 34.71 -15.22
C ILE G 238 -45.27 35.95 -16.09
N ASP G 239 -46.44 36.46 -16.42
CA ASP G 239 -46.57 37.65 -17.25
C ASP G 239 -46.13 38.91 -16.52
N PHE G 240 -46.02 38.87 -15.19
CA PHE G 240 -45.31 39.92 -14.46
C PHE G 240 -43.81 39.90 -14.73
N ALA G 241 -43.29 38.91 -15.44
CA ALA G 241 -41.91 38.86 -15.89
C ALA G 241 -41.79 38.60 -17.37
N GLN G 242 -42.68 37.78 -17.96
CA GLN G 242 -42.62 37.52 -19.39
C GLN G 242 -42.74 38.80 -20.18
N LYS G 243 -43.43 39.80 -19.63
CA LYS G 243 -43.51 41.13 -20.22
C LYS G 243 -42.48 42.08 -19.65
N GLU G 244 -42.07 41.88 -18.40
CA GLU G 244 -41.09 42.77 -17.79
C GLU G 244 -39.76 42.70 -18.54
N ILE G 245 -39.30 41.49 -18.82
CA ILE G 245 -38.09 41.34 -19.62
C ILE G 245 -38.38 41.69 -21.07
N ASN G 246 -39.27 40.93 -21.72
CA ASN G 246 -39.59 41.11 -23.13
C ASN G 246 -40.99 40.57 -23.44
N SER H 1 21.16 4.43 -47.45
CA SER H 1 21.93 3.29 -47.93
C SER H 1 21.44 1.98 -47.34
N VAL H 2 21.77 1.77 -46.07
CA VAL H 2 21.34 0.57 -45.35
C VAL H 2 19.84 0.39 -45.41
N THR H 3 19.10 1.50 -45.43
CA THR H 3 17.66 1.44 -45.56
C THR H 3 17.25 0.77 -46.86
N MET H 4 18.05 0.93 -47.92
CA MET H 4 17.72 0.26 -49.16
C MET H 4 17.87 -1.25 -49.04
N MET H 5 18.71 -1.71 -48.13
CA MET H 5 18.92 -3.14 -47.99
C MET H 5 17.69 -3.80 -47.39
N THR H 6 17.12 -3.20 -46.35
CA THR H 6 15.99 -3.79 -45.66
C THR H 6 14.74 -3.63 -46.53
N VAL H 7 14.44 -4.68 -47.30
CA VAL H 7 13.24 -4.75 -48.13
C VAL H 7 12.77 -6.19 -48.14
N GLU H 8 11.45 -6.39 -48.24
CA GLU H 8 10.85 -7.69 -47.99
C GLU H 8 11.34 -8.73 -48.99
N GLU H 9 11.04 -8.54 -50.26
CA GLU H 9 11.34 -9.51 -51.32
C GLU H 9 10.69 -10.87 -51.06
N LYS H 10 9.35 -10.85 -51.01
CA LYS H 10 8.47 -11.99 -51.21
C LYS H 10 8.73 -13.21 -50.35
N PRO H 11 8.34 -13.18 -49.08
CA PRO H 11 8.12 -14.42 -48.34
C PRO H 11 6.79 -15.05 -48.70
N ASP H 12 6.71 -16.36 -48.54
CA ASP H 12 5.55 -17.14 -48.98
C ASP H 12 4.63 -17.42 -47.80
N VAL H 13 3.50 -16.72 -47.75
CA VAL H 13 2.52 -16.96 -46.71
C VAL H 13 1.22 -16.28 -47.13
N THR H 14 0.11 -16.97 -46.91
CA THR H 14 -1.21 -16.55 -47.35
C THR H 14 -2.00 -15.98 -46.17
N TYR H 15 -3.28 -15.75 -46.40
CA TYR H 15 -4.26 -15.63 -45.34
C TYR H 15 -5.05 -16.91 -45.15
N SER H 16 -4.81 -17.92 -45.99
CA SER H 16 -5.40 -19.23 -45.75
C SER H 16 -4.82 -19.89 -44.51
N ASP H 17 -3.57 -19.57 -44.18
CA ASP H 17 -2.87 -20.19 -43.07
C ASP H 17 -2.94 -19.37 -41.80
N VAL H 18 -4.05 -18.67 -41.59
CA VAL H 18 -4.35 -17.99 -40.34
C VAL H 18 -5.83 -18.14 -40.06
N GLY H 19 -6.16 -18.33 -38.78
CA GLY H 19 -7.44 -18.89 -38.41
C GLY H 19 -8.37 -17.95 -37.66
N GLY H 20 -8.39 -18.11 -36.34
CA GLY H 20 -9.37 -17.47 -35.48
C GLY H 20 -9.48 -15.96 -35.62
N CYS H 21 -8.44 -15.33 -36.17
CA CYS H 21 -8.45 -13.91 -36.47
C CYS H 21 -9.09 -13.70 -37.84
N LYS H 22 -10.39 -14.00 -37.89
CA LYS H 22 -11.17 -13.92 -39.13
C LYS H 22 -11.84 -12.58 -39.31
N ASP H 23 -11.82 -11.72 -38.30
CA ASP H 23 -12.43 -10.40 -38.36
C ASP H 23 -11.38 -9.31 -38.14
N GLN H 24 -10.38 -9.63 -37.32
CA GLN H 24 -9.33 -8.66 -37.02
C GLN H 24 -8.49 -8.31 -38.23
N ILE H 25 -8.52 -9.16 -39.26
CA ILE H 25 -7.99 -8.75 -40.55
C ILE H 25 -8.93 -7.74 -41.20
N GLU H 26 -10.24 -7.94 -41.02
CA GLU H 26 -11.24 -7.10 -41.67
C GLU H 26 -11.14 -5.65 -41.22
N LYS H 27 -10.40 -5.38 -40.16
CA LYS H 27 -10.03 -4.01 -39.85
C LYS H 27 -8.72 -3.64 -40.54
N LEU H 28 -7.81 -4.60 -40.68
CA LEU H 28 -6.46 -4.30 -41.11
C LEU H 28 -6.40 -4.04 -42.61
N ARG H 29 -7.00 -4.93 -43.40
CA ARG H 29 -7.03 -4.70 -44.83
C ARG H 29 -8.11 -3.72 -45.24
N GLU H 30 -8.85 -3.16 -44.27
CA GLU H 30 -9.81 -2.12 -44.59
C GLU H 30 -9.10 -0.80 -44.83
N VAL H 31 -7.94 -0.61 -44.22
CA VAL H 31 -7.19 0.64 -44.36
C VAL H 31 -6.08 0.53 -45.39
N VAL H 32 -5.50 -0.65 -45.56
CA VAL H 32 -4.33 -0.80 -46.42
C VAL H 32 -4.75 -1.00 -47.87
N GLU H 33 -5.45 -2.09 -48.16
CA GLU H 33 -5.74 -2.44 -49.54
C GLU H 33 -6.64 -1.41 -50.20
N LEU H 34 -7.74 -1.05 -49.56
CA LEU H 34 -8.81 -0.35 -50.26
C LEU H 34 -8.40 1.04 -50.68
N PRO H 35 -7.84 1.89 -49.81
CA PRO H 35 -7.29 3.17 -50.29
C PRO H 35 -6.23 3.01 -51.35
N LEU H 36 -5.57 1.85 -51.41
CA LEU H 36 -4.59 1.55 -52.43
C LEU H 36 -5.17 0.72 -53.56
N LEU H 37 -6.35 0.15 -53.38
CA LEU H 37 -7.02 -0.64 -54.40
C LEU H 37 -8.34 -0.04 -54.86
N SER H 38 -9.22 0.26 -53.92
CA SER H 38 -10.60 0.66 -54.22
C SER H 38 -10.96 1.96 -53.53
N PRO H 39 -10.22 3.04 -53.79
CA PRO H 39 -10.49 4.31 -53.09
C PRO H 39 -11.76 5.01 -53.52
N GLU H 40 -12.47 4.48 -54.52
CA GLU H 40 -13.62 5.19 -55.06
C GLU H 40 -14.82 5.11 -54.13
N ARG H 41 -14.95 4.03 -53.35
CA ARG H 41 -16.12 3.87 -52.51
C ARG H 41 -16.08 4.82 -51.32
N PHE H 42 -14.92 5.01 -50.70
CA PHE H 42 -14.76 6.13 -49.79
C PHE H 42 -15.04 7.44 -50.50
N ALA H 43 -14.50 7.58 -51.71
CA ALA H 43 -14.63 8.81 -52.45
C ALA H 43 -16.07 9.10 -52.81
N THR H 44 -16.91 8.06 -52.92
CA THR H 44 -18.33 8.29 -53.17
C THR H 44 -18.96 9.06 -52.03
N LEU H 45 -18.40 8.94 -50.83
CA LEU H 45 -18.72 9.81 -49.73
C LEU H 45 -17.68 10.92 -49.59
N GLY H 46 -16.44 10.66 -50.00
CA GLY H 46 -15.40 11.67 -50.04
C GLY H 46 -14.90 12.09 -48.67
N ILE H 47 -14.22 11.18 -47.97
CA ILE H 47 -13.68 11.44 -46.64
C ILE H 47 -12.25 10.89 -46.57
N ASP H 48 -11.57 11.22 -45.47
CA ASP H 48 -10.18 10.83 -45.27
C ASP H 48 -10.13 9.48 -44.58
N PRO H 49 -9.58 8.44 -45.20
CA PRO H 49 -9.37 7.21 -44.46
C PRO H 49 -8.40 7.43 -43.32
N PRO H 50 -8.33 6.52 -42.37
CA PRO H 50 -7.24 6.57 -41.39
C PRO H 50 -5.96 6.14 -42.06
N LYS H 51 -4.84 6.68 -41.57
CA LYS H 51 -3.53 6.21 -41.96
C LYS H 51 -2.62 6.26 -40.76
N GLY H 52 -1.87 5.19 -40.56
CA GLY H 52 -1.04 5.04 -39.39
C GLY H 52 -1.72 4.18 -38.34
N ILE H 53 -2.19 3.00 -38.75
CA ILE H 53 -2.86 2.10 -37.83
C ILE H 53 -1.80 1.34 -37.05
N LEU H 54 -2.27 0.56 -36.07
CA LEU H 54 -1.41 -0.10 -35.12
C LEU H 54 -2.05 -1.43 -34.75
N LEU H 55 -1.26 -2.30 -34.14
CA LEU H 55 -1.76 -3.54 -33.58
C LEU H 55 -0.96 -3.88 -32.35
N TYR H 56 -1.67 -4.31 -31.31
CA TYR H 56 -1.06 -4.73 -30.07
C TYR H 56 -1.67 -6.05 -29.65
N GLY H 57 -0.86 -6.89 -29.04
CA GLY H 57 -1.38 -8.10 -28.45
C GLY H 57 -0.36 -8.84 -27.62
N PRO H 58 -0.81 -9.91 -26.98
CA PRO H 58 0.11 -10.74 -26.23
C PRO H 58 1.13 -11.38 -27.13
N PRO H 59 2.16 -12.00 -26.55
CA PRO H 59 3.24 -12.55 -27.36
C PRO H 59 2.84 -13.84 -28.02
N GLY H 60 3.41 -14.08 -29.19
CA GLY H 60 3.10 -15.29 -29.90
C GLY H 60 1.67 -15.39 -30.34
N THR H 61 0.97 -14.27 -30.41
CA THR H 61 -0.43 -14.25 -30.76
C THR H 61 -0.68 -14.27 -32.26
N GLY H 62 0.36 -14.08 -33.07
CA GLY H 62 0.19 -14.14 -34.50
C GLY H 62 -0.01 -12.82 -35.19
N LYS H 63 0.95 -11.93 -35.03
CA LYS H 63 0.91 -10.61 -35.65
C LYS H 63 2.00 -10.38 -36.69
N THR H 64 3.19 -10.94 -36.51
CA THR H 64 4.25 -10.67 -37.46
C THR H 64 3.98 -11.32 -38.79
N LEU H 65 3.42 -12.54 -38.78
CA LEU H 65 3.14 -13.24 -40.02
C LEU H 65 2.16 -12.44 -40.88
N CYS H 66 1.14 -11.86 -40.24
CA CYS H 66 0.21 -10.99 -40.96
C CYS H 66 0.96 -9.85 -41.63
N ALA H 67 1.94 -9.29 -40.93
CA ALA H 67 2.66 -8.16 -41.47
C ALA H 67 3.50 -8.53 -42.68
N ARG H 68 3.83 -9.81 -42.84
CA ARG H 68 4.46 -10.28 -44.06
C ARG H 68 3.49 -10.98 -44.98
N ALA H 69 2.38 -11.49 -44.44
CA ALA H 69 1.35 -12.03 -45.30
C ALA H 69 0.76 -10.95 -46.18
N VAL H 70 0.62 -9.74 -45.64
CA VAL H 70 0.15 -8.62 -46.43
C VAL H 70 1.15 -8.19 -47.49
N ALA H 71 2.40 -8.64 -47.40
CA ALA H 71 3.42 -8.18 -48.33
C ALA H 71 3.24 -8.80 -49.70
N ASN H 72 3.24 -10.14 -49.76
CA ASN H 72 3.14 -10.80 -51.05
C ASN H 72 1.79 -10.55 -51.71
N ARG H 73 0.77 -10.31 -50.90
CA ARG H 73 -0.58 -10.10 -51.42
C ARG H 73 -0.66 -8.82 -52.24
N THR H 74 -0.09 -7.73 -51.74
CA THR H 74 -0.35 -6.43 -52.34
C THR H 74 0.42 -6.19 -53.64
N ASP H 75 1.55 -6.88 -53.85
CA ASP H 75 2.42 -6.58 -54.98
C ASP H 75 2.80 -5.10 -54.98
N ALA H 76 3.29 -4.64 -53.83
CA ALA H 76 3.71 -3.27 -53.65
C ALA H 76 4.90 -3.28 -52.72
N THR H 77 5.62 -2.17 -52.68
CA THR H 77 6.84 -2.12 -51.89
C THR H 77 6.52 -2.29 -50.41
N PHE H 78 7.19 -3.24 -49.79
CA PHE H 78 7.11 -3.48 -48.36
C PHE H 78 8.46 -3.11 -47.77
N ILE H 79 8.42 -2.37 -46.68
CA ILE H 79 9.62 -1.82 -46.07
C ILE H 79 9.64 -2.17 -44.59
N ARG H 80 10.78 -2.67 -44.13
CA ARG H 80 11.00 -3.10 -42.76
C ARG H 80 11.98 -2.13 -42.11
N VAL H 81 11.47 -1.29 -41.23
CA VAL H 81 12.31 -0.44 -40.40
C VAL H 81 12.45 -1.18 -39.08
N ILE H 82 13.43 -2.06 -39.02
CA ILE H 82 13.61 -2.94 -37.88
C ILE H 82 14.54 -2.29 -36.87
N GLY H 83 14.59 -2.84 -35.67
CA GLY H 83 15.47 -2.33 -34.64
C GLY H 83 16.92 -2.45 -35.05
N SER H 84 17.79 -1.90 -34.21
CA SER H 84 19.23 -1.85 -34.46
C SER H 84 19.57 -1.10 -35.74
N GLU H 85 18.63 -0.29 -36.24
CA GLU H 85 18.84 0.53 -37.43
C GLU H 85 18.20 1.90 -37.26
N LEU H 86 17.87 2.29 -36.03
CA LEU H 86 17.30 3.60 -35.75
C LEU H 86 17.93 4.29 -34.55
N VAL H 87 18.72 3.58 -33.74
CA VAL H 87 19.25 4.13 -32.49
C VAL H 87 20.75 3.91 -32.43
N GLN H 88 21.41 3.91 -33.59
CA GLN H 88 22.86 3.91 -33.60
C GLN H 88 23.39 5.14 -32.87
N LYS H 89 24.64 5.07 -32.46
CA LYS H 89 25.28 6.15 -31.72
C LYS H 89 25.63 7.28 -32.69
N TYR H 90 26.41 8.25 -32.22
CA TYR H 90 26.83 9.38 -33.04
C TYR H 90 25.60 10.13 -33.58
N VAL H 91 24.93 10.79 -32.63
CA VAL H 91 23.69 11.52 -32.86
C VAL H 91 23.76 12.34 -34.13
N GLY H 92 22.68 12.29 -34.91
CA GLY H 92 22.69 12.75 -36.28
C GLY H 92 22.80 11.56 -37.20
N GLU H 93 23.63 10.59 -36.82
CA GLU H 93 23.67 9.34 -37.57
C GLU H 93 22.48 8.45 -37.23
N GLY H 94 21.83 8.69 -36.09
CA GLY H 94 20.65 7.94 -35.72
C GLY H 94 19.37 8.46 -36.35
N ALA H 95 19.02 9.72 -36.08
CA ALA H 95 17.74 10.26 -36.50
C ALA H 95 17.73 10.74 -37.94
N ARG H 96 18.87 10.77 -38.61
CA ARG H 96 18.87 11.08 -40.03
C ARG H 96 18.26 9.95 -40.84
N MET H 97 18.39 8.71 -40.36
CA MET H 97 17.90 7.57 -41.11
C MET H 97 16.38 7.64 -41.24
N VAL H 98 15.69 7.94 -40.14
CA VAL H 98 14.24 8.07 -40.18
C VAL H 98 13.83 9.20 -41.09
N ARG H 99 14.63 10.27 -41.16
CA ARG H 99 14.35 11.32 -42.13
C ARG H 99 14.55 10.80 -43.54
N GLU H 100 15.65 10.08 -43.75
CA GLU H 100 15.89 9.45 -45.02
C GLU H 100 14.91 8.32 -45.27
N LEU H 101 14.39 7.72 -44.20
CA LEU H 101 13.44 6.63 -44.35
C LEU H 101 12.20 7.10 -45.10
N PHE H 102 11.55 8.12 -44.57
CA PHE H 102 10.37 8.65 -45.23
C PHE H 102 10.70 9.22 -46.59
N GLU H 103 11.90 9.76 -46.76
CA GLU H 103 12.23 10.45 -48.00
C GLU H 103 12.17 9.50 -49.18
N MET H 104 12.62 8.26 -48.98
CA MET H 104 12.38 7.25 -50.00
C MET H 104 10.89 7.05 -50.21
N ALA H 105 10.13 7.09 -49.11
CA ALA H 105 8.70 6.86 -49.21
C ALA H 105 7.97 8.06 -49.78
N ARG H 106 8.43 9.26 -49.45
CA ARG H 106 7.80 10.45 -50.00
C ARG H 106 8.02 10.51 -51.50
N THR H 107 9.16 10.01 -51.97
CA THR H 107 9.42 9.97 -53.39
C THR H 107 8.49 8.98 -54.08
N LYS H 108 8.43 7.77 -53.55
CA LYS H 108 7.76 6.68 -54.24
C LYS H 108 6.28 6.63 -53.86
N LYS H 109 5.48 6.10 -54.79
CA LYS H 109 4.05 5.95 -54.59
C LYS H 109 3.69 4.48 -54.37
N ALA H 110 2.45 4.25 -53.94
CA ALA H 110 1.94 2.90 -53.73
C ALA H 110 2.79 2.16 -52.71
N CYS H 111 3.10 2.83 -51.62
CA CYS H 111 4.13 2.40 -50.69
C CYS H 111 3.57 2.22 -49.30
N ILE H 112 4.02 1.15 -48.65
CA ILE H 112 3.69 0.87 -47.25
C ILE H 112 4.94 0.36 -46.57
N ILE H 113 5.02 0.60 -45.28
CA ILE H 113 6.21 0.30 -44.50
C ILE H 113 5.81 -0.55 -43.31
N PHE H 114 6.80 -0.84 -42.47
CA PHE H 114 6.59 -1.63 -41.27
C PHE H 114 7.63 -1.24 -40.24
N PHE H 115 7.17 -0.98 -39.02
CA PHE H 115 8.03 -0.72 -37.88
C PHE H 115 7.88 -1.89 -36.93
N ASP H 116 8.89 -2.75 -36.90
CA ASP H 116 8.87 -3.91 -36.04
C ASP H 116 9.25 -3.47 -34.63
N GLU H 117 8.31 -3.64 -33.71
CA GLU H 117 8.56 -3.53 -32.28
C GLU H 117 9.06 -2.11 -31.93
N ILE H 118 8.14 -1.17 -32.10
CA ILE H 118 8.36 0.23 -31.79
C ILE H 118 8.63 0.49 -30.32
N ASP H 119 8.38 -0.50 -29.44
CA ASP H 119 8.62 -0.35 -28.01
C ASP H 119 10.02 0.12 -27.66
N ALA H 120 10.99 -0.08 -28.57
CA ALA H 120 12.33 0.46 -28.35
C ALA H 120 12.30 1.98 -28.24
N VAL H 121 11.89 2.64 -29.32
CA VAL H 121 12.06 4.09 -29.45
C VAL H 121 10.79 4.84 -29.06
N GLY H 122 9.64 4.44 -29.60
CA GLY H 122 8.40 5.06 -29.18
C GLY H 122 8.10 4.74 -27.74
N GLY H 123 8.35 3.48 -27.34
CA GLY H 123 8.14 3.07 -25.97
C GLY H 123 8.94 3.85 -24.96
N ALA H 124 10.01 4.52 -25.41
CA ALA H 124 10.85 5.32 -24.51
C ALA H 124 10.16 6.65 -24.23
N ARG H 125 9.04 6.57 -23.51
CA ARG H 125 8.49 7.72 -22.83
C ARG H 125 9.56 8.33 -21.93
N PHE H 126 9.79 9.63 -22.08
CA PHE H 126 10.76 10.33 -21.26
C PHE H 126 10.49 10.10 -19.78
N ASP H 127 11.52 9.66 -19.06
CA ASP H 127 11.40 9.32 -17.64
C ASP H 127 11.23 10.61 -16.85
N ASP H 128 9.97 11.06 -16.80
CA ASP H 128 9.62 12.34 -16.19
C ASP H 128 10.38 13.48 -16.86
N GLY H 129 10.67 13.34 -18.14
CA GLY H 129 11.43 14.32 -18.89
C GLY H 129 12.84 14.51 -18.40
N ALA H 130 13.34 13.55 -17.62
CA ALA H 130 14.66 13.68 -17.03
C ALA H 130 15.76 13.43 -18.07
N GLY H 131 16.99 13.72 -17.68
CA GLY H 131 18.13 13.56 -18.55
C GLY H 131 18.42 14.84 -19.31
N GLY H 132 19.57 15.46 -19.03
CA GLY H 132 19.95 16.66 -19.74
C GLY H 132 20.14 16.45 -21.22
N ASP H 133 20.39 15.21 -21.63
CA ASP H 133 20.43 14.83 -23.03
C ASP H 133 19.71 13.51 -23.19
N ASN H 134 18.69 13.48 -24.04
CA ASN H 134 17.88 12.28 -24.28
C ASN H 134 17.92 12.01 -25.78
N GLU H 135 18.74 11.04 -26.18
CA GLU H 135 18.97 10.78 -27.59
C GLU H 135 17.73 10.21 -28.27
N VAL H 136 16.85 9.55 -27.51
CA VAL H 136 15.65 8.99 -28.11
C VAL H 136 14.52 10.01 -28.12
N GLN H 137 14.53 10.96 -27.18
CA GLN H 137 13.55 12.03 -27.19
C GLN H 137 13.60 12.80 -28.51
N ARG H 138 14.80 13.10 -29.00
CA ARG H 138 14.91 13.94 -30.18
C ARG H 138 14.41 13.22 -31.42
N THR H 139 14.65 11.90 -31.51
CA THR H 139 14.30 11.17 -32.71
C THR H 139 12.87 10.66 -32.69
N MET H 140 12.23 10.65 -31.52
CA MET H 140 10.80 10.35 -31.48
C MET H 140 9.98 11.59 -31.82
N LEU H 141 10.45 12.77 -31.42
CA LEU H 141 9.73 13.99 -31.69
C LEU H 141 9.79 14.39 -33.15
N GLU H 142 10.63 13.73 -33.96
CA GLU H 142 10.76 14.13 -35.36
C GLU H 142 9.70 13.47 -36.21
N LEU H 143 9.38 12.21 -35.92
CA LEU H 143 8.43 11.48 -36.75
C LEU H 143 7.02 11.97 -36.49
N ILE H 144 6.72 12.28 -35.23
CA ILE H 144 5.50 13.00 -34.96
C ILE H 144 5.59 14.39 -35.56
N THR H 145 6.81 14.94 -35.66
CA THR H 145 7.01 16.15 -36.44
C THR H 145 6.89 15.86 -37.93
N GLN H 146 7.20 14.63 -38.34
CA GLN H 146 6.89 14.21 -39.70
C GLN H 146 5.40 14.02 -39.88
N LEU H 147 4.76 13.35 -38.92
CA LEU H 147 3.40 12.85 -39.11
C LEU H 147 2.32 13.78 -38.57
N ASP H 148 2.63 14.60 -37.56
CA ASP H 148 1.70 15.55 -37.01
C ASP H 148 2.27 16.95 -37.22
N GLY H 149 1.55 17.95 -36.73
CA GLY H 149 1.89 19.32 -37.07
C GLY H 149 1.33 19.67 -38.44
N PHE H 150 1.85 19.01 -39.47
CA PHE H 150 1.32 19.14 -40.83
C PHE H 150 1.50 17.81 -41.54
N ASP H 151 0.78 17.66 -42.65
CA ASP H 151 0.66 16.38 -43.31
C ASP H 151 2.02 15.90 -43.83
N PRO H 152 2.46 14.67 -43.50
CA PRO H 152 3.64 14.14 -44.19
C PRO H 152 3.35 13.88 -45.65
N ARG H 153 2.31 13.09 -45.93
CA ARG H 153 2.00 12.62 -47.26
C ARG H 153 0.52 12.26 -47.30
N GLY H 154 0.06 11.80 -48.46
CA GLY H 154 -1.34 11.49 -48.69
C GLY H 154 -1.62 10.03 -49.03
N ASN H 155 -0.66 9.33 -49.66
CA ASN H 155 -0.82 7.91 -50.02
C ASN H 155 0.41 7.11 -49.57
N ILE H 156 0.45 6.76 -48.28
CA ILE H 156 1.44 5.85 -47.71
C ILE H 156 0.83 5.21 -46.47
N LYS H 157 0.86 3.89 -46.40
CA LYS H 157 0.23 3.16 -45.31
C LYS H 157 1.28 2.70 -44.32
N VAL H 158 0.95 2.80 -43.04
CA VAL H 158 1.89 2.52 -41.96
C VAL H 158 1.22 1.62 -40.95
N MET H 159 1.99 0.65 -40.44
CA MET H 159 1.55 -0.23 -39.38
C MET H 159 2.69 -0.42 -38.41
N PHE H 160 2.40 -0.28 -37.13
CA PHE H 160 3.34 -0.52 -36.06
C PHE H 160 3.06 -1.88 -35.46
N ALA H 161 3.77 -2.20 -34.38
CA ALA H 161 3.56 -3.40 -33.63
C ALA H 161 4.06 -3.18 -32.22
N THR H 162 3.52 -3.96 -31.30
CA THR H 162 3.87 -3.81 -29.90
C THR H 162 3.43 -5.03 -29.12
N ASN H 163 4.37 -5.70 -28.47
CA ASN H 163 4.02 -6.67 -27.45
C ASN H 163 3.55 -6.02 -26.17
N ARG H 164 3.65 -4.70 -26.05
CA ARG H 164 3.46 -4.03 -24.77
C ARG H 164 3.14 -2.56 -25.03
N PRO H 165 1.87 -2.20 -25.17
CA PRO H 165 1.55 -0.87 -25.71
C PRO H 165 1.69 0.26 -24.73
N ASN H 166 1.56 -0.01 -23.42
CA ASN H 166 1.46 1.05 -22.43
C ASN H 166 2.73 1.88 -22.32
N THR H 167 3.81 1.47 -22.96
CA THR H 167 5.07 2.20 -22.88
C THR H 167 4.96 3.54 -23.56
N LEU H 168 4.65 3.54 -24.85
CA LEU H 168 4.95 4.71 -25.66
C LEU H 168 3.98 5.83 -25.33
N ASP H 169 4.12 6.92 -26.09
CA ASP H 169 3.62 8.20 -25.68
C ASP H 169 2.09 8.19 -25.65
N PRO H 170 1.48 9.15 -24.95
CA PRO H 170 0.05 9.42 -25.19
C PRO H 170 -0.20 10.21 -26.46
N ALA H 171 0.82 10.50 -27.25
CA ALA H 171 0.67 11.22 -28.51
C ALA H 171 0.54 10.27 -29.69
N LEU H 172 0.53 8.97 -29.45
CA LEU H 172 0.44 7.95 -30.49
C LEU H 172 -0.84 7.16 -30.33
N LEU H 173 -1.90 7.88 -29.98
CA LEU H 173 -3.27 7.41 -30.01
C LEU H 173 -4.15 8.37 -30.78
N ARG H 174 -3.57 9.28 -31.56
CA ARG H 174 -4.15 10.53 -31.94
C ARG H 174 -4.06 10.73 -33.45
N PRO H 175 -5.08 11.28 -34.12
CA PRO H 175 -5.07 11.30 -35.58
C PRO H 175 -3.92 12.07 -36.19
N GLY H 176 -3.50 11.60 -37.36
CA GLY H 176 -2.22 11.96 -37.94
C GLY H 176 -1.16 11.07 -37.36
N ARG H 177 -0.99 11.12 -36.03
CA ARG H 177 -0.11 10.21 -35.34
C ARG H 177 -0.59 8.78 -35.53
N ILE H 178 -1.74 8.45 -34.94
CA ILE H 178 -2.28 7.10 -34.99
C ILE H 178 -3.78 7.17 -35.05
N ASP H 179 -4.39 6.21 -35.76
CA ASP H 179 -5.82 6.16 -35.99
C ASP H 179 -6.48 5.00 -35.27
N ARG H 180 -6.02 3.78 -35.52
CA ARG H 180 -6.63 2.59 -34.96
C ARG H 180 -5.68 1.89 -34.00
N LYS H 181 -6.27 1.23 -33.01
CA LYS H 181 -5.57 0.34 -32.09
C LYS H 181 -6.25 -1.02 -32.20
N VAL H 182 -5.81 -1.81 -33.17
CA VAL H 182 -6.29 -3.17 -33.27
C VAL H 182 -5.74 -3.99 -32.11
N GLU H 183 -6.47 -5.02 -31.74
CA GLU H 183 -6.11 -5.89 -30.63
C GLU H 183 -6.24 -7.32 -31.06
N PHE H 184 -5.11 -7.96 -31.34
CA PHE H 184 -5.06 -9.40 -31.42
C PHE H 184 -5.05 -9.96 -30.02
N SER H 185 -5.92 -10.93 -29.78
CA SER H 185 -6.01 -11.57 -28.48
C SER H 185 -6.36 -13.03 -28.70
N LEU H 186 -6.52 -13.75 -27.60
CA LEU H 186 -6.47 -15.19 -27.64
C LEU H 186 -7.65 -15.76 -28.41
N PRO H 187 -7.49 -16.92 -29.03
CA PRO H 187 -8.58 -17.45 -29.85
C PRO H 187 -9.78 -17.92 -29.06
N ASP H 188 -10.73 -18.46 -29.80
CA ASP H 188 -11.76 -19.33 -29.27
C ASP H 188 -11.68 -20.67 -29.99
N LEU H 189 -12.65 -21.52 -29.71
CA LEU H 189 -12.60 -22.90 -30.20
C LEU H 189 -12.62 -22.95 -31.71
N GLU H 190 -13.57 -22.24 -32.33
CA GLU H 190 -13.71 -22.32 -33.77
C GLU H 190 -12.53 -21.68 -34.50
N GLY H 191 -11.72 -20.90 -33.79
CA GLY H 191 -10.48 -20.43 -34.39
C GLY H 191 -9.38 -21.48 -34.30
N ARG H 192 -9.25 -22.10 -33.13
CA ARG H 192 -8.22 -23.09 -32.91
C ARG H 192 -8.39 -24.26 -33.84
N ALA H 193 -9.64 -24.69 -34.03
CA ALA H 193 -9.92 -25.83 -34.90
C ALA H 193 -9.51 -25.56 -36.34
N ASN H 194 -9.29 -24.30 -36.71
CA ASN H 194 -8.77 -23.94 -38.02
C ASN H 194 -7.32 -23.51 -37.97
N ILE H 195 -6.69 -23.55 -36.79
CA ILE H 195 -5.24 -23.40 -36.70
C ILE H 195 -4.57 -24.76 -36.62
N PHE H 196 -5.24 -25.77 -36.08
CA PHE H 196 -4.67 -27.10 -36.09
C PHE H 196 -4.48 -27.61 -37.50
N ARG H 197 -5.49 -27.40 -38.33
CA ARG H 197 -5.57 -28.08 -39.61
C ARG H 197 -4.41 -27.68 -40.52
N ILE H 198 -3.97 -26.44 -40.42
CA ILE H 198 -2.93 -25.95 -41.32
C ILE H 198 -1.58 -26.53 -40.93
N HIS H 199 -1.33 -26.64 -39.63
CA HIS H 199 -0.06 -27.18 -39.14
C HIS H 199 -0.02 -28.70 -39.20
N SER H 200 -1.13 -29.35 -39.56
CA SER H 200 -1.20 -30.79 -39.70
C SER H 200 -1.35 -31.23 -41.15
N LYS H 201 -1.32 -30.30 -42.09
CA LYS H 201 -1.33 -30.67 -43.50
C LYS H 201 -0.16 -31.60 -43.81
N SER H 202 1.06 -31.12 -43.55
CA SER H 202 2.26 -31.91 -43.82
C SER H 202 2.33 -33.16 -42.99
N MET H 203 1.67 -33.19 -41.84
CA MET H 203 1.89 -34.27 -40.90
C MET H 203 1.30 -35.57 -41.43
N SER H 204 2.01 -36.66 -41.15
CA SER H 204 1.64 -37.98 -41.64
C SER H 204 0.89 -38.74 -40.55
N VAL H 205 -0.31 -38.25 -40.26
CA VAL H 205 -1.22 -38.92 -39.36
C VAL H 205 -2.35 -39.55 -40.16
N GLU H 206 -2.99 -40.55 -39.56
CA GLU H 206 -4.11 -41.27 -40.15
C GLU H 206 -5.39 -40.87 -39.43
N ARG H 207 -6.50 -40.87 -40.16
CA ARG H 207 -7.72 -40.31 -39.62
C ARG H 207 -8.26 -41.20 -38.50
N GLY H 208 -9.34 -40.75 -37.90
CA GLY H 208 -9.84 -41.30 -36.65
C GLY H 208 -9.58 -40.31 -35.54
N ILE H 209 -9.56 -39.04 -35.89
CA ILE H 209 -9.20 -37.96 -34.99
C ILE H 209 -10.34 -36.95 -34.96
N ARG H 210 -10.55 -36.38 -33.78
CA ARG H 210 -11.59 -35.38 -33.56
C ARG H 210 -10.96 -34.27 -32.73
N TRP H 211 -10.45 -33.25 -33.43
CA TRP H 211 -9.82 -32.13 -32.74
C TRP H 211 -10.78 -31.37 -31.86
N GLU H 212 -12.08 -31.57 -32.03
CA GLU H 212 -13.06 -30.98 -31.11
C GLU H 212 -12.80 -31.44 -29.69
N LEU H 213 -12.34 -32.67 -29.52
CA LEU H 213 -11.85 -33.11 -28.22
C LEU H 213 -10.72 -32.22 -27.75
N ILE H 214 -9.80 -31.90 -28.65
CA ILE H 214 -8.55 -31.28 -28.25
C ILE H 214 -8.78 -29.83 -27.83
N SER H 215 -9.52 -29.08 -28.63
CA SER H 215 -9.75 -27.69 -28.29
C SER H 215 -10.48 -27.56 -26.96
N ARG H 216 -11.40 -28.46 -26.68
CA ARG H 216 -12.00 -28.53 -25.36
C ARG H 216 -10.99 -28.93 -24.30
N LEU H 217 -9.88 -29.51 -24.72
CA LEU H 217 -8.81 -29.97 -23.85
C LEU H 217 -7.64 -29.00 -23.79
N CYS H 218 -7.58 -28.03 -24.70
CA CYS H 218 -6.52 -27.02 -24.68
C CYS H 218 -7.13 -25.67 -24.34
N PRO H 219 -7.08 -25.25 -23.10
CA PRO H 219 -7.59 -23.92 -22.76
C PRO H 219 -6.73 -22.80 -23.30
N ASN H 220 -6.96 -21.60 -22.78
CA ASN H 220 -6.40 -20.37 -23.30
C ASN H 220 -4.91 -20.47 -23.65
N SER H 221 -4.65 -20.32 -24.94
CA SER H 221 -3.34 -20.60 -25.50
C SER H 221 -3.13 -19.72 -26.72
N THR H 222 -1.87 -19.60 -27.10
CA THR H 222 -1.49 -18.74 -28.19
C THR H 222 -1.57 -19.49 -29.50
N GLY H 223 -1.41 -18.76 -30.58
CA GLY H 223 -1.31 -19.39 -31.87
C GLY H 223 0.02 -20.03 -32.16
N ALA H 224 0.95 -19.98 -31.21
CA ALA H 224 2.25 -20.64 -31.34
C ALA H 224 2.41 -21.82 -30.41
N GLU H 225 1.67 -21.87 -29.32
CA GLU H 225 1.64 -23.09 -28.54
C GLU H 225 0.87 -24.19 -29.25
N LEU H 226 0.16 -23.87 -30.33
CA LEU H 226 -0.60 -24.85 -31.07
C LEU H 226 0.17 -25.44 -32.22
N ARG H 227 1.34 -24.91 -32.56
CA ARG H 227 2.23 -25.62 -33.46
C ARG H 227 3.16 -26.54 -32.69
N SER H 228 3.60 -26.10 -31.51
CA SER H 228 4.53 -26.89 -30.72
C SER H 228 3.93 -28.23 -30.37
N VAL H 229 2.63 -28.25 -30.15
CA VAL H 229 1.86 -29.48 -30.04
C VAL H 229 2.21 -30.41 -31.19
N CYS H 230 2.08 -29.89 -32.41
CA CYS H 230 2.26 -30.72 -33.59
C CYS H 230 3.69 -31.23 -33.70
N THR H 231 4.64 -30.56 -33.07
CA THR H 231 6.00 -31.09 -33.06
C THR H 231 6.12 -32.25 -32.08
N GLU H 232 5.82 -31.99 -30.81
CA GLU H 232 6.02 -33.01 -29.80
C GLU H 232 5.09 -34.18 -29.99
N ALA H 233 3.86 -33.91 -30.42
CA ALA H 233 2.93 -34.99 -30.72
C ALA H 233 3.49 -35.88 -31.80
N GLY H 234 4.02 -35.28 -32.86
CA GLY H 234 4.66 -36.05 -33.90
C GLY H 234 5.97 -36.67 -33.49
N MET H 235 6.54 -36.20 -32.37
CA MET H 235 7.88 -36.62 -31.97
C MET H 235 7.83 -37.87 -31.11
N PHE H 236 6.87 -37.95 -30.19
CA PHE H 236 6.77 -39.12 -29.32
C PHE H 236 6.68 -40.41 -30.11
N ALA H 237 6.05 -40.37 -31.27
CA ALA H 237 6.02 -41.53 -32.12
C ALA H 237 7.40 -41.90 -32.61
N ILE H 238 8.33 -40.96 -32.61
CA ILE H 238 9.65 -41.18 -33.18
C ILE H 238 10.55 -41.91 -32.20
N ARG H 239 10.57 -41.49 -30.95
CA ARG H 239 11.32 -42.23 -29.96
C ARG H 239 10.68 -43.58 -29.70
N ALA H 240 9.37 -43.69 -29.93
CA ALA H 240 8.68 -44.97 -29.94
C ALA H 240 8.67 -45.62 -31.31
N ARG H 241 9.20 -44.96 -32.33
CA ARG H 241 9.53 -45.59 -33.60
C ARG H 241 8.32 -46.10 -34.33
N ARG H 242 7.42 -45.21 -34.70
CA ARG H 242 6.28 -45.52 -35.54
C ARG H 242 6.26 -44.59 -36.74
N LYS H 243 5.83 -45.12 -37.88
CA LYS H 243 5.79 -44.37 -39.13
C LYS H 243 4.48 -43.64 -39.31
N VAL H 244 3.77 -43.36 -38.23
CA VAL H 244 2.49 -42.65 -38.29
C VAL H 244 2.17 -42.16 -36.89
N ALA H 245 1.30 -41.17 -36.80
CA ALA H 245 0.88 -40.59 -35.54
C ALA H 245 -0.47 -41.15 -35.11
N THR H 246 -0.71 -41.09 -33.80
CA THR H 246 -2.00 -41.46 -33.22
C THR H 246 -2.76 -40.20 -32.87
N GLU H 247 -3.86 -40.36 -32.15
CA GLU H 247 -4.54 -39.28 -31.47
C GLU H 247 -4.10 -39.19 -30.02
N LYS H 248 -4.08 -40.33 -29.32
CA LYS H 248 -3.61 -40.40 -27.95
C LYS H 248 -2.25 -39.76 -27.76
N ASP H 249 -1.41 -39.76 -28.80
CA ASP H 249 -0.12 -39.12 -28.72
C ASP H 249 -0.26 -37.64 -28.43
N PHE H 250 -1.22 -36.98 -29.07
CA PHE H 250 -1.49 -35.58 -28.79
C PHE H 250 -1.84 -35.39 -27.32
N LEU H 251 -2.51 -36.37 -26.72
CA LEU H 251 -3.04 -36.18 -25.38
C LEU H 251 -1.96 -36.11 -24.33
N LYS H 252 -0.78 -36.66 -24.59
CA LYS H 252 0.38 -36.46 -23.74
C LYS H 252 1.40 -35.52 -24.35
N ALA H 253 1.11 -34.98 -25.53
CA ALA H 253 1.85 -33.83 -26.03
C ALA H 253 1.28 -32.55 -25.46
N VAL H 254 -0.04 -32.50 -25.36
CA VAL H 254 -0.70 -31.31 -24.85
C VAL H 254 -0.32 -31.06 -23.40
N ASP H 255 -0.04 -32.13 -22.66
CA ASP H 255 0.17 -32.00 -21.23
C ASP H 255 1.46 -31.28 -20.89
N LYS H 256 2.41 -31.29 -21.82
CA LYS H 256 3.72 -30.71 -21.52
C LYS H 256 3.71 -29.20 -21.73
N VAL H 257 3.33 -28.77 -22.93
CA VAL H 257 3.54 -27.39 -23.32
C VAL H 257 2.72 -26.44 -22.46
N ILE H 258 1.49 -26.84 -22.12
CA ILE H 258 0.71 -26.07 -21.17
C ILE H 258 1.43 -26.01 -19.83
N SER H 259 2.06 -27.12 -19.44
CA SER H 259 2.82 -27.19 -18.19
C SER H 259 4.23 -26.65 -18.40
N SER H 268 -1.30 -34.07 -7.62
CA SER H 268 -1.40 -32.86 -8.44
C SER H 268 -2.59 -32.96 -9.39
N ARG H 269 -3.77 -32.63 -8.88
CA ARG H 269 -5.01 -32.70 -9.65
C ARG H 269 -6.12 -32.08 -8.82
N TYR H 270 -7.06 -31.46 -9.52
CA TYR H 270 -8.24 -30.85 -8.89
C TYR H 270 -9.32 -31.91 -8.76
N MET H 271 -9.17 -32.75 -7.74
CA MET H 271 -10.13 -33.81 -7.47
C MET H 271 -11.45 -33.32 -6.91
N GLN H 272 -11.59 -32.03 -6.65
CA GLN H 272 -12.79 -31.46 -6.04
C GLN H 272 -13.87 -31.13 -7.07
N TYR H 273 -13.71 -31.55 -8.31
CA TYR H 273 -14.74 -31.37 -9.34
C TYR H 273 -15.31 -32.71 -9.77
N THR I 1 35.07 -30.75 -23.23
CA THR I 1 35.94 -31.90 -23.49
C THR I 1 35.36 -33.21 -22.98
N GLU I 2 34.48 -33.13 -21.98
CA GLU I 2 33.90 -34.31 -21.35
C GLU I 2 33.01 -35.05 -22.33
N SER I 3 32.45 -36.17 -21.90
CA SER I 3 31.67 -37.04 -22.76
C SER I 3 30.46 -37.54 -22.00
N TYR I 4 29.68 -38.38 -22.66
CA TYR I 4 28.75 -39.22 -21.95
C TYR I 4 29.53 -40.28 -21.20
N SER I 5 28.82 -41.18 -20.53
CA SER I 5 29.44 -42.08 -19.56
C SER I 5 30.14 -41.28 -18.46
N ASP I 6 29.61 -40.10 -18.17
CA ASP I 6 30.13 -39.24 -17.13
C ASP I 6 28.99 -38.57 -16.37
N ILE I 7 27.74 -38.97 -16.60
CA ILE I 7 26.58 -38.42 -15.94
C ILE I 7 25.82 -39.56 -15.28
N GLY I 8 25.32 -40.46 -16.11
CA GLY I 8 24.50 -41.57 -15.63
C GLY I 8 23.07 -41.22 -15.29
N GLY I 9 22.87 -40.18 -14.52
CA GLY I 9 21.56 -39.89 -13.96
C GLY I 9 20.54 -39.41 -14.96
N LEU I 10 20.85 -38.30 -15.59
CA LEU I 10 19.88 -37.58 -16.39
C LEU I 10 19.57 -38.38 -17.64
N GLU I 11 18.42 -39.04 -17.64
CA GLU I 11 17.94 -39.83 -18.77
C GLU I 11 16.61 -39.32 -19.29
N SER I 12 15.65 -39.10 -18.39
CA SER I 12 14.42 -38.46 -18.79
C SER I 12 14.67 -37.06 -19.31
N GLN I 13 15.75 -36.43 -18.83
CA GLN I 13 16.10 -35.08 -19.24
C GLN I 13 16.91 -35.07 -20.54
N ILE I 14 17.70 -36.10 -20.77
CA ILE I 14 18.71 -36.03 -21.82
C ILE I 14 18.18 -36.45 -23.18
N GLN I 15 17.05 -37.15 -23.24
CA GLN I 15 16.57 -37.61 -24.53
C GLN I 15 16.18 -36.46 -25.45
N GLU I 16 15.95 -35.27 -24.91
CA GLU I 16 15.45 -34.16 -25.71
C GLU I 16 16.54 -33.53 -26.55
N ILE I 17 17.63 -33.11 -25.90
CA ILE I 17 18.75 -32.50 -26.60
C ILE I 17 19.27 -33.44 -27.67
N LYS I 18 19.21 -34.73 -27.39
CA LYS I 18 19.44 -35.74 -28.41
C LYS I 18 18.48 -35.52 -29.57
N GLU I 19 17.20 -35.33 -29.25
CA GLU I 19 16.19 -35.14 -30.28
C GLU I 19 16.26 -33.77 -30.92
N SER I 20 16.86 -32.81 -30.25
CA SER I 20 17.03 -31.50 -30.82
C SER I 20 18.27 -31.37 -31.70
N VAL I 21 19.39 -31.95 -31.26
CA VAL I 21 20.70 -31.58 -31.78
C VAL I 21 21.51 -32.76 -32.26
N GLU I 22 21.75 -33.73 -31.37
CA GLU I 22 22.68 -34.79 -31.72
C GLU I 22 22.10 -35.68 -32.81
N LEU I 23 20.80 -35.84 -32.83
CA LEU I 23 20.14 -36.73 -33.77
C LEU I 23 19.94 -36.15 -35.17
N PRO I 24 19.32 -34.98 -35.32
CA PRO I 24 18.85 -34.57 -36.65
C PRO I 24 19.94 -34.41 -37.66
N LEU I 25 21.17 -34.15 -37.20
CA LEU I 25 22.30 -34.22 -38.11
C LEU I 25 22.46 -35.64 -38.65
N THR I 26 22.11 -36.63 -37.86
CA THR I 26 22.28 -38.01 -38.28
C THR I 26 21.17 -38.46 -39.21
N HIS I 27 19.94 -38.45 -38.72
CA HIS I 27 18.82 -39.12 -39.38
C HIS I 27 17.64 -38.17 -39.49
N PRO I 28 17.81 -37.06 -40.20
CA PRO I 28 16.70 -36.12 -40.38
C PRO I 28 15.56 -36.70 -41.16
N GLU I 29 15.79 -37.79 -41.89
CA GLU I 29 14.71 -38.40 -42.65
C GLU I 29 13.59 -38.89 -41.75
N LEU I 30 13.88 -39.10 -40.47
CA LEU I 30 12.86 -39.38 -39.49
C LEU I 30 11.85 -38.25 -39.42
N TYR I 31 12.35 -37.04 -39.20
CA TYR I 31 11.46 -35.91 -38.94
C TYR I 31 10.62 -35.58 -40.15
N GLU I 32 11.23 -35.62 -41.34
CA GLU I 32 10.50 -35.28 -42.54
C GLU I 32 9.51 -36.36 -42.91
N GLU I 33 9.81 -37.62 -42.56
CA GLU I 33 8.90 -38.71 -42.85
C GLU I 33 7.52 -38.43 -42.31
N MET I 34 7.44 -37.86 -41.12
CA MET I 34 6.16 -37.41 -40.60
C MET I 34 5.69 -36.16 -41.32
N GLY I 35 6.63 -35.31 -41.74
CA GLY I 35 6.32 -34.07 -42.40
C GLY I 35 6.66 -32.92 -41.49
N ILE I 36 7.70 -33.10 -40.70
CA ILE I 36 7.95 -32.31 -39.51
C ILE I 36 9.41 -31.87 -39.47
N LYS I 37 9.63 -30.68 -38.93
CA LYS I 37 10.95 -30.14 -38.72
C LYS I 37 11.22 -29.94 -37.24
N PRO I 38 12.43 -30.20 -36.75
CA PRO I 38 12.62 -30.25 -35.30
C PRO I 38 12.59 -28.87 -34.69
N PRO I 39 12.79 -28.79 -33.37
CA PRO I 39 12.80 -27.49 -32.70
C PRO I 39 13.93 -26.60 -33.16
N LYS I 40 13.63 -25.31 -33.13
CA LYS I 40 14.64 -24.26 -33.08
C LYS I 40 14.55 -23.65 -31.70
N GLY I 41 15.20 -24.28 -30.74
CA GLY I 41 15.42 -23.70 -29.42
C GLY I 41 15.27 -24.70 -28.30
N VAL I 42 16.00 -24.44 -27.22
CA VAL I 42 15.98 -25.26 -26.02
C VAL I 42 16.30 -24.33 -24.86
N ILE I 43 15.89 -24.73 -23.66
CA ILE I 43 16.20 -23.99 -22.44
C ILE I 43 16.27 -24.99 -21.29
N LEU I 44 16.95 -24.59 -20.23
CA LEU I 44 17.27 -25.45 -19.11
C LEU I 44 17.00 -24.68 -17.83
N TYR I 45 16.08 -25.17 -17.00
CA TYR I 45 15.82 -24.49 -15.76
C TYR I 45 17.01 -24.64 -14.83
N GLY I 46 16.88 -24.06 -13.64
CA GLY I 46 17.98 -23.92 -12.72
C GLY I 46 18.09 -25.01 -11.69
N ALA I 47 17.81 -24.66 -10.45
CA ALA I 47 17.96 -25.57 -9.32
C ALA I 47 19.42 -26.00 -9.26
N PRO I 48 20.33 -25.11 -8.84
CA PRO I 48 21.75 -25.29 -9.15
C PRO I 48 22.39 -26.55 -8.59
N GLY I 49 23.65 -26.76 -8.93
CA GLY I 49 24.35 -27.96 -8.53
C GLY I 49 23.66 -29.21 -9.03
N THR I 50 23.29 -29.20 -10.30
CA THR I 50 22.59 -30.32 -10.89
C THR I 50 23.00 -30.67 -12.31
N GLY I 51 24.00 -29.99 -12.88
CA GLY I 51 24.55 -30.40 -14.16
C GLY I 51 23.88 -29.83 -15.39
N LYS I 52 23.88 -28.50 -15.50
CA LYS I 52 23.33 -27.82 -16.66
C LYS I 52 24.40 -27.55 -17.70
N THR I 53 25.41 -26.77 -17.32
CA THR I 53 26.52 -26.50 -18.22
C THR I 53 27.23 -27.78 -18.62
N LEU I 54 27.25 -28.76 -17.73
CA LEU I 54 27.89 -30.03 -18.01
C LEU I 54 27.27 -30.68 -19.23
N LEU I 55 25.96 -30.65 -19.33
CA LEU I 55 25.27 -31.27 -20.45
C LEU I 55 25.68 -30.62 -21.76
N ALA I 56 25.73 -29.28 -21.78
CA ALA I 56 26.01 -28.57 -23.01
C ALA I 56 27.40 -28.90 -23.51
N LYS I 57 28.37 -28.87 -22.62
CA LYS I 57 29.74 -29.14 -23.04
C LYS I 57 29.90 -30.58 -23.50
N ALA I 58 29.02 -31.47 -23.07
CA ALA I 58 29.08 -32.85 -23.53
C ALA I 58 28.86 -32.92 -25.02
N VAL I 59 27.73 -32.40 -25.48
CA VAL I 59 27.36 -32.53 -26.89
C VAL I 59 28.40 -31.89 -27.78
N ALA I 60 29.07 -30.87 -27.27
CA ALA I 60 30.18 -30.29 -28.00
C ALA I 60 31.24 -31.33 -28.31
N ASN I 61 31.37 -32.33 -27.45
CA ASN I 61 32.37 -33.36 -27.65
C ASN I 61 32.08 -34.13 -28.94
N GLN I 62 30.82 -34.47 -29.17
CA GLN I 62 30.40 -35.15 -30.38
C GLN I 62 29.19 -34.41 -30.95
N THR I 63 29.46 -33.52 -31.89
CA THR I 63 28.42 -32.84 -32.65
C THR I 63 28.69 -32.76 -34.13
N SER I 64 29.96 -32.82 -34.55
CA SER I 64 30.32 -32.77 -35.96
C SER I 64 29.84 -31.46 -36.59
N ALA I 65 29.90 -30.39 -35.82
CA ALA I 65 29.39 -29.10 -36.27
C ALA I 65 30.07 -28.00 -35.46
N THR I 66 29.72 -26.77 -35.79
CA THR I 66 30.32 -25.61 -35.17
C THR I 66 29.57 -25.27 -33.90
N PHE I 67 30.31 -24.95 -32.85
CA PHE I 67 29.75 -24.73 -31.54
C PHE I 67 30.40 -23.52 -30.91
N LEU I 68 29.63 -22.81 -30.12
CA LEU I 68 29.93 -21.45 -29.73
C LEU I 68 30.02 -21.34 -28.22
N ARG I 69 30.44 -20.15 -27.78
CA ARG I 69 30.86 -19.91 -26.42
C ARG I 69 30.43 -18.48 -26.09
N ILE I 70 29.32 -18.36 -25.37
CA ILE I 70 28.83 -17.06 -24.92
C ILE I 70 28.26 -17.24 -23.53
N VAL I 71 28.47 -16.24 -22.69
CA VAL I 71 27.67 -16.00 -21.51
C VAL I 71 26.89 -14.71 -21.74
N GLY I 72 25.74 -14.62 -21.09
CA GLY I 72 24.80 -13.53 -21.31
C GLY I 72 25.35 -12.11 -21.31
N SER I 73 26.50 -11.91 -20.66
CA SER I 73 27.04 -10.57 -20.44
C SER I 73 28.07 -10.14 -21.46
N GLU I 74 28.50 -11.04 -22.34
CA GLU I 74 29.37 -10.61 -23.43
C GLU I 74 28.60 -9.79 -24.44
N LEU I 75 27.28 -9.95 -24.50
CA LEU I 75 26.48 -9.21 -25.46
C LEU I 75 26.54 -7.72 -25.20
N ILE I 76 26.41 -7.32 -23.94
CA ILE I 76 26.24 -5.91 -23.63
C ILE I 76 27.53 -5.17 -23.90
N GLN I 77 27.40 -3.89 -24.18
CA GLN I 77 28.51 -3.03 -24.56
C GLN I 77 28.28 -1.68 -23.90
N LYS I 78 29.10 -0.72 -24.26
CA LYS I 78 29.24 0.53 -23.56
C LYS I 78 28.81 1.72 -24.39
N TYR I 79 29.08 1.71 -25.68
CA TYR I 79 28.86 2.84 -26.56
C TYR I 79 27.38 3.07 -26.90
N LEU I 80 26.46 2.36 -26.25
CA LEU I 80 25.04 2.70 -26.26
C LEU I 80 24.33 2.40 -27.58
N GLY I 81 25.07 1.99 -28.62
CA GLY I 81 24.44 1.65 -29.88
C GLY I 81 25.12 0.53 -30.65
N ASP I 82 26.05 -0.16 -30.00
CA ASP I 82 26.85 -1.19 -30.65
C ASP I 82 26.55 -2.59 -30.13
N GLY I 83 26.00 -2.69 -28.93
CA GLY I 83 25.48 -3.92 -28.41
C GLY I 83 24.63 -4.70 -29.40
N PRO I 84 23.50 -4.13 -29.81
CA PRO I 84 22.57 -4.89 -30.62
C PRO I 84 23.10 -5.23 -32.00
N ARG I 85 24.06 -4.48 -32.52
CA ARG I 85 24.70 -4.91 -33.75
C ARG I 85 25.39 -6.25 -33.53
N LEU I 86 26.03 -6.39 -32.37
CA LEU I 86 26.80 -7.60 -32.08
C LEU I 86 25.93 -8.85 -32.14
N CYS I 87 24.64 -8.74 -31.80
CA CYS I 87 23.81 -9.92 -31.84
C CYS I 87 23.58 -10.36 -33.28
N ARG I 88 23.25 -9.40 -34.16
CA ARG I 88 23.07 -9.76 -35.56
C ARG I 88 24.35 -10.29 -36.17
N GLN I 89 25.50 -9.91 -35.63
CA GLN I 89 26.75 -10.43 -36.15
C GLN I 89 26.86 -11.92 -35.90
N ILE I 90 26.56 -12.36 -34.69
CA ILE I 90 26.83 -13.75 -34.37
C ILE I 90 25.86 -14.67 -35.10
N PHE I 91 24.66 -14.19 -35.41
CA PHE I 91 23.69 -15.06 -36.03
C PHE I 91 23.91 -15.17 -37.53
N LYS I 92 24.34 -14.10 -38.17
CA LYS I 92 24.57 -14.18 -39.61
C LYS I 92 25.79 -15.03 -39.91
N VAL I 93 26.83 -14.92 -39.09
CA VAL I 93 28.04 -15.69 -39.32
C VAL I 93 27.78 -17.17 -39.08
N ALA I 94 26.94 -17.47 -38.10
CA ALA I 94 26.55 -18.84 -37.87
C ALA I 94 25.86 -19.41 -39.09
N GLY I 95 25.02 -18.61 -39.73
CA GLY I 95 24.46 -18.99 -41.01
C GLY I 95 25.54 -19.19 -42.05
N GLU I 96 26.53 -18.30 -42.05
CA GLU I 96 27.65 -18.46 -42.97
C GLU I 96 28.45 -19.70 -42.64
N ASN I 97 28.49 -20.08 -41.36
CA ASN I 97 29.17 -21.28 -40.91
C ASN I 97 28.20 -22.40 -40.61
N ALA I 98 26.96 -22.29 -41.09
CA ALA I 98 25.95 -23.27 -40.78
C ALA I 98 26.36 -24.66 -41.26
N PRO I 99 25.85 -25.72 -40.63
CA PRO I 99 24.95 -25.80 -39.49
C PRO I 99 25.67 -25.53 -38.19
N SER I 100 25.09 -24.74 -37.30
CA SER I 100 25.80 -24.22 -36.14
C SER I 100 24.91 -24.26 -34.91
N ILE I 101 25.56 -24.03 -33.78
CA ILE I 101 24.93 -24.03 -32.46
C ILE I 101 25.42 -22.80 -31.71
N VAL I 102 24.59 -22.31 -30.79
CA VAL I 102 24.99 -21.30 -29.82
C VAL I 102 24.67 -21.76 -28.42
N PHE I 103 25.15 -20.98 -27.46
CA PHE I 103 24.99 -21.29 -26.05
C PHE I 103 25.14 -19.98 -25.30
N ILE I 104 24.02 -19.43 -24.86
CA ILE I 104 23.99 -18.22 -24.07
C ILE I 104 23.54 -18.59 -22.67
N ASP I 105 24.32 -18.20 -21.69
CA ASP I 105 24.20 -18.74 -20.35
C ASP I 105 24.07 -17.61 -19.35
N GLU I 106 23.41 -17.91 -18.24
CA GLU I 106 23.20 -16.96 -17.17
C GLU I 106 22.53 -15.70 -17.69
N ILE I 107 21.59 -15.88 -18.61
CA ILE I 107 21.03 -14.75 -19.34
C ILE I 107 19.92 -14.07 -18.55
N ASP I 108 19.75 -14.46 -17.29
CA ASP I 108 19.04 -13.61 -16.36
C ASP I 108 19.69 -12.24 -16.23
N ALA I 109 20.99 -12.16 -16.54
CA ALA I 109 21.65 -10.87 -16.69
C ALA I 109 20.93 -9.99 -17.70
N ILE I 110 20.52 -10.58 -18.81
CA ILE I 110 19.84 -9.88 -19.88
C ILE I 110 18.34 -9.96 -19.68
N GLY I 111 17.83 -11.18 -19.63
CA GLY I 111 16.41 -11.37 -19.61
C GLY I 111 15.78 -10.92 -18.32
N THR I 112 15.07 -9.80 -18.41
CA THR I 112 14.23 -9.32 -17.33
C THR I 112 12.98 -8.72 -17.94
N LYS I 113 12.01 -8.45 -17.08
CA LYS I 113 10.79 -7.82 -17.51
C LYS I 113 11.08 -6.43 -18.06
N ARG I 114 10.10 -5.87 -18.75
CA ARG I 114 10.20 -4.50 -19.23
C ARG I 114 9.98 -3.60 -18.04
N TYR I 115 11.09 -3.29 -17.36
CA TYR I 115 11.03 -2.68 -16.05
C TYR I 115 10.62 -1.22 -16.11
N ASP I 116 10.74 -0.58 -17.27
CA ASP I 116 10.32 0.80 -17.48
C ASP I 116 11.04 1.74 -16.51
N SER I 117 12.34 1.81 -16.68
CA SER I 117 13.20 2.48 -15.72
C SER I 117 13.38 3.95 -16.08
N ASN I 118 14.33 4.57 -15.40
CA ASN I 118 14.64 5.99 -15.55
C ASN I 118 16.13 6.24 -15.55
N SER I 119 16.95 5.20 -15.74
CA SER I 119 18.37 5.35 -15.51
C SER I 119 19.06 5.98 -16.71
N GLY I 120 19.05 5.28 -17.84
CA GLY I 120 19.71 5.72 -19.03
C GLY I 120 20.64 4.67 -19.59
N GLY I 121 21.00 3.69 -18.77
CA GLY I 121 21.86 2.61 -19.18
C GLY I 121 21.11 1.30 -19.25
N GLU I 122 20.17 1.10 -18.33
CA GLU I 122 19.33 -0.08 -18.31
C GLU I 122 18.38 -0.15 -19.49
N ARG I 123 18.27 0.92 -20.26
CA ARG I 123 17.49 0.88 -21.48
C ARG I 123 18.23 0.17 -22.59
N GLU I 124 19.53 0.40 -22.68
CA GLU I 124 20.31 -0.11 -23.80
C GLU I 124 20.49 -1.61 -23.78
N ILE I 125 20.05 -2.28 -22.71
CA ILE I 125 20.00 -3.74 -22.73
C ILE I 125 18.63 -4.19 -23.22
N GLN I 126 17.57 -3.43 -22.89
CA GLN I 126 16.23 -3.83 -23.30
C GLN I 126 16.11 -3.83 -24.81
N ARG I 127 16.70 -2.83 -25.46
CA ARG I 127 16.84 -2.89 -26.90
C ARG I 127 17.70 -4.07 -27.31
N THR I 128 18.70 -4.40 -26.50
CA THR I 128 19.57 -5.52 -26.83
C THR I 128 18.86 -6.84 -26.64
N MET I 129 17.91 -6.89 -25.71
CA MET I 129 17.05 -8.05 -25.60
C MET I 129 16.09 -8.13 -26.77
N LEU I 130 15.94 -7.06 -27.53
CA LEU I 130 14.85 -6.92 -28.48
C LEU I 130 15.26 -7.22 -29.90
N GLU I 131 16.47 -6.84 -30.30
CA GLU I 131 16.91 -7.20 -31.65
C GLU I 131 17.02 -8.71 -31.76
N LEU I 132 17.44 -9.35 -30.68
CA LEU I 132 17.40 -10.79 -30.56
C LEU I 132 16.05 -11.34 -30.98
N LEU I 133 14.99 -10.86 -30.33
CA LEU I 133 13.63 -11.22 -30.69
C LEU I 133 13.36 -10.94 -32.17
N ASN I 134 13.68 -9.73 -32.62
CA ASN I 134 13.51 -9.37 -34.02
C ASN I 134 14.43 -10.16 -34.93
N GLN I 135 15.50 -10.73 -34.38
CA GLN I 135 16.41 -11.55 -35.16
C GLN I 135 15.96 -13.00 -35.14
N LEU I 136 15.57 -13.48 -33.97
CA LEU I 136 15.48 -14.91 -33.74
C LEU I 136 14.24 -15.50 -34.39
N ASP I 137 13.07 -14.90 -34.16
CA ASP I 137 11.86 -15.22 -34.91
C ASP I 137 11.47 -14.07 -35.81
N GLY I 138 11.20 -12.90 -35.22
CA GLY I 138 11.14 -11.66 -35.94
C GLY I 138 10.23 -11.63 -37.13
N PHE I 139 10.84 -11.56 -38.28
CA PHE I 139 10.18 -11.36 -39.56
C PHE I 139 10.56 -12.44 -40.56
N ASP I 140 11.80 -12.92 -40.53
CA ASP I 140 12.33 -13.84 -41.52
C ASP I 140 12.98 -15.03 -40.83
N ASP I 141 12.88 -16.18 -41.49
CA ASP I 141 13.50 -17.39 -40.99
C ASP I 141 15.02 -17.30 -41.09
N ARG I 142 15.69 -18.14 -40.30
CA ARG I 142 17.13 -18.05 -40.11
C ARG I 142 17.90 -19.29 -40.54
N GLY I 143 17.25 -20.45 -40.61
CA GLY I 143 17.93 -21.67 -41.02
C GLY I 143 18.23 -22.56 -39.85
N ASP I 144 19.26 -23.39 -39.96
CA ASP I 144 19.56 -24.41 -38.96
C ASP I 144 20.65 -23.91 -38.03
N VAL I 145 20.26 -23.01 -37.13
CA VAL I 145 21.05 -22.66 -35.97
C VAL I 145 20.17 -22.81 -34.75
N LYS I 146 20.70 -23.48 -33.74
CA LYS I 146 19.93 -23.91 -32.59
C LYS I 146 20.47 -23.26 -31.34
N VAL I 147 19.57 -22.97 -30.43
CA VAL I 147 19.90 -22.32 -29.17
C VAL I 147 19.80 -23.33 -28.06
N ILE I 148 20.78 -23.28 -27.17
CA ILE I 148 20.75 -24.01 -25.91
C ILE I 148 21.05 -22.97 -24.84
N MET I 149 20.02 -22.33 -24.33
CA MET I 149 20.19 -21.32 -23.30
C MET I 149 19.95 -21.92 -21.93
N ALA I 150 20.48 -21.25 -20.92
CA ALA I 150 20.43 -21.75 -19.55
C ALA I 150 20.19 -20.59 -18.60
N THR I 151 19.97 -20.95 -17.34
CA THR I 151 19.75 -19.98 -16.29
C THR I 151 19.81 -20.71 -14.95
N ASN I 152 19.45 -20.00 -13.90
CA ASN I 152 19.30 -20.55 -12.56
C ASN I 152 17.96 -20.25 -11.92
N LYS I 153 17.23 -19.25 -12.38
CA LYS I 153 15.91 -18.96 -11.87
C LYS I 153 15.12 -18.28 -12.97
N ILE I 154 13.87 -18.71 -13.12
CA ILE I 154 13.01 -18.25 -14.21
C ILE I 154 11.61 -17.88 -13.71
N GLU I 155 11.30 -18.22 -12.46
CA GLU I 155 9.94 -18.15 -11.95
C GLU I 155 9.35 -16.75 -11.93
N THR I 156 10.15 -15.72 -12.21
CA THR I 156 9.62 -14.39 -12.43
C THR I 156 10.36 -13.68 -13.56
N LEU I 157 11.19 -14.38 -14.31
CA LEU I 157 12.13 -13.81 -15.25
C LEU I 157 11.88 -14.38 -16.64
N ASP I 158 12.64 -13.88 -17.61
CA ASP I 158 12.63 -14.36 -18.98
C ASP I 158 11.21 -14.19 -19.55
N PRO I 159 10.78 -12.97 -19.85
CA PRO I 159 9.35 -12.69 -20.00
C PRO I 159 8.61 -13.30 -21.17
N ALA I 160 9.15 -13.09 -22.38
CA ALA I 160 8.40 -13.26 -23.61
C ALA I 160 9.12 -14.11 -24.63
N LEU I 161 10.44 -14.05 -24.61
CA LEU I 161 11.23 -14.90 -25.49
C LEU I 161 10.96 -16.36 -25.19
N ILE I 162 10.54 -16.69 -23.97
CA ILE I 162 10.16 -18.05 -23.67
C ILE I 162 8.77 -18.24 -24.26
N ARG I 163 8.76 -18.67 -25.51
CA ARG I 163 7.56 -19.15 -26.17
C ARG I 163 7.99 -19.93 -27.39
N PRO I 164 7.11 -20.77 -27.94
CA PRO I 164 7.39 -21.35 -29.25
C PRO I 164 7.59 -20.27 -30.29
N GLY I 165 8.31 -20.65 -31.34
CA GLY I 165 8.85 -19.71 -32.30
C GLY I 165 10.30 -19.47 -31.99
N ARG I 166 10.62 -19.43 -30.70
CA ARG I 166 11.97 -19.21 -30.22
C ARG I 166 12.50 -20.37 -29.42
N ILE I 167 11.72 -20.88 -28.48
CA ILE I 167 12.10 -22.02 -27.67
C ILE I 167 10.88 -22.92 -27.54
N ASP I 168 11.13 -24.20 -27.51
CA ASP I 168 10.09 -25.20 -27.70
C ASP I 168 9.99 -26.19 -26.56
N ARG I 169 11.12 -26.60 -25.99
CA ARG I 169 11.13 -27.47 -24.82
C ARG I 169 11.86 -26.77 -23.69
N LYS I 170 11.40 -27.06 -22.47
CA LYS I 170 11.95 -26.48 -21.25
C LYS I 170 12.34 -27.63 -20.34
N ILE I 171 13.54 -28.17 -20.52
CA ILE I 171 14.01 -29.17 -19.59
C ILE I 171 14.20 -28.50 -18.25
N LEU I 172 14.00 -29.26 -17.19
CA LEU I 172 14.26 -28.78 -15.85
C LEU I 172 15.02 -29.82 -15.06
N PHE I 173 15.84 -29.32 -14.17
CA PHE I 173 16.67 -30.11 -13.30
C PHE I 173 16.33 -29.80 -11.86
N GLU I 174 16.58 -30.77 -10.99
CA GLU I 174 16.44 -30.57 -9.55
C GLU I 174 17.53 -31.36 -8.86
N ASN I 175 17.51 -31.35 -7.54
CA ASN I 175 18.36 -32.25 -6.80
C ASN I 175 17.83 -33.66 -7.00
N PRO I 176 18.67 -34.65 -7.26
CA PRO I 176 18.17 -35.94 -7.73
C PRO I 176 17.34 -36.65 -6.68
N ASP I 177 16.73 -37.74 -7.12
CA ASP I 177 16.04 -38.65 -6.25
C ASP I 177 17.03 -39.68 -5.72
N LEU I 178 16.51 -40.62 -4.92
CA LEU I 178 17.35 -41.66 -4.37
C LEU I 178 17.91 -42.57 -5.45
N SER I 179 17.11 -42.83 -6.48
CA SER I 179 17.49 -43.84 -7.45
C SER I 179 18.68 -43.40 -8.28
N THR I 180 18.80 -42.11 -8.53
CA THR I 180 19.86 -41.60 -9.37
C THR I 180 21.16 -41.48 -8.59
N LYS I 181 21.08 -41.19 -7.29
CA LYS I 181 22.26 -41.10 -6.46
C LYS I 181 23.08 -42.38 -6.46
N LYS I 182 22.46 -43.50 -6.80
CA LYS I 182 23.19 -44.76 -6.91
C LYS I 182 24.24 -44.68 -8.00
N LYS I 183 23.77 -44.54 -9.24
CA LYS I 183 24.66 -44.66 -10.39
C LYS I 183 25.61 -43.47 -10.48
N ILE I 184 25.15 -42.29 -10.08
CA ILE I 184 25.99 -41.11 -10.16
C ILE I 184 27.19 -41.24 -9.24
N LEU I 185 27.04 -41.98 -8.14
CA LEU I 185 28.13 -42.12 -7.21
C LEU I 185 29.21 -43.02 -7.80
N GLY I 186 28.79 -44.03 -8.56
CA GLY I 186 29.75 -44.88 -9.24
C GLY I 186 30.63 -44.12 -10.19
N ILE I 187 30.16 -42.97 -10.68
CA ILE I 187 30.88 -42.21 -11.69
C ILE I 187 32.21 -41.73 -11.14
N HIS I 188 32.15 -40.89 -10.11
CA HIS I 188 33.36 -40.28 -9.57
C HIS I 188 34.27 -41.33 -8.95
N THR I 189 33.67 -42.29 -8.25
CA THR I 189 34.42 -43.21 -7.41
C THR I 189 35.07 -44.34 -8.18
N SER I 190 34.99 -44.34 -9.51
CA SER I 190 35.46 -45.47 -10.30
C SER I 190 36.92 -45.38 -10.64
N LYS I 191 37.71 -44.70 -9.82
CA LYS I 191 39.15 -44.72 -9.95
C LYS I 191 39.86 -44.98 -8.64
N MET I 192 39.15 -44.94 -7.52
CA MET I 192 39.76 -45.15 -6.22
C MET I 192 39.70 -46.62 -5.84
N ASN I 193 40.20 -46.92 -4.65
CA ASN I 193 40.40 -48.30 -4.25
C ASN I 193 39.12 -48.91 -3.67
N LEU I 194 38.50 -48.23 -2.71
CA LEU I 194 37.32 -48.74 -2.03
C LEU I 194 37.62 -50.10 -1.41
N SER I 195 38.48 -50.05 -0.39
CA SER I 195 39.19 -51.21 0.15
C SER I 195 38.30 -52.43 0.35
N GLU I 196 37.37 -52.36 1.29
CA GLU I 196 36.27 -53.32 1.33
C GLU I 196 34.93 -52.71 1.72
N ASP I 197 34.91 -51.60 2.43
CA ASP I 197 33.66 -51.01 2.90
C ASP I 197 33.03 -50.24 1.75
N VAL I 198 31.84 -50.67 1.36
CA VAL I 198 31.10 -50.05 0.27
C VAL I 198 29.78 -49.57 0.82
N ASN I 199 28.88 -50.52 1.13
CA ASN I 199 27.63 -50.29 1.86
C ASN I 199 26.84 -49.11 1.29
N LEU I 200 27.03 -48.80 0.01
CA LEU I 200 26.67 -47.47 -0.47
C LEU I 200 25.19 -47.21 -0.46
N GLU I 201 24.38 -48.24 -0.43
CA GLU I 201 22.94 -48.06 -0.49
C GLU I 201 22.34 -47.60 0.83
N THR I 202 23.16 -47.39 1.86
CA THR I 202 22.77 -46.66 3.06
C THR I 202 23.56 -45.38 3.25
N LEU I 203 24.74 -45.28 2.65
CA LEU I 203 25.51 -44.04 2.72
C LEU I 203 24.71 -42.88 2.17
N VAL I 204 24.27 -43.00 0.93
CA VAL I 204 23.34 -42.07 0.33
C VAL I 204 21.93 -42.51 0.65
N THR I 205 21.09 -41.59 1.06
CA THR I 205 19.73 -41.94 1.40
C THR I 205 18.90 -40.67 1.48
N THR I 206 17.60 -40.85 1.35
CA THR I 206 16.67 -39.75 1.50
C THR I 206 16.82 -39.15 2.89
N LYS I 207 16.47 -37.87 2.97
CA LYS I 207 16.77 -36.95 4.06
C LYS I 207 18.20 -36.44 4.00
N ASP I 208 19.05 -36.99 3.10
CA ASP I 208 20.28 -36.32 2.70
C ASP I 208 19.92 -35.34 1.59
N ASP I 209 19.30 -34.24 2.01
CA ASP I 209 18.85 -33.23 1.06
C ASP I 209 20.04 -32.47 0.51
N LEU I 210 20.79 -33.11 -0.39
CA LEU I 210 21.98 -32.55 -0.99
C LEU I 210 21.79 -32.45 -2.51
N SER I 211 22.86 -32.11 -3.21
CA SER I 211 22.83 -31.80 -4.62
C SER I 211 23.33 -32.97 -5.43
N GLY I 212 23.52 -32.75 -6.72
CA GLY I 212 24.18 -33.69 -7.58
C GLY I 212 25.58 -33.23 -7.94
N ALA I 213 26.12 -32.33 -7.13
CA ALA I 213 27.46 -31.82 -7.35
C ALA I 213 28.31 -31.92 -6.10
N ASP I 214 27.67 -31.81 -4.94
CA ASP I 214 28.38 -31.93 -3.68
C ASP I 214 29.02 -33.29 -3.50
N ILE I 215 28.54 -34.30 -4.21
CA ILE I 215 29.01 -35.64 -3.97
C ILE I 215 30.47 -35.77 -4.34
N GLN I 216 30.92 -35.03 -5.35
CA GLN I 216 32.31 -35.15 -5.75
C GLN I 216 33.21 -34.42 -4.77
N ALA I 217 32.67 -33.39 -4.13
CA ALA I 217 33.38 -32.81 -3.00
C ALA I 217 33.51 -33.83 -1.89
N MET I 218 32.44 -34.57 -1.62
CA MET I 218 32.51 -35.59 -0.58
C MET I 218 33.48 -36.67 -0.97
N CYS I 219 33.48 -37.05 -2.25
CA CYS I 219 34.41 -38.06 -2.74
C CYS I 219 35.84 -37.59 -2.57
N THR I 220 36.14 -36.36 -2.98
CA THR I 220 37.51 -35.89 -2.94
C THR I 220 37.91 -35.43 -1.55
N GLU I 221 36.97 -34.92 -0.77
CA GLU I 221 37.31 -34.47 0.57
C GLU I 221 37.69 -35.64 1.46
N ALA I 222 37.29 -36.86 1.10
CA ALA I 222 37.60 -38.00 1.91
C ALA I 222 39.01 -38.51 1.66
N GLY I 223 39.38 -38.59 0.39
CA GLY I 223 40.65 -39.21 0.03
C GLY I 223 41.82 -38.55 0.71
N LEU I 224 41.90 -37.22 0.61
CA LEU I 224 42.97 -36.51 1.29
C LEU I 224 42.80 -36.64 2.80
N LEU I 225 41.54 -36.61 3.25
CA LEU I 225 41.25 -36.82 4.66
C LEU I 225 41.67 -38.20 5.13
N ALA I 226 41.85 -39.13 4.19
CA ALA I 226 42.49 -40.40 4.48
C ALA I 226 43.98 -40.36 4.20
N LEU I 227 44.38 -39.56 3.22
CA LEU I 227 45.79 -39.40 2.90
C LEU I 227 46.54 -38.87 4.10
N ARG I 228 45.98 -37.86 4.75
CA ARG I 228 46.65 -37.26 5.91
C ARG I 228 46.85 -38.28 7.01
N GLU I 229 46.01 -39.31 7.04
CA GLU I 229 46.23 -40.48 7.87
C GLU I 229 47.23 -41.46 7.26
N ARG I 230 47.93 -41.07 6.20
CA ARG I 230 48.94 -41.89 5.54
C ARG I 230 48.36 -43.15 4.92
N ARG I 231 47.06 -43.15 4.65
CA ARG I 231 46.36 -44.28 4.03
C ARG I 231 45.73 -43.77 2.75
N MET I 232 46.31 -44.14 1.62
CA MET I 232 45.82 -43.67 0.34
C MET I 232 44.45 -44.27 0.03
N GLN I 233 44.32 -45.58 0.14
CA GLN I 233 43.02 -46.21 -0.10
C GLN I 233 42.04 -45.79 0.99
N VAL I 234 40.81 -46.26 0.84
CA VAL I 234 39.66 -45.65 1.51
C VAL I 234 38.80 -46.73 2.15
N THR I 235 38.07 -46.32 3.18
CA THR I 235 37.06 -47.12 3.86
C THR I 235 35.74 -46.34 3.86
N ALA I 236 34.78 -46.83 4.63
CA ALA I 236 33.50 -46.15 4.73
C ALA I 236 33.62 -44.91 5.60
N GLU I 237 34.11 -45.08 6.84
CA GLU I 237 34.06 -44.00 7.82
C GLU I 237 34.85 -42.78 7.37
N ASP I 238 35.75 -42.93 6.40
CA ASP I 238 36.26 -41.77 5.69
C ASP I 238 35.12 -40.91 5.19
N PHE I 239 34.12 -41.54 4.56
CA PHE I 239 33.03 -40.78 3.97
C PHE I 239 32.05 -40.29 5.02
N LYS I 240 31.91 -41.01 6.13
CA LYS I 240 30.93 -40.64 7.14
C LYS I 240 31.25 -39.26 7.71
N GLN I 241 32.50 -39.02 8.09
CA GLN I 241 32.88 -37.72 8.60
C GLN I 241 32.65 -36.63 7.57
N ALA I 242 32.84 -36.96 6.30
CA ALA I 242 32.64 -35.97 5.24
C ALA I 242 31.18 -35.58 5.14
N LYS I 243 30.29 -36.56 4.99
CA LYS I 243 28.86 -36.30 4.91
C LYS I 243 28.37 -35.56 6.13
N GLU I 244 28.97 -35.83 7.28
CA GLU I 244 28.67 -35.05 8.48
C GLU I 244 28.96 -33.58 8.25
N ARG I 245 29.98 -33.27 7.46
CA ARG I 245 30.39 -31.89 7.29
C ARG I 245 29.54 -31.17 6.24
N VAL I 246 29.64 -31.63 5.00
CA VAL I 246 29.14 -30.85 3.88
C VAL I 246 27.63 -30.70 3.92
N MET I 247 26.94 -31.59 4.60
CA MET I 247 25.50 -31.47 4.75
C MET I 247 25.10 -30.43 5.79
N LYS I 248 26.04 -29.93 6.60
CA LYS I 248 25.68 -29.34 7.88
C LYS I 248 24.78 -28.12 7.73
N ASN I 249 25.04 -27.28 6.72
CA ASN I 249 24.39 -25.99 6.60
C ASN I 249 23.74 -25.85 5.23
N LYS I 250 23.01 -26.88 4.83
CA LYS I 250 22.14 -26.81 3.67
C LYS I 250 20.75 -26.31 4.02
N VAL I 251 20.17 -26.85 5.10
CA VAL I 251 18.78 -26.57 5.47
C VAL I 251 18.58 -26.97 6.91
N GLU I 252 17.53 -26.44 7.52
CA GLU I 252 17.17 -26.79 8.89
C GLU I 252 15.65 -26.71 9.01
N GLU I 253 15.05 -27.79 9.52
CA GLU I 253 13.60 -27.94 9.57
C GLU I 253 12.99 -27.46 10.87
N ASN I 254 13.57 -26.44 11.50
CA ASN I 254 13.06 -25.95 12.78
C ASN I 254 11.62 -25.46 12.65
N LEU I 255 11.23 -24.98 11.48
CA LEU I 255 9.83 -24.63 11.22
C LEU I 255 8.99 -25.85 10.87
N GLU I 256 9.62 -26.99 10.61
CA GLU I 256 8.92 -28.26 10.44
C GLU I 256 8.62 -28.82 11.83
N GLY I 257 8.23 -30.09 11.88
CA GLY I 257 7.82 -30.66 13.15
C GLY I 257 6.53 -30.11 13.70
N LEU I 258 5.78 -29.35 12.91
CA LEU I 258 4.45 -28.87 13.23
C LEU I 258 3.36 -29.66 12.55
N TYR I 259 3.59 -30.11 11.33
CA TYR I 259 2.70 -31.02 10.64
C TYR I 259 2.86 -32.44 11.19
N LEU I 260 2.41 -32.58 12.42
CA LEU I 260 2.48 -33.86 13.12
C LEU I 260 1.61 -34.94 12.44
N ASP J 1 55.04 -6.88 5.15
CA ASP J 1 54.22 -8.08 5.24
C ASP J 1 54.40 -8.77 6.59
N SER J 2 53.50 -9.71 6.88
CA SER J 2 53.49 -10.46 8.13
C SER J 2 53.61 -11.94 7.80
N THR J 3 53.74 -12.76 8.85
CA THR J 3 54.08 -14.18 8.68
C THR J 3 53.29 -15.06 9.63
N TYR J 4 53.48 -16.37 9.46
CA TYR J 4 52.69 -17.38 10.15
C TYR J 4 52.98 -17.46 11.64
N ASP J 5 54.14 -17.00 12.09
CA ASP J 5 54.36 -16.97 13.53
C ASP J 5 53.43 -15.99 14.22
N MET J 6 52.87 -15.05 13.46
CA MET J 6 52.09 -13.95 14.00
C MET J 6 50.60 -14.23 13.98
N VAL J 7 50.15 -15.21 13.20
CA VAL J 7 48.73 -15.52 13.06
C VAL J 7 48.33 -16.57 14.10
N GLY J 8 49.13 -16.73 15.13
CA GLY J 8 48.79 -17.67 16.18
C GLY J 8 47.45 -17.35 16.80
N GLY J 9 46.84 -18.40 17.32
CA GLY J 9 45.44 -18.38 17.68
C GLY J 9 44.78 -19.68 17.32
N LEU J 10 45.42 -20.45 16.43
CA LEU J 10 44.81 -21.66 15.91
C LEU J 10 45.86 -22.42 15.12
N THR J 11 45.52 -23.66 14.79
CA THR J 11 46.18 -24.38 13.71
C THR J 11 45.23 -25.17 12.83
N LYS J 12 44.05 -25.55 13.32
CA LYS J 12 43.19 -26.44 12.57
C LYS J 12 42.74 -25.82 11.26
N GLN J 13 42.44 -24.53 11.27
CA GLN J 13 42.01 -23.86 10.05
C GLN J 13 43.15 -23.79 9.05
N ILE J 14 44.23 -23.12 9.44
CA ILE J 14 45.39 -22.96 8.57
C ILE J 14 45.94 -24.29 8.09
N LYS J 15 45.81 -25.34 8.90
CA LYS J 15 46.22 -26.67 8.46
C LYS J 15 45.25 -27.28 7.46
N GLU J 16 44.14 -26.60 7.18
CA GLU J 16 43.21 -27.01 6.14
C GLU J 16 43.34 -26.17 4.88
N ILE J 17 44.03 -25.04 4.94
CA ILE J 17 44.17 -24.17 3.77
C ILE J 17 45.15 -24.76 2.79
N LYS J 18 46.38 -24.95 3.21
CA LYS J 18 47.33 -25.58 2.32
C LYS J 18 47.06 -27.08 2.13
N GLU J 19 46.01 -27.61 2.74
CA GLU J 19 45.47 -28.89 2.33
C GLU J 19 44.94 -28.81 0.91
N VAL J 20 44.44 -27.65 0.51
CA VAL J 20 43.97 -27.44 -0.86
C VAL J 20 44.96 -26.66 -1.71
N ILE J 21 45.77 -25.78 -1.10
CA ILE J 21 46.60 -24.88 -1.90
C ILE J 21 47.96 -25.50 -2.21
N GLU J 22 48.76 -25.74 -1.18
CA GLU J 22 50.15 -26.08 -1.42
C GLU J 22 50.30 -27.43 -2.09
N LEU J 23 49.36 -28.35 -1.87
CA LEU J 23 49.55 -29.72 -2.33
C LEU J 23 49.40 -29.84 -3.84
N PRO J 24 48.29 -29.44 -4.45
CA PRO J 24 48.15 -29.55 -5.90
C PRO J 24 49.27 -28.90 -6.68
N VAL J 25 49.79 -27.80 -6.16
CA VAL J 25 50.86 -27.12 -6.85
C VAL J 25 52.13 -27.95 -6.79
N LYS J 26 52.59 -28.25 -5.59
CA LYS J 26 53.84 -28.97 -5.46
C LYS J 26 53.68 -30.44 -5.84
N HIS J 27 52.58 -31.04 -5.43
CA HIS J 27 52.43 -32.49 -5.47
C HIS J 27 51.03 -32.81 -5.96
N PRO J 28 50.81 -32.76 -7.25
CA PRO J 28 49.58 -33.29 -7.83
C PRO J 28 49.73 -34.72 -8.33
N GLU J 29 50.96 -35.22 -8.38
CA GLU J 29 51.19 -36.54 -8.98
C GLU J 29 50.49 -37.63 -8.19
N LEU J 30 50.58 -37.58 -6.87
CA LEU J 30 49.79 -38.47 -6.03
C LEU J 30 48.31 -38.23 -6.25
N PHE J 31 47.93 -36.96 -6.37
CA PHE J 31 46.56 -36.59 -6.54
C PHE J 31 46.09 -36.80 -7.97
N GLU J 32 47.02 -36.90 -8.91
CA GLU J 32 46.73 -37.38 -10.24
C GLU J 32 46.83 -38.89 -10.32
N SER J 33 47.71 -39.49 -9.52
CA SER J 33 47.74 -40.93 -9.39
C SER J 33 46.45 -41.41 -8.77
N LEU J 34 46.15 -40.91 -7.59
CA LEU J 34 44.82 -41.04 -7.03
C LEU J 34 43.78 -40.49 -7.99
N GLY J 35 44.12 -39.42 -8.69
CA GLY J 35 43.43 -38.95 -9.87
C GLY J 35 41.91 -38.84 -9.79
N ILE J 36 41.42 -37.88 -9.01
CA ILE J 36 40.01 -37.83 -8.62
C ILE J 36 39.35 -36.51 -9.02
N ALA J 37 40.01 -35.39 -8.76
CA ALA J 37 39.34 -34.10 -8.80
C ALA J 37 40.40 -33.01 -8.95
N GLN J 38 40.03 -31.80 -8.59
CA GLN J 38 40.97 -30.76 -8.24
C GLN J 38 40.28 -29.75 -7.34
N PRO J 39 40.46 -29.80 -6.02
CA PRO J 39 39.70 -28.89 -5.16
C PRO J 39 40.16 -27.45 -5.33
N LYS J 40 39.22 -26.59 -5.67
CA LYS J 40 39.44 -25.20 -5.95
C LYS J 40 39.19 -24.37 -4.70
N GLY J 41 39.02 -23.07 -4.87
CA GLY J 41 39.13 -22.09 -3.82
C GLY J 41 38.25 -22.24 -2.60
N VAL J 42 38.42 -21.31 -1.67
CA VAL J 42 37.98 -21.45 -0.30
C VAL J 42 37.35 -20.15 0.18
N ILE J 43 36.48 -20.27 1.16
CA ILE J 43 35.87 -19.14 1.83
C ILE J 43 36.08 -19.31 3.32
N LEU J 44 36.14 -18.19 4.02
CA LEU J 44 36.39 -18.16 5.45
C LEU J 44 35.50 -17.09 6.04
N TYR J 45 34.51 -17.52 6.81
CA TYR J 45 33.60 -16.62 7.48
C TYR J 45 33.94 -16.48 8.94
N GLY J 46 33.65 -15.32 9.48
CA GLY J 46 33.74 -15.10 10.89
C GLY J 46 33.41 -13.67 11.26
N PRO J 47 33.16 -13.42 12.54
CA PRO J 47 32.95 -12.06 12.99
C PRO J 47 34.18 -11.21 12.80
N PRO J 48 34.05 -9.90 12.93
CA PRO J 48 35.16 -9.01 12.60
C PRO J 48 36.16 -8.93 13.73
N GLY J 49 37.39 -8.65 13.36
CA GLY J 49 38.44 -8.55 14.33
C GLY J 49 38.79 -9.93 14.84
N THR J 50 39.08 -10.82 13.90
CA THR J 50 39.35 -12.21 14.22
C THR J 50 40.56 -12.80 13.51
N GLY J 51 41.01 -12.19 12.42
CA GLY J 51 42.24 -12.59 11.75
C GLY J 51 42.03 -13.10 10.35
N LYS J 52 40.90 -12.73 9.75
CA LYS J 52 40.57 -13.20 8.41
C LYS J 52 41.56 -12.64 7.40
N THR J 53 41.61 -11.32 7.28
CA THR J 53 42.53 -10.68 6.35
C THR J 53 43.97 -10.95 6.73
N LEU J 54 44.24 -11.21 7.99
CA LEU J 54 45.61 -11.40 8.45
C LEU J 54 46.20 -12.65 7.85
N LEU J 55 45.43 -13.74 7.85
CA LEU J 55 45.92 -14.98 7.26
C LEU J 55 46.17 -14.81 5.77
N ALA J 56 45.50 -13.87 5.14
CA ALA J 56 45.57 -13.72 3.71
C ALA J 56 46.72 -12.86 3.25
N ARG J 57 47.26 -12.02 4.12
CA ARG J 57 48.50 -11.33 3.79
C ARG J 57 49.71 -12.19 4.13
N ALA J 58 49.59 -13.03 5.15
CA ALA J 58 50.67 -13.93 5.50
C ALA J 58 50.92 -14.91 4.39
N VAL J 59 49.85 -15.52 3.89
CA VAL J 59 49.96 -16.63 2.95
C VAL J 59 50.75 -16.20 1.72
N ALA J 60 50.55 -14.96 1.29
CA ALA J 60 51.33 -14.44 0.19
C ALA J 60 52.82 -14.42 0.52
N HIS J 61 53.15 -14.20 1.78
CA HIS J 61 54.55 -14.27 2.18
C HIS J 61 55.09 -15.69 2.12
N HIS J 62 54.21 -16.70 2.08
CA HIS J 62 54.57 -18.10 2.17
C HIS J 62 53.89 -18.92 1.08
N THR J 63 53.93 -18.45 -0.17
CA THR J 63 53.17 -19.08 -1.25
C THR J 63 54.03 -19.61 -2.39
N ASP J 64 54.93 -18.80 -2.94
CA ASP J 64 55.70 -19.05 -4.16
C ASP J 64 54.87 -18.88 -5.43
N CYS J 65 53.56 -18.63 -5.34
CA CYS J 65 52.72 -18.34 -6.49
C CYS J 65 52.38 -16.86 -6.53
N LYS J 66 51.77 -16.45 -7.63
CA LYS J 66 51.30 -15.09 -7.73
C LYS J 66 49.93 -14.94 -7.08
N PHE J 67 49.72 -13.77 -6.49
CA PHE J 67 48.69 -13.56 -5.48
C PHE J 67 48.00 -12.24 -5.81
N ILE J 68 46.90 -12.33 -6.49
CA ILE J 68 46.19 -11.15 -6.97
C ILE J 68 45.14 -10.76 -5.96
N ARG J 69 44.97 -9.46 -5.81
CA ARG J 69 44.12 -8.85 -4.81
C ARG J 69 43.08 -8.00 -5.51
N VAL J 70 41.88 -7.96 -4.94
CA VAL J 70 40.93 -6.90 -5.24
C VAL J 70 40.32 -6.47 -3.92
N SER J 71 40.42 -5.18 -3.62
CA SER J 71 39.89 -4.66 -2.39
C SER J 71 38.39 -4.44 -2.56
N GLY J 72 37.78 -3.77 -1.60
CA GLY J 72 36.34 -3.64 -1.58
C GLY J 72 35.81 -2.76 -2.69
N ALA J 73 35.13 -3.36 -3.65
CA ALA J 73 34.38 -2.65 -4.66
C ALA J 73 35.27 -1.73 -5.48
N GLU J 74 36.23 -2.36 -6.14
CA GLU J 74 36.95 -1.73 -7.24
C GLU J 74 36.61 -2.38 -8.58
N LEU J 75 35.55 -3.19 -8.63
CA LEU J 75 35.04 -3.76 -9.86
C LEU J 75 33.74 -3.15 -10.29
N VAL J 76 32.90 -2.74 -9.34
CA VAL J 76 31.71 -1.99 -9.69
C VAL J 76 32.13 -0.65 -10.26
N GLN J 77 31.55 -0.30 -11.40
CA GLN J 77 32.00 0.85 -12.17
C GLN J 77 30.81 1.60 -12.74
N LYS J 78 31.12 2.77 -13.30
CA LYS J 78 30.11 3.75 -13.68
C LYS J 78 29.44 3.37 -14.99
N TYR J 79 30.21 3.30 -16.07
CA TYR J 79 29.64 2.90 -17.32
C TYR J 79 29.22 1.44 -17.26
N ILE J 80 28.56 1.01 -18.28
CA ILE J 80 27.84 -0.24 -18.29
C ILE J 80 28.66 -1.29 -19.02
N GLY J 81 28.48 -2.53 -18.60
CA GLY J 81 29.00 -3.66 -19.35
C GLY J 81 30.49 -3.67 -19.54
N GLU J 82 31.23 -2.99 -18.68
CA GLU J 82 32.68 -3.10 -18.64
C GLU J 82 33.17 -3.61 -17.30
N GLY J 83 32.33 -3.60 -16.27
CA GLY J 83 32.64 -4.35 -15.07
C GLY J 83 32.93 -5.79 -15.38
N SER J 84 32.09 -6.40 -16.21
CA SER J 84 32.36 -7.74 -16.71
C SER J 84 33.69 -7.76 -17.45
N ARG J 85 33.91 -6.78 -18.31
CA ARG J 85 35.18 -6.69 -19.02
C ARG J 85 36.33 -6.55 -18.05
N MET J 86 36.10 -5.90 -16.91
CA MET J 86 37.12 -5.80 -15.89
C MET J 86 37.36 -7.13 -15.22
N VAL J 87 36.43 -8.06 -15.34
CA VAL J 87 36.59 -9.39 -14.77
C VAL J 87 37.31 -10.30 -15.74
N ARG J 88 36.75 -10.48 -16.93
CA ARG J 88 37.33 -11.44 -17.86
C ARG J 88 38.71 -11.00 -18.33
N GLU J 89 39.05 -9.73 -18.17
CA GLU J 89 40.43 -9.31 -18.38
C GLU J 89 41.30 -9.54 -17.15
N LEU J 90 40.73 -10.03 -16.05
CA LEU J 90 41.52 -10.42 -14.89
C LEU J 90 42.06 -11.83 -15.05
N PHE J 91 41.15 -12.80 -15.14
CA PHE J 91 41.54 -14.20 -15.16
C PHE J 91 42.50 -14.52 -16.29
N VAL J 92 42.34 -13.84 -17.43
CA VAL J 92 43.29 -14.03 -18.51
C VAL J 92 44.68 -13.58 -18.09
N MET J 93 44.76 -12.64 -17.17
CA MET J 93 46.06 -12.27 -16.64
C MET J 93 46.57 -13.31 -15.66
N ALA J 94 45.67 -14.14 -15.11
CA ALA J 94 46.09 -15.19 -14.22
C ALA J 94 46.71 -16.34 -15.00
N ARG J 95 45.99 -16.84 -15.99
CA ARG J 95 46.41 -18.03 -16.72
C ARG J 95 47.74 -17.86 -17.41
N GLU J 96 48.17 -16.62 -17.65
CA GLU J 96 49.53 -16.37 -18.07
C GLU J 96 50.51 -17.00 -17.10
N HIS J 97 50.22 -16.88 -15.81
CA HIS J 97 51.02 -17.46 -14.74
C HIS J 97 50.19 -18.56 -14.11
N ALA J 98 50.30 -19.76 -14.70
CA ALA J 98 49.39 -20.87 -14.40
C ALA J 98 49.16 -21.11 -12.92
N PRO J 99 50.16 -21.07 -12.04
CA PRO J 99 49.88 -21.05 -10.61
C PRO J 99 49.56 -19.63 -10.18
N SER J 100 48.29 -19.39 -9.85
CA SER J 100 47.83 -18.04 -9.54
C SER J 100 46.68 -18.12 -8.56
N ILE J 101 46.94 -17.69 -7.38
CA ILE J 101 45.91 -17.45 -6.38
C ILE J 101 45.39 -16.05 -6.62
N ILE J 102 44.10 -15.87 -6.39
CA ILE J 102 43.49 -14.54 -6.32
C ILE J 102 42.94 -14.37 -4.92
N PHE J 103 42.55 -13.15 -4.63
CA PHE J 103 41.98 -12.83 -3.33
C PHE J 103 41.04 -11.66 -3.51
N MET J 104 39.90 -11.75 -2.86
CA MET J 104 38.94 -10.67 -2.80
C MET J 104 38.44 -10.62 -1.38
N ASP J 105 38.69 -9.49 -0.72
CA ASP J 105 38.52 -9.43 0.72
C ASP J 105 37.07 -9.64 1.10
N GLU J 106 36.17 -8.97 0.41
CA GLU J 106 34.77 -8.96 0.77
C GLU J 106 33.91 -9.07 -0.48
N ILE J 107 32.80 -9.78 -0.34
CA ILE J 107 31.88 -10.01 -1.44
C ILE J 107 30.48 -9.51 -1.14
N ASP J 108 30.13 -9.26 0.11
CA ASP J 108 28.80 -8.79 0.47
C ASP J 108 28.41 -7.48 -0.21
N SER J 109 29.36 -6.77 -0.84
CA SER J 109 29.01 -5.63 -1.68
C SER J 109 28.57 -6.08 -3.06
N ILE J 110 29.19 -7.12 -3.58
CA ILE J 110 28.90 -7.63 -4.91
C ILE J 110 27.91 -8.77 -4.84
N GLY J 111 28.28 -9.83 -4.15
CA GLY J 111 27.61 -11.11 -4.30
C GLY J 111 26.37 -11.28 -3.46
N SER J 112 25.75 -10.17 -3.09
CA SER J 112 24.51 -10.26 -2.34
C SER J 112 23.43 -10.88 -3.20
N THR J 113 22.41 -11.39 -2.53
CA THR J 113 21.32 -12.08 -3.21
C THR J 113 20.58 -11.12 -4.13
N ARG J 114 20.08 -11.66 -5.23
CA ARG J 114 19.60 -10.87 -6.35
C ARG J 114 18.12 -10.58 -6.24
N VAL J 115 17.73 -9.42 -6.77
CA VAL J 115 16.35 -9.03 -6.95
C VAL J 115 16.25 -8.23 -8.24
N GLU J 116 15.04 -7.81 -8.57
CA GLU J 116 14.73 -7.14 -9.83
C GLU J 116 14.40 -5.67 -9.70
N GLY J 117 13.83 -5.25 -8.57
CA GLY J 117 13.48 -3.85 -8.41
C GLY J 117 14.69 -2.94 -8.39
N SER J 118 15.83 -3.46 -7.95
CA SER J 118 17.08 -2.70 -7.95
C SER J 118 18.25 -3.65 -7.86
N GLY J 119 19.41 -3.16 -8.29
CA GLY J 119 20.60 -3.97 -8.42
C GLY J 119 20.81 -4.35 -9.86
N GLY J 120 21.69 -3.62 -10.54
CA GLY J 120 21.84 -3.73 -11.98
C GLY J 120 23.15 -4.35 -12.37
N GLY J 121 24.10 -3.50 -12.75
CA GLY J 121 25.39 -3.97 -13.22
C GLY J 121 26.09 -4.91 -12.26
N ASP J 122 25.90 -4.73 -10.96
CA ASP J 122 26.57 -5.58 -9.99
C ASP J 122 26.03 -7.00 -10.04
N SER J 123 24.70 -7.13 -10.17
CA SER J 123 24.10 -8.45 -10.33
C SER J 123 24.32 -9.03 -11.70
N GLU J 124 25.04 -8.34 -12.58
CA GLU J 124 25.43 -8.87 -13.87
C GLU J 124 26.87 -9.38 -13.83
N VAL J 125 27.80 -8.57 -13.31
CA VAL J 125 29.18 -9.00 -13.26
C VAL J 125 29.37 -10.14 -12.28
N GLN J 126 28.49 -10.28 -11.30
CA GLN J 126 28.46 -11.50 -10.53
C GLN J 126 27.99 -12.66 -11.38
N ARG J 127 27.10 -12.39 -12.33
CA ARG J 127 26.53 -13.43 -13.16
C ARG J 127 27.41 -13.82 -14.32
N THR J 128 28.68 -13.42 -14.33
CA THR J 128 29.65 -13.91 -15.30
C THR J 128 30.92 -14.44 -14.66
N MET J 129 31.34 -13.91 -13.53
CA MET J 129 32.37 -14.59 -12.77
C MET J 129 31.85 -15.93 -12.31
N LEU J 130 30.58 -15.97 -11.91
CA LEU J 130 29.92 -17.24 -11.61
C LEU J 130 29.98 -18.19 -12.80
N GLU J 131 30.04 -17.64 -14.01
CA GLU J 131 30.31 -18.44 -15.19
C GLU J 131 31.78 -18.79 -15.31
N LEU J 132 32.66 -17.82 -15.07
CA LEU J 132 34.08 -18.05 -15.33
C LEU J 132 34.67 -19.13 -14.47
N LEU J 133 34.11 -19.33 -13.29
CA LEU J 133 34.70 -20.29 -12.36
C LEU J 133 34.45 -21.73 -12.78
N ASN J 134 33.30 -21.99 -13.42
CA ASN J 134 32.88 -23.37 -13.68
C ASN J 134 32.19 -23.54 -15.04
N GLN J 135 32.58 -22.76 -16.03
CA GLN J 135 31.99 -22.85 -17.36
C GLN J 135 32.86 -23.69 -18.27
N LEU J 136 32.53 -23.67 -19.56
CA LEU J 136 33.29 -24.41 -20.57
C LEU J 136 34.76 -24.02 -20.53
N ASP J 137 35.05 -22.76 -20.85
CA ASP J 137 36.39 -22.24 -20.72
C ASP J 137 36.80 -22.15 -19.26
N GLY J 138 35.82 -22.12 -18.35
CA GLY J 138 36.16 -22.19 -16.94
C GLY J 138 36.81 -23.52 -16.58
N PHE J 139 36.41 -24.59 -17.29
CA PHE J 139 37.11 -25.86 -17.15
C PHE J 139 38.57 -25.70 -17.48
N GLU J 140 38.87 -24.87 -18.48
CA GLU J 140 40.25 -24.50 -18.74
C GLU J 140 40.82 -23.69 -17.58
N THR J 141 40.11 -22.64 -17.18
CA THR J 141 40.52 -21.84 -16.03
C THR J 141 40.50 -22.66 -14.76
N SER J 142 39.71 -23.73 -14.71
CA SER J 142 39.60 -24.55 -13.51
C SER J 142 40.85 -25.36 -13.22
N LYS J 143 41.85 -25.33 -14.12
CA LYS J 143 43.03 -26.15 -13.94
C LYS J 143 43.79 -25.80 -12.67
N ASN J 144 44.35 -24.58 -12.62
CA ASN J 144 45.32 -24.23 -11.60
C ASN J 144 44.97 -23.00 -10.78
N ILE J 145 43.91 -22.29 -11.12
CA ILE J 145 43.55 -21.10 -10.38
C ILE J 145 42.91 -21.49 -9.06
N LYS J 146 43.23 -20.73 -8.02
CA LYS J 146 42.64 -20.91 -6.69
C LYS J 146 42.17 -19.57 -6.18
N ILE J 147 41.16 -19.63 -5.33
CA ILE J 147 40.39 -18.45 -4.94
C ILE J 147 40.24 -18.44 -3.44
N ILE J 148 40.30 -17.25 -2.85
CA ILE J 148 40.02 -17.05 -1.45
C ILE J 148 39.15 -15.81 -1.31
N MET J 149 38.07 -15.94 -0.55
CA MET J 149 37.21 -14.81 -0.24
C MET J 149 36.84 -14.85 1.22
N ALA J 150 36.73 -13.67 1.83
CA ALA J 150 36.60 -13.53 3.28
C ALA J 150 35.44 -12.64 3.67
N THR J 151 34.26 -13.22 3.74
CA THR J 151 33.08 -12.48 4.12
C THR J 151 33.03 -12.29 5.63
N ASN J 152 31.91 -11.80 6.11
CA ASN J 152 31.62 -11.62 7.52
C ASN J 152 30.41 -12.41 7.97
N ARG J 153 29.37 -12.45 7.15
CA ARG J 153 28.21 -13.30 7.42
C ARG J 153 27.66 -13.72 6.07
N LEU J 154 27.53 -15.03 5.90
CA LEU J 154 27.35 -15.61 4.58
C LEU J 154 25.89 -15.88 4.20
N ASP J 155 24.97 -15.82 5.15
CA ASP J 155 23.56 -16.03 4.83
C ASP J 155 23.04 -15.01 3.83
N ILE J 156 23.67 -13.85 3.78
CA ILE J 156 23.27 -12.81 2.83
C ILE J 156 23.37 -13.33 1.41
N LEU J 157 24.50 -13.96 1.09
CA LEU J 157 24.89 -14.22 -0.28
C LEU J 157 23.96 -15.24 -0.94
N ASP J 158 24.21 -15.45 -2.23
CA ASP J 158 23.63 -16.56 -2.94
C ASP J 158 24.21 -17.86 -2.41
N PRO J 159 23.62 -18.99 -2.78
CA PRO J 159 24.29 -20.27 -2.58
C PRO J 159 25.23 -20.60 -3.73
N ALA J 160 24.95 -20.03 -4.91
CA ALA J 160 25.70 -20.38 -6.11
C ALA J 160 27.17 -20.10 -5.95
N LEU J 161 27.52 -19.05 -5.24
CA LEU J 161 28.92 -18.77 -4.95
C LEU J 161 29.50 -19.89 -4.13
N LEU J 162 28.99 -20.02 -2.92
CA LEU J 162 29.42 -21.04 -1.99
C LEU J 162 28.94 -22.42 -2.35
N ARG J 163 28.19 -22.58 -3.43
CA ARG J 163 27.90 -23.90 -3.94
C ARG J 163 29.21 -24.65 -4.17
N PRO J 164 29.33 -25.90 -3.74
CA PRO J 164 30.50 -26.68 -4.12
C PRO J 164 30.57 -26.94 -5.61
N GLY J 165 31.65 -27.58 -6.01
CA GLY J 165 32.14 -27.56 -7.35
C GLY J 165 33.17 -26.46 -7.57
N ARG J 166 33.05 -25.36 -6.83
CA ARG J 166 34.01 -24.28 -6.85
C ARG J 166 34.42 -23.81 -5.46
N ILE J 167 33.56 -23.93 -4.47
CA ILE J 167 33.88 -23.65 -3.08
C ILE J 167 33.72 -24.96 -2.33
N ASP J 168 34.84 -25.62 -2.08
CA ASP J 168 34.83 -26.94 -1.51
C ASP J 168 34.97 -26.95 -0.01
N ARG J 169 35.21 -25.79 0.59
CA ARG J 169 35.39 -25.69 2.04
C ARG J 169 34.87 -24.35 2.50
N LYS J 170 34.36 -24.32 3.72
CA LYS J 170 33.73 -23.13 4.28
C LYS J 170 34.20 -23.05 5.72
N ILE J 171 35.22 -22.31 5.93
CA ILE J 171 35.94 -22.30 7.19
C ILE J 171 35.31 -21.30 8.13
N GLU J 172 35.32 -21.63 9.41
CA GLU J 172 34.86 -20.73 10.46
C GLU J 172 36.05 -20.19 11.21
N PHE J 173 36.04 -18.88 11.44
CA PHE J 173 37.01 -18.19 12.28
C PHE J 173 36.24 -17.65 13.48
N PRO J 174 36.02 -18.47 14.51
CA PRO J 174 35.26 -18.01 15.65
C PRO J 174 36.16 -17.29 16.63
N PRO J 175 35.58 -16.59 17.61
CA PRO J 175 36.41 -15.98 18.63
C PRO J 175 36.99 -17.04 19.55
N PRO J 176 38.18 -16.82 20.08
CA PRO J 176 39.00 -17.95 20.50
C PRO J 176 38.67 -18.53 21.86
N SER J 177 39.52 -19.44 22.31
CA SER J 177 39.53 -19.96 23.67
C SER J 177 40.52 -19.16 24.50
N VAL J 178 40.66 -19.56 25.77
CA VAL J 178 41.51 -18.83 26.71
C VAL J 178 42.96 -18.87 26.25
N ALA J 179 43.45 -20.05 25.88
CA ALA J 179 44.87 -20.16 25.55
C ALA J 179 45.17 -19.51 24.22
N ALA J 180 44.19 -19.53 23.32
CA ALA J 180 44.34 -18.80 22.08
C ALA J 180 44.39 -17.30 22.33
N ARG J 181 43.43 -16.79 23.10
CA ARG J 181 43.48 -15.40 23.50
C ARG J 181 44.74 -15.10 24.30
N ALA J 182 45.24 -16.08 25.03
CA ALA J 182 46.36 -15.83 25.91
C ALA J 182 47.65 -15.66 25.13
N GLU J 183 47.82 -16.38 24.03
CA GLU J 183 49.13 -16.36 23.39
C GLU J 183 49.32 -15.07 22.61
N ILE J 184 48.29 -14.67 21.86
CA ILE J 184 48.43 -13.56 20.93
C ILE J 184 48.77 -12.27 21.65
N LEU J 185 48.52 -12.20 22.95
CA LEU J 185 49.15 -11.20 23.80
C LEU J 185 50.65 -11.13 23.54
N ARG J 186 51.30 -12.28 23.70
CA ARG J 186 52.74 -12.34 23.50
C ARG J 186 53.11 -11.94 22.09
N ILE J 187 52.28 -12.32 21.12
CA ILE J 187 52.56 -11.97 19.74
C ILE J 187 52.40 -10.48 19.49
N HIS J 188 51.70 -9.77 20.38
CA HIS J 188 51.61 -8.32 20.32
C HIS J 188 52.36 -7.65 21.46
N SER J 189 53.13 -8.41 22.24
CA SER J 189 53.82 -7.90 23.41
C SER J 189 55.32 -8.10 23.42
N ARG J 190 55.86 -9.07 22.70
CA ARG J 190 57.25 -9.46 22.89
C ARG J 190 58.20 -8.32 22.58
N LYS J 191 57.79 -7.39 21.72
CA LYS J 191 58.59 -6.20 21.46
C LYS J 191 58.75 -5.33 22.69
N MET J 192 57.84 -5.45 23.65
CA MET J 192 57.56 -4.37 24.57
C MET J 192 58.73 -3.95 25.46
N ASN J 193 59.10 -4.78 26.42
CA ASN J 193 60.10 -4.43 27.41
C ASN J 193 60.23 -5.64 28.34
N LEU J 194 61.23 -5.63 29.22
CA LEU J 194 61.32 -6.70 30.22
C LEU J 194 60.20 -6.53 31.24
N THR J 195 58.96 -6.81 30.84
CA THR J 195 57.80 -6.76 31.73
C THR J 195 58.08 -7.48 33.04
N ARG J 196 57.68 -6.84 34.13
CA ARG J 196 58.26 -7.09 35.45
C ARG J 196 57.33 -7.98 36.27
N GLY J 197 57.74 -9.24 36.48
CA GLY J 197 57.04 -10.16 37.36
C GLY J 197 55.56 -10.29 37.06
N ILE J 198 55.23 -10.88 35.93
CA ILE J 198 53.92 -10.73 35.32
C ILE J 198 53.36 -12.08 34.90
N ASN J 199 52.04 -12.17 34.98
CA ASN J 199 51.28 -13.23 34.35
C ASN J 199 50.33 -12.61 33.35
N LEU J 200 49.93 -13.41 32.38
CA LEU J 200 49.04 -12.98 31.31
C LEU J 200 47.89 -13.94 31.08
N ARG J 201 47.93 -15.15 31.64
CA ARG J 201 46.80 -16.05 31.52
C ARG J 201 45.73 -15.76 32.55
N LYS J 202 46.12 -15.26 33.72
CA LYS J 202 45.14 -14.90 34.72
C LYS J 202 44.24 -13.75 34.27
N VAL J 203 44.66 -12.99 33.26
CA VAL J 203 43.89 -11.87 32.76
C VAL J 203 43.05 -12.25 31.55
N ALA J 204 43.57 -13.15 30.72
CA ALA J 204 42.76 -13.65 29.61
C ALA J 204 41.53 -14.36 30.13
N GLU J 205 41.70 -15.19 31.16
CA GLU J 205 40.57 -15.88 31.77
C GLU J 205 39.59 -14.89 32.40
N LYS J 206 40.02 -13.66 32.67
CA LYS J 206 39.08 -12.63 33.08
C LYS J 206 38.19 -12.25 31.91
N MET J 207 38.80 -11.94 30.78
CA MET J 207 38.09 -11.46 29.60
C MET J 207 37.63 -12.67 28.79
N ASN J 208 36.34 -12.98 28.89
CA ASN J 208 35.80 -14.09 28.12
C ASN J 208 35.79 -13.71 26.65
N GLY J 209 35.38 -14.67 25.82
CA GLY J 209 35.56 -14.53 24.39
C GLY J 209 34.87 -13.32 23.82
N CYS J 210 35.67 -12.29 23.53
CA CYS J 210 35.20 -11.07 22.92
C CYS J 210 35.57 -10.99 21.45
N SER J 211 36.87 -10.97 21.16
CA SER J 211 37.42 -11.01 19.81
C SER J 211 38.92 -11.12 19.97
N GLY J 212 39.64 -11.04 18.84
CA GLY J 212 41.08 -11.04 18.85
C GLY J 212 41.66 -9.65 18.78
N ALA J 213 41.18 -8.87 17.82
CA ALA J 213 41.77 -7.56 17.55
C ALA J 213 41.68 -6.65 18.75
N ASP J 214 40.65 -6.83 19.57
CA ASP J 214 40.53 -6.10 20.82
C ASP J 214 41.78 -6.27 21.67
N VAL J 215 42.38 -7.44 21.63
CA VAL J 215 43.55 -7.69 22.42
C VAL J 215 44.72 -6.86 21.93
N LYS J 216 44.77 -6.56 20.63
CA LYS J 216 45.79 -5.63 20.19
C LYS J 216 45.54 -4.24 20.73
N GLY J 217 44.29 -3.94 21.11
CA GLY J 217 43.98 -2.63 21.64
C GLY J 217 44.35 -2.47 23.08
N VAL J 218 44.24 -3.53 23.88
CA VAL J 218 44.55 -3.39 25.29
C VAL J 218 46.07 -3.26 25.48
N CYS J 219 46.84 -4.02 24.71
CA CYS J 219 48.27 -4.03 24.89
C CYS J 219 48.87 -2.71 24.45
N THR J 220 48.46 -2.22 23.29
CA THR J 220 48.95 -0.92 22.83
C THR J 220 48.49 0.18 23.77
N GLU J 221 47.30 0.04 24.33
CA GLU J 221 46.78 1.06 25.24
C GLU J 221 47.43 0.95 26.60
N ALA J 222 47.79 -0.25 27.02
CA ALA J 222 48.39 -0.44 28.33
C ALA J 222 49.73 0.27 28.40
N GLY J 223 50.54 0.10 27.37
CA GLY J 223 51.77 0.84 27.28
C GLY J 223 51.55 2.33 27.30
N MET J 224 50.40 2.77 26.81
CA MET J 224 50.12 4.19 26.74
C MET J 224 49.79 4.76 28.11
N TYR J 225 49.12 3.98 28.96
CA TYR J 225 48.99 4.39 30.35
C TYR J 225 50.32 4.40 31.08
N ALA J 226 51.34 3.75 30.52
CA ALA J 226 52.70 3.84 31.02
C ALA J 226 53.54 4.82 30.23
N LEU J 227 53.10 5.19 29.04
CA LEU J 227 53.84 6.13 28.22
C LEU J 227 53.71 7.56 28.72
N ARG J 228 52.58 7.89 29.33
CA ARG J 228 52.35 9.25 29.76
C ARG J 228 53.33 9.67 30.84
N GLU J 229 53.61 8.75 31.76
CA GLU J 229 54.38 9.04 32.95
C GLU J 229 55.87 8.89 32.72
N ARG J 230 56.31 8.77 31.47
CA ARG J 230 57.69 8.42 31.16
C ARG J 230 58.09 7.12 31.85
N ARG J 231 57.12 6.25 32.04
CA ARG J 231 57.32 4.93 32.60
C ARG J 231 57.39 3.96 31.42
N ILE J 232 58.57 3.90 30.82
CA ILE J 232 58.81 3.10 29.62
C ILE J 232 58.39 1.65 29.80
N HIS J 233 58.48 1.14 31.01
CA HIS J 233 58.18 -0.26 31.25
C HIS J 233 56.73 -0.43 31.61
N VAL J 234 56.36 -1.68 31.86
CA VAL J 234 54.97 -2.11 31.83
C VAL J 234 54.59 -2.75 33.15
N THR J 235 53.33 -2.58 33.49
CA THR J 235 52.75 -2.95 34.78
C THR J 235 51.84 -4.15 34.55
N GLN J 236 51.39 -4.75 35.66
CA GLN J 236 50.33 -5.74 35.66
C GLN J 236 48.96 -5.07 35.74
N GLU J 237 48.75 -4.28 36.78
CA GLU J 237 47.42 -3.73 37.04
C GLU J 237 46.94 -2.80 35.95
N ASP J 238 47.84 -2.33 35.08
CA ASP J 238 47.41 -1.58 33.91
C ASP J 238 46.63 -2.45 32.94
N PHE J 239 46.90 -3.76 32.93
CA PHE J 239 46.21 -4.62 31.98
C PHE J 239 44.76 -4.87 32.40
N GLU J 240 44.55 -5.47 33.58
CA GLU J 240 43.18 -5.77 33.96
C GLU J 240 42.39 -4.49 34.21
N LEU J 241 43.06 -3.37 34.37
CA LEU J 241 42.45 -2.06 34.21
C LEU J 241 41.80 -1.91 32.84
N ALA J 242 42.62 -1.95 31.80
CA ALA J 242 42.16 -1.55 30.47
C ALA J 242 41.14 -2.53 29.92
N VAL J 243 41.43 -3.82 30.00
CA VAL J 243 40.52 -4.82 29.46
C VAL J 243 39.20 -4.78 30.21
N GLY J 244 39.24 -4.43 31.50
CA GLY J 244 38.01 -4.24 32.23
C GLY J 244 37.27 -2.99 31.85
N LYS J 245 37.94 -2.07 31.16
CA LYS J 245 37.36 -0.80 30.75
C LYS J 245 36.78 -0.87 29.36
N VAL J 246 37.62 -1.18 28.35
CA VAL J 246 37.28 -0.96 26.96
C VAL J 246 36.11 -1.82 26.50
N MET J 247 35.83 -2.90 27.22
CA MET J 247 34.62 -3.69 26.97
C MET J 247 33.42 -3.25 27.79
N ASN J 248 33.61 -2.44 28.84
CA ASN J 248 32.47 -1.92 29.59
C ASN J 248 31.53 -1.17 28.67
N LYS J 249 32.08 -0.21 27.91
CA LYS J 249 31.27 0.59 27.02
C LYS J 249 30.60 -0.26 25.97
N ASN J 250 31.24 -1.37 25.59
CA ASN J 250 30.58 -2.33 24.72
C ASN J 250 29.42 -3.04 25.42
N GLN J 251 29.46 -3.11 26.76
CA GLN J 251 28.36 -3.64 27.55
C GLN J 251 27.49 -2.54 28.15
N GLU J 252 27.45 -1.37 27.51
CA GLU J 252 26.75 -0.21 28.04
C GLU J 252 25.39 0.00 27.38
N THR J 253 25.31 -0.14 26.07
CA THR J 253 24.06 0.05 25.34
C THR J 253 23.27 -1.24 25.17
N ALA J 254 23.82 -2.38 25.58
CA ALA J 254 23.11 -3.64 25.46
C ALA J 254 21.88 -3.73 26.35
N ILE J 255 21.76 -2.87 27.35
CA ILE J 255 20.65 -2.94 28.29
C ILE J 255 19.41 -2.28 27.68
N SER J 256 18.24 -2.76 28.10
CA SER J 256 16.96 -2.25 27.63
C SER J 256 15.86 -2.80 28.52
N VAL J 257 14.87 -1.95 28.83
CA VAL J 257 13.77 -2.32 29.71
C VAL J 257 12.43 -2.19 28.98
N ALA J 258 12.43 -2.45 27.68
CA ALA J 258 11.15 -2.54 26.97
C ALA J 258 10.28 -3.60 27.62
N LYS J 259 10.72 -4.86 27.57
CA LYS J 259 10.11 -5.99 28.26
C LYS J 259 8.59 -6.03 28.05
N LEU J 260 8.22 -6.26 26.80
CA LEU J 260 6.85 -6.63 26.47
C LEU J 260 6.61 -8.12 26.63
N PHE J 261 7.56 -8.86 27.20
CA PHE J 261 7.53 -10.31 27.27
C PHE J 261 8.25 -10.73 28.53
N LYS J 262 8.60 -12.03 28.60
CA LYS J 262 9.30 -12.58 29.75
C LYS J 262 10.40 -13.52 29.33
N THR K 1 40.90 28.80 17.72
CA THR K 1 42.02 27.98 18.19
C THR K 1 41.74 27.38 19.56
N TYR K 2 42.78 26.78 20.15
CA TYR K 2 42.69 26.22 21.49
C TYR K 2 42.18 27.25 22.48
N ALA K 3 42.92 28.35 22.63
CA ALA K 3 42.54 29.40 23.55
C ALA K 3 41.17 30.00 23.24
N ASP K 4 40.69 29.86 22.01
CA ASP K 4 39.34 30.30 21.69
C ASP K 4 38.29 29.33 22.19
N VAL K 5 38.66 28.12 22.55
CA VAL K 5 37.75 27.12 23.06
C VAL K 5 37.67 27.25 24.57
N GLY K 6 36.49 26.96 25.11
CA GLY K 6 36.28 27.09 26.53
C GLY K 6 36.53 25.83 27.31
N GLY K 7 35.46 25.23 27.81
CA GLY K 7 35.57 24.14 28.75
C GLY K 7 35.67 22.78 28.11
N LEU K 8 36.82 22.51 27.52
CA LEU K 8 37.18 21.19 27.04
C LEU K 8 38.47 20.75 27.72
N ASP K 9 38.51 21.02 29.03
CA ASP K 9 39.69 20.76 29.86
C ASP K 9 40.18 19.33 29.76
N MET K 10 39.28 18.39 29.51
CA MET K 10 39.63 16.98 29.35
C MET K 10 39.83 16.63 27.89
N GLN K 11 38.80 16.85 27.08
CA GLN K 11 38.78 16.36 25.70
C GLN K 11 39.90 16.97 24.88
N LYS K 12 40.30 18.19 25.21
CA LYS K 12 41.30 18.89 24.42
C LYS K 12 42.63 18.15 24.41
N GLN K 13 42.87 17.31 25.41
CA GLN K 13 44.18 16.73 25.60
C GLN K 13 44.39 15.49 24.74
N GLU K 14 43.34 14.69 24.54
CA GLU K 14 43.54 13.35 23.99
C GLU K 14 43.92 13.38 22.53
N ILE K 15 43.48 14.38 21.79
CA ILE K 15 43.72 14.42 20.36
C ILE K 15 45.00 15.16 20.04
N ARG K 16 45.35 16.17 20.84
CA ARG K 16 46.61 16.86 20.64
C ARG K 16 47.81 16.02 21.06
N GLU K 17 47.58 14.79 21.53
CA GLU K 17 48.61 13.79 21.69
C GLU K 17 48.38 12.60 20.78
N ALA K 18 47.14 12.34 20.37
CA ALA K 18 46.88 11.31 19.38
C ALA K 18 47.11 11.78 17.96
N VAL K 19 47.53 13.02 17.75
CA VAL K 19 47.75 13.58 16.42
C VAL K 19 49.12 14.22 16.33
N GLU K 20 49.42 15.13 17.25
CA GLU K 20 50.64 15.92 17.18
C GLU K 20 51.84 15.16 17.72
N LEU K 21 51.69 14.55 18.89
CA LEU K 21 52.82 13.89 19.55
C LEU K 21 53.50 12.82 18.72
N PRO K 22 52.80 11.99 17.95
CA PRO K 22 53.51 10.94 17.20
C PRO K 22 54.49 11.49 16.17
N LEU K 23 54.02 12.37 15.29
CA LEU K 23 54.90 12.88 14.24
C LEU K 23 56.02 13.71 14.80
N VAL K 24 55.84 14.28 16.00
CA VAL K 24 56.93 14.97 16.68
C VAL K 24 57.73 14.01 17.55
N GLN K 25 57.08 12.98 18.08
CA GLN K 25 57.73 12.05 19.00
C GLN K 25 57.09 10.68 18.76
N ALA K 26 57.74 9.89 17.89
CA ALA K 26 57.33 8.53 17.59
C ALA K 26 58.38 7.50 17.98
N ASP K 27 59.66 7.86 17.92
CA ASP K 27 60.74 6.96 18.31
C ASP K 27 60.57 6.43 19.72
N LEU K 28 59.86 7.15 20.59
CA LEU K 28 59.65 6.70 21.94
C LEU K 28 58.51 5.71 22.05
N TYR K 29 57.51 5.80 21.17
CA TYR K 29 56.51 4.75 21.09
C TYR K 29 57.17 3.43 20.78
N GLU K 30 57.95 3.39 19.70
CA GLU K 30 58.67 2.17 19.35
C GLU K 30 59.84 1.90 20.29
N GLN K 31 60.26 2.88 21.09
CA GLN K 31 61.24 2.59 22.12
C GLN K 31 60.70 1.55 23.09
N ILE K 32 59.39 1.50 23.26
CA ILE K 32 58.75 0.28 23.73
C ILE K 32 58.75 -0.74 22.61
N GLY K 33 58.10 -0.40 21.50
CA GLY K 33 58.04 -1.24 20.32
C GLY K 33 56.65 -1.42 19.74
N ILE K 34 55.66 -0.67 20.21
CA ILE K 34 54.29 -0.88 19.78
C ILE K 34 53.93 -0.05 18.57
N ASP K 35 52.84 -0.43 17.91
CA ASP K 35 52.28 0.36 16.83
C ASP K 35 51.33 1.39 17.42
N PRO K 36 51.46 2.68 17.10
CA PRO K 36 50.53 3.65 17.65
C PRO K 36 49.18 3.53 16.98
N PRO K 37 48.24 4.41 17.31
CA PRO K 37 46.90 4.30 16.74
C PRO K 37 46.72 5.10 15.47
N ARG K 38 45.58 4.94 14.84
CA ARG K 38 45.30 5.53 13.53
C ARG K 38 44.04 6.35 13.51
N GLY K 39 42.98 5.91 14.17
CA GLY K 39 41.69 6.57 14.08
C GLY K 39 41.10 6.87 15.44
N VAL K 40 40.24 7.88 15.44
CA VAL K 40 39.51 8.31 16.60
C VAL K 40 38.08 8.59 16.18
N LEU K 41 37.27 9.02 17.13
CA LEU K 41 35.89 9.34 16.83
C LEU K 41 35.33 10.21 17.94
N LEU K 42 34.57 11.20 17.53
CA LEU K 42 34.11 12.29 18.37
C LEU K 42 32.60 12.27 18.33
N TYR K 43 31.98 11.72 19.37
CA TYR K 43 30.53 11.58 19.41
C TYR K 43 29.95 12.30 20.61
N GLY K 44 29.08 13.26 20.32
CA GLY K 44 28.28 13.93 21.30
C GLY K 44 27.24 14.75 20.58
N PRO K 45 26.18 15.17 21.28
CA PRO K 45 25.11 15.88 20.60
C PRO K 45 25.58 17.21 20.05
N PRO K 46 24.80 17.82 19.17
CA PRO K 46 25.26 19.02 18.48
C PRO K 46 25.34 20.21 19.42
N GLY K 47 26.16 21.17 19.02
CA GLY K 47 26.44 22.32 19.84
C GLY K 47 27.37 22.05 21.01
N THR K 48 27.74 20.81 21.27
CA THR K 48 28.64 20.50 22.36
C THR K 48 30.09 20.85 22.03
N GLY K 49 30.36 21.32 20.82
CA GLY K 49 31.67 21.86 20.53
C GLY K 49 32.69 20.85 20.06
N LYS K 50 32.41 20.18 18.95
CA LYS K 50 33.29 19.19 18.38
C LYS K 50 33.87 19.61 17.05
N THR K 51 33.06 20.17 16.15
CA THR K 51 33.54 20.48 14.81
C THR K 51 34.55 21.61 14.81
N MET K 52 34.60 22.39 15.89
CA MET K 52 35.49 23.53 15.95
C MET K 52 36.84 23.16 16.51
N LEU K 53 36.92 22.08 17.26
CA LEU K 53 38.17 21.72 17.90
C LEU K 53 39.21 21.35 16.86
N VAL K 54 38.80 20.56 15.88
CA VAL K 54 39.70 20.20 14.79
C VAL K 54 40.15 21.45 14.06
N LYS K 55 39.26 22.43 13.92
CA LYS K 55 39.65 23.67 13.28
C LYS K 55 40.76 24.35 14.05
N ALA K 56 40.77 24.18 15.38
CA ALA K 56 41.92 24.62 16.14
C ALA K 56 43.13 23.79 15.79
N VAL K 57 42.94 22.48 15.64
CA VAL K 57 44.03 21.61 15.28
C VAL K 57 44.50 21.91 13.87
N ALA K 58 43.61 22.37 13.02
CA ALA K 58 44.00 22.76 11.68
C ALA K 58 45.00 23.90 11.70
N ASN K 59 44.79 24.88 12.59
CA ASN K 59 45.73 25.97 12.70
C ASN K 59 47.10 25.49 13.13
N SER K 60 47.15 24.46 13.97
CA SER K 60 48.40 23.98 14.56
C SER K 60 48.51 22.48 14.36
N THR K 61 48.97 22.07 13.20
CA THR K 61 49.32 20.69 12.94
C THR K 61 50.69 20.50 12.29
N LYS K 62 51.08 21.41 11.41
CA LYS K 62 52.27 21.24 10.57
C LYS K 62 52.24 19.91 9.83
N ALA K 63 51.05 19.54 9.39
CA ALA K 63 50.84 18.43 8.49
C ALA K 63 49.84 18.89 7.45
N ALA K 64 49.34 17.94 6.65
CA ALA K 64 48.27 18.23 5.72
C ALA K 64 46.94 18.01 6.43
N PHE K 65 45.86 18.19 5.68
CA PHE K 65 44.54 18.21 6.31
C PHE K 65 43.50 18.24 5.21
N ILE K 66 42.41 17.52 5.42
CA ILE K 66 41.39 17.32 4.40
C ILE K 66 40.02 17.38 5.05
N ARG K 67 39.10 18.06 4.37
CA ARG K 67 37.73 18.27 4.83
C ARG K 67 36.79 17.59 3.86
N VAL K 68 36.08 16.57 4.33
CA VAL K 68 35.05 15.90 3.55
C VAL K 68 33.90 15.54 4.46
N ASN K 69 32.80 16.25 4.35
CA ASN K 69 31.58 15.87 5.04
C ASN K 69 30.89 14.74 4.31
N GLY K 70 30.16 13.93 5.08
CA GLY K 70 29.72 12.63 4.59
C GLY K 70 28.78 12.69 3.40
N SER K 71 28.05 13.79 3.25
CA SER K 71 27.15 13.90 2.11
C SER K 71 27.91 14.12 0.81
N GLU K 72 29.15 14.57 0.87
CA GLU K 72 29.92 14.82 -0.34
C GLU K 72 30.23 13.56 -1.10
N PHE K 73 30.12 12.39 -0.48
CA PHE K 73 30.60 11.19 -1.14
C PHE K 73 29.70 10.79 -2.29
N VAL K 74 28.39 10.79 -2.07
CA VAL K 74 27.50 10.08 -2.98
C VAL K 74 27.30 10.89 -4.26
N HIS K 75 27.04 10.17 -5.35
CA HIS K 75 26.61 10.76 -6.59
C HIS K 75 25.61 9.80 -7.23
N LYS K 76 25.12 10.17 -8.41
CA LYS K 76 24.06 9.38 -9.05
C LYS K 76 24.65 8.20 -9.80
N TYR K 77 25.76 8.42 -10.49
CA TYR K 77 26.42 7.36 -11.22
C TYR K 77 27.22 6.52 -10.23
N LEU K 78 26.78 5.29 -10.02
CA LEU K 78 27.47 4.42 -9.09
C LEU K 78 28.90 4.17 -9.55
N GLY K 79 29.67 3.53 -8.65
CA GLY K 79 31.04 3.21 -8.90
C GLY K 79 32.02 4.34 -8.68
N GLU K 80 31.56 5.59 -8.80
CA GLU K 80 32.45 6.73 -8.68
C GLU K 80 32.66 7.16 -7.24
N GLY K 81 31.73 6.83 -6.36
CA GLY K 81 31.88 7.12 -4.96
C GLY K 81 33.17 6.55 -4.41
N PRO K 82 33.31 5.23 -4.51
CA PRO K 82 34.50 4.59 -3.95
C PRO K 82 35.80 5.08 -4.55
N ARG K 83 35.85 5.28 -5.87
CA ARG K 83 37.10 5.74 -6.44
C ARG K 83 37.41 7.15 -5.95
N MET K 84 36.38 7.93 -5.67
CA MET K 84 36.62 9.19 -4.98
C MET K 84 37.21 8.91 -3.60
N VAL K 85 36.68 7.90 -2.92
CA VAL K 85 37.22 7.52 -1.62
C VAL K 85 38.63 6.98 -1.77
N ARG K 86 38.87 6.20 -2.81
CA ARG K 86 40.23 5.75 -3.06
C ARG K 86 41.13 6.91 -3.43
N ASP K 87 40.57 7.91 -4.12
CA ASP K 87 41.36 9.08 -4.46
C ASP K 87 41.80 9.82 -3.22
N VAL K 88 41.01 9.74 -2.15
CA VAL K 88 41.36 10.42 -0.91
C VAL K 88 42.60 9.78 -0.31
N PHE K 89 42.48 8.50 0.05
CA PHE K 89 43.53 7.87 0.85
C PHE K 89 44.84 7.78 0.09
N ARG K 90 44.80 7.81 -1.23
CA ARG K 90 46.06 7.87 -1.97
C ARG K 90 46.65 9.26 -1.89
N LEU K 91 45.79 10.28 -1.93
CA LEU K 91 46.26 11.65 -1.78
C LEU K 91 46.89 11.85 -0.42
N ALA K 92 46.33 11.21 0.60
CA ALA K 92 46.84 11.35 1.95
C ALA K 92 48.25 10.81 2.06
N ARG K 93 48.41 9.51 1.77
CA ARG K 93 49.71 8.87 1.85
C ARG K 93 50.73 9.55 0.96
N GLU K 94 50.29 10.13 -0.15
CA GLU K 94 51.18 10.93 -0.96
C GLU K 94 51.73 12.11 -0.17
N ASN K 95 50.84 12.99 0.27
CA ASN K 95 51.26 14.17 1.02
C ASN K 95 51.41 13.86 2.50
N ALA K 96 52.18 12.84 2.80
CA ALA K 96 52.32 12.34 4.15
C ALA K 96 53.43 13.06 4.88
N PRO K 97 53.43 13.04 6.22
CA PRO K 97 52.36 12.55 7.10
C PRO K 97 51.20 13.50 7.14
N SER K 98 50.01 12.95 6.96
CA SER K 98 48.78 13.72 6.85
C SER K 98 47.71 13.08 7.69
N ILE K 99 46.59 13.77 7.82
CA ILE K 99 45.40 13.25 8.49
C ILE K 99 44.17 13.75 7.75
N ILE K 100 43.01 13.30 8.21
CA ILE K 100 41.75 13.52 7.52
C ILE K 100 40.70 13.87 8.56
N PHE K 101 39.73 14.70 8.15
CA PHE K 101 38.58 15.02 8.97
C PHE K 101 37.32 14.74 8.19
N ILE K 102 36.34 14.22 8.90
CA ILE K 102 34.97 14.13 8.42
C ILE K 102 34.07 14.73 9.49
N ASP K 103 33.07 15.49 9.04
CA ASP K 103 32.19 16.20 9.96
C ASP K 103 30.88 15.46 10.22
N GLU K 104 30.59 14.42 9.44
CA GLU K 104 29.41 13.62 9.66
C GLU K 104 29.52 12.35 8.85
N VAL K 105 29.15 11.23 9.47
CA VAL K 105 29.17 9.94 8.78
C VAL K 105 27.90 9.14 9.04
N ASP K 106 26.98 9.67 9.85
CA ASP K 106 25.77 8.91 10.14
C ASP K 106 24.92 8.68 8.90
N SER K 107 25.14 9.46 7.85
CA SER K 107 24.55 9.13 6.56
C SER K 107 25.21 7.93 5.91
N ILE K 108 26.32 7.45 6.47
CA ILE K 108 27.10 6.34 5.91
C ILE K 108 27.25 5.27 6.97
N ALA K 109 27.90 5.63 8.06
CA ALA K 109 28.28 4.70 9.10
C ALA K 109 27.01 4.26 9.82
N THR K 110 26.52 3.08 9.46
CA THR K 110 25.26 2.56 9.96
C THR K 110 25.44 1.07 10.22
N LYS K 111 24.34 0.35 10.39
CA LYS K 111 24.36 -1.00 10.91
C LYS K 111 24.48 -2.08 9.83
N ARG K 112 24.41 -1.71 8.54
CA ARG K 112 24.44 -2.67 7.45
C ARG K 112 23.35 -3.74 7.60
N PHE K 113 22.13 -3.29 7.46
CA PHE K 113 20.99 -4.19 7.50
C PHE K 113 20.95 -5.04 6.23
N ASP K 114 19.94 -5.91 6.14
CA ASP K 114 19.74 -6.72 4.95
C ASP K 114 19.02 -5.87 3.90
N ALA K 115 19.76 -5.41 2.91
CA ALA K 115 19.21 -4.53 1.91
C ALA K 115 18.48 -5.31 0.82
N GLN K 116 17.55 -4.61 0.17
CA GLN K 116 16.83 -5.15 -0.98
C GLN K 116 16.67 -4.09 -2.06
N THR K 117 17.57 -3.12 -2.11
CA THR K 117 17.43 -1.96 -2.99
C THR K 117 18.78 -1.67 -3.64
N GLY K 118 18.83 -0.56 -4.38
CA GLY K 118 20.06 -0.09 -4.98
C GLY K 118 20.65 1.00 -4.13
N SER K 119 19.76 1.90 -3.70
CA SER K 119 20.16 2.98 -2.80
C SER K 119 20.78 2.42 -1.53
N ASP K 120 20.00 1.66 -0.77
CA ASP K 120 20.51 1.13 0.49
C ASP K 120 21.63 0.12 0.28
N ARG K 121 21.79 -0.39 -0.94
CA ARG K 121 22.87 -1.32 -1.23
C ARG K 121 24.13 -0.64 -1.72
N GLU K 122 23.99 0.53 -2.34
CA GLU K 122 25.16 1.24 -2.83
C GLU K 122 25.82 2.07 -1.76
N VAL K 123 25.04 2.54 -0.79
CA VAL K 123 25.63 3.22 0.36
C VAL K 123 26.54 2.30 1.12
N GLN K 124 26.21 1.02 1.18
CA GLN K 124 26.99 0.11 2.00
C GLN K 124 28.38 -0.07 1.43
N ARG K 125 28.48 -0.28 0.12
CA ARG K 125 29.78 -0.55 -0.46
C ARG K 125 30.68 0.68 -0.44
N ILE K 126 30.09 1.87 -0.30
CA ILE K 126 30.90 3.04 0.02
C ILE K 126 31.63 2.81 1.33
N LEU K 127 30.88 2.39 2.34
CA LEU K 127 31.48 2.10 3.63
C LEU K 127 32.54 1.04 3.49
N ILE K 128 32.32 0.07 2.60
CA ILE K 128 33.31 -0.96 2.37
C ILE K 128 34.56 -0.37 1.74
N GLU K 129 34.45 0.75 1.04
CA GLU K 129 35.63 1.40 0.49
C GLU K 129 36.56 1.87 1.59
N LEU K 130 36.02 2.09 2.78
CA LEU K 130 36.82 2.53 3.92
C LEU K 130 37.51 1.34 4.56
N LEU K 131 36.74 0.27 4.78
CA LEU K 131 37.23 -0.82 5.59
C LEU K 131 38.38 -1.54 4.90
N THR K 132 38.26 -1.75 3.60
CA THR K 132 39.32 -2.43 2.89
C THR K 132 40.59 -1.59 2.82
N GLN K 133 40.48 -0.28 3.07
CA GLN K 133 41.64 0.58 3.08
C GLN K 133 42.22 0.71 4.47
N MET K 134 41.38 1.01 5.45
CA MET K 134 41.84 1.24 6.82
C MET K 134 42.49 -0.01 7.41
N ASP K 135 42.08 -1.20 6.98
CA ASP K 135 42.78 -2.43 7.33
C ASP K 135 42.55 -3.47 6.25
N GLY K 136 43.54 -3.60 5.37
CA GLY K 136 43.55 -4.63 4.37
C GLY K 136 44.97 -5.12 4.16
N PHE K 137 45.35 -5.35 2.90
CA PHE K 137 46.72 -5.72 2.62
C PHE K 137 47.63 -4.51 2.50
N ASP K 138 47.10 -3.39 2.06
CA ASP K 138 47.88 -2.18 1.83
C ASP K 138 47.47 -1.15 2.86
N GLN K 139 48.40 -0.88 3.77
CA GLN K 139 48.21 0.10 4.83
C GLN K 139 49.49 0.91 4.95
N SER K 140 49.54 1.83 5.91
CA SER K 140 50.66 2.73 6.02
C SER K 140 50.76 3.20 7.47
N THR K 141 51.62 4.19 7.70
CA THR K 141 51.95 4.65 9.05
C THR K 141 52.04 6.17 9.11
N ASN K 142 51.28 6.86 8.28
CA ASN K 142 51.29 8.32 8.23
C ASN K 142 49.89 8.90 8.33
N VAL K 143 48.89 8.14 7.91
CA VAL K 143 47.52 8.64 7.92
C VAL K 143 46.92 8.48 9.31
N LYS K 144 46.07 9.43 9.67
CA LYS K 144 45.16 9.28 10.79
C LYS K 144 43.85 9.96 10.43
N VAL K 145 42.77 9.48 11.04
CA VAL K 145 41.43 9.92 10.70
C VAL K 145 40.77 10.52 11.92
N ILE K 146 40.01 11.60 11.67
CA ILE K 146 39.21 12.26 12.67
C ILE K 146 37.78 12.19 12.18
N MET K 147 37.08 11.18 12.61
CA MET K 147 35.68 11.02 12.30
C MET K 147 34.88 12.06 13.07
N ALA K 148 33.56 12.02 12.90
CA ALA K 148 32.70 12.89 13.67
C ALA K 148 31.26 12.44 13.49
N THR K 149 30.45 12.85 14.43
CA THR K 149 29.04 12.49 14.44
C THR K 149 28.37 13.22 15.59
N ASN K 150 27.09 13.52 15.39
CA ASN K 150 26.31 14.06 16.49
C ASN K 150 25.92 12.99 17.50
N ARG K 151 26.16 11.73 17.20
CA ARG K 151 25.75 10.64 18.06
C ARG K 151 26.32 9.35 17.48
N ALA K 152 26.74 8.43 18.36
CA ALA K 152 27.41 7.20 17.94
C ALA K 152 26.95 6.04 18.81
N ASP K 153 25.91 5.35 18.36
CA ASP K 153 25.56 4.06 18.92
C ASP K 153 25.03 3.08 17.87
N THR K 154 24.98 3.46 16.59
CA THR K 154 24.36 2.67 15.55
C THR K 154 25.33 2.20 14.48
N LEU K 155 26.30 3.01 14.13
CA LEU K 155 27.28 2.64 13.12
C LEU K 155 27.99 1.35 13.50
N ASP K 156 28.24 0.52 12.49
CA ASP K 156 28.45 -0.91 12.69
C ASP K 156 29.67 -1.18 13.57
N PRO K 157 29.68 -2.28 14.34
CA PRO K 157 30.85 -2.58 15.15
C PRO K 157 32.09 -2.93 14.34
N ALA K 158 31.94 -3.35 13.08
CA ALA K 158 33.10 -3.70 12.29
C ALA K 158 33.99 -2.50 12.05
N LEU K 159 33.39 -1.31 12.09
CA LEU K 159 34.17 -0.07 12.08
C LEU K 159 34.73 0.23 13.45
N LEU K 160 34.00 -0.16 14.50
CA LEU K 160 34.40 0.11 15.88
C LEU K 160 35.21 -1.06 16.41
N ARG K 161 36.52 -0.98 16.25
CA ARG K 161 37.42 -1.87 16.94
C ARG K 161 38.81 -1.26 16.90
N PRO K 162 39.76 -1.82 17.65
CA PRO K 162 41.13 -1.36 17.55
C PRO K 162 41.73 -1.72 16.20
N GLY K 163 42.71 -0.93 15.80
CA GLY K 163 43.23 -0.98 14.46
C GLY K 163 42.55 0.07 13.61
N ARG K 164 41.26 0.27 13.86
CA ARG K 164 40.48 1.29 13.19
C ARG K 164 40.33 2.54 14.04
N LEU K 165 39.70 2.42 15.20
CA LEU K 165 39.39 3.54 16.06
C LEU K 165 39.85 3.18 17.46
N ASP K 166 41.14 3.41 17.69
CA ASP K 166 41.76 3.02 18.93
C ASP K 166 41.36 3.92 20.08
N ARG K 167 40.91 5.13 19.80
CA ARG K 167 40.67 6.11 20.84
C ARG K 167 39.51 6.99 20.39
N LYS K 168 38.31 6.62 20.83
CA LYS K 168 37.13 7.45 20.65
C LYS K 168 36.76 8.10 21.96
N ILE K 169 36.14 9.27 21.86
CA ILE K 169 36.01 10.20 22.98
C ILE K 169 34.57 10.68 23.05
N GLU K 170 34.17 11.02 24.27
CA GLU K 170 32.83 11.51 24.55
C GLU K 170 32.84 13.03 24.55
N PHE K 171 31.70 13.59 24.89
CA PHE K 171 31.52 15.01 25.09
C PHE K 171 30.52 15.21 26.21
N PRO K 172 30.53 16.36 26.86
CA PRO K 172 29.61 16.57 27.99
C PRO K 172 28.16 16.65 27.53
N SER K 173 27.28 16.60 28.52
CA SER K 173 25.87 16.92 28.30
C SER K 173 25.70 18.42 28.35
N LEU K 174 24.45 18.86 28.40
CA LEU K 174 24.10 20.28 28.41
C LEU K 174 23.78 20.81 29.79
N ARG K 175 23.93 19.99 30.85
CA ARG K 175 23.64 20.40 32.22
C ARG K 175 24.85 20.00 33.07
N ASP K 176 25.85 20.87 33.05
CA ASP K 176 27.10 20.67 33.77
C ASP K 176 27.66 22.06 34.03
N ARG K 177 27.49 22.55 35.26
CA ARG K 177 27.60 23.99 35.48
C ARG K 177 29.02 24.50 35.35
N ARG K 178 30.02 23.66 35.65
CA ARG K 178 31.38 24.14 35.78
C ARG K 178 31.85 24.81 34.50
N GLU K 179 31.68 24.14 33.37
CA GLU K 179 32.14 24.72 32.11
C GLU K 179 31.24 25.84 31.65
N ARG K 180 29.97 25.82 32.05
CA ARG K 180 29.08 26.90 31.67
C ARG K 180 29.58 28.23 32.20
N ARG K 181 30.00 28.25 33.45
CA ARG K 181 30.64 29.44 33.99
C ARG K 181 31.91 29.77 33.23
N LEU K 182 32.56 28.76 32.65
CA LEU K 182 33.81 28.97 31.97
C LEU K 182 33.62 29.52 30.57
N ILE K 183 32.45 29.30 29.98
CA ILE K 183 32.21 29.75 28.62
C ILE K 183 31.81 31.21 28.59
N PHE K 184 30.85 31.59 29.43
CA PHE K 184 30.43 32.99 29.50
C PHE K 184 31.61 33.90 29.77
N GLY K 185 32.47 33.49 30.70
CA GLY K 185 33.67 34.27 30.96
C GLY K 185 34.58 34.31 29.76
N THR K 186 34.63 33.21 29.00
CA THR K 186 35.48 33.17 27.82
C THR K 186 34.94 34.10 26.74
N ILE K 187 33.72 33.85 26.31
CA ILE K 187 33.17 34.55 25.16
C ILE K 187 33.02 36.04 25.44
N ALA K 188 32.48 36.38 26.61
CA ALA K 188 32.26 37.78 26.94
C ALA K 188 33.58 38.53 27.02
N SER K 189 34.59 37.90 27.60
CA SER K 189 35.87 38.57 27.79
C SER K 189 36.57 38.89 26.48
N LYS K 190 36.22 38.18 25.40
CA LYS K 190 36.80 38.47 24.11
C LYS K 190 36.40 39.82 23.56
N MET K 191 35.39 40.45 24.13
CA MET K 191 34.99 41.78 23.73
C MET K 191 34.60 42.55 24.98
N SER K 192 34.11 43.77 24.78
CA SER K 192 33.91 44.72 25.85
C SER K 192 32.43 44.76 26.24
N LEU K 193 32.18 44.59 27.54
CA LEU K 193 30.83 44.56 28.10
C LEU K 193 30.76 45.51 29.29
N ALA K 194 29.61 45.52 29.94
CA ALA K 194 29.29 46.49 30.97
C ALA K 194 29.96 46.15 32.30
N PRO K 195 30.08 47.14 33.21
CA PRO K 195 30.44 46.79 34.60
C PRO K 195 29.31 46.11 35.33
N GLU K 196 28.08 46.57 35.16
CA GLU K 196 26.93 45.87 35.70
C GLU K 196 26.82 44.55 34.95
N ALA K 197 27.33 43.49 35.56
CA ALA K 197 27.79 42.30 34.87
C ALA K 197 27.12 41.06 35.42
N ASP K 198 25.79 41.06 35.45
CA ASP K 198 25.05 39.98 36.08
C ASP K 198 25.15 38.69 35.29
N LEU K 199 26.35 38.11 35.25
CA LEU K 199 26.61 36.83 34.62
C LEU K 199 26.69 35.71 35.64
N ASP K 200 26.96 36.05 36.89
CA ASP K 200 26.80 35.14 38.01
C ASP K 200 25.36 35.13 38.53
N SER K 201 24.42 35.59 37.70
CA SER K 201 23.00 35.43 37.91
C SER K 201 22.35 34.50 36.92
N LEU K 202 23.01 34.23 35.80
CA LEU K 202 22.49 33.41 34.72
C LEU K 202 22.96 31.97 34.77
N ILE K 203 24.20 31.75 35.24
CA ILE K 203 24.77 30.42 35.26
C ILE K 203 23.95 29.50 36.14
N ILE K 204 23.45 30.03 37.25
CA ILE K 204 22.85 29.21 38.29
C ILE K 204 21.57 28.54 37.80
N ARG K 205 20.95 29.05 36.74
CA ARG K 205 19.68 28.52 36.30
C ARG K 205 19.81 27.05 35.91
N ASN K 206 18.72 26.32 36.13
CA ASN K 206 18.65 24.88 35.91
C ASN K 206 18.68 24.50 34.43
N ASP K 207 18.62 25.46 33.52
CA ASP K 207 18.39 25.16 32.12
C ASP K 207 19.61 24.49 31.49
N SER K 208 19.33 23.64 30.50
CA SER K 208 20.36 22.96 29.75
C SER K 208 20.79 23.82 28.58
N LEU K 209 22.08 23.79 28.27
CA LEU K 209 22.60 24.60 27.19
C LEU K 209 23.81 23.94 26.55
N SER K 210 24.11 24.41 25.36
CA SER K 210 25.17 23.96 24.49
C SER K 210 26.27 25.01 24.47
N GLY K 211 27.21 24.82 23.56
CA GLY K 211 28.10 25.87 23.14
C GLY K 211 27.61 26.64 21.94
N ALA K 212 26.50 26.20 21.34
CA ALA K 212 25.94 26.87 20.17
C ALA K 212 24.94 27.94 20.56
N VAL K 213 24.04 27.60 21.48
CA VAL K 213 23.07 28.56 21.99
C VAL K 213 23.78 29.75 22.60
N ILE K 214 24.94 29.53 23.19
CA ILE K 214 25.65 30.61 23.87
C ILE K 214 26.12 31.62 22.85
N ALA K 215 26.56 31.13 21.69
CA ALA K 215 26.92 32.04 20.61
C ALA K 215 25.70 32.82 20.14
N ALA K 216 24.50 32.27 20.31
CA ALA K 216 23.31 32.97 19.89
C ALA K 216 22.97 34.09 20.87
N ILE K 217 22.87 33.75 22.16
CA ILE K 217 22.38 34.70 23.15
C ILE K 217 23.32 35.88 23.28
N MET K 218 24.62 35.62 23.29
CA MET K 218 25.56 36.68 23.52
C MET K 218 25.76 37.51 22.27
N GLN K 219 25.44 36.94 21.10
CA GLN K 219 25.45 37.72 19.88
C GLN K 219 24.18 38.55 19.76
N GLU K 220 23.02 37.90 19.85
CA GLU K 220 21.77 38.61 19.68
C GLU K 220 21.48 39.54 20.84
N ALA K 221 22.18 39.39 21.96
CA ALA K 221 22.17 40.42 22.97
C ALA K 221 23.06 41.58 22.56
N GLY K 222 24.21 41.25 21.97
CA GLY K 222 25.02 42.24 21.29
C GLY K 222 24.35 42.86 20.09
N LEU K 223 23.25 42.27 19.62
CA LEU K 223 22.48 42.84 18.53
C LEU K 223 21.56 43.94 19.03
N ARG K 224 20.79 43.64 20.08
CA ARG K 224 19.75 44.56 20.53
C ARG K 224 20.34 45.88 21.00
N ALA K 225 21.51 45.84 21.62
CA ALA K 225 22.12 47.05 22.15
C ALA K 225 22.83 47.85 21.07
N VAL K 226 23.60 47.17 20.22
CA VAL K 226 24.24 47.85 19.09
C VAL K 226 23.18 48.43 18.17
N ARG K 227 22.03 47.77 18.08
CA ARG K 227 20.87 48.31 17.39
C ARG K 227 20.35 49.59 18.01
N LYS K 228 20.76 49.94 19.24
CA LYS K 228 20.19 51.06 19.98
C LYS K 228 20.99 52.34 19.78
N ASN K 229 21.56 52.51 18.58
CA ASN K 229 22.51 53.59 18.24
C ASN K 229 23.63 53.72 19.26
N ARG K 230 23.96 52.61 19.92
CA ARG K 230 25.03 52.61 20.91
C ARG K 230 26.33 52.21 20.23
N TYR K 231 27.39 52.10 21.02
CA TYR K 231 28.75 52.02 20.51
C TYR K 231 29.43 50.71 20.88
N VAL K 232 29.44 50.34 22.16
CA VAL K 232 30.11 49.15 22.64
C VAL K 232 29.20 48.30 23.50
N ILE K 233 28.79 48.85 24.62
CA ILE K 233 28.51 48.06 25.80
C ILE K 233 27.10 47.50 25.72
N LEU K 234 26.90 46.38 26.41
CA LEU K 234 25.66 45.64 26.43
C LEU K 234 25.01 45.81 27.80
N GLN K 235 23.79 46.32 27.82
CA GLN K 235 23.13 46.67 29.07
C GLN K 235 22.73 45.41 29.84
N SER K 236 22.68 45.54 31.15
CA SER K 236 22.29 44.44 32.02
C SER K 236 20.85 44.01 31.81
N ASP K 237 20.06 44.76 31.04
CA ASP K 237 18.73 44.34 30.62
C ASP K 237 18.79 43.51 29.35
N LEU K 238 19.65 42.49 29.36
CA LEU K 238 19.59 41.41 28.39
C LEU K 238 18.66 40.30 28.82
N GLU K 239 17.82 40.54 29.84
CA GLU K 239 16.84 39.53 30.25
C GLU K 239 15.92 39.14 29.11
N GLU K 240 15.76 40.01 28.11
CA GLU K 240 15.16 39.62 26.85
C GLU K 240 15.89 38.43 26.25
N ALA K 241 17.22 38.43 26.38
CA ALA K 241 18.04 37.52 25.59
C ALA K 241 17.87 36.08 26.05
N TYR K 242 18.13 35.82 27.33
CA TYR K 242 18.02 34.48 27.88
C TYR K 242 16.64 33.90 27.63
N ALA K 243 15.61 34.68 27.95
CA ALA K 243 14.26 34.25 27.66
C ALA K 243 13.97 34.21 26.16
N THR K 244 14.69 35.02 25.37
CA THR K 244 14.60 34.88 23.92
C THR K 244 15.24 33.59 23.45
N GLN K 245 16.14 33.02 24.24
CA GLN K 245 16.71 31.71 23.96
C GLN K 245 15.90 30.62 24.65
N VAL K 246 14.59 30.66 24.44
CA VAL K 246 13.68 29.59 24.88
C VAL K 246 12.93 29.14 23.63
N LYS K 247 13.51 28.16 22.93
CA LYS K 247 12.93 27.65 21.70
C LYS K 247 11.86 26.59 21.93
N THR K 248 11.77 26.03 23.15
CA THR K 248 10.73 25.06 23.42
C THR K 248 9.35 25.69 23.33
N ASP K 249 9.23 26.95 23.76
CA ASP K 249 7.98 27.67 23.61
C ASP K 249 7.64 27.90 22.14
N ASN K 250 8.65 27.97 21.27
CA ASN K 250 8.45 28.17 19.84
C ASN K 250 8.28 26.85 19.09
N THR K 251 7.82 25.80 19.76
CA THR K 251 7.58 24.49 19.14
C THR K 251 6.16 24.08 19.51
N VAL K 252 5.20 24.39 18.63
CA VAL K 252 3.82 23.99 18.86
C VAL K 252 3.72 22.48 18.93
N ASP K 253 4.59 21.76 18.21
CA ASP K 253 4.65 20.31 18.33
C ASP K 253 5.23 19.87 19.67
N LYS K 254 5.83 20.78 20.42
CA LYS K 254 6.13 20.60 21.83
C LYS K 254 5.14 21.31 22.73
N PHE K 255 4.01 21.76 22.18
CA PHE K 255 2.98 22.47 22.93
C PHE K 255 1.60 21.85 22.81
N ASP K 256 1.20 21.42 21.61
CA ASP K 256 -0.15 20.91 21.36
C ASP K 256 -0.10 19.76 20.37
N PHE K 257 0.79 18.80 20.61
CA PHE K 257 1.02 17.71 19.65
C PHE K 257 0.59 16.34 20.18
N TYR K 258 1.15 15.87 21.30
CA TYR K 258 0.89 14.49 21.70
C TYR K 258 -0.51 14.34 22.29
N LYS K 259 -0.86 15.23 23.22
CA LYS K 259 -2.21 15.35 23.79
C LYS K 259 -3.22 15.80 22.74
N LEU L 1 26.48 34.83 -18.47
CA LEU L 1 25.54 34.35 -17.48
C LEU L 1 25.09 32.94 -17.78
N VAL L 2 24.72 32.22 -16.73
CA VAL L 2 24.10 30.90 -16.85
C VAL L 2 22.82 30.84 -16.04
N TYR L 3 22.86 31.22 -14.77
CA TYR L 3 21.77 30.96 -13.83
C TYR L 3 20.78 32.11 -13.73
N ASN L 4 21.23 33.28 -13.27
CA ASN L 4 20.32 34.31 -12.79
C ASN L 4 20.83 35.69 -13.15
N MET L 5 19.96 36.68 -12.89
CA MET L 5 20.14 38.01 -13.43
C MET L 5 21.37 38.69 -12.83
N THR L 6 21.42 38.76 -11.50
CA THR L 6 22.48 39.36 -10.71
C THR L 6 22.40 40.89 -10.71
N SER L 7 21.51 41.51 -11.48
CA SER L 7 21.07 42.89 -11.35
C SER L 7 22.17 43.92 -11.60
N PHE L 8 23.38 43.50 -11.94
CA PHE L 8 24.58 44.33 -12.06
C PHE L 8 24.71 45.39 -10.96
N GLU L 9 24.20 45.09 -9.77
CA GLU L 9 24.36 45.89 -8.55
C GLU L 9 23.79 47.31 -8.63
N GLN L 10 23.18 47.70 -9.76
CA GLN L 10 22.76 49.08 -9.98
C GLN L 10 21.41 49.23 -10.66
N GLY L 11 20.82 48.17 -11.22
CA GLY L 11 19.49 48.29 -11.79
C GLY L 11 18.54 48.73 -10.70
N GLU L 12 18.16 50.01 -10.75
CA GLU L 12 17.68 50.72 -9.57
C GLU L 12 16.16 50.83 -9.63
N ILE L 13 15.51 49.74 -9.24
CA ILE L 13 14.09 49.77 -8.94
C ILE L 13 13.90 50.51 -7.63
N THR L 14 12.75 51.16 -7.48
CA THR L 14 12.50 52.03 -6.34
C THR L 14 11.94 51.20 -5.19
N PHE L 15 12.76 51.01 -4.14
CA PHE L 15 12.29 50.38 -2.93
C PHE L 15 11.27 51.23 -2.17
N ASP L 16 11.10 52.49 -2.54
CA ASP L 16 10.12 53.38 -1.95
C ASP L 16 8.97 53.73 -2.88
N GLY L 17 9.13 53.53 -4.19
CA GLY L 17 8.01 53.61 -5.11
C GLY L 17 7.17 52.35 -5.01
N ILE L 18 6.56 52.17 -3.84
CA ILE L 18 5.91 50.92 -3.45
C ILE L 18 5.04 51.22 -2.25
N GLY L 19 3.91 50.52 -2.15
CA GLY L 19 3.00 50.70 -1.04
C GLY L 19 3.24 49.72 0.08
N GLY L 20 4.49 49.28 0.22
CA GLY L 20 4.85 48.35 1.28
C GLY L 20 4.94 49.05 2.62
N LEU L 21 5.90 48.65 3.44
CA LEU L 21 6.01 49.11 4.81
C LEU L 21 7.24 49.99 4.98
N THR L 22 7.31 50.60 6.18
CA THR L 22 8.48 51.34 6.62
C THR L 22 9.18 50.67 7.78
N GLU L 23 8.43 49.94 8.63
CA GLU L 23 9.04 49.33 9.80
C GLU L 23 9.90 48.14 9.40
N GLN L 24 9.33 47.23 8.60
CA GLN L 24 10.05 46.04 8.19
C GLN L 24 11.29 46.41 7.38
N ILE L 25 11.09 47.21 6.33
CA ILE L 25 12.18 47.64 5.46
C ILE L 25 13.25 48.36 6.25
N ARG L 26 12.86 49.05 7.33
CA ARG L 26 13.81 49.63 8.24
C ARG L 26 14.36 48.61 9.22
N GLU L 27 13.63 47.53 9.48
CA GLU L 27 14.18 46.42 10.24
C GLU L 27 15.29 45.73 9.45
N LEU L 28 15.15 45.65 8.13
CA LEU L 28 16.19 45.07 7.29
C LEU L 28 17.35 46.02 7.09
N ARG L 29 17.09 47.33 7.12
CA ARG L 29 18.15 48.32 7.03
C ARG L 29 19.24 48.05 8.06
N GLU L 30 18.88 47.49 9.20
CA GLU L 30 19.85 47.14 10.23
C GLU L 30 20.83 46.09 9.71
N VAL L 31 20.31 44.90 9.39
CA VAL L 31 21.16 43.72 9.29
C VAL L 31 22.06 43.76 8.06
N ILE L 32 21.63 44.44 6.99
CA ILE L 32 22.43 44.52 5.77
C ILE L 32 23.21 45.82 5.70
N GLU L 33 22.50 46.94 5.68
CA GLU L 33 23.12 48.18 5.25
C GLU L 33 24.07 48.72 6.30
N LEU L 34 23.68 48.63 7.58
CA LEU L 34 24.48 49.19 8.66
C LEU L 34 25.91 48.67 8.69
N PRO L 35 26.18 47.36 8.62
CA PRO L 35 27.59 46.93 8.60
C PRO L 35 28.30 47.34 7.33
N LEU L 36 27.68 47.05 6.19
CA LEU L 36 28.30 47.39 4.91
C LEU L 36 28.51 48.88 4.79
N LYS L 37 27.61 49.68 5.37
CA LYS L 37 27.89 51.09 5.60
C LYS L 37 28.95 51.25 6.66
N ASN L 38 28.66 50.78 7.87
CA ASN L 38 29.29 51.26 9.09
C ASN L 38 29.90 50.08 9.84
N PRO L 39 31.07 49.60 9.42
CA PRO L 39 31.75 48.53 10.15
C PRO L 39 32.48 49.00 11.40
N GLU L 40 32.42 50.29 11.73
CA GLU L 40 33.22 50.81 12.83
C GLU L 40 32.71 50.37 14.19
N ILE L 41 31.60 49.66 14.26
CA ILE L 41 30.96 49.30 15.52
C ILE L 41 30.99 47.78 15.74
N PHE L 42 30.46 47.02 14.78
CA PHE L 42 30.62 45.57 14.84
C PHE L 42 32.08 45.19 15.00
N GLN L 43 32.97 45.93 14.34
CA GLN L 43 34.39 45.82 14.63
C GLN L 43 34.67 46.20 16.08
N ARG L 44 34.12 47.34 16.51
CA ARG L 44 34.39 47.81 17.87
C ARG L 44 33.89 46.81 18.89
N VAL L 45 32.78 46.13 18.59
CA VAL L 45 32.28 45.10 19.48
C VAL L 45 32.88 43.75 19.11
N GLY L 46 33.33 43.58 17.87
CA GLY L 46 33.90 42.32 17.44
C GLY L 46 32.89 41.28 17.03
N ILE L 47 31.60 41.52 17.24
CA ILE L 47 30.56 40.63 16.72
C ILE L 47 30.66 40.55 15.22
N LYS L 48 30.50 39.35 14.71
CA LYS L 48 30.49 39.17 13.28
C LYS L 48 29.14 39.64 12.73
N PRO L 49 29.09 40.18 11.51
CA PRO L 49 27.80 40.60 10.95
C PRO L 49 26.81 39.45 10.87
N PRO L 50 25.56 39.75 10.60
CA PRO L 50 24.50 38.77 10.82
C PRO L 50 24.48 37.67 9.76
N LYS L 51 23.66 36.67 10.04
CA LYS L 51 23.52 35.48 9.20
C LYS L 51 22.04 35.33 8.83
N GLY L 52 21.65 36.00 7.76
CA GLY L 52 20.40 35.69 7.10
C GLY L 52 19.15 35.99 7.91
N VAL L 53 18.02 35.68 7.28
CA VAL L 53 16.71 36.09 7.78
C VAL L 53 15.66 35.27 7.05
N LEU L 54 14.46 35.20 7.63
CA LEU L 54 13.30 34.60 6.98
C LEU L 54 12.20 35.64 6.83
N LEU L 55 11.42 35.48 5.76
CA LEU L 55 10.32 36.39 5.44
C LEU L 55 9.10 35.54 5.14
N TYR L 56 8.34 35.19 6.16
CA TYR L 56 7.21 34.30 5.98
C TYR L 56 6.06 35.08 5.34
N GLY L 57 4.90 34.43 5.25
CA GLY L 57 3.70 35.01 4.71
C GLY L 57 3.41 34.56 3.30
N PRO L 58 2.13 34.54 2.90
CA PRO L 58 1.80 34.16 1.53
C PRO L 58 1.89 35.34 0.60
N PRO L 59 1.76 35.12 -0.71
CA PRO L 59 2.06 36.20 -1.67
C PRO L 59 1.07 37.34 -1.65
N GLY L 60 1.26 38.27 -2.58
CA GLY L 60 0.64 39.58 -2.51
C GLY L 60 1.41 40.57 -1.69
N THR L 61 2.18 40.11 -0.70
CA THR L 61 2.93 40.99 0.17
C THR L 61 4.07 41.69 -0.56
N GLY L 62 4.52 41.14 -1.67
CA GLY L 62 5.70 41.66 -2.32
C GLY L 62 6.97 41.24 -1.62
N LYS L 63 7.06 39.99 -1.20
CA LYS L 63 8.18 39.50 -0.43
C LYS L 63 9.35 39.07 -1.28
N THR L 64 9.39 39.51 -2.54
CA THR L 64 10.54 39.36 -3.41
C THR L 64 10.90 40.64 -4.14
N LEU L 65 9.99 41.60 -4.24
CA LEU L 65 10.29 42.85 -4.93
C LEU L 65 11.14 43.77 -4.07
N LEU L 66 10.86 43.79 -2.76
CA LEU L 66 11.70 44.53 -1.84
C LEU L 66 13.11 43.96 -1.82
N ALA L 67 13.22 42.64 -1.92
CA ALA L 67 14.47 41.96 -1.63
C ALA L 67 15.53 42.35 -2.64
N LYS L 68 15.24 42.14 -3.92
CA LYS L 68 16.15 42.59 -4.96
C LYS L 68 16.27 44.10 -5.01
N ALA L 69 15.26 44.82 -4.50
CA ALA L 69 15.29 46.27 -4.56
C ALA L 69 16.28 46.83 -3.56
N VAL L 70 16.18 46.41 -2.29
CA VAL L 70 17.15 46.87 -1.31
C VAL L 70 18.53 46.36 -1.64
N ALA L 71 18.60 45.16 -2.20
CA ALA L 71 19.86 44.67 -2.75
C ALA L 71 20.39 45.60 -3.81
N ALA L 72 19.50 46.28 -4.55
CA ALA L 72 19.94 47.24 -5.54
C ALA L 72 20.43 48.53 -4.90
N THR L 73 19.88 48.89 -3.74
CA THR L 73 20.38 50.05 -3.02
C THR L 73 21.82 49.83 -2.60
N ILE L 74 22.08 48.71 -1.94
CA ILE L 74 23.43 48.36 -1.53
C ILE L 74 24.24 47.89 -2.73
N GLY L 75 23.59 47.19 -3.65
CA GLY L 75 24.25 46.74 -4.86
C GLY L 75 24.95 45.40 -4.76
N ALA L 76 24.20 44.34 -4.46
CA ALA L 76 24.68 42.97 -4.54
C ALA L 76 23.97 42.25 -5.68
N ASN L 77 24.37 41.00 -5.89
CA ASN L 77 23.87 40.21 -7.01
C ASN L 77 22.72 39.33 -6.54
N PHE L 78 21.56 39.50 -7.16
CA PHE L 78 20.33 38.86 -6.75
C PHE L 78 20.06 37.66 -7.65
N ILE L 79 19.88 36.49 -7.03
CA ILE L 79 19.66 35.26 -7.77
C ILE L 79 18.55 34.45 -7.11
N PHE L 80 18.30 33.24 -7.63
CA PHE L 80 17.23 32.39 -7.15
C PHE L 80 17.76 30.99 -6.90
N SER L 81 16.97 30.23 -6.18
CA SER L 81 17.20 28.81 -5.98
C SER L 81 15.91 28.17 -5.48
N PRO L 82 14.85 28.16 -6.28
CA PRO L 82 13.56 27.68 -5.77
C PRO L 82 13.59 26.19 -5.48
N ALA L 83 13.49 25.85 -4.19
CA ALA L 83 13.67 24.46 -3.75
C ALA L 83 12.76 23.49 -4.48
N SER L 84 11.58 23.96 -4.90
CA SER L 84 10.74 23.15 -5.78
C SER L 84 11.49 22.81 -7.06
N GLY L 85 12.31 23.74 -7.54
CA GLY L 85 13.10 23.54 -8.73
C GLY L 85 14.54 23.15 -8.48
N ILE L 86 14.83 22.65 -7.28
CA ILE L 86 16.17 22.17 -6.94
C ILE L 86 16.18 20.67 -6.69
N VAL L 87 15.11 20.11 -6.13
CA VAL L 87 15.06 18.68 -5.88
C VAL L 87 15.27 17.89 -7.15
N ASP L 88 16.03 16.81 -7.03
CA ASP L 88 16.25 15.86 -8.11
C ASP L 88 16.15 14.48 -7.52
N LYS L 89 15.51 13.59 -8.26
CA LYS L 89 15.19 12.25 -7.77
C LYS L 89 16.43 11.45 -7.42
N TYR L 90 17.60 11.81 -7.94
CA TYR L 90 18.78 11.00 -7.72
C TYR L 90 19.31 11.20 -6.31
N ILE L 91 20.20 10.30 -5.91
CA ILE L 91 20.60 10.20 -4.52
C ILE L 91 21.31 11.46 -4.08
N GLY L 92 22.42 11.78 -4.73
CA GLY L 92 23.04 13.08 -4.63
C GLY L 92 22.36 14.02 -5.57
N GLU L 93 23.11 15.03 -6.01
CA GLU L 93 22.71 15.95 -7.07
C GLU L 93 21.59 16.91 -6.68
N SER L 94 21.05 16.77 -5.47
CA SER L 94 20.34 17.84 -4.81
C SER L 94 21.27 18.66 -3.94
N ALA L 95 22.30 18.02 -3.41
CA ALA L 95 23.31 18.69 -2.61
C ALA L 95 24.43 19.27 -3.46
N ARG L 96 24.68 18.69 -4.63
CA ARG L 96 25.67 19.24 -5.54
C ARG L 96 25.30 20.65 -5.92
N ILE L 97 24.01 20.87 -6.19
CA ILE L 97 23.55 22.17 -6.62
C ILE L 97 23.76 23.19 -5.52
N ILE L 98 23.58 22.76 -4.28
CA ILE L 98 23.89 23.61 -3.14
C ILE L 98 25.36 23.97 -3.16
N ARG L 99 26.20 23.01 -3.53
CA ARG L 99 27.63 23.21 -3.45
C ARG L 99 28.13 24.08 -4.58
N GLU L 100 27.46 24.03 -5.73
CA GLU L 100 27.83 24.90 -6.83
C GLU L 100 27.65 26.36 -6.45
N MET L 101 26.53 26.68 -5.84
CA MET L 101 26.15 28.08 -5.73
C MET L 101 26.91 28.81 -4.64
N PHE L 102 27.16 28.14 -3.52
CA PHE L 102 28.00 28.77 -2.51
C PHE L 102 29.40 29.00 -3.06
N ALA L 103 29.85 28.08 -3.91
CA ALA L 103 31.11 28.30 -4.60
C ALA L 103 30.97 29.39 -5.65
N TYR L 104 29.95 29.27 -6.50
CA TYR L 104 29.82 30.19 -7.62
C TYR L 104 29.47 31.58 -7.14
N ALA L 105 28.74 31.69 -6.03
CA ALA L 105 28.55 32.99 -5.42
C ALA L 105 29.87 33.62 -5.05
N LYS L 106 30.77 32.82 -4.50
CA LYS L 106 32.10 33.29 -4.15
C LYS L 106 32.98 33.48 -5.37
N GLU L 107 32.62 32.90 -6.51
CA GLU L 107 33.31 33.25 -7.74
C GLU L 107 33.09 34.72 -8.06
N HIS L 108 31.87 35.18 -7.88
CA HIS L 108 31.61 36.61 -7.81
C HIS L 108 32.07 37.13 -6.45
N GLU L 109 32.37 38.41 -6.42
CA GLU L 109 32.87 38.97 -5.17
C GLU L 109 31.72 39.14 -4.19
N PRO L 110 30.66 39.95 -4.47
CA PRO L 110 29.44 39.84 -3.66
C PRO L 110 28.38 38.99 -4.34
N CYS L 111 27.45 38.47 -3.55
CA CYS L 111 26.33 37.70 -4.06
C CYS L 111 25.39 37.42 -2.89
N ILE L 112 24.08 37.45 -3.17
CA ILE L 112 23.08 37.11 -2.17
C ILE L 112 22.04 36.22 -2.82
N ILE L 113 21.47 35.33 -2.02
CA ILE L 113 20.57 34.30 -2.50
C ILE L 113 19.14 34.73 -2.20
N PHE L 114 18.21 34.24 -3.02
CA PHE L 114 16.79 34.29 -2.69
C PHE L 114 16.23 32.89 -2.91
N MET L 115 16.25 32.08 -1.86
CA MET L 115 15.52 30.83 -1.84
C MET L 115 14.04 31.11 -1.62
N ASP L 116 13.20 30.24 -2.18
CA ASP L 116 11.76 30.39 -2.06
C ASP L 116 11.12 29.01 -2.05
N GLU L 117 9.96 28.94 -1.40
CA GLU L 117 9.22 27.69 -1.23
C GLU L 117 10.14 26.65 -0.59
N VAL L 118 10.86 27.10 0.44
CA VAL L 118 11.87 26.27 1.10
C VAL L 118 11.27 25.19 1.98
N ASP L 119 9.95 25.12 2.09
CA ASP L 119 9.33 23.99 2.78
C ASP L 119 9.66 22.67 2.10
N ALA L 120 10.01 22.70 0.82
CA ALA L 120 10.49 21.49 0.14
C ALA L 120 11.71 20.93 0.85
N ILE L 121 12.52 21.79 1.45
CA ILE L 121 13.60 21.35 2.32
C ILE L 121 13.04 20.86 3.65
N GLY L 122 12.34 21.75 4.34
CA GLY L 122 11.84 21.47 5.68
C GLY L 122 10.51 20.73 5.71
N GLY L 123 10.55 19.42 5.48
CA GLY L 123 9.35 18.60 5.44
C GLY L 123 9.11 17.85 6.73
N ARG L 124 7.84 17.54 7.00
CA ARG L 124 7.48 16.88 8.23
C ARG L 124 7.93 15.42 8.26
N ARG L 125 8.18 14.82 7.09
CA ARG L 125 8.61 13.43 7.01
C ARG L 125 7.55 12.49 7.58
N PHE L 126 6.32 12.65 7.09
CA PHE L 126 5.23 11.78 7.50
C PHE L 126 5.19 10.48 6.72
N SER L 127 5.79 10.44 5.53
CA SER L 127 5.85 9.20 4.76
C SER L 127 6.84 8.22 5.39
N GLU L 128 8.04 8.69 5.69
CA GLU L 128 9.06 7.88 6.36
C GLU L 128 9.52 6.71 5.48
N GLY L 129 9.72 6.99 4.20
CA GLY L 129 10.38 6.04 3.32
C GLY L 129 11.89 6.21 3.44
N THR L 130 12.52 5.35 4.22
CA THR L 130 13.92 5.55 4.59
C THR L 130 14.85 5.54 3.39
N SER L 131 14.45 4.96 2.26
CA SER L 131 15.24 5.10 1.05
C SER L 131 15.27 6.55 0.59
N ALA L 132 14.18 7.28 0.83
CA ALA L 132 14.08 8.69 0.48
C ALA L 132 14.42 9.59 1.65
N ASP L 133 13.66 9.49 2.73
CA ASP L 133 13.76 10.45 3.82
C ASP L 133 15.10 10.40 4.53
N ARG L 134 15.84 9.31 4.38
CA ARG L 134 17.24 9.33 4.83
C ARG L 134 18.06 10.27 3.96
N GLU L 135 17.67 10.46 2.71
CA GLU L 135 18.40 11.35 1.81
C GLU L 135 17.92 12.78 1.93
N ILE L 136 16.66 12.99 2.30
CA ILE L 136 16.12 14.33 2.40
C ILE L 136 16.90 15.13 3.44
N GLN L 137 17.24 14.50 4.56
CA GLN L 137 18.10 15.17 5.52
C GLN L 137 19.53 15.25 5.01
N ARG L 138 19.93 14.30 4.15
CA ARG L 138 21.29 14.28 3.66
C ARG L 138 21.59 15.54 2.86
N THR L 139 20.71 15.89 1.93
CA THR L 139 20.90 17.11 1.17
C THR L 139 20.65 18.34 2.04
N LEU L 140 19.67 18.26 2.93
CA LEU L 140 19.40 19.35 3.85
C LEU L 140 20.59 19.61 4.75
N MET L 141 21.06 18.55 5.39
CA MET L 141 22.17 18.66 6.33
C MET L 141 23.41 19.25 5.65
N GLU L 142 23.58 18.99 4.36
CA GLU L 142 24.72 19.56 3.65
C GLU L 142 24.61 21.07 3.59
N LEU L 143 23.38 21.59 3.49
CA LEU L 143 23.16 23.03 3.53
C LEU L 143 23.73 23.62 4.81
N LEU L 144 23.45 22.96 5.94
CA LEU L 144 23.84 23.47 7.23
C LEU L 144 25.35 23.61 7.36
N THR L 145 26.10 22.75 6.68
CA THR L 145 27.55 22.78 6.73
C THR L 145 28.15 23.54 5.55
N GLN L 146 27.47 23.55 4.41
CA GLN L 146 27.93 24.34 3.30
C GLN L 146 27.72 25.83 3.54
N MET L 147 26.78 26.19 4.41
CA MET L 147 26.39 27.58 4.55
C MET L 147 27.33 28.35 5.47
N ASP L 148 27.69 27.75 6.62
CA ASP L 148 28.57 28.40 7.60
C ASP L 148 29.67 27.42 7.99
N GLY L 149 30.71 27.40 7.16
CA GLY L 149 31.90 26.62 7.42
C GLY L 149 33.05 27.54 7.76
N PHE L 150 33.89 27.84 6.78
CA PHE L 150 35.01 28.76 6.96
C PHE L 150 34.70 30.14 6.41
N ASP L 151 33.49 30.36 5.88
CA ASP L 151 33.22 31.60 5.15
C ASP L 151 33.13 32.78 6.11
N ASN L 152 34.25 33.49 6.26
CA ASN L 152 34.32 34.67 7.10
C ASN L 152 34.15 35.95 6.30
N LEU L 153 33.32 35.93 5.26
CA LEU L 153 33.08 37.08 4.41
C LEU L 153 31.92 37.90 4.94
N GLY L 154 31.94 39.20 4.61
CA GLY L 154 30.85 40.11 4.90
C GLY L 154 30.02 40.45 3.69
N GLN L 155 30.21 39.77 2.57
CA GLN L 155 29.49 40.03 1.33
C GLN L 155 28.39 39.01 1.06
N THR L 156 28.62 37.74 1.41
CA THR L 156 27.73 36.65 1.00
C THR L 156 26.57 36.57 1.98
N LYS L 157 25.51 37.32 1.68
CA LYS L 157 24.31 37.30 2.51
C LYS L 157 23.35 36.23 2.02
N ILE L 158 22.39 35.91 2.87
CA ILE L 158 21.46 34.81 2.65
C ILE L 158 20.06 35.31 2.92
N ILE L 159 19.10 34.83 2.15
CA ILE L 159 17.70 35.04 2.41
C ILE L 159 17.00 33.71 2.15
N MET L 160 15.93 33.48 2.89
CA MET L 160 15.05 32.34 2.66
C MET L 160 13.62 32.81 2.81
N ALA L 161 12.85 32.67 1.74
CA ALA L 161 11.43 32.99 1.77
C ALA L 161 10.67 31.69 1.95
N THR L 162 9.70 31.72 2.86
CA THR L 162 9.02 30.49 3.26
C THR L 162 7.59 30.85 3.60
N ASN L 163 6.72 30.75 2.60
CA ASN L 163 5.31 30.62 2.85
C ASN L 163 5.08 29.40 3.73
N ARG L 164 3.97 29.42 4.47
CA ARG L 164 3.64 28.35 5.40
C ARG L 164 4.74 28.14 6.43
N PRO L 165 5.04 29.12 7.28
CA PRO L 165 6.01 28.86 8.35
C PRO L 165 5.46 27.86 9.34
N ASP L 166 6.38 27.10 9.91
CA ASP L 166 6.15 26.13 10.97
C ASP L 166 5.51 24.86 10.42
N THR L 167 5.28 24.76 9.11
CA THR L 167 5.05 23.45 8.52
C THR L 167 6.26 22.55 8.76
N LEU L 168 7.45 23.13 8.62
CA LEU L 168 8.67 22.42 9.01
C LEU L 168 8.67 22.24 10.52
N ASP L 169 8.58 21.00 10.96
CA ASP L 169 9.14 20.65 12.25
C ASP L 169 9.90 19.33 12.18
N PRO L 170 10.80 19.10 11.18
CA PRO L 170 11.88 18.14 11.41
C PRO L 170 12.99 18.80 12.21
N ALA L 171 13.21 20.08 11.91
CA ALA L 171 14.20 20.90 12.59
C ALA L 171 13.84 22.34 12.30
N LEU L 172 13.74 23.15 13.36
CA LEU L 172 13.46 24.56 13.19
C LEU L 172 14.72 25.36 12.88
N LEU L 173 15.90 24.76 13.02
CA LEU L 173 17.17 25.41 12.70
C LEU L 173 17.29 26.78 13.36
N ARG L 174 16.75 26.87 14.58
CA ARG L 174 16.70 28.15 15.28
C ARG L 174 18.07 28.66 15.70
N PRO L 175 18.85 27.94 16.52
CA PRO L 175 19.96 28.58 17.22
C PRO L 175 21.05 29.12 16.28
N GLY L 176 21.50 30.32 16.59
CA GLY L 176 22.57 30.98 15.86
C GLY L 176 22.07 31.98 14.85
N ARG L 177 22.00 31.55 13.60
CA ARG L 177 21.66 32.43 12.49
C ARG L 177 20.16 32.71 12.51
N LEU L 178 19.67 33.30 11.41
CA LEU L 178 18.33 33.88 11.36
C LEU L 178 18.17 34.93 12.45
N ASP L 179 18.99 35.96 12.35
CA ASP L 179 19.04 36.98 13.38
C ASP L 179 17.78 37.81 13.43
N ARG L 180 16.98 37.78 12.37
CA ARG L 180 15.63 38.30 12.38
C ARG L 180 14.70 37.25 11.78
N LYS L 181 13.41 37.43 12.03
CA LYS L 181 12.36 36.66 11.36
C LYS L 181 11.16 37.60 11.30
N VAL L 182 11.03 38.31 10.18
CA VAL L 182 10.21 39.51 10.15
C VAL L 182 8.74 39.13 10.28
N GLU L 183 8.03 39.83 11.16
CA GLU L 183 6.59 39.66 11.30
C GLU L 183 5.91 40.31 10.11
N ILE L 184 5.73 39.55 9.05
CA ILE L 184 5.26 40.09 7.77
C ILE L 184 3.83 40.58 7.91
N PRO L 185 3.43 41.69 7.25
CA PRO L 185 2.02 42.09 7.25
C PRO L 185 1.26 41.57 6.05
N LEU L 186 -0.02 41.91 5.99
CA LEU L 186 -0.82 41.91 4.77
C LEU L 186 -1.20 43.34 4.42
N PRO L 187 -1.68 43.57 3.20
CA PRO L 187 -2.01 44.95 2.80
C PRO L 187 -3.25 45.47 3.51
N ASN L 188 -3.03 46.37 4.47
CA ASN L 188 -4.15 46.93 5.20
C ASN L 188 -4.95 47.85 4.30
N GLU L 189 -6.21 48.07 4.68
CA GLU L 189 -7.10 48.93 3.92
C GLU L 189 -6.53 50.33 3.75
N ALA L 190 -5.77 50.81 4.73
CA ALA L 190 -5.09 52.08 4.58
C ALA L 190 -4.04 52.01 3.47
N GLY L 191 -3.37 50.86 3.36
CA GLY L 191 -2.33 50.72 2.36
C GLY L 191 -2.82 50.59 0.94
N ARG L 192 -4.13 50.36 0.75
CA ARG L 192 -4.68 50.22 -0.58
C ARG L 192 -4.34 51.42 -1.44
N LEU L 193 -4.84 52.60 -1.06
CA LEU L 193 -4.50 53.82 -1.77
C LEU L 193 -3.01 54.14 -1.67
N GLU L 194 -2.32 53.62 -0.64
CA GLU L 194 -0.87 53.66 -0.66
C GLU L 194 -0.32 52.84 -1.81
N ILE L 195 -1.02 51.76 -2.17
CA ILE L 195 -0.60 50.91 -3.28
C ILE L 195 -1.15 51.43 -4.60
N PHE L 196 -2.45 51.73 -4.64
CA PHE L 196 -3.04 52.24 -5.88
C PHE L 196 -2.36 53.50 -6.36
N LYS L 197 -1.81 54.29 -5.43
CA LYS L 197 -1.02 55.44 -5.84
C LYS L 197 0.23 55.05 -6.61
N ILE L 198 0.68 53.80 -6.47
CA ILE L 198 1.93 53.38 -7.11
C ILE L 198 1.70 53.13 -8.58
N HIS L 199 0.83 52.18 -8.90
CA HIS L 199 0.65 51.73 -10.27
C HIS L 199 -0.17 52.72 -11.10
N THR L 200 -1.01 53.52 -10.45
CA THR L 200 -1.82 54.49 -11.17
C THR L 200 -0.95 55.53 -11.86
N ALA L 201 0.24 55.78 -11.34
CA ALA L 201 1.13 56.76 -11.92
C ALA L 201 1.51 56.34 -13.34
N LYS L 202 2.10 57.28 -14.06
CA LYS L 202 2.44 57.09 -15.47
C LYS L 202 1.17 56.85 -16.29
N VAL L 203 0.09 57.55 -15.94
CA VAL L 203 -1.17 57.45 -16.67
C VAL L 203 -1.81 58.83 -16.78
N LYS L 204 -2.49 59.06 -17.91
CA LYS L 204 -3.33 60.23 -18.13
C LYS L 204 -4.77 59.73 -18.19
N LYS L 205 -5.52 59.94 -17.10
CA LYS L 205 -6.78 59.23 -16.89
C LYS L 205 -7.88 60.06 -16.27
N THR L 206 -7.74 61.38 -16.17
CA THR L 206 -8.72 62.21 -15.47
C THR L 206 -8.83 61.81 -14.01
N GLY L 207 -7.73 61.34 -13.43
CA GLY L 207 -7.65 60.99 -12.03
C GLY L 207 -7.93 59.52 -11.72
N GLU L 208 -9.17 59.08 -11.86
CA GLU L 208 -9.55 57.72 -11.49
C GLU L 208 -9.25 57.46 -10.00
N PHE L 209 -9.96 58.21 -9.16
CA PHE L 209 -9.82 58.16 -7.72
C PHE L 209 -11.13 57.71 -7.09
N ASP L 210 -11.03 57.16 -5.88
CA ASP L 210 -12.21 56.78 -5.12
C ASP L 210 -11.85 56.26 -3.74
N PHE L 211 -12.80 56.38 -2.81
CA PHE L 211 -12.74 55.69 -1.53
C PHE L 211 -13.54 54.39 -1.55
N GLU L 212 -14.15 54.03 -2.69
CA GLU L 212 -14.83 52.76 -2.86
C GLU L 212 -13.91 51.67 -3.38
N ALA L 213 -12.61 51.79 -3.10
CA ALA L 213 -11.60 50.88 -3.60
C ALA L 213 -11.05 49.95 -2.53
N ALA L 214 -10.89 50.43 -1.30
CA ALA L 214 -10.45 49.55 -0.22
C ALA L 214 -11.56 48.60 0.20
N VAL L 215 -12.79 49.10 0.23
CA VAL L 215 -13.95 48.22 0.37
C VAL L 215 -13.95 47.18 -0.74
N LYS L 216 -13.63 47.60 -1.96
CA LYS L 216 -13.44 46.63 -3.04
C LYS L 216 -12.18 45.81 -2.81
N MET L 217 -11.12 46.45 -2.30
CA MET L 217 -9.88 45.75 -1.99
C MET L 217 -9.97 44.97 -0.68
N SER L 218 -11.06 45.09 0.06
CA SER L 218 -11.23 44.30 1.26
C SER L 218 -11.30 42.83 0.90
N ASP L 219 -10.42 42.04 1.52
CA ASP L 219 -10.24 40.60 1.34
C ASP L 219 -9.50 40.26 0.04
N GLY L 220 -9.25 41.23 -0.85
CA GLY L 220 -8.44 41.01 -2.03
C GLY L 220 -7.08 41.64 -1.84
N PHE L 221 -6.63 41.64 -0.58
CA PHE L 221 -5.42 42.36 -0.19
C PHE L 221 -4.20 41.59 -0.66
N ASN L 222 -3.96 41.64 -1.97
CA ASN L 222 -2.75 41.09 -2.56
C ASN L 222 -2.31 41.97 -3.71
N GLY L 223 -1.00 42.21 -3.79
CA GLY L 223 -0.48 43.16 -4.75
C GLY L 223 -0.83 42.85 -6.18
N ALA L 224 -0.96 41.57 -6.51
CA ALA L 224 -1.37 41.20 -7.86
C ALA L 224 -2.75 41.73 -8.17
N ASP L 225 -3.61 41.84 -7.15
CA ASP L 225 -4.95 42.38 -7.35
C ASP L 225 -4.88 43.79 -7.93
N ILE L 226 -3.99 44.61 -7.38
CA ILE L 226 -3.94 46.00 -7.78
C ILE L 226 -3.23 46.14 -9.10
N ARG L 227 -2.19 45.33 -9.29
CA ARG L 227 -1.49 45.32 -10.58
C ARG L 227 -2.45 44.96 -11.70
N ASN L 228 -3.35 44.03 -11.43
CA ASN L 228 -4.22 43.50 -12.47
C ASN L 228 -5.44 44.38 -12.67
N CYS L 229 -6.00 44.94 -11.59
CA CYS L 229 -7.13 45.85 -11.73
C CYS L 229 -6.73 47.06 -12.56
N ALA L 230 -5.58 47.65 -12.24
CA ALA L 230 -5.08 48.73 -13.07
C ALA L 230 -4.81 48.25 -14.48
N THR L 231 -4.44 46.99 -14.64
CA THR L 231 -4.35 46.41 -15.96
C THR L 231 -5.71 46.44 -16.65
N GLU L 232 -6.69 45.72 -16.09
CA GLU L 232 -7.96 45.54 -16.79
C GLU L 232 -8.82 46.78 -16.75
N ALA L 233 -8.73 47.58 -15.68
CA ALA L 233 -9.39 48.89 -15.71
C ALA L 233 -8.78 49.76 -16.81
N GLY L 234 -7.52 49.51 -17.15
CA GLY L 234 -6.94 50.15 -18.31
C GLY L 234 -7.50 49.59 -19.61
N PHE L 235 -7.97 48.34 -19.59
CA PHE L 235 -8.53 47.71 -20.77
C PHE L 235 -10.02 48.02 -20.97
N PHE L 236 -10.66 48.74 -20.05
CA PHE L 236 -12.06 49.10 -20.21
C PHE L 236 -12.27 50.50 -20.74
N ALA L 237 -11.36 51.43 -20.46
CA ALA L 237 -11.44 52.73 -21.09
C ALA L 237 -11.17 52.62 -22.59
N ILE L 238 -10.39 51.62 -22.98
CA ILE L 238 -10.21 51.29 -24.39
C ILE L 238 -11.29 50.35 -24.91
N ARG L 239 -12.07 49.74 -24.02
CA ARG L 239 -13.21 48.95 -24.44
C ARG L 239 -14.18 49.75 -25.31
N ASP L 240 -14.21 51.07 -25.13
CA ASP L 240 -14.98 51.97 -25.98
C ASP L 240 -14.10 53.02 -26.68
N ASP L 241 -12.78 52.84 -26.67
CA ASP L 241 -11.85 53.76 -27.31
C ASP L 241 -11.88 55.13 -26.66
N ARG L 242 -12.09 55.18 -25.35
CA ARG L 242 -12.14 56.45 -24.64
C ARG L 242 -10.72 57.03 -24.57
N ASP L 243 -10.59 58.15 -23.84
CA ASP L 243 -9.33 58.88 -23.71
C ASP L 243 -8.74 58.84 -22.32
N HIS L 244 -9.55 58.69 -21.28
CA HIS L 244 -9.07 58.73 -19.91
C HIS L 244 -9.98 57.85 -19.06
N ILE L 245 -9.39 57.34 -17.97
CA ILE L 245 -10.12 56.43 -17.10
C ILE L 245 -11.30 57.17 -16.46
N ASN L 246 -12.33 56.40 -16.11
CA ASN L 246 -13.28 56.81 -15.10
C ASN L 246 -13.07 55.97 -13.84
N PRO L 247 -13.26 56.52 -12.64
CA PRO L 247 -13.05 55.70 -11.45
C PRO L 247 -14.08 54.60 -11.26
N ASP L 248 -15.19 54.63 -12.00
CA ASP L 248 -16.16 53.55 -11.90
C ASP L 248 -15.60 52.24 -12.42
N ASP L 249 -14.69 52.29 -13.40
CA ASP L 249 -14.04 51.08 -13.85
C ASP L 249 -13.20 50.47 -12.75
N LEU L 250 -12.60 51.31 -11.90
CA LEU L 250 -11.91 50.80 -10.72
C LEU L 250 -12.89 50.17 -9.76
N MET L 251 -13.97 50.90 -9.44
CA MET L 251 -15.05 50.32 -8.63
C MET L 251 -15.67 49.12 -9.33
N LYS L 252 -15.58 49.05 -10.65
CA LYS L 252 -16.00 47.87 -11.38
C LYS L 252 -14.91 46.81 -11.36
N ALA L 253 -13.65 47.23 -11.51
CA ALA L 253 -12.56 46.27 -11.65
C ALA L 253 -12.41 45.41 -10.41
N VAL L 254 -12.04 46.03 -9.29
CA VAL L 254 -11.74 45.29 -8.08
C VAL L 254 -12.96 44.52 -7.60
N ARG L 255 -14.15 45.06 -7.82
CA ARG L 255 -15.35 44.35 -7.40
C ARG L 255 -15.55 43.09 -8.21
N LYS L 256 -15.12 43.10 -9.47
CA LYS L 256 -15.48 42.06 -10.44
C LYS L 256 -14.29 41.19 -10.84
N VAL L 257 -13.13 41.39 -10.22
CA VAL L 257 -11.97 40.54 -10.49
C VAL L 257 -11.32 40.02 -9.23
N ALA L 258 -11.58 40.60 -8.06
CA ALA L 258 -11.24 39.95 -6.80
C ALA L 258 -12.08 38.70 -6.56
N GLU L 259 -13.13 38.49 -7.35
CA GLU L 259 -13.91 37.26 -7.30
C GLU L 259 -13.01 36.03 -7.37
N VAL L 260 -12.20 35.91 -8.42
CA VAL L 260 -11.24 34.81 -8.50
C VAL L 260 -10.21 34.92 -7.39
N LYS L 261 -9.95 36.13 -6.91
CA LYS L 261 -9.01 36.36 -5.82
C LYS L 261 -9.63 36.14 -4.44
N LYS L 262 -10.82 35.56 -4.37
CA LYS L 262 -11.46 35.22 -3.10
C LYS L 262 -12.05 33.81 -3.08
N LEU L 263 -12.35 33.22 -4.23
CA LEU L 263 -12.93 31.89 -4.32
C LEU L 263 -11.91 30.81 -4.65
N GLU L 264 -10.90 31.14 -5.45
CA GLU L 264 -9.83 30.18 -5.76
C GLU L 264 -8.50 30.91 -5.95
N SER M 1 20.31 25.37 -43.86
CA SER M 1 19.34 26.46 -43.92
C SER M 1 17.93 25.93 -43.71
N ARG M 2 17.22 26.52 -42.76
CA ARG M 2 15.84 26.19 -42.48
C ARG M 2 14.91 27.39 -42.51
N VAL M 3 15.41 28.57 -42.17
CA VAL M 3 14.57 29.77 -42.11
C VAL M 3 13.94 30.06 -43.46
N LYS M 4 14.71 29.90 -44.53
CA LYS M 4 14.11 29.99 -45.86
C LYS M 4 13.25 28.78 -46.12
N ALA M 5 13.65 27.63 -45.59
CA ALA M 5 12.83 26.43 -45.74
C ALA M 5 11.54 26.54 -44.95
N MET M 6 11.54 27.32 -43.87
CA MET M 6 10.32 27.60 -43.13
C MET M 6 9.63 28.81 -43.72
N GLU M 7 8.30 28.78 -43.73
CA GLU M 7 7.52 29.88 -44.27
C GLU M 7 6.23 30.01 -43.48
N VAL M 8 5.63 31.19 -43.57
CA VAL M 8 4.40 31.47 -42.86
C VAL M 8 3.28 30.60 -43.42
N ASP M 9 2.39 30.16 -42.53
CA ASP M 9 1.17 29.44 -42.87
C ASP M 9 -0.03 30.38 -43.00
N GLU M 10 0.19 31.62 -43.44
CA GLU M 10 -0.88 32.60 -43.48
C GLU M 10 -1.84 32.33 -44.63
N LYS M 11 -1.35 31.71 -45.70
CA LYS M 11 -2.13 31.56 -46.91
C LYS M 11 -3.17 30.43 -46.81
N PRO M 12 -2.79 29.16 -46.48
CA PRO M 12 -3.82 28.18 -46.11
C PRO M 12 -4.09 28.18 -44.62
N THR M 13 -5.36 28.28 -44.22
CA THR M 13 -5.70 28.42 -42.82
C THR M 13 -7.11 27.85 -42.64
N GLU M 14 -7.45 27.57 -41.38
CA GLU M 14 -8.69 26.87 -41.07
C GLU M 14 -9.93 27.70 -41.42
N THR M 15 -9.83 29.02 -41.34
CA THR M 15 -10.89 30.00 -41.60
C THR M 15 -11.84 30.11 -40.39
N TYR M 16 -11.58 29.39 -39.31
CA TYR M 16 -12.13 29.69 -37.98
C TYR M 16 -13.61 29.33 -37.83
N SER M 17 -14.29 28.97 -38.91
CA SER M 17 -15.58 28.32 -38.78
C SER M 17 -15.45 26.87 -38.37
N ASP M 18 -14.22 26.34 -38.25
CA ASP M 18 -13.97 24.94 -37.95
C ASP M 18 -13.80 24.68 -36.47
N VAL M 19 -13.38 25.68 -35.72
CA VAL M 19 -13.31 25.54 -34.27
C VAL M 19 -14.72 25.60 -33.71
N GLY M 20 -14.95 24.87 -32.63
CA GLY M 20 -16.26 24.82 -32.00
C GLY M 20 -16.14 25.02 -30.51
N GLY M 21 -17.07 25.79 -29.97
CA GLY M 21 -17.00 26.10 -28.55
C GLY M 21 -15.91 27.10 -28.27
N LEU M 22 -15.36 27.00 -27.06
CA LEU M 22 -14.31 27.89 -26.59
C LEU M 22 -14.77 29.35 -26.70
N ASP M 23 -15.80 29.66 -25.93
CA ASP M 23 -16.40 30.99 -25.96
C ASP M 23 -15.44 32.02 -25.40
N LYS M 24 -14.95 31.79 -24.19
CA LYS M 24 -14.24 32.81 -23.44
C LYS M 24 -12.73 32.78 -23.61
N GLN M 25 -12.16 31.64 -23.99
CA GLN M 25 -10.72 31.55 -24.13
C GLN M 25 -10.22 32.48 -25.22
N ILE M 26 -10.85 32.43 -26.39
CA ILE M 26 -10.44 33.31 -27.47
C ILE M 26 -10.82 34.75 -27.14
N GLU M 27 -11.96 34.96 -26.48
CA GLU M 27 -12.33 36.30 -26.08
C GLU M 27 -11.34 36.88 -25.09
N GLU M 28 -10.73 36.03 -24.27
CA GLU M 28 -9.64 36.48 -23.43
C GLU M 28 -8.44 36.89 -24.29
N LEU M 29 -8.16 36.09 -25.32
CA LEU M 29 -7.00 36.34 -26.16
C LEU M 29 -7.14 37.64 -26.92
N VAL M 30 -8.24 37.81 -27.66
CA VAL M 30 -8.43 38.99 -28.49
C VAL M 30 -8.43 40.24 -27.63
N GLU M 31 -8.99 40.15 -26.43
CA GLU M 31 -8.98 41.26 -25.50
C GLU M 31 -7.60 41.52 -24.94
N ALA M 32 -6.65 40.60 -25.11
CA ALA M 32 -5.35 40.66 -24.47
C ALA M 32 -4.19 40.86 -25.42
N ILE M 33 -4.32 40.39 -26.67
CA ILE M 33 -3.21 40.38 -27.61
C ILE M 33 -3.54 41.02 -28.94
N VAL M 34 -4.80 41.13 -29.33
CA VAL M 34 -5.16 41.55 -30.68
C VAL M 34 -5.51 43.03 -30.71
N LEU M 35 -6.53 43.42 -29.94
CA LEU M 35 -6.85 44.82 -29.71
C LEU M 35 -5.64 45.69 -29.41
N PRO M 36 -4.68 45.30 -28.57
CA PRO M 36 -3.47 46.12 -28.43
C PRO M 36 -2.67 46.25 -29.71
N MET M 37 -2.68 45.23 -30.58
CA MET M 37 -1.91 45.33 -31.81
C MET M 37 -2.43 46.43 -32.72
N LYS M 38 -3.70 46.80 -32.57
CA LYS M 38 -4.32 47.86 -33.35
C LYS M 38 -4.47 49.15 -32.56
N ARG M 39 -4.14 49.14 -31.28
CA ARG M 39 -4.16 50.32 -30.43
C ARG M 39 -2.83 50.44 -29.69
N ALA M 40 -1.74 50.33 -30.47
CA ALA M 40 -0.41 50.58 -29.94
C ALA M 40 -0.29 51.96 -29.31
N ASP M 41 -1.09 52.92 -29.80
CA ASP M 41 -1.03 54.28 -29.29
C ASP M 41 -1.36 54.35 -27.80
N LYS M 42 -2.54 53.84 -27.41
CA LYS M 42 -3.00 54.05 -26.05
C LYS M 42 -2.10 53.35 -25.05
N PHE M 43 -1.66 52.15 -25.36
CA PHE M 43 -0.78 51.42 -24.47
C PHE M 43 0.66 51.90 -24.57
N LYS M 44 0.90 52.98 -25.31
CA LYS M 44 2.00 53.89 -25.07
C LYS M 44 1.54 55.24 -24.55
N ASP M 45 0.33 55.68 -24.91
CA ASP M 45 -0.14 57.03 -24.63
C ASP M 45 -0.95 57.11 -23.35
N MET M 46 -1.90 56.19 -23.16
CA MET M 46 -2.54 56.08 -21.87
C MET M 46 -1.52 55.76 -20.80
N GLY M 47 -0.53 54.97 -21.16
CA GLY M 47 0.61 54.71 -20.30
C GLY M 47 0.36 53.42 -19.57
N ILE M 48 0.88 52.32 -20.10
CA ILE M 48 0.68 51.02 -19.45
C ILE M 48 1.59 50.00 -20.09
N ARG M 49 2.09 49.06 -19.28
CA ARG M 49 2.89 47.97 -19.80
C ARG M 49 1.95 47.01 -20.52
N ALA M 50 2.03 46.98 -21.84
CA ALA M 50 1.12 46.16 -22.60
C ALA M 50 1.39 44.68 -22.34
N PRO M 51 0.43 43.81 -22.64
CA PRO M 51 0.72 42.37 -22.57
C PRO M 51 1.73 41.99 -23.64
N LYS M 52 2.91 41.57 -23.19
CA LYS M 52 4.00 41.29 -24.12
C LYS M 52 3.72 40.01 -24.88
N GLY M 53 3.24 39.00 -24.18
CA GLY M 53 2.88 37.74 -24.78
C GLY M 53 1.88 37.03 -23.90
N ALA M 54 1.70 35.74 -24.17
CA ALA M 54 0.82 34.94 -23.34
C ALA M 54 1.05 33.47 -23.65
N LEU M 55 0.57 32.63 -22.75
CA LEU M 55 0.82 31.20 -22.78
C LEU M 55 -0.48 30.44 -22.62
N MET M 56 -0.57 29.31 -23.29
CA MET M 56 -1.71 28.41 -23.19
C MET M 56 -1.21 27.03 -22.82
N TYR M 57 -1.77 26.47 -21.75
CA TYR M 57 -1.40 25.15 -21.27
C TYR M 57 -2.64 24.30 -21.13
N GLY M 58 -2.53 23.05 -21.53
CA GLY M 58 -3.60 22.11 -21.38
C GLY M 58 -3.28 20.80 -22.06
N PRO M 59 -4.04 19.76 -21.74
CA PRO M 59 -3.70 18.42 -22.19
C PRO M 59 -3.90 18.27 -23.68
N PRO M 60 -3.50 17.12 -24.25
CA PRO M 60 -3.51 16.96 -25.72
C PRO M 60 -4.90 17.00 -26.33
N GLY M 61 -4.92 16.90 -27.66
CA GLY M 61 -6.14 16.73 -28.41
C GLY M 61 -7.18 17.78 -28.14
N THR M 62 -6.76 19.01 -27.86
CA THR M 62 -7.59 19.99 -27.21
C THR M 62 -7.70 21.31 -27.96
N GLY M 63 -6.84 21.57 -28.95
CA GLY M 63 -6.92 22.77 -29.76
C GLY M 63 -5.86 23.79 -29.46
N LYS M 64 -4.63 23.31 -29.30
CA LYS M 64 -3.47 24.17 -29.08
C LYS M 64 -2.79 24.47 -30.40
N THR M 65 -2.35 23.43 -31.09
CA THR M 65 -1.71 23.57 -32.39
C THR M 65 -2.68 24.12 -33.43
N LEU M 66 -3.98 24.02 -33.18
CA LEU M 66 -4.98 24.52 -34.09
C LEU M 66 -5.19 26.03 -33.91
N LEU M 67 -5.64 26.42 -32.71
CA LEU M 67 -6.11 27.77 -32.47
C LEU M 67 -5.08 28.83 -32.84
N ALA M 68 -3.80 28.51 -32.72
CA ALA M 68 -2.77 29.47 -33.12
C ALA M 68 -2.74 29.68 -34.61
N ARG M 69 -3.37 28.80 -35.39
CA ARG M 69 -3.47 28.99 -36.83
C ARG M 69 -4.66 29.88 -37.19
N ALA M 70 -5.72 29.83 -36.40
CA ALA M 70 -6.91 30.60 -36.72
C ALA M 70 -6.65 32.09 -36.61
N CYS M 71 -6.04 32.51 -35.50
CA CYS M 71 -5.98 33.92 -35.16
C CYS M 71 -5.18 34.72 -36.16
N ALA M 72 -4.23 34.10 -36.84
CA ALA M 72 -3.34 34.86 -37.70
C ALA M 72 -4.05 35.32 -38.97
N ALA M 73 -4.51 34.38 -39.79
CA ALA M 73 -5.21 34.75 -41.02
C ALA M 73 -6.49 35.49 -40.72
N GLN M 74 -7.09 35.24 -39.55
CA GLN M 74 -8.21 36.03 -39.08
C GLN M 74 -7.87 37.51 -39.11
N THR M 75 -6.65 37.85 -38.74
CA THR M 75 -6.23 39.22 -38.50
C THR M 75 -5.19 39.73 -39.47
N ASN M 76 -4.73 38.91 -40.41
CA ASN M 76 -3.73 39.30 -41.39
C ASN M 76 -2.45 39.78 -40.70
N ALA M 77 -1.83 38.85 -39.98
CA ALA M 77 -0.56 39.09 -39.29
C ALA M 77 0.34 37.90 -39.56
N THR M 78 1.34 38.07 -40.41
CA THR M 78 2.27 36.99 -40.74
C THR M 78 3.06 36.58 -39.51
N PHE M 79 3.80 35.49 -39.66
CA PHE M 79 4.33 34.75 -38.50
C PHE M 79 5.24 33.65 -39.01
N LEU M 80 5.67 32.79 -38.09
CA LEU M 80 6.07 31.43 -38.41
C LEU M 80 5.60 30.51 -37.29
N LYS M 81 5.30 29.27 -37.66
CA LYS M 81 4.92 28.23 -36.70
C LYS M 81 6.15 27.37 -36.47
N LEU M 82 6.69 27.47 -35.27
CA LEU M 82 8.04 27.02 -34.99
C LEU M 82 8.03 25.62 -34.39
N ALA M 83 9.22 25.03 -34.34
CA ALA M 83 9.41 23.65 -33.92
C ALA M 83 10.65 23.54 -33.06
N ALA M 84 10.45 23.49 -31.76
CA ALA M 84 11.48 23.18 -30.77
C ALA M 84 12.38 22.02 -31.18
N PRO M 85 11.84 20.91 -31.71
CA PRO M 85 12.72 19.82 -32.16
C PRO M 85 13.78 20.23 -33.15
N GLN M 86 13.38 20.80 -34.30
CA GLN M 86 14.33 21.06 -35.36
C GLN M 86 15.38 22.08 -34.96
N LEU M 87 15.11 22.86 -33.91
CA LEU M 87 16.20 23.56 -33.23
C LEU M 87 17.11 22.56 -32.53
N VAL M 88 16.51 21.64 -31.78
CA VAL M 88 17.24 20.79 -30.84
C VAL M 88 17.96 19.63 -31.52
N GLN M 89 17.77 19.45 -32.82
CA GLN M 89 18.43 18.37 -33.53
C GLN M 89 19.95 18.54 -33.52
N MET M 90 20.66 17.59 -34.12
CA MET M 90 22.12 17.52 -34.02
C MET M 90 22.83 18.77 -34.54
N TYR M 91 22.14 19.64 -35.26
CA TYR M 91 22.72 20.92 -35.64
C TYR M 91 22.67 21.85 -34.44
N ILE M 92 23.79 22.49 -34.14
CA ILE M 92 24.00 23.19 -32.87
C ILE M 92 24.37 24.64 -33.10
N GLY M 93 24.96 24.94 -34.25
CA GLY M 93 25.38 26.29 -34.55
C GLY M 93 24.29 27.10 -35.23
N GLU M 94 23.04 26.71 -35.04
CA GLU M 94 21.90 27.39 -35.63
C GLU M 94 20.78 27.66 -34.66
N GLY M 95 20.69 26.93 -33.55
CA GLY M 95 19.60 27.14 -32.62
C GLY M 95 19.54 28.56 -32.10
N ALA M 96 20.70 29.19 -31.95
CA ALA M 96 20.77 30.59 -31.58
C ALA M 96 20.66 31.49 -32.80
N LYS M 97 21.40 31.17 -33.87
CA LYS M 97 21.37 31.99 -35.07
C LYS M 97 19.99 32.01 -35.69
N LEU M 98 19.24 30.93 -35.51
CA LEU M 98 17.90 30.88 -36.07
C LEU M 98 16.98 31.83 -35.31
N VAL M 99 16.90 31.66 -33.99
CA VAL M 99 15.98 32.45 -33.18
C VAL M 99 16.35 33.92 -33.24
N ARG M 100 17.61 34.25 -33.49
CA ARG M 100 17.95 35.64 -33.75
C ARG M 100 17.31 36.09 -35.04
N ASP M 101 17.40 35.26 -36.08
CA ASP M 101 16.73 35.56 -37.33
C ASP M 101 15.22 35.56 -37.17
N ALA M 102 14.71 34.84 -36.16
CA ALA M 102 13.28 34.68 -36.00
C ALA M 102 12.60 36.03 -35.78
N PHE M 103 12.93 36.68 -34.67
CA PHE M 103 12.32 37.97 -34.40
C PHE M 103 12.82 39.02 -35.36
N ALA M 104 13.98 38.80 -35.98
CA ALA M 104 14.51 39.75 -36.93
C ALA M 104 13.53 39.97 -38.07
N LEU M 105 13.07 38.88 -38.69
CA LEU M 105 12.14 39.01 -39.78
C LEU M 105 10.77 39.41 -39.28
N ALA M 106 10.35 38.84 -38.14
CA ALA M 106 9.04 39.16 -37.62
C ALA M 106 9.00 40.61 -37.15
N LYS M 107 10.14 41.17 -36.75
CA LYS M 107 10.19 42.61 -36.53
C LYS M 107 9.85 43.33 -37.82
N GLU M 108 10.42 42.87 -38.93
CA GLU M 108 9.98 43.33 -40.23
C GLU M 108 8.59 42.73 -40.49
N LYS M 109 7.94 43.18 -41.57
CA LYS M 109 6.58 42.76 -41.90
C LYS M 109 5.56 43.17 -40.83
N ALA M 110 5.92 44.13 -39.98
CA ALA M 110 5.09 44.45 -38.83
C ALA M 110 3.74 45.03 -39.28
N PRO M 111 2.67 44.77 -38.52
CA PRO M 111 2.55 44.03 -37.26
C PRO M 111 2.45 42.54 -37.46
N THR M 112 2.95 41.75 -36.52
CA THR M 112 3.04 40.30 -36.68
C THR M 112 2.89 39.59 -35.36
N ILE M 113 2.70 38.28 -35.46
CA ILE M 113 2.62 37.36 -34.34
C ILE M 113 3.67 36.28 -34.57
N ILE M 114 4.07 35.61 -33.51
CA ILE M 114 4.98 34.48 -33.60
C ILE M 114 4.56 33.43 -32.58
N PHE M 115 4.79 32.17 -32.91
CA PHE M 115 4.25 31.06 -32.15
C PHE M 115 5.18 29.86 -32.25
N ILE M 116 5.23 29.10 -31.16
CA ILE M 116 6.11 27.95 -31.01
C ILE M 116 5.27 26.73 -30.64
N ASP M 117 5.90 25.57 -30.74
CA ASP M 117 5.23 24.28 -30.56
C ASP M 117 5.27 23.89 -29.09
N GLU M 118 4.99 22.63 -28.79
CA GLU M 118 5.23 22.09 -27.46
C GLU M 118 6.66 22.39 -27.02
N LEU M 119 6.81 22.84 -25.79
CA LEU M 119 8.10 23.14 -25.20
C LEU M 119 8.70 21.95 -24.49
N ASP M 120 8.28 20.73 -24.87
CA ASP M 120 8.82 19.53 -24.25
C ASP M 120 10.31 19.41 -24.47
N ALA M 121 10.81 19.90 -25.60
CA ALA M 121 12.21 19.76 -25.97
C ALA M 121 13.05 20.97 -25.59
N ILE M 122 12.44 22.10 -25.24
CA ILE M 122 13.17 23.31 -24.90
C ILE M 122 12.66 23.97 -23.62
N GLY M 123 11.73 23.35 -22.91
CA GLY M 123 11.42 23.80 -21.56
C GLY M 123 12.70 23.82 -20.75
N THR M 124 13.29 22.64 -20.58
CA THR M 124 14.71 22.50 -20.24
C THR M 124 15.03 23.20 -18.92
N LYS M 125 14.32 22.77 -17.87
CA LYS M 125 14.60 23.25 -16.53
C LYS M 125 15.81 22.57 -15.92
N ARG M 126 16.31 21.51 -16.55
CA ARG M 126 17.12 20.53 -15.85
C ARG M 126 18.57 20.94 -15.79
N PHE M 127 19.14 20.86 -14.58
CA PHE M 127 20.57 21.04 -14.34
C PHE M 127 21.32 19.73 -14.45
N ASP M 128 20.84 18.83 -15.30
CA ASP M 128 21.35 17.47 -15.41
C ASP M 128 22.65 17.47 -16.22
N SER M 129 23.06 16.28 -16.71
CA SER M 129 24.43 15.94 -17.12
C SER M 129 25.22 17.07 -17.78
N GLU M 130 24.59 17.82 -18.69
CA GLU M 130 25.27 18.94 -19.33
C GLU M 130 24.22 19.98 -19.70
N LYS M 131 24.30 21.16 -19.08
CA LYS M 131 23.37 22.24 -19.34
C LYS M 131 23.70 22.96 -20.64
N SER M 132 25.00 23.20 -20.89
CA SER M 132 25.46 23.97 -22.03
C SER M 132 25.04 23.39 -23.37
N GLY M 133 24.52 22.18 -23.43
CA GLY M 133 23.93 21.69 -24.67
C GLY M 133 22.80 22.56 -25.16
N ASP M 134 22.11 23.26 -24.26
CA ASP M 134 20.91 24.01 -24.61
C ASP M 134 20.82 25.41 -24.00
N ARG M 135 21.63 25.76 -23.01
CA ARG M 135 21.44 27.05 -22.35
C ARG M 135 21.72 28.21 -23.29
N GLU M 136 22.54 27.99 -24.31
CA GLU M 136 22.72 29.02 -25.33
C GLU M 136 21.47 29.18 -26.20
N VAL M 137 20.49 28.30 -26.07
CA VAL M 137 19.28 28.38 -26.87
C VAL M 137 18.31 29.37 -26.24
N GLN M 138 17.85 29.06 -25.03
CA GLN M 138 16.84 29.87 -24.37
C GLN M 138 17.34 31.28 -24.16
N ARG M 139 18.60 31.42 -23.72
CA ARG M 139 19.12 32.72 -23.34
C ARG M 139 19.08 33.71 -24.50
N THR M 140 19.23 33.21 -25.72
CA THR M 140 19.07 34.09 -26.87
C THR M 140 17.60 34.46 -27.05
N MET M 141 16.71 33.49 -26.82
CA MET M 141 15.28 33.79 -26.88
C MET M 141 14.90 34.74 -25.76
N LEU M 142 15.54 34.60 -24.60
CA LEU M 142 15.36 35.58 -23.53
C LEU M 142 15.79 36.97 -23.99
N GLU M 143 17.03 37.08 -24.45
CA GLU M 143 17.51 38.35 -24.98
C GLU M 143 16.65 38.79 -26.16
N LEU M 144 16.33 37.86 -27.05
CA LEU M 144 15.47 38.19 -28.17
C LEU M 144 14.10 38.63 -27.69
N LEU M 145 13.64 38.07 -26.58
CA LEU M 145 12.39 38.55 -25.99
C LEU M 145 12.57 39.94 -25.43
N ASN M 146 13.71 40.21 -24.81
CA ASN M 146 13.97 41.54 -24.26
C ASN M 146 14.00 42.60 -25.34
N GLN M 147 14.31 42.21 -26.59
CA GLN M 147 14.25 43.14 -27.71
C GLN M 147 12.85 43.68 -27.92
N LEU M 148 11.84 42.95 -27.48
CA LEU M 148 10.47 43.25 -27.85
C LEU M 148 10.02 44.60 -27.30
N ASP M 149 10.37 44.91 -26.06
CA ASP M 149 9.91 46.15 -25.44
C ASP M 149 10.68 46.33 -24.14
N GLY M 150 10.49 47.49 -23.52
CA GLY M 150 11.17 47.84 -22.28
C GLY M 150 11.58 49.30 -22.24
N PHE M 151 11.89 49.87 -23.39
CA PHE M 151 12.20 51.29 -23.55
C PHE M 151 11.20 51.95 -24.51
N SER M 152 9.90 51.66 -24.33
CA SER M 152 8.84 52.18 -25.18
C SER M 152 9.08 51.80 -26.64
N SER M 153 9.07 50.49 -26.90
CA SER M 153 9.35 50.01 -28.24
C SER M 153 8.11 50.07 -29.13
N ASP M 154 7.07 49.34 -28.74
CA ASP M 154 5.93 49.07 -29.62
C ASP M 154 6.44 48.47 -30.92
N ASP M 155 7.08 47.32 -30.80
CA ASP M 155 7.62 46.64 -31.96
C ASP M 155 6.53 45.96 -32.79
N ARG M 156 5.32 45.81 -32.25
CA ARG M 156 4.17 45.17 -32.86
C ARG M 156 4.35 43.67 -33.07
N VAL M 157 5.46 43.10 -32.65
CA VAL M 157 5.64 41.65 -32.65
C VAL M 157 5.14 41.14 -31.32
N LYS M 158 4.39 40.05 -31.37
CA LYS M 158 3.82 39.47 -30.18
C LYS M 158 3.99 37.96 -30.27
N VAL M 159 3.98 37.32 -29.12
CA VAL M 159 4.48 35.96 -28.98
C VAL M 159 3.48 35.12 -28.20
N LEU M 160 3.42 33.85 -28.57
CA LEU M 160 2.58 32.88 -27.90
C LEU M 160 3.27 31.54 -27.93
N ALA M 161 2.79 30.65 -27.07
CA ALA M 161 3.44 29.37 -26.86
C ALA M 161 2.42 28.39 -26.33
N ALA M 162 2.57 27.14 -26.74
CA ALA M 162 1.71 26.05 -26.31
C ALA M 162 2.56 24.92 -25.77
N THR M 163 2.02 24.22 -24.76
CA THR M 163 2.69 23.07 -24.19
C THR M 163 1.75 22.38 -23.23
N ASN M 164 1.87 21.05 -23.15
CA ASN M 164 1.08 20.28 -22.20
C ASN M 164 1.52 20.59 -20.77
N ARG M 165 2.79 20.43 -20.49
CA ARG M 165 3.32 20.55 -19.13
C ARG M 165 3.60 22.01 -18.81
N VAL M 166 2.87 22.53 -17.82
CA VAL M 166 3.07 23.89 -17.36
C VAL M 166 3.94 23.92 -16.10
N ASP M 167 4.67 22.84 -15.84
CA ASP M 167 5.42 22.65 -14.60
C ASP M 167 6.88 22.27 -14.82
N VAL M 168 7.18 21.49 -15.85
CA VAL M 168 8.54 21.05 -16.12
C VAL M 168 9.42 22.19 -16.66
N LEU M 169 8.81 23.22 -17.23
CA LEU M 169 9.54 24.29 -17.89
C LEU M 169 10.54 25.00 -16.96
N ASP M 170 11.42 25.78 -17.58
CA ASP M 170 12.17 26.80 -16.86
C ASP M 170 11.19 27.69 -16.07
N PRO M 171 11.39 27.87 -14.75
CA PRO M 171 10.64 28.90 -14.03
C PRO M 171 11.33 30.27 -14.12
N ALA M 172 11.64 30.68 -15.35
CA ALA M 172 12.19 32.00 -15.65
C ALA M 172 11.40 32.69 -16.76
N LEU M 173 10.21 32.20 -17.05
CA LEU M 173 9.42 32.64 -18.19
C LEU M 173 8.09 33.19 -17.70
N LEU M 174 7.62 32.66 -16.59
CA LEU M 174 6.50 33.22 -15.84
C LEU M 174 6.80 34.57 -15.21
N ARG M 175 8.05 35.04 -15.27
CA ARG M 175 8.43 36.30 -14.63
C ARG M 175 7.59 37.46 -15.14
N SER M 176 7.59 38.54 -14.37
CA SER M 176 6.85 39.71 -14.77
C SER M 176 7.48 40.34 -16.01
N GLY M 177 6.70 41.15 -16.69
CA GLY M 177 7.18 41.84 -17.87
C GLY M 177 7.24 40.96 -19.10
N ARG M 178 7.96 39.85 -19.00
CA ARG M 178 8.12 38.96 -20.14
C ARG M 178 6.79 38.34 -20.55
N LEU M 179 6.06 37.79 -19.60
CA LEU M 179 4.69 37.32 -19.80
C LEU M 179 4.13 36.88 -18.46
N ASP M 180 2.81 37.06 -18.31
CA ASP M 180 2.15 36.78 -17.05
C ASP M 180 0.79 36.13 -17.23
N ARG M 181 0.40 35.77 -18.47
CA ARG M 181 -0.96 35.36 -18.78
C ARG M 181 -0.94 33.94 -19.35
N LYS M 182 -0.99 32.98 -18.44
CA LYS M 182 -1.05 31.57 -18.80
C LYS M 182 -2.51 31.17 -18.89
N ILE M 183 -2.88 30.56 -20.01
CA ILE M 183 -4.27 30.24 -20.31
C ILE M 183 -4.48 28.74 -20.14
N GLU M 184 -5.52 28.39 -19.40
CA GLU M 184 -5.92 27.00 -19.26
C GLU M 184 -6.93 26.65 -20.34
N PHE M 185 -6.70 25.54 -21.02
CA PHE M 185 -7.70 24.94 -21.89
C PHE M 185 -8.43 23.88 -21.08
N PRO M 186 -9.58 24.18 -20.48
CA PRO M 186 -10.30 23.13 -19.75
C PRO M 186 -10.79 22.06 -20.71
N LEU M 187 -10.95 20.86 -20.17
CA LEU M 187 -11.65 19.84 -20.91
C LEU M 187 -13.14 20.18 -20.98
N PRO M 188 -13.81 19.76 -22.04
CA PRO M 188 -15.12 20.33 -22.36
C PRO M 188 -16.26 19.74 -21.57
N SER M 189 -17.27 20.59 -21.32
CA SER M 189 -18.56 20.14 -20.82
C SER M 189 -19.44 19.73 -22.01
N GLU M 190 -20.62 19.19 -21.69
CA GLU M 190 -21.39 18.48 -22.69
C GLU M 190 -21.92 19.41 -23.77
N ASP M 191 -22.40 20.60 -23.38
CA ASP M 191 -22.84 21.55 -24.39
C ASP M 191 -21.68 22.03 -25.23
N SER M 192 -20.46 21.94 -24.70
CA SER M 192 -19.28 22.30 -25.48
C SER M 192 -18.81 21.14 -26.32
N ARG M 193 -19.09 19.90 -25.92
CA ARG M 193 -18.58 18.76 -26.68
C ARG M 193 -19.30 18.61 -28.01
N ALA M 194 -20.55 19.02 -28.09
CA ALA M 194 -21.34 18.66 -29.26
C ALA M 194 -20.96 19.47 -30.48
N GLN M 195 -20.66 20.76 -30.31
CA GLN M 195 -20.27 21.56 -31.47
C GLN M 195 -19.01 21.00 -32.10
N ILE M 196 -18.15 20.38 -31.30
CA ILE M 196 -16.98 19.70 -31.82
C ILE M 196 -17.39 18.55 -32.70
N LEU M 197 -18.54 17.95 -32.41
CA LEU M 197 -18.92 16.73 -33.08
C LEU M 197 -19.57 17.00 -34.42
N GLN M 198 -20.44 18.02 -34.48
CA GLN M 198 -21.02 18.38 -35.75
C GLN M 198 -19.94 18.80 -36.73
N ILE M 199 -18.97 19.57 -36.24
CA ILE M 199 -18.12 20.35 -37.13
C ILE M 199 -17.11 19.48 -37.86
N HIS M 200 -16.70 18.37 -37.25
CA HIS M 200 -15.88 17.39 -37.95
C HIS M 200 -16.71 16.41 -38.76
N SER M 201 -18.00 16.68 -38.94
CA SER M 201 -18.91 15.76 -39.59
C SER M 201 -19.76 16.38 -40.67
N ARG M 202 -19.75 17.70 -40.83
CA ARG M 202 -20.61 18.31 -41.84
C ARG M 202 -20.19 17.89 -43.23
N LYS M 203 -18.90 17.61 -43.41
CA LYS M 203 -18.43 17.07 -44.66
C LYS M 203 -18.99 15.67 -44.93
N MET M 204 -19.37 14.97 -43.88
CA MET M 204 -19.84 13.59 -43.99
C MET M 204 -21.35 13.55 -44.23
N THR M 205 -21.78 12.49 -44.90
CA THR M 205 -23.18 12.30 -45.23
C THR M 205 -23.92 11.68 -44.05
N THR M 206 -25.07 12.26 -43.72
CA THR M 206 -25.80 11.92 -42.51
C THR M 206 -27.30 12.01 -42.79
N ASP M 207 -28.09 11.65 -41.79
CA ASP M 207 -29.51 11.99 -41.73
C ASP M 207 -29.72 13.10 -40.71
N ASP M 208 -30.97 13.54 -40.60
CA ASP M 208 -31.34 14.70 -39.81
C ASP M 208 -31.99 14.35 -38.47
N ASP M 209 -32.33 13.09 -38.24
CA ASP M 209 -33.07 12.66 -37.04
C ASP M 209 -32.14 12.20 -35.92
N ILE M 210 -30.94 12.76 -35.84
CA ILE M 210 -30.06 12.52 -34.71
C ILE M 210 -30.44 13.49 -33.59
N ASN M 211 -30.31 13.01 -32.37
CA ASN M 211 -30.16 13.85 -31.20
C ASN M 211 -28.71 13.70 -30.74
N TRP M 212 -27.91 14.72 -31.01
CA TRP M 212 -26.49 14.68 -30.69
C TRP M 212 -26.21 14.77 -29.20
N GLN M 213 -27.23 14.99 -28.39
CA GLN M 213 -27.01 15.38 -27.01
C GLN M 213 -26.38 14.25 -26.21
N GLU M 214 -27.09 13.13 -26.08
CA GLU M 214 -26.60 12.06 -25.23
C GLU M 214 -25.32 11.44 -25.77
N LEU M 215 -25.07 11.55 -27.07
CA LEU M 215 -23.79 11.14 -27.60
C LEU M 215 -22.65 11.90 -26.93
N ALA M 216 -22.89 13.16 -26.60
CA ALA M 216 -21.95 13.88 -25.77
C ALA M 216 -21.90 13.29 -24.37
N ARG M 217 -23.08 12.94 -23.84
CA ARG M 217 -23.16 12.38 -22.49
C ARG M 217 -22.41 11.08 -22.40
N SER M 218 -22.42 10.29 -23.47
CA SER M 218 -21.64 9.06 -23.49
C SER M 218 -20.15 9.32 -23.47
N THR M 219 -19.71 10.55 -23.78
CA THR M 219 -18.31 10.90 -23.86
C THR M 219 -17.95 11.81 -22.71
N ASP M 220 -17.18 11.28 -21.77
CA ASP M 220 -16.43 12.06 -20.81
C ASP M 220 -15.05 11.43 -20.73
N GLU M 221 -14.06 12.28 -20.49
CA GLU M 221 -12.62 12.02 -20.65
C GLU M 221 -12.23 12.09 -22.12
N PHE M 222 -13.10 12.56 -23.00
CA PHE M 222 -12.81 12.75 -24.41
C PHE M 222 -12.88 14.22 -24.75
N ASN M 223 -12.05 14.61 -25.71
CA ASN M 223 -12.24 15.86 -26.42
C ASN M 223 -11.71 15.68 -27.84
N GLY M 224 -11.54 16.79 -28.55
CA GLY M 224 -11.47 16.85 -30.01
C GLY M 224 -10.75 15.71 -30.71
N ALA M 225 -9.60 15.32 -30.17
CA ALA M 225 -8.88 14.20 -30.75
C ALA M 225 -9.65 12.90 -30.58
N GLN M 226 -10.19 12.69 -29.39
CA GLN M 226 -11.00 11.51 -29.13
C GLN M 226 -12.34 11.57 -29.83
N LEU M 227 -12.73 12.73 -30.37
CA LEU M 227 -14.09 12.95 -30.85
C LEU M 227 -14.23 12.74 -32.35
N LYS M 228 -13.39 13.38 -33.14
CA LYS M 228 -13.52 13.21 -34.58
C LYS M 228 -13.23 11.78 -34.99
N ALA M 229 -12.41 11.09 -34.22
CA ALA M 229 -12.02 9.73 -34.57
C ALA M 229 -13.22 8.79 -34.56
N VAL M 230 -14.13 8.97 -33.61
CA VAL M 230 -15.38 8.24 -33.69
C VAL M 230 -16.25 8.84 -34.78
N THR M 231 -16.11 10.13 -35.03
CA THR M 231 -16.76 10.73 -36.18
C THR M 231 -16.22 10.14 -37.47
N VAL M 232 -15.00 9.61 -37.44
CA VAL M 232 -14.46 8.90 -38.60
C VAL M 232 -15.08 7.52 -38.71
N GLU M 233 -14.87 6.68 -37.70
CA GLU M 233 -15.09 5.26 -37.86
C GLU M 233 -16.55 4.90 -38.04
N ALA M 234 -17.46 5.82 -37.75
CA ALA M 234 -18.86 5.56 -38.06
C ALA M 234 -19.01 5.37 -39.56
N GLY M 235 -18.44 6.28 -40.34
CA GLY M 235 -18.42 6.09 -41.77
C GLY M 235 -17.68 4.84 -42.16
N MET M 236 -16.65 4.50 -41.40
CA MET M 236 -15.91 3.27 -41.67
C MET M 236 -16.79 2.06 -41.44
N ILE M 237 -17.72 2.15 -40.49
CA ILE M 237 -18.69 1.11 -40.28
C ILE M 237 -19.74 1.12 -41.37
N ALA M 238 -20.01 2.29 -41.93
CA ALA M 238 -21.10 2.41 -42.90
C ALA M 238 -20.85 1.58 -44.15
N LEU M 239 -19.60 1.33 -44.49
CA LEU M 239 -19.30 0.62 -45.72
C LEU M 239 -19.35 -0.88 -45.52
N ARG M 240 -18.69 -1.38 -44.49
CA ARG M 240 -18.69 -2.80 -44.19
C ARG M 240 -20.09 -3.37 -44.07
N ASN M 241 -21.03 -2.55 -43.60
CA ASN M 241 -22.43 -2.91 -43.66
C ASN M 241 -23.10 -2.43 -44.96
N GLY M 242 -22.55 -1.42 -45.61
CA GLY M 242 -22.94 -1.05 -46.95
C GLY M 242 -23.83 0.16 -47.06
N GLN M 243 -23.94 0.96 -46.01
CA GLN M 243 -24.83 2.10 -46.04
C GLN M 243 -24.34 3.16 -47.01
N SER M 244 -25.19 4.16 -47.24
CA SER M 244 -24.82 5.40 -47.91
C SER M 244 -24.85 6.59 -46.97
N SER M 245 -24.94 6.35 -45.67
CA SER M 245 -24.96 7.41 -44.68
C SER M 245 -24.39 6.86 -43.38
N VAL M 246 -24.48 7.66 -42.33
CA VAL M 246 -24.15 7.23 -40.98
C VAL M 246 -25.37 7.47 -40.11
N LYS M 247 -25.74 6.46 -39.35
CA LYS M 247 -26.86 6.53 -38.43
C LYS M 247 -26.36 6.83 -37.02
N HIS M 248 -27.32 7.01 -36.12
CA HIS M 248 -26.99 7.22 -34.72
C HIS M 248 -26.24 6.02 -34.17
N GLU M 249 -26.64 4.82 -34.57
CA GLU M 249 -25.99 3.60 -34.12
C GLU M 249 -24.49 3.64 -34.42
N ASP M 250 -24.13 4.05 -35.63
CA ASP M 250 -22.75 3.94 -36.05
C ASP M 250 -21.83 4.82 -35.23
N PHE M 251 -22.34 5.96 -34.75
CA PHE M 251 -21.55 6.78 -33.86
C PHE M 251 -21.28 6.07 -32.55
N VAL M 252 -22.33 5.52 -31.95
CA VAL M 252 -22.20 5.03 -30.59
C VAL M 252 -21.35 3.78 -30.55
N GLU M 253 -21.43 2.94 -31.57
CA GLU M 253 -20.52 1.82 -31.65
C GLU M 253 -19.10 2.31 -31.88
N GLY M 254 -18.94 3.51 -32.42
CA GLY M 254 -17.63 4.13 -32.44
C GLY M 254 -17.07 4.24 -31.04
N ILE M 255 -17.90 4.65 -30.09
CA ILE M 255 -17.46 4.77 -28.71
C ILE M 255 -16.98 3.43 -28.19
N SER M 256 -17.78 2.39 -28.43
CA SER M 256 -17.45 1.05 -27.98
C SER M 256 -16.19 0.52 -28.62
N GLU M 257 -15.74 1.14 -29.72
CA GLU M 257 -14.53 0.72 -30.42
C GLU M 257 -13.36 1.65 -30.19
N VAL M 258 -13.54 2.73 -29.42
CA VAL M 258 -12.39 3.52 -29.02
C VAL M 258 -11.44 2.67 -28.20
N GLN M 259 -11.91 2.19 -27.06
CA GLN M 259 -11.32 1.05 -26.39
C GLN M 259 -12.12 -0.18 -26.79
N ALA M 260 -11.43 -1.19 -27.32
CA ALA M 260 -12.10 -2.33 -27.94
C ALA M 260 -12.74 -3.18 -26.85
N ARG M 261 -13.92 -2.76 -26.41
CA ARG M 261 -14.69 -3.50 -25.42
C ARG M 261 -15.03 -4.91 -25.91
N LYS M 262 -15.86 -4.98 -26.95
CA LYS M 262 -16.30 -6.25 -27.51
C LYS M 262 -16.95 -7.13 -26.44
N SER M 263 -18.06 -6.61 -25.91
CA SER M 263 -18.72 -7.24 -24.78
C SER M 263 -19.36 -8.57 -25.18
N LYS M 264 -19.51 -9.45 -24.19
CA LYS M 264 -20.27 -10.69 -24.39
C LYS M 264 -21.69 -10.38 -24.85
N SER M 265 -22.29 -9.34 -24.28
CA SER M 265 -23.50 -8.67 -24.74
C SER M 265 -24.77 -9.49 -24.51
N VAL M 266 -24.68 -10.73 -24.05
CA VAL M 266 -25.86 -11.53 -23.75
C VAL M 266 -25.69 -12.23 -22.41
N SER M 267 -24.69 -11.81 -21.63
CA SER M 267 -24.36 -12.54 -20.42
C SER M 267 -25.43 -12.33 -19.37
N PHE M 268 -26.41 -13.23 -19.34
CA PHE M 268 -27.47 -13.32 -18.34
C PHE M 268 -28.16 -11.98 -18.04
N TYR M 269 -28.11 -11.01 -18.95
CA TYR M 269 -28.89 -9.81 -18.82
C TYR M 269 -30.25 -10.08 -19.47
N ALA M 270 -31.04 -9.03 -19.64
CA ALA M 270 -32.33 -9.18 -20.28
C ALA M 270 -32.79 -7.84 -20.84
N ASN N 1 38.08 15.25 -40.13
CA ASN N 1 37.16 15.90 -39.20
C ASN N 1 37.01 15.04 -37.95
N ASN N 2 37.94 15.20 -37.01
CA ASN N 2 37.95 14.40 -35.78
C ASN N 2 37.15 15.04 -34.66
N GLU N 3 35.91 15.39 -34.96
CA GLU N 3 34.93 15.81 -33.96
C GLU N 3 34.22 14.60 -33.37
N ASN N 4 35.00 13.66 -32.86
CA ASN N 4 34.46 12.41 -32.33
C ASN N 4 33.69 12.72 -31.06
N VAL N 5 32.36 12.73 -31.18
CA VAL N 5 31.51 12.94 -30.02
C VAL N 5 31.69 11.81 -29.03
N SER N 6 31.37 12.09 -27.76
CA SER N 6 31.47 11.10 -26.70
C SER N 6 30.47 9.95 -26.84
N ALA N 7 29.58 10.00 -27.82
CA ALA N 7 28.66 8.94 -28.20
C ALA N 7 27.45 8.84 -27.29
N ARG N 8 27.35 9.67 -26.25
CA ARG N 8 26.26 9.57 -25.28
C ARG N 8 26.21 8.16 -24.68
N LEU N 9 27.39 7.64 -24.34
CA LEU N 9 27.54 6.20 -24.14
C LEU N 9 27.11 5.71 -22.77
N GLY N 10 25.90 6.10 -22.35
CA GLY N 10 25.22 5.47 -21.23
C GLY N 10 25.97 5.44 -19.92
N GLY N 11 25.47 4.62 -19.01
CA GLY N 11 25.99 4.54 -17.66
C GLY N 11 24.81 4.42 -16.73
N ALA N 12 25.00 3.70 -15.63
CA ALA N 12 23.89 3.43 -14.74
C ALA N 12 23.53 4.68 -13.96
N SER N 13 22.53 4.54 -13.10
CA SER N 13 22.09 5.65 -12.28
C SER N 13 21.20 5.17 -11.16
N ILE N 14 21.57 5.48 -9.93
CA ILE N 14 20.77 5.06 -8.81
C ILE N 14 19.45 5.80 -8.85
N ALA N 15 18.43 5.19 -8.26
CA ALA N 15 17.08 5.73 -8.26
C ALA N 15 16.71 6.24 -6.88
N VAL N 16 15.77 7.18 -6.86
CA VAL N 16 15.12 7.70 -5.67
C VAL N 16 16.09 7.99 -4.52
#